data_6YBQ
#
_entry.id   6YBQ
#
_cell.length_a   1.00
_cell.length_b   1.00
_cell.length_c   1.00
_cell.angle_alpha   90.00
_cell.angle_beta   90.00
_cell.angle_gamma   90.00
#
_symmetry.space_group_name_H-M   'P 1'
#
loop_
_entity.id
_entity.type
_entity.pdbx_description
1 polymer 'Propionyl-CoA carboxylase beta chain'
2 polymer 'Propionyl-CoA carboxylase alpha subunit'
3 non-polymer 'COENZYME A'
4 non-polymer 5-(HEXAHYDRO-2-OXO-1H-THIENO[3,4-D]IMIDAZOL-6-YL)PENTANAL
5 water water
#
loop_
_entity_poly.entity_id
_entity_poly.type
_entity_poly.pdbx_seq_one_letter_code
_entity_poly.pdbx_strand_id
1 'polypeptide(L)'
;MKDILEKLEERRAQARLGGGEKRLEAQHKRGKLTARERIELLLDHGSFEEFDMFVQHRSTDFGMEKQKIPGDGVVTGWGT
VNGRTVFLFSKDFTVFGGSSSEAHAAKIVKVQDMALKMRAPIIGIFDAGGARIQEGVAALGGHGEVFRRNVAASGVIPQI
SVIMGPCAGGDVYSPAMTDFIFMVRDTSYMFVTGPDVVKTVTNEVVTAEELGGAKVHTSKSSIADGSFENDVEAILQIRR
LLDFLPANNIEGVPEIESFDDVNRLDKSLDTLIPDNPNKPYDMGELIRRVVDEGDFFEIQAAYARNIITGFGRVEGRTVG
FVANQPLVLAGVLDSDASRKAARFVRFCNAFSIPIVTFVDVPGFLPGTAQEYGGLIKHGAKLLFAYSQATVPLVTIITRK
AFGGAYIVMASKHVGADLNYAWPTAQIAVMGAKGAVEIIFRAEIGDADKVAERTKEYEDRFLSPFVAAERGYIDEVIMPH
STRKRIARALGMLRTKEMEQPRKKHDNIPL
;
A,B,C,D,E,F
2 'polypeptide(L)'
;MFDKILIANRGEIACRIIKTAQKMGIKTVAVYSDADRDAVHVAMADEAVHIGPAPAAQSYLLIEKIIDACKQTGAQAVHP
GYGFLSERESFPKALAEAGIVFIGPNPGAIAAMGDKIESKKAAAAAEVSTVPGFLGVIESPEHAVTIADEIGYPVMIKAS
AGGGGKGMRIAESADEVAEGFARAKSEASSSFGDDRVFVEKFITDPRHIEIQVIGDKHGNVIYLGERECSIQRRNQKVIE
EAPSPLLDEETRRKMGEQAVALAKAVNYDSAGTVEFVAGQDKSFYFLEMNTRLQVEHPVTEMITGLDLVELMIRVAAGEK
LPLSQDQVKLDGWAVESRVYAEDPTRNFLPSIGRLTTYQPPEEGPLGGAIVRNDTGVEEGGEIAIHYDPMIAKLVTWAPT
RLEAIEAQATALDAFAIEGIRHNIPFLATLMAHPRWRDGRLSTGFIKEEFPEGFIAPEPEGPVAHRLAAVAAAIDHKLNI
RKRGISGQMRDPSLLTFQRERVVVLSGQRFNVTVDPDGDDLLVTFDDGTTAPVRSAWRPGAPVWSGTVGDQSVAIQVRPL
LNGVFLQHAGAAAEARVFTRREAELADLMPVKENAGSGKQLLCPMPGLVKQIMVSEGQEVKNGEPLAIVEAMKMENVLRA
ERDGTISKIAAKEGDSLAVDAVILEFA
;
G,H,I,J,K,L
#
loop_
_chem_comp.id
_chem_comp.type
_chem_comp.name
_chem_comp.formula
BTI non-polymer 5-(HEXAHYDRO-2-OXO-1H-THIENO[3,4-D]IMIDAZOL-6-YL)PENTANAL 'C10 H16 N2 O2 S'
COA non-polymer 'COENZYME A' 'C21 H36 N7 O16 P3 S'
#
# COMPACT_ATOMS: atom_id res chain seq x y z
N LEU A 5 30.46 -13.88 42.32
CA LEU A 5 31.59 -14.79 42.22
C LEU A 5 32.81 -14.04 41.67
N GLU A 6 33.91 -14.12 42.41
CA GLU A 6 35.07 -13.26 42.15
C GLU A 6 35.75 -13.63 40.84
N LYS A 7 35.71 -14.90 40.46
CA LYS A 7 36.44 -15.35 39.27
C LYS A 7 35.92 -14.67 38.01
N LEU A 8 34.60 -14.46 37.92
CA LEU A 8 34.04 -13.77 36.76
C LEU A 8 34.48 -12.32 36.72
N GLU A 9 34.50 -11.65 37.88
CA GLU A 9 35.03 -10.30 37.94
C GLU A 9 36.48 -10.25 37.48
N GLU A 10 37.26 -11.26 37.85
CA GLU A 10 38.64 -11.36 37.38
C GLU A 10 38.71 -11.49 35.87
N ARG A 11 37.86 -12.36 35.30
CA ARG A 11 37.82 -12.52 33.84
C ARG A 11 37.50 -11.20 33.16
N ARG A 12 36.53 -10.45 33.71
CA ARG A 12 36.20 -9.14 33.17
C ARG A 12 37.40 -8.20 33.23
N ALA A 13 38.00 -8.07 34.41
CA ALA A 13 39.15 -7.18 34.56
C ALA A 13 40.27 -7.56 33.60
N GLN A 14 40.45 -8.86 33.36
CA GLN A 14 41.47 -9.30 32.42
C GLN A 14 41.13 -8.90 31.00
N ALA A 15 39.86 -9.01 30.62
CA ALA A 15 39.47 -8.61 29.28
C ALA A 15 39.64 -7.10 29.09
N ARG A 16 39.54 -6.33 30.17
CA ARG A 16 39.63 -4.87 30.06
C ARG A 16 41.04 -4.36 29.78
N LEU A 17 42.06 -5.22 29.76
CA LEU A 17 43.44 -4.77 29.57
C LEU A 17 43.88 -4.76 28.12
N GLY A 18 43.09 -5.29 27.21
CA GLY A 18 43.46 -5.24 25.80
C GLY A 18 44.74 -6.01 25.53
N GLY A 19 45.71 -5.32 24.92
CA GLY A 19 46.96 -5.91 24.53
C GLY A 19 48.10 -5.75 25.52
N GLY A 20 47.81 -5.30 26.74
CA GLY A 20 48.83 -5.21 27.77
C GLY A 20 49.08 -3.81 28.29
N GLU A 21 49.71 -3.73 29.46
CA GLU A 21 49.93 -2.43 30.10
C GLU A 21 50.97 -1.60 29.36
N LYS A 22 51.99 -2.25 28.79
CA LYS A 22 53.02 -1.51 28.05
C LYS A 22 52.41 -0.82 26.83
N ARG A 23 51.63 -1.57 26.04
CA ARG A 23 51.03 -0.99 24.85
C ARG A 23 50.06 0.13 25.20
N LEU A 24 49.37 0.02 26.34
CA LEU A 24 48.41 1.05 26.73
C LEU A 24 49.12 2.30 27.23
N GLU A 25 50.21 2.13 27.98
CA GLU A 25 51.03 3.27 28.36
C GLU A 25 51.63 3.94 27.14
N ALA A 26 51.97 3.17 26.12
CA ALA A 26 52.48 3.75 24.88
C ALA A 26 51.38 4.47 24.10
N GLN A 27 50.14 3.99 24.20
CA GLN A 27 49.02 4.72 23.62
C GLN A 27 48.85 6.07 24.32
N HIS A 28 48.85 6.07 25.64
CA HIS A 28 48.81 7.32 26.39
C HIS A 28 50.00 8.22 26.05
N LYS A 29 51.16 7.62 25.74
CA LYS A 29 52.37 8.42 25.53
C LYS A 29 52.31 9.21 24.24
N ARG A 30 51.58 8.71 23.24
CA ARG A 30 51.37 9.43 21.99
C ARG A 30 50.32 10.53 22.11
N GLY A 31 49.68 10.67 23.27
CA GLY A 31 48.59 11.61 23.43
C GLY A 31 47.23 11.08 23.07
N LYS A 32 47.07 9.76 22.97
CA LYS A 32 45.82 9.15 22.57
C LYS A 32 45.12 8.54 23.78
N LEU A 33 43.79 8.56 23.75
CA LEU A 33 42.99 7.84 24.71
C LEU A 33 42.79 6.40 24.26
N THR A 34 42.38 5.55 25.19
CA THR A 34 42.06 4.16 24.88
C THR A 34 40.62 4.06 24.38
N ALA A 35 40.33 2.94 23.71
CA ALA A 35 39.01 2.73 23.14
C ALA A 35 37.91 2.79 24.20
N ARG A 36 38.15 2.14 25.35
CA ARG A 36 37.17 2.15 26.42
C ARG A 36 37.01 3.54 27.02
N GLU A 37 38.11 4.28 27.15
CA GLU A 37 38.02 5.67 27.61
C GLU A 37 37.22 6.53 26.65
N ARG A 38 37.39 6.31 25.35
CA ARG A 38 36.62 7.06 24.36
C ARG A 38 35.14 6.78 24.50
N ILE A 39 34.78 5.49 24.61
CA ILE A 39 33.38 5.14 24.86
C ILE A 39 32.87 5.83 26.12
N GLU A 40 33.67 5.83 27.18
CA GLU A 40 33.25 6.42 28.45
C GLU A 40 32.97 7.91 28.30
N LEU A 41 33.80 8.60 27.53
CA LEU A 41 33.61 10.03 27.34
C LEU A 41 32.41 10.34 26.44
N LEU A 42 32.07 9.44 25.51
CA LEU A 42 30.98 9.72 24.59
C LEU A 42 29.60 9.61 25.25
N LEU A 43 29.40 8.60 26.10
CA LEU A 43 28.08 8.23 26.57
C LEU A 43 27.76 8.89 27.91
N ASP A 44 26.46 8.96 28.22
CA ASP A 44 26.02 9.45 29.52
C ASP A 44 26.49 8.50 30.62
N HIS A 45 26.82 9.09 31.77
CA HIS A 45 27.38 8.34 32.88
C HIS A 45 26.53 7.13 33.24
N GLY A 46 27.16 5.96 33.28
CA GLY A 46 26.54 4.72 33.68
C GLY A 46 25.63 4.05 32.66
N SER A 47 25.62 4.52 31.41
CA SER A 47 24.66 4.03 30.42
C SER A 47 25.19 2.93 29.51
N PHE A 48 26.48 2.60 29.56
CA PHE A 48 27.07 1.69 28.57
C PHE A 48 26.71 0.24 28.87
N GLU A 49 26.12 -0.45 27.88
CA GLU A 49 25.96 -1.90 27.88
C GLU A 49 26.82 -2.47 26.76
N GLU A 50 27.77 -3.34 27.13
CA GLU A 50 28.71 -3.96 26.19
C GLU A 50 28.17 -5.29 25.67
N PHE A 51 28.45 -5.57 24.40
CA PHE A 51 28.22 -6.87 23.79
C PHE A 51 29.55 -7.59 23.54
N ASP A 52 29.54 -8.91 23.69
CA ASP A 52 30.57 -9.80 23.15
C ASP A 52 31.96 -9.53 23.76
N MET A 53 31.99 -9.39 25.08
CA MET A 53 33.24 -9.09 25.76
C MET A 53 34.27 -10.21 25.59
N PHE A 54 33.83 -11.47 25.62
CA PHE A 54 34.73 -12.62 25.65
C PHE A 54 34.90 -13.31 24.30
N VAL A 55 34.55 -12.65 23.18
CA VAL A 55 34.69 -13.27 21.86
C VAL A 55 36.17 -13.43 21.52
N GLN A 56 36.51 -14.56 20.89
CA GLN A 56 37.87 -14.89 20.49
C GLN A 56 37.91 -15.32 19.02
N HIS A 57 39.10 -15.18 18.42
CA HIS A 57 39.33 -15.64 17.06
C HIS A 57 39.57 -17.15 17.04
N ARG A 58 39.46 -17.72 15.84
CA ARG A 58 39.51 -19.17 15.64
C ARG A 58 40.54 -19.60 14.60
N SER A 59 41.41 -18.70 14.16
CA SER A 59 42.45 -19.04 13.21
C SER A 59 43.54 -19.90 13.84
N THR A 60 44.16 -20.74 13.01
CA THR A 60 45.26 -21.59 13.43
C THR A 60 46.48 -21.46 12.51
N ASP A 61 46.51 -20.45 11.65
CA ASP A 61 47.63 -20.25 10.73
C ASP A 61 48.66 -19.30 11.33
N PHE A 62 49.93 -19.64 11.14
CA PHE A 62 51.06 -18.76 11.47
C PHE A 62 51.13 -18.44 12.96
N GLY A 63 50.91 -19.46 13.80
CA GLY A 63 51.07 -19.31 15.23
C GLY A 63 50.00 -18.51 15.93
N MET A 64 48.95 -18.08 15.23
CA MET A 64 47.91 -17.28 15.87
C MET A 64 47.23 -18.04 17.00
N GLU A 65 47.12 -19.37 16.89
CA GLU A 65 46.47 -20.15 17.93
C GLU A 65 47.05 -19.93 19.31
N LYS A 66 48.27 -19.39 19.40
CA LYS A 66 48.92 -19.16 20.67
C LYS A 66 48.66 -17.78 21.25
N GLN A 67 47.97 -16.90 20.51
CA GLN A 67 47.69 -15.53 20.96
C GLN A 67 46.19 -15.28 20.84
N LYS A 68 45.44 -15.69 21.86
CA LYS A 68 43.99 -15.50 21.89
C LYS A 68 43.67 -14.44 22.93
N ILE A 69 43.10 -13.33 22.47
CA ILE A 69 42.88 -12.14 23.28
C ILE A 69 41.38 -11.87 23.33
N PRO A 70 40.76 -11.87 24.52
CA PRO A 70 39.32 -11.62 24.59
C PRO A 70 38.93 -10.27 24.00
N GLY A 71 37.87 -10.28 23.19
CA GLY A 71 37.32 -9.11 22.54
C GLY A 71 37.74 -8.95 21.08
N ASP A 72 38.93 -9.44 20.74
CA ASP A 72 39.41 -9.53 19.36
C ASP A 72 39.55 -8.18 18.68
N GLY A 73 39.88 -7.13 19.44
CA GLY A 73 40.27 -5.87 18.87
C GLY A 73 39.18 -4.85 18.65
N VAL A 74 37.99 -5.04 19.20
CA VAL A 74 36.92 -4.05 19.09
C VAL A 74 36.01 -4.15 20.31
N VAL A 75 35.54 -3.00 20.78
CA VAL A 75 34.58 -2.90 21.87
C VAL A 75 33.26 -2.39 21.26
N THR A 76 32.19 -3.14 21.47
CA THR A 76 30.89 -2.89 20.85
C THR A 76 29.79 -2.80 21.91
N GLY A 77 28.76 -2.00 21.64
CA GLY A 77 27.65 -1.90 22.57
C GLY A 77 26.72 -0.74 22.28
N TRP A 78 25.96 -0.36 23.31
CA TRP A 78 24.94 0.68 23.19
C TRP A 78 24.82 1.48 24.49
N GLY A 79 24.21 2.66 24.37
CA GLY A 79 24.00 3.53 25.51
C GLY A 79 23.08 4.68 25.16
N THR A 80 23.21 5.78 25.92
CA THR A 80 22.42 6.98 25.71
C THR A 80 23.29 8.23 25.66
N VAL A 81 22.90 9.18 24.81
CA VAL A 81 23.49 10.50 24.73
C VAL A 81 22.36 11.51 24.95
N ASN A 82 22.52 12.34 25.98
CA ASN A 82 21.46 13.21 26.47
C ASN A 82 20.11 12.50 26.51
N GLY A 83 20.12 11.23 26.95
CA GLY A 83 18.91 10.45 27.14
C GLY A 83 18.39 9.74 25.91
N ARG A 84 19.00 9.94 24.76
CA ARG A 84 18.56 9.32 23.51
C ARG A 84 19.46 8.15 23.15
N THR A 85 18.84 7.04 22.70
CA THR A 85 19.55 5.79 22.46
C THR A 85 20.52 5.89 21.29
N VAL A 86 21.73 5.34 21.48
CA VAL A 86 22.74 5.24 20.41
C VAL A 86 23.50 3.93 20.53
N PHE A 87 23.91 3.40 19.38
CA PHE A 87 24.79 2.23 19.26
C PHE A 87 26.18 2.67 18.83
N LEU A 88 27.21 1.92 19.24
CA LEU A 88 28.59 2.31 18.95
C LEU A 88 29.55 1.12 18.97
N PHE A 89 30.64 1.27 18.20
CA PHE A 89 31.82 0.41 18.27
C PHE A 89 33.09 1.25 18.23
N SER A 90 34.18 0.68 18.75
CA SER A 90 35.44 1.39 18.93
C SER A 90 36.59 0.39 18.84
N LYS A 91 37.50 0.61 17.90
CA LYS A 91 38.60 -0.30 17.65
C LYS A 91 39.75 -0.10 18.64
N ASP A 92 40.40 -1.20 19.00
CA ASP A 92 41.46 -1.24 20.02
C ASP A 92 42.80 -1.46 19.34
N PHE A 93 43.57 -0.37 19.20
CA PHE A 93 44.84 -0.42 18.48
C PHE A 93 45.87 -1.33 19.12
N THR A 94 45.75 -1.60 20.42
CA THR A 94 46.71 -2.45 21.11
C THR A 94 46.55 -3.94 20.81
N VAL A 95 45.51 -4.34 20.09
CA VAL A 95 45.19 -5.75 19.84
C VAL A 95 45.34 -5.97 18.34
N PHE A 96 46.47 -6.55 17.94
CA PHE A 96 46.78 -6.82 16.53
C PHE A 96 46.64 -5.55 15.68
N GLY A 97 47.01 -4.42 16.27
CA GLY A 97 46.91 -3.16 15.54
C GLY A 97 45.50 -2.80 15.12
N GLY A 98 44.50 -3.21 15.91
CA GLY A 98 43.12 -2.94 15.55
C GLY A 98 42.67 -3.58 14.26
N SER A 99 43.37 -4.60 13.79
CA SER A 99 43.07 -5.18 12.49
C SER A 99 41.76 -5.96 12.53
N SER A 100 41.17 -6.12 11.35
CA SER A 100 39.85 -6.72 11.19
C SER A 100 39.98 -8.21 10.88
N SER A 101 39.28 -9.02 11.66
CA SER A 101 39.20 -10.46 11.50
C SER A 101 37.73 -10.90 11.44
N GLU A 102 37.52 -12.20 11.29
CA GLU A 102 36.18 -12.73 11.10
C GLU A 102 35.27 -12.44 12.29
N ALA A 103 35.73 -12.79 13.50
CA ALA A 103 34.93 -12.58 14.70
C ALA A 103 34.75 -11.08 14.99
N HIS A 104 35.79 -10.29 14.73
CA HIS A 104 35.73 -8.84 14.85
C HIS A 104 34.63 -8.26 13.97
N ALA A 105 34.65 -8.61 12.68
CA ALA A 105 33.63 -8.17 11.74
C ALA A 105 32.25 -8.62 12.19
N ALA A 106 32.11 -9.84 12.70
CA ALA A 106 30.83 -10.31 13.19
C ALA A 106 30.33 -9.44 14.34
N LYS A 107 31.23 -9.05 15.24
CA LYS A 107 30.85 -8.14 16.32
C LYS A 107 30.28 -6.84 15.77
N ILE A 108 30.93 -6.25 14.77
CA ILE A 108 30.43 -5.00 14.19
C ILE A 108 29.06 -5.22 13.53
N VAL A 109 28.90 -6.36 12.85
CA VAL A 109 27.64 -6.66 12.17
C VAL A 109 26.49 -6.76 13.15
N LYS A 110 26.73 -7.38 14.32
CA LYS A 110 25.70 -7.45 15.35
C LYS A 110 25.09 -6.09 15.63
N VAL A 111 25.93 -5.09 15.89
CA VAL A 111 25.44 -3.80 16.33
C VAL A 111 24.88 -2.98 15.16
N GLN A 112 25.42 -3.16 13.95
CA GLN A 112 24.79 -2.52 12.79
C GLN A 112 23.36 -3.02 12.60
N ASP A 113 23.16 -4.34 12.67
CA ASP A 113 21.83 -4.91 12.53
C ASP A 113 20.89 -4.40 13.62
N MET A 114 21.37 -4.36 14.86
CA MET A 114 20.52 -3.88 15.95
C MET A 114 20.16 -2.41 15.76
N ALA A 115 21.09 -1.59 15.29
CA ALA A 115 20.80 -0.18 15.10
C ALA A 115 19.77 0.03 14.00
N LEU A 116 19.85 -0.75 12.92
CA LEU A 116 18.84 -0.60 11.87
C LEU A 116 17.48 -1.08 12.36
N LYS A 117 17.47 -2.13 13.19
CA LYS A 117 16.21 -2.66 13.71
C LYS A 117 15.55 -1.72 14.71
N MET A 118 16.34 -1.12 15.62
CA MET A 118 15.82 -0.14 16.58
C MET A 118 15.55 1.22 15.97
N ARG A 119 16.02 1.48 14.76
CA ARG A 119 15.97 2.81 14.15
C ARG A 119 16.59 3.86 15.07
N ALA A 120 17.89 3.70 15.34
CA ALA A 120 18.68 4.66 16.11
C ALA A 120 20.03 4.92 15.48
N PRO A 121 20.75 5.96 15.90
CA PRO A 121 22.05 6.29 15.28
C PRO A 121 23.16 5.31 15.66
N ILE A 122 24.21 5.30 14.83
CA ILE A 122 25.38 4.47 15.05
C ILE A 122 26.66 5.30 14.83
N ILE A 123 27.55 5.23 15.82
CA ILE A 123 28.83 5.93 15.81
C ILE A 123 29.95 4.90 15.72
N GLY A 124 30.88 5.14 14.81
CA GLY A 124 32.08 4.32 14.69
C GLY A 124 33.34 5.13 14.98
N ILE A 125 34.28 4.50 15.68
CA ILE A 125 35.53 5.15 16.11
C ILE A 125 36.69 4.29 15.63
N PHE A 126 37.55 4.86 14.77
CA PHE A 126 38.54 4.10 14.02
C PHE A 126 39.96 4.40 14.48
N ASP A 127 40.70 3.32 14.82
CA ASP A 127 42.13 3.34 15.13
C ASP A 127 42.64 1.95 14.80
N ALA A 128 43.13 1.75 13.58
CA ALA A 128 43.23 0.40 13.04
C ALA A 128 44.32 0.32 11.98
N GLY A 129 44.41 -0.83 11.32
CA GLY A 129 45.35 -1.07 10.24
C GLY A 129 44.81 -1.93 9.12
N GLY A 130 43.51 -2.23 9.14
CA GLY A 130 42.88 -2.93 8.03
C GLY A 130 42.63 -4.41 8.26
N ALA A 131 42.56 -5.17 7.16
CA ALA A 131 42.37 -6.62 7.26
C ALA A 131 43.57 -7.28 7.92
N ARG A 132 43.30 -8.31 8.71
CA ARG A 132 44.34 -9.06 9.41
C ARG A 132 44.94 -10.08 8.46
N ILE A 133 46.21 -9.91 8.11
CA ILE A 133 46.82 -10.67 7.02
C ILE A 133 46.86 -12.16 7.35
N GLN A 134 47.20 -12.50 8.60
CA GLN A 134 47.36 -13.91 8.97
C GLN A 134 46.09 -14.73 8.69
N GLU A 135 44.93 -14.08 8.71
CA GLU A 135 43.67 -14.78 8.51
C GLU A 135 43.28 -14.92 7.04
N GLY A 136 43.91 -14.16 6.16
CA GLY A 136 43.65 -14.35 4.74
C GLY A 136 42.27 -13.90 4.29
N VAL A 137 41.78 -14.57 3.25
CA VAL A 137 40.59 -14.11 2.55
C VAL A 137 39.38 -14.04 3.47
N ALA A 138 39.32 -14.89 4.50
CA ALA A 138 38.23 -14.81 5.46
C ALA A 138 38.02 -13.38 5.92
N ALA A 139 39.12 -12.70 6.31
CA ALA A 139 39.00 -11.34 6.81
C ALA A 139 38.30 -10.45 5.79
N LEU A 140 38.67 -10.56 4.52
CA LEU A 140 38.03 -9.76 3.48
C LEU A 140 36.52 -9.96 3.51
N GLY A 141 36.08 -11.22 3.58
CA GLY A 141 34.66 -11.47 3.68
C GLY A 141 34.01 -10.62 4.75
N GLY A 142 34.62 -10.59 5.94
CA GLY A 142 34.08 -9.78 7.01
C GLY A 142 33.82 -8.35 6.58
N HIS A 143 34.84 -7.73 6.06
CA HIS A 143 34.70 -6.36 5.55
C HIS A 143 33.45 -6.21 4.64
N GLY A 144 33.28 -7.14 3.67
CA GLY A 144 32.14 -7.08 2.78
C GLY A 144 30.83 -7.02 3.54
N GLU A 145 30.65 -7.91 4.52
CA GLU A 145 29.42 -7.90 5.28
C GLU A 145 29.19 -6.52 5.90
N VAL A 146 30.20 -6.00 6.59
CA VAL A 146 30.08 -4.66 7.16
C VAL A 146 29.65 -3.69 6.07
N PHE A 147 30.34 -3.70 4.94
CA PHE A 147 30.03 -2.78 3.87
C PHE A 147 28.55 -2.86 3.50
N ARG A 148 28.02 -4.07 3.27
CA ARG A 148 26.64 -4.14 2.78
C ARG A 148 25.71 -3.40 3.73
N ARG A 149 25.95 -3.55 5.04
CA ARG A 149 25.00 -3.01 6.00
C ARG A 149 25.06 -1.49 6.01
N ASN A 150 26.26 -0.91 5.86
CA ASN A 150 26.35 0.52 5.65
C ASN A 150 25.35 0.97 4.59
N VAL A 151 25.37 0.31 3.43
CA VAL A 151 24.57 0.75 2.30
C VAL A 151 23.09 0.58 2.61
N ALA A 152 22.74 -0.42 3.42
CA ALA A 152 21.34 -0.61 3.75
C ALA A 152 20.84 0.47 4.68
N ALA A 153 21.71 1.00 5.54
CA ALA A 153 21.32 1.99 6.53
C ALA A 153 21.30 3.42 5.98
N SER A 154 21.82 3.64 4.77
CA SER A 154 21.98 4.98 4.23
C SER A 154 20.62 5.62 3.96
N GLY A 155 20.36 6.73 4.63
CA GLY A 155 19.10 7.44 4.55
C GLY A 155 18.01 6.96 5.49
N VAL A 156 18.30 5.96 6.33
CA VAL A 156 17.35 5.46 7.33
C VAL A 156 17.74 5.91 8.73
N ILE A 157 19.01 5.72 9.11
CA ILE A 157 19.54 6.17 10.40
C ILE A 157 20.83 6.96 10.13
N PRO A 158 21.15 7.98 10.92
CA PRO A 158 22.42 8.67 10.72
C PRO A 158 23.60 7.82 11.17
N GLN A 159 24.66 7.84 10.38
CA GLN A 159 25.89 7.11 10.66
C GLN A 159 27.03 8.12 10.76
N ILE A 160 27.74 8.14 11.89
CA ILE A 160 28.87 9.05 12.09
C ILE A 160 30.16 8.24 12.27
N SER A 161 31.26 8.77 11.74
CA SER A 161 32.59 8.15 11.83
C SER A 161 33.60 9.14 12.39
N VAL A 162 34.41 8.69 13.35
CA VAL A 162 35.44 9.52 13.99
C VAL A 162 36.78 8.81 13.84
N ILE A 163 37.73 9.47 13.18
CA ILE A 163 39.05 8.92 12.89
C ILE A 163 40.02 9.48 13.92
N MET A 164 40.48 8.62 14.82
CA MET A 164 41.34 8.98 15.93
C MET A 164 42.66 8.22 15.89
N GLY A 165 43.03 7.70 14.72
CA GLY A 165 44.31 7.07 14.52
C GLY A 165 44.50 6.70 13.06
N PRO A 166 45.38 5.74 12.79
CA PRO A 166 45.54 5.27 11.41
C PRO A 166 44.27 4.58 10.92
N CYS A 167 44.06 4.67 9.60
CA CYS A 167 42.98 3.95 8.95
C CYS A 167 43.41 3.70 7.51
N ALA A 168 43.84 2.48 7.22
CA ALA A 168 44.47 2.14 5.96
C ALA A 168 43.80 0.93 5.34
N GLY A 169 43.84 0.88 4.01
CA GLY A 169 43.29 -0.24 3.29
C GLY A 169 41.78 -0.29 3.35
N GLY A 170 41.25 -1.51 3.36
CA GLY A 170 39.81 -1.70 3.19
C GLY A 170 38.99 -1.00 4.24
N ASP A 171 39.59 -0.71 5.39
CA ASP A 171 38.86 0.01 6.43
C ASP A 171 38.27 1.31 5.89
N VAL A 172 39.03 2.05 5.09
CA VAL A 172 38.65 3.41 4.74
C VAL A 172 37.31 3.44 4.01
N TYR A 173 36.91 2.35 3.38
CA TYR A 173 35.70 2.38 2.56
C TYR A 173 34.42 2.33 3.41
N SER A 174 34.51 1.88 4.67
CA SER A 174 33.32 1.97 5.53
C SER A 174 33.01 3.42 5.92
N PRO A 175 33.94 4.18 6.50
CA PRO A 175 33.64 5.60 6.77
C PRO A 175 33.23 6.38 5.54
N ALA A 176 33.74 6.01 4.36
CA ALA A 176 33.47 6.77 3.15
C ALA A 176 32.00 6.78 2.79
N MET A 177 31.27 5.72 3.15
CA MET A 177 29.87 5.58 2.83
C MET A 177 28.95 6.15 3.91
N THR A 178 29.50 6.64 5.00
CA THR A 178 28.73 7.20 6.09
C THR A 178 28.49 8.70 5.86
N ASP A 179 27.68 9.31 6.73
CA ASP A 179 27.17 10.65 6.49
C ASP A 179 28.18 11.75 6.85
N PHE A 180 29.05 11.52 7.83
CA PHE A 180 30.01 12.53 8.27
C PHE A 180 31.28 11.84 8.77
N ILE A 181 32.43 12.39 8.40
CA ILE A 181 33.76 11.90 8.84
C ILE A 181 34.50 13.06 9.51
N PHE A 182 34.92 12.87 10.75
CA PHE A 182 35.72 13.83 11.50
C PHE A 182 37.07 13.22 11.90
N MET A 183 38.08 14.08 12.05
CA MET A 183 39.47 13.65 12.24
C MET A 183 40.13 14.42 13.38
N VAL A 184 41.18 13.83 13.95
CA VAL A 184 42.00 14.45 15.00
C VAL A 184 43.34 14.84 14.38
N ARG A 185 43.74 16.08 14.61
CA ARG A 185 44.97 16.61 14.01
C ARG A 185 46.21 15.97 14.64
N ASP A 186 47.18 15.64 13.80
CA ASP A 186 48.52 15.18 14.11
C ASP A 186 48.60 13.71 14.56
N THR A 187 47.47 13.03 14.80
CA THR A 187 47.50 11.64 15.21
C THR A 187 46.71 10.71 14.30
N SER A 188 45.95 11.22 13.35
CA SER A 188 45.08 10.41 12.50
C SER A 188 45.45 10.59 11.03
N TYR A 189 45.18 9.55 10.23
CA TYR A 189 45.34 9.65 8.79
C TYR A 189 44.54 8.55 8.09
N MET A 190 44.30 8.77 6.78
CA MET A 190 43.58 7.85 5.91
C MET A 190 44.27 7.75 4.56
N PHE A 191 44.29 6.54 4.00
CA PHE A 191 44.65 6.31 2.60
C PHE A 191 44.41 4.86 2.25
N VAL A 192 44.20 4.61 0.96
CA VAL A 192 44.00 3.25 0.47
C VAL A 192 45.34 2.52 0.39
N THR A 193 46.29 3.08 -0.35
CA THR A 193 47.63 2.52 -0.51
C THR A 193 48.63 3.34 0.29
N GLY A 194 49.63 2.68 0.85
CA GLY A 194 50.51 3.30 1.82
C GLY A 194 51.82 3.82 1.24
N PRO A 195 52.63 4.47 2.09
CA PRO A 195 53.87 5.10 1.59
C PRO A 195 54.86 4.14 0.96
N ASP A 196 55.02 2.94 1.50
CA ASP A 196 56.01 2.02 0.96
C ASP A 196 55.69 1.66 -0.48
N VAL A 197 54.43 1.33 -0.77
CA VAL A 197 54.02 1.01 -2.12
C VAL A 197 54.11 2.23 -3.03
N VAL A 198 53.76 3.40 -2.49
CA VAL A 198 53.87 4.64 -3.26
C VAL A 198 55.31 4.88 -3.68
N LYS A 199 56.26 4.60 -2.79
CA LYS A 199 57.67 4.73 -3.13
C LYS A 199 58.06 3.71 -4.20
N THR A 200 57.68 2.44 -3.98
CA THR A 200 58.06 1.40 -4.93
C THR A 200 57.54 1.69 -6.33
N VAL A 201 56.31 2.18 -6.45
CA VAL A 201 55.67 2.28 -7.77
C VAL A 201 55.88 3.65 -8.40
N THR A 202 55.88 4.72 -7.61
CA THR A 202 55.98 6.07 -8.15
C THR A 202 57.32 6.74 -7.86
N ASN A 203 58.17 6.15 -7.04
CA ASN A 203 59.45 6.73 -6.61
C ASN A 203 59.28 8.01 -5.81
N GLU A 204 58.06 8.33 -5.39
CA GLU A 204 57.79 9.53 -4.63
C GLU A 204 57.91 9.23 -3.14
N VAL A 205 58.65 10.08 -2.43
CA VAL A 205 58.91 9.91 -1.00
C VAL A 205 57.93 10.78 -0.23
N VAL A 206 57.12 10.16 0.61
CA VAL A 206 56.12 10.86 1.41
C VAL A 206 55.94 10.20 2.77
N THR A 207 55.57 11.01 3.75
CA THR A 207 55.17 10.55 5.06
C THR A 207 53.67 10.30 5.11
N ALA A 208 53.23 9.60 6.15
CA ALA A 208 51.81 9.35 6.35
C ALA A 208 51.02 10.65 6.45
N GLU A 209 51.57 11.65 7.16
CA GLU A 209 50.90 12.93 7.31
C GLU A 209 50.77 13.64 5.97
N GLU A 210 51.84 13.65 5.18
CA GLU A 210 51.82 14.29 3.87
C GLU A 210 50.87 13.58 2.92
N LEU A 211 50.69 12.28 3.09
CA LEU A 211 49.85 11.50 2.17
C LEU A 211 48.37 11.59 2.56
N GLY A 212 48.05 11.43 3.83
CA GLY A 212 46.66 11.30 4.26
C GLY A 212 46.28 11.96 5.57
N GLY A 213 46.97 13.02 5.97
CA GLY A 213 46.69 13.66 7.24
C GLY A 213 45.45 14.53 7.21
N ALA A 214 45.14 15.11 8.38
CA ALA A 214 43.90 15.87 8.53
C ALA A 214 43.82 17.05 7.57
N LYS A 215 44.92 17.81 7.42
CA LYS A 215 44.89 18.98 6.55
C LYS A 215 44.51 18.57 5.12
N VAL A 216 45.11 17.51 4.61
CA VAL A 216 44.82 17.03 3.26
C VAL A 216 43.32 16.75 3.10
N HIS A 217 42.74 16.05 4.07
CA HIS A 217 41.37 15.57 3.95
C HIS A 217 40.33 16.62 4.33
N THR A 218 40.74 17.72 4.94
CA THR A 218 39.83 18.80 5.28
C THR A 218 39.91 19.98 4.33
N SER A 219 40.99 20.12 3.58
CA SER A 219 41.18 21.27 2.71
C SER A 219 41.35 20.95 1.23
N LYS A 220 41.70 19.72 0.87
CA LYS A 220 42.08 19.42 -0.51
C LYS A 220 41.27 18.30 -1.16
N SER A 221 40.98 17.22 -0.43
CA SER A 221 40.47 16.00 -1.06
C SER A 221 38.95 15.86 -1.00
N SER A 222 38.26 16.62 -0.14
CA SER A 222 36.81 16.58 0.04
C SER A 222 36.31 15.46 0.94
N ILE A 223 37.21 14.72 1.59
CA ILE A 223 36.81 13.52 2.33
C ILE A 223 36.23 13.86 3.70
N ALA A 224 36.88 14.74 4.46
CA ALA A 224 36.54 14.99 5.86
C ALA A 224 35.65 16.21 6.01
N ASP A 225 34.71 16.14 6.97
CA ASP A 225 33.79 17.22 7.29
C ASP A 225 34.28 18.12 8.41
N GLY A 226 35.38 17.78 9.08
CA GLY A 226 35.90 18.61 10.14
C GLY A 226 37.08 17.95 10.83
N SER A 227 37.82 18.77 11.56
CA SER A 227 38.95 18.29 12.37
C SER A 227 38.97 19.03 13.71
N PHE A 228 39.71 18.45 14.66
CA PHE A 228 39.74 18.93 16.04
C PHE A 228 41.14 18.75 16.61
N GLU A 229 41.41 19.49 17.69
CA GLU A 229 42.76 19.54 18.26
C GLU A 229 43.15 18.24 18.94
N ASN A 230 42.23 17.59 19.65
CA ASN A 230 42.55 16.35 20.37
C ASN A 230 41.28 15.52 20.56
N ASP A 231 41.49 14.31 21.10
CA ASP A 231 40.41 13.33 21.24
C ASP A 231 39.23 13.89 22.04
N VAL A 232 39.53 14.58 23.14
CA VAL A 232 38.49 15.04 24.07
C VAL A 232 37.57 16.05 23.39
N GLU A 233 38.16 17.11 22.82
CA GLU A 233 37.38 18.09 22.06
C GLU A 233 36.52 17.40 21.01
N ALA A 234 37.10 16.44 20.30
CA ALA A 234 36.37 15.73 19.24
C ALA A 234 35.12 15.07 19.78
N ILE A 235 35.25 14.29 20.84
CA ILE A 235 34.12 13.52 21.35
C ILE A 235 33.03 14.45 21.88
N LEU A 236 33.44 15.53 22.55
CA LEU A 236 32.45 16.48 23.05
C LEU A 236 31.70 17.16 21.90
N GLN A 237 32.39 17.45 20.80
CA GLN A 237 31.70 18.01 19.65
C GLN A 237 30.77 17.00 18.99
N ILE A 238 31.10 15.70 19.09
CA ILE A 238 30.18 14.68 18.59
C ILE A 238 28.88 14.69 19.41
N ARG A 239 28.99 14.81 20.74
CA ARG A 239 27.78 14.97 21.55
C ARG A 239 26.97 16.16 21.06
N ARG A 240 27.64 17.30 20.85
CA ARG A 240 26.97 18.49 20.35
C ARG A 240 26.21 18.20 19.05
N LEU A 241 26.89 17.62 18.06
CA LEU A 241 26.25 17.35 16.78
C LEU A 241 25.03 16.45 16.96
N LEU A 242 25.15 15.41 17.78
CA LEU A 242 24.03 14.50 17.96
C LEU A 242 22.81 15.23 18.52
N ASP A 243 23.02 16.28 19.31
CA ASP A 243 21.86 17.04 19.80
C ASP A 243 21.10 17.76 18.67
N PHE A 244 21.70 17.93 17.50
CA PHE A 244 20.99 18.56 16.38
C PHE A 244 20.18 17.56 15.56
N LEU A 245 20.62 16.27 15.44
CA LEU A 245 20.16 15.39 14.38
C LEU A 245 18.92 14.60 14.78
N PRO A 246 18.04 14.31 13.80
CA PRO A 246 16.98 13.32 14.03
C PRO A 246 17.55 11.93 14.30
N ALA A 247 16.80 11.16 15.09
CA ALA A 247 17.19 9.78 15.38
C ALA A 247 17.07 8.88 14.16
N ASN A 248 16.10 9.13 13.28
CA ASN A 248 15.86 8.32 12.10
C ASN A 248 15.06 9.16 11.08
N ASN A 249 14.65 8.51 10.00
CA ASN A 249 13.96 9.18 8.90
C ASN A 249 12.45 9.27 9.08
N ILE A 250 11.93 8.95 10.26
CA ILE A 250 10.51 9.08 10.57
C ILE A 250 10.24 10.12 11.64
N GLU A 251 11.08 10.23 12.67
CA GLU A 251 10.68 10.95 13.88
C GLU A 251 10.69 12.48 13.73
N GLY A 252 11.48 13.01 12.79
CA GLY A 252 11.64 14.45 12.67
C GLY A 252 12.75 15.00 13.53
N VAL A 253 12.90 16.32 13.50
CA VAL A 253 14.03 16.98 14.17
C VAL A 253 13.74 17.07 15.67
N PRO A 254 14.77 17.03 16.52
CA PRO A 254 14.55 17.26 17.94
C PRO A 254 14.14 18.70 18.22
N GLU A 255 13.52 18.89 19.39
CA GLU A 255 13.01 20.18 19.81
C GLU A 255 13.50 20.49 21.22
N ILE A 256 14.10 21.67 21.40
CA ILE A 256 14.50 22.17 22.71
C ILE A 256 13.81 23.52 22.95
N GLU A 257 13.87 23.97 24.19
CA GLU A 257 13.31 25.27 24.56
C GLU A 257 14.36 26.36 24.29
N SER A 258 13.99 27.36 23.50
CA SER A 258 14.89 28.43 23.12
C SER A 258 14.80 29.59 24.08
N PHE A 259 15.92 30.29 24.25
CA PHE A 259 15.97 31.54 25.00
C PHE A 259 15.82 32.77 24.13
N ASP A 260 15.78 32.61 22.80
CA ASP A 260 15.70 33.73 21.88
C ASP A 260 14.23 34.10 21.62
N ASP A 261 14.02 35.08 20.75
CA ASP A 261 12.71 35.62 20.44
C ASP A 261 12.51 35.67 18.93
N VAL A 262 11.35 35.23 18.45
CA VAL A 262 11.10 35.11 17.03
C VAL A 262 10.55 36.39 16.40
N ASN A 263 10.36 37.45 17.19
CA ASN A 263 9.87 38.72 16.67
C ASN A 263 10.88 39.86 16.80
N ARG A 264 12.14 39.56 17.09
CA ARG A 264 13.14 40.61 17.19
C ARG A 264 13.61 41.06 15.81
N LEU A 265 13.84 42.36 15.68
CA LEU A 265 14.38 42.96 14.46
C LEU A 265 15.85 43.29 14.65
N ASP A 266 16.58 43.32 13.54
CA ASP A 266 18.02 43.58 13.54
C ASP A 266 18.33 44.72 12.57
N LYS A 267 18.48 45.93 13.11
CA LYS A 267 18.69 47.10 12.27
C LYS A 267 20.04 47.07 11.57
N SER A 268 21.06 46.50 12.21
CA SER A 268 22.38 46.45 11.60
C SER A 268 22.35 45.89 10.19
N LEU A 269 21.46 44.92 9.94
CA LEU A 269 21.43 44.29 8.62
C LEU A 269 21.19 45.29 7.50
N ASP A 270 20.52 46.40 7.81
CA ASP A 270 20.26 47.42 6.79
C ASP A 270 21.52 48.11 6.28
N THR A 271 22.69 47.83 6.87
CA THR A 271 23.95 48.41 6.40
C THR A 271 24.99 47.35 6.02
N LEU A 272 24.62 46.07 6.06
CA LEU A 272 25.60 45.02 5.75
C LEU A 272 26.13 45.15 4.32
N ILE A 273 25.25 45.38 3.35
CA ILE A 273 25.65 45.40 1.95
C ILE A 273 26.34 46.72 1.62
N PRO A 274 27.58 46.70 1.14
CA PRO A 274 28.23 47.97 0.77
C PRO A 274 27.62 48.59 -0.48
N ASP A 275 27.74 49.91 -0.57
CA ASP A 275 27.26 50.63 -1.75
C ASP A 275 28.13 50.36 -2.96
N ASN A 276 29.41 50.10 -2.76
CA ASN A 276 30.32 49.81 -3.85
C ASN A 276 30.13 48.37 -4.30
N PRO A 277 29.80 48.12 -5.57
CA PRO A 277 29.59 46.73 -6.02
C PRO A 277 30.84 45.87 -5.99
N ASN A 278 32.02 46.45 -5.83
CA ASN A 278 33.27 45.71 -5.79
C ASN A 278 33.75 45.38 -4.39
N LYS A 279 33.02 45.78 -3.35
CA LYS A 279 33.41 45.46 -1.99
C LYS A 279 32.66 44.24 -1.48
N PRO A 280 33.33 43.32 -0.77
CA PRO A 280 32.62 42.14 -0.23
C PRO A 280 32.11 42.34 1.19
N TYR A 281 31.38 41.35 1.68
CA TYR A 281 30.94 41.30 3.06
C TYR A 281 30.92 39.84 3.51
N ASP A 282 30.79 39.64 4.82
CA ASP A 282 30.85 38.32 5.44
C ASP A 282 29.44 37.76 5.60
N MET A 283 29.11 36.74 4.80
CA MET A 283 27.80 36.11 4.89
C MET A 283 27.63 35.31 6.19
N GLY A 284 28.73 34.80 6.75
CA GLY A 284 28.65 34.08 8.00
C GLY A 284 28.12 34.91 9.15
N GLU A 285 28.44 36.20 9.15
CA GLU A 285 27.90 37.07 10.19
C GLU A 285 26.38 37.17 10.08
N LEU A 286 25.85 37.17 8.85
CA LEU A 286 24.41 37.18 8.68
C LEU A 286 23.80 35.86 9.17
N ILE A 287 24.42 34.73 8.80
CA ILE A 287 23.93 33.44 9.31
C ILE A 287 23.87 33.47 10.83
N ARG A 288 24.95 33.95 11.47
CA ARG A 288 25.04 33.90 12.92
C ARG A 288 24.13 34.93 13.59
N ARG A 289 23.73 35.98 12.87
CA ARG A 289 22.71 36.89 13.37
C ARG A 289 21.30 36.34 13.20
N VAL A 290 21.09 35.39 12.28
CA VAL A 290 19.74 34.88 12.04
C VAL A 290 19.38 33.68 12.91
N VAL A 291 20.36 32.84 13.28
CA VAL A 291 20.07 31.64 14.06
C VAL A 291 19.76 32.02 15.52
N ASP A 292 19.15 31.06 16.24
CA ASP A 292 18.92 31.23 17.66
C ASP A 292 20.24 31.28 18.43
N GLU A 293 20.39 32.29 19.28
CA GLU A 293 21.48 32.42 20.25
C GLU A 293 22.85 32.54 19.60
N GLY A 294 22.92 32.73 18.28
CA GLY A 294 24.19 32.79 17.60
C GLY A 294 24.96 31.50 17.52
N ASP A 295 24.30 30.36 17.71
CA ASP A 295 24.94 29.06 17.74
C ASP A 295 24.81 28.38 16.37
N PHE A 296 25.93 28.01 15.78
CA PHE A 296 25.97 27.49 14.42
C PHE A 296 27.07 26.43 14.30
N PHE A 297 26.70 25.23 13.83
CA PHE A 297 27.62 24.11 13.67
C PHE A 297 27.95 23.99 12.18
N GLU A 298 29.14 24.43 11.80
CA GLU A 298 29.54 24.44 10.39
C GLU A 298 30.08 23.08 9.95
N ILE A 299 29.80 22.74 8.69
CA ILE A 299 30.23 21.50 8.06
C ILE A 299 31.14 21.84 6.88
N GLN A 300 32.25 21.12 6.79
CA GLN A 300 33.28 21.32 5.75
C GLN A 300 33.73 22.77 5.68
N ALA A 301 34.08 23.34 6.84
CA ALA A 301 34.44 24.76 6.92
C ALA A 301 35.73 25.08 6.15
N ALA A 302 36.69 24.16 6.14
CA ALA A 302 37.99 24.41 5.52
C ALA A 302 38.03 24.08 4.03
N TYR A 303 36.97 23.50 3.49
CA TYR A 303 36.92 23.07 2.10
C TYR A 303 35.89 23.89 1.33
N ALA A 304 36.24 24.26 0.10
CA ALA A 304 35.37 25.01 -0.80
C ALA A 304 34.73 26.19 -0.07
N ARG A 305 35.58 27.12 0.36
CA ARG A 305 35.18 28.20 1.24
C ARG A 305 34.36 29.28 0.54
N ASN A 306 34.17 29.19 -0.78
CA ASN A 306 33.23 30.04 -1.51
C ASN A 306 31.77 29.65 -1.29
N ILE A 307 31.48 28.68 -0.41
CA ILE A 307 30.12 28.34 -0.04
C ILE A 307 30.12 27.86 1.41
N ILE A 308 29.05 28.19 2.13
CA ILE A 308 28.87 27.81 3.53
C ILE A 308 27.72 26.84 3.64
N THR A 309 27.89 25.82 4.49
CA THR A 309 26.90 24.79 4.80
C THR A 309 26.96 24.49 6.30
N GLY A 310 25.80 24.45 6.96
CA GLY A 310 25.81 24.05 8.36
C GLY A 310 24.43 23.95 8.98
N PHE A 311 24.44 23.71 10.30
CA PHE A 311 23.24 23.51 11.10
C PHE A 311 23.06 24.65 12.11
N GLY A 312 21.81 25.08 12.27
CA GLY A 312 21.44 25.98 13.34
C GLY A 312 20.06 25.64 13.88
N ARG A 313 19.52 26.46 14.77
CA ARG A 313 18.13 26.32 15.23
C ARG A 313 17.36 27.62 15.04
N VAL A 314 16.08 27.45 14.72
CA VAL A 314 15.09 28.53 14.71
C VAL A 314 13.90 28.08 15.55
N GLU A 315 13.51 28.90 16.50
CA GLU A 315 12.44 28.57 17.45
C GLU A 315 12.65 27.18 18.04
N GLY A 316 13.89 26.87 18.37
CA GLY A 316 14.23 25.61 19.02
C GLY A 316 14.21 24.39 18.14
N ARG A 317 14.09 24.52 16.83
CA ARG A 317 14.08 23.40 15.91
C ARG A 317 15.22 23.51 14.90
N THR A 318 15.83 22.37 14.57
CA THR A 318 17.00 22.34 13.71
C THR A 318 16.65 22.77 12.28
N VAL A 319 17.54 23.56 11.68
CA VAL A 319 17.43 24.00 10.29
C VAL A 319 18.81 23.97 9.66
N GLY A 320 18.88 23.51 8.41
CA GLY A 320 20.10 23.57 7.64
C GLY A 320 20.21 24.86 6.81
N PHE A 321 21.45 25.31 6.63
CA PHE A 321 21.74 26.56 5.94
C PHE A 321 22.79 26.36 4.84
N VAL A 322 22.51 26.94 3.67
CA VAL A 322 23.43 27.01 2.52
C VAL A 322 23.54 28.46 2.09
N ALA A 323 24.75 28.92 1.77
CA ALA A 323 24.92 30.34 1.43
C ALA A 323 26.18 30.60 0.63
N ASN A 324 26.09 31.54 -0.31
CA ASN A 324 27.29 31.99 -1.02
C ASN A 324 28.12 32.94 -0.15
N GLN A 325 29.43 32.92 -0.36
CA GLN A 325 30.38 33.67 0.47
C GLN A 325 31.19 34.63 -0.39
N PRO A 326 30.84 35.91 -0.44
CA PRO A 326 31.58 36.85 -1.29
C PRO A 326 33.06 36.98 -0.97
N LEU A 327 33.49 36.60 0.23
CA LEU A 327 34.89 36.76 0.62
C LEU A 327 35.84 35.86 -0.15
N VAL A 328 35.35 34.83 -0.83
CA VAL A 328 36.18 33.79 -1.44
C VAL A 328 35.72 33.54 -2.86
N LEU A 329 36.61 33.82 -3.83
CA LEU A 329 36.33 33.65 -5.26
C LEU A 329 35.07 34.40 -5.69
N ALA A 330 34.85 35.57 -5.10
CA ALA A 330 33.71 36.44 -5.41
C ALA A 330 32.37 35.76 -5.23
N GLY A 331 32.33 34.62 -4.54
CA GLY A 331 31.10 33.87 -4.37
C GLY A 331 30.65 33.07 -5.57
N VAL A 332 31.55 32.76 -6.50
CA VAL A 332 31.17 31.99 -7.67
C VAL A 332 30.91 30.54 -7.26
N LEU A 333 30.18 29.84 -8.11
CA LEU A 333 30.02 28.40 -7.99
C LEU A 333 31.09 27.68 -8.81
N ASP A 334 31.67 26.65 -8.21
CA ASP A 334 32.66 25.81 -8.87
C ASP A 334 32.37 24.35 -8.52
N SER A 335 33.16 23.44 -9.09
CA SER A 335 32.89 22.01 -8.95
C SER A 335 32.90 21.60 -7.47
N ASP A 336 33.94 22.02 -6.74
CA ASP A 336 34.07 21.64 -5.33
C ASP A 336 32.88 22.13 -4.51
N ALA A 337 32.54 23.41 -4.65
CA ALA A 337 31.42 23.97 -3.89
C ALA A 337 30.11 23.28 -4.25
N SER A 338 29.92 22.95 -5.52
CA SER A 338 28.70 22.27 -5.95
C SER A 338 28.58 20.92 -5.25
N ARG A 339 29.65 20.13 -5.24
CA ARG A 339 29.60 18.84 -4.56
C ARG A 339 29.33 19.01 -3.07
N LYS A 340 30.05 19.95 -2.44
CA LYS A 340 29.87 20.23 -1.01
C LYS A 340 28.41 20.52 -0.69
N ALA A 341 27.77 21.36 -1.50
CA ALA A 341 26.38 21.75 -1.21
C ALA A 341 25.41 20.61 -1.54
N ALA A 342 25.68 19.86 -2.61
CA ALA A 342 24.75 18.83 -3.06
C ALA A 342 24.60 17.73 -2.02
N ARG A 343 25.71 17.26 -1.45
CA ARG A 343 25.59 16.18 -0.45
C ARG A 343 24.85 16.66 0.81
N PHE A 344 25.11 17.89 1.25
CA PHE A 344 24.42 18.43 2.41
C PHE A 344 22.92 18.53 2.18
N VAL A 345 22.52 19.03 1.00
CA VAL A 345 21.10 19.12 0.69
C VAL A 345 20.46 17.73 0.68
N ARG A 346 21.15 16.75 0.10
CA ARG A 346 20.62 15.39 0.07
C ARG A 346 20.42 14.85 1.49
N PHE A 347 21.38 15.08 2.38
CA PHE A 347 21.23 14.59 3.75
C PHE A 347 20.06 15.28 4.45
N CYS A 348 19.94 16.59 4.31
CA CYS A 348 18.81 17.30 4.92
C CYS A 348 17.48 16.75 4.41
N ASN A 349 17.38 16.49 3.11
CA ASN A 349 16.12 16.00 2.56
C ASN A 349 15.80 14.60 3.07
N ALA A 350 16.81 13.73 3.15
CA ALA A 350 16.55 12.34 3.56
C ALA A 350 15.95 12.26 4.96
N PHE A 351 16.38 13.12 5.88
CA PHE A 351 15.99 13.06 7.28
C PHE A 351 15.02 14.19 7.68
N SER A 352 14.38 14.84 6.71
CA SER A 352 13.29 15.79 6.95
C SER A 352 13.76 17.03 7.73
N ILE A 353 14.88 17.60 7.30
CA ILE A 353 15.44 18.83 7.86
C ILE A 353 15.17 19.96 6.87
N PRO A 354 14.48 21.04 7.27
CA PRO A 354 14.25 22.15 6.33
C PRO A 354 15.54 22.88 5.98
N ILE A 355 15.51 23.55 4.82
CA ILE A 355 16.69 24.21 4.25
C ILE A 355 16.41 25.68 3.98
N VAL A 356 17.32 26.54 4.41
CA VAL A 356 17.33 27.97 4.11
C VAL A 356 18.58 28.30 3.29
N THR A 357 18.40 29.03 2.18
CA THR A 357 19.47 29.39 1.25
C THR A 357 19.60 30.91 1.11
N PHE A 358 20.84 31.41 1.24
CA PHE A 358 21.18 32.82 1.01
C PHE A 358 22.04 32.95 -0.25
N VAL A 359 21.58 33.79 -1.19
CA VAL A 359 22.10 33.85 -2.55
C VAL A 359 22.82 35.17 -2.78
N ASP A 360 24.09 35.08 -3.18
CA ASP A 360 24.87 36.19 -3.74
C ASP A 360 25.88 35.57 -4.71
N VAL A 361 25.49 35.48 -5.98
CA VAL A 361 26.24 34.66 -6.93
C VAL A 361 26.35 35.35 -8.29
N PRO A 362 27.56 35.64 -8.77
CA PRO A 362 27.73 36.28 -10.07
C PRO A 362 27.84 35.34 -11.27
N GLY A 363 27.86 34.03 -11.05
CA GLY A 363 27.99 33.06 -12.12
C GLY A 363 28.85 31.88 -11.70
N PHE A 364 29.42 31.21 -12.69
CA PHE A 364 30.32 30.07 -12.51
C PHE A 364 31.77 30.48 -12.77
N LEU A 365 32.69 29.66 -12.26
CA LEU A 365 34.12 29.92 -12.41
C LEU A 365 34.59 29.51 -13.80
N PRO A 366 35.15 30.41 -14.60
CA PRO A 366 35.58 30.06 -15.95
C PRO A 366 36.98 29.45 -16.00
N GLY A 367 37.23 28.73 -17.10
CA GLY A 367 38.56 28.24 -17.41
C GLY A 367 38.63 26.79 -17.83
N THR A 368 39.69 26.45 -18.57
CA THR A 368 39.92 25.06 -18.98
C THR A 368 39.98 24.12 -17.78
N ALA A 369 40.57 24.57 -16.68
CA ALA A 369 40.65 23.73 -15.48
C ALA A 369 39.27 23.22 -15.08
N GLN A 370 38.29 24.12 -15.02
CA GLN A 370 36.96 23.73 -14.59
C GLN A 370 36.28 22.82 -15.61
N GLU A 371 36.39 23.14 -16.89
CA GLU A 371 35.71 22.35 -17.92
C GLU A 371 36.30 20.95 -18.02
N TYR A 372 37.63 20.86 -18.10
CA TYR A 372 38.29 19.56 -18.21
C TYR A 372 38.08 18.70 -16.97
N GLY A 373 37.80 19.31 -15.83
CA GLY A 373 37.48 18.59 -14.61
C GLY A 373 36.03 18.21 -14.43
N GLY A 374 35.15 18.56 -15.36
CA GLY A 374 33.78 18.09 -15.33
C GLY A 374 32.76 19.00 -14.69
N LEU A 375 32.94 20.32 -14.77
CA LEU A 375 32.01 21.24 -14.11
C LEU A 375 30.57 21.03 -14.54
N ILE A 376 30.34 20.60 -15.78
CA ILE A 376 28.96 20.40 -16.25
C ILE A 376 28.21 19.47 -15.29
N LYS A 377 28.72 18.25 -15.09
CA LYS A 377 28.06 17.28 -14.22
C LYS A 377 28.10 17.70 -12.75
N HIS A 378 29.26 18.20 -12.29
CA HIS A 378 29.38 18.57 -10.89
C HIS A 378 28.40 19.68 -10.52
N GLY A 379 28.26 20.68 -11.38
CA GLY A 379 27.26 21.71 -11.17
C GLY A 379 25.85 21.16 -11.21
N ALA A 380 25.59 20.23 -12.14
CA ALA A 380 24.27 19.62 -12.21
C ALA A 380 23.89 18.91 -10.91
N LYS A 381 24.88 18.43 -10.14
CA LYS A 381 24.55 17.70 -8.91
C LYS A 381 23.71 18.54 -7.93
N LEU A 382 24.06 19.81 -7.75
CA LEU A 382 23.29 20.68 -6.87
C LEU A 382 21.90 20.98 -7.43
N LEU A 383 21.82 21.30 -8.72
CA LEU A 383 20.52 21.43 -9.38
C LEU A 383 19.63 20.23 -9.07
N PHE A 384 20.21 19.03 -9.16
CA PHE A 384 19.48 17.80 -8.92
C PHE A 384 19.00 17.72 -7.48
N ALA A 385 19.91 17.94 -6.53
CA ALA A 385 19.55 17.82 -5.12
C ALA A 385 18.42 18.76 -4.75
N TYR A 386 18.46 20.01 -5.25
CA TYR A 386 17.39 20.94 -4.92
C TYR A 386 16.09 20.55 -5.61
N SER A 387 16.14 20.18 -6.89
CA SER A 387 14.92 19.87 -7.62
C SER A 387 14.22 18.62 -7.09
N GLN A 388 14.96 17.72 -6.47
CA GLN A 388 14.42 16.49 -5.90
C GLN A 388 13.76 16.69 -4.53
N ALA A 389 14.09 17.76 -3.83
CA ALA A 389 13.75 17.89 -2.42
C ALA A 389 12.26 18.14 -2.22
N THR A 390 11.70 17.51 -1.18
CA THR A 390 10.32 17.74 -0.76
C THR A 390 10.19 18.38 0.62
N VAL A 391 11.29 18.61 1.34
CA VAL A 391 11.27 19.36 2.59
C VAL A 391 10.96 20.82 2.31
N PRO A 392 10.68 21.65 3.32
CA PRO A 392 10.51 23.09 3.09
C PRO A 392 11.81 23.74 2.64
N LEU A 393 11.72 24.57 1.60
CA LEU A 393 12.82 25.38 1.09
C LEU A 393 12.45 26.85 1.19
N VAL A 394 13.29 27.64 1.87
CA VAL A 394 13.15 29.09 1.91
C VAL A 394 14.43 29.72 1.37
N THR A 395 14.28 30.68 0.46
CA THR A 395 15.41 31.31 -0.24
C THR A 395 15.34 32.83 -0.11
N ILE A 396 16.51 33.46 0.10
CA ILE A 396 16.63 34.90 0.21
C ILE A 396 17.81 35.37 -0.67
N ILE A 397 17.51 36.24 -1.63
CA ILE A 397 18.52 36.87 -2.48
C ILE A 397 18.96 38.18 -1.83
N THR A 398 20.26 38.29 -1.52
CA THR A 398 20.80 39.49 -0.89
C THR A 398 21.29 40.52 -1.92
N ARG A 399 22.24 40.18 -2.79
CA ARG A 399 22.69 41.13 -3.81
C ARG A 399 22.53 40.63 -5.24
N LYS A 400 23.28 39.61 -5.65
CA LYS A 400 23.40 39.27 -7.07
C LYS A 400 22.85 37.88 -7.34
N ALA A 401 22.13 37.75 -8.45
CA ALA A 401 21.66 36.46 -8.94
C ALA A 401 21.61 36.55 -10.47
N PHE A 402 22.67 36.13 -11.12
CA PHE A 402 22.81 36.19 -12.57
C PHE A 402 22.77 34.79 -13.18
N GLY A 403 21.99 34.66 -14.26
CA GLY A 403 22.09 33.52 -15.15
C GLY A 403 21.61 32.21 -14.55
N GLY A 404 22.22 31.12 -15.04
CA GLY A 404 21.88 29.80 -14.55
C GLY A 404 22.18 29.60 -13.08
N ALA A 405 23.17 30.33 -12.57
CA ALA A 405 23.45 30.30 -11.14
C ALA A 405 22.21 30.70 -10.34
N TYR A 406 21.46 31.69 -10.83
CA TYR A 406 20.19 32.05 -10.20
C TYR A 406 19.25 30.86 -10.14
N ILE A 407 19.13 30.14 -11.26
CA ILE A 407 18.23 28.98 -11.32
C ILE A 407 18.65 27.92 -10.30
N VAL A 408 19.96 27.65 -10.23
CA VAL A 408 20.44 26.53 -9.41
C VAL A 408 20.22 26.78 -7.92
N MET A 409 20.31 28.03 -7.46
CA MET A 409 20.29 28.36 -6.03
C MET A 409 18.85 28.47 -5.51
N ALA A 410 18.17 27.34 -5.48
CA ALA A 410 16.84 27.22 -4.87
C ALA A 410 15.87 28.28 -5.39
N SER A 411 15.79 28.40 -6.71
CA SER A 411 14.82 29.27 -7.35
C SER A 411 13.41 28.67 -7.31
N LYS A 412 12.42 29.55 -7.48
CA LYS A 412 11.03 29.09 -7.59
C LYS A 412 10.84 28.07 -8.70
N HIS A 413 11.61 28.20 -9.78
CA HIS A 413 11.41 27.39 -10.98
C HIS A 413 11.73 25.93 -10.73
N VAL A 414 12.61 25.63 -9.78
CA VAL A 414 12.99 24.25 -9.46
C VAL A 414 12.27 23.73 -8.22
N GLY A 415 11.42 24.53 -7.57
CA GLY A 415 10.50 24.01 -6.59
C GLY A 415 10.45 24.67 -5.23
N ALA A 416 11.14 25.79 -5.04
CA ALA A 416 11.16 26.44 -3.74
C ALA A 416 9.77 26.96 -3.38
N ASP A 417 9.48 26.91 -2.07
CA ASP A 417 8.18 27.33 -1.56
C ASP A 417 8.06 28.84 -1.43
N LEU A 418 9.08 29.49 -0.85
CA LEU A 418 9.07 30.92 -0.61
C LEU A 418 10.39 31.52 -1.06
N ASN A 419 10.29 32.58 -1.87
CA ASN A 419 11.44 33.29 -2.43
C ASN A 419 11.30 34.78 -2.11
N TYR A 420 12.21 35.31 -1.30
CA TYR A 420 12.27 36.72 -0.92
C TYR A 420 13.48 37.39 -1.56
N ALA A 421 13.45 38.72 -1.57
CA ALA A 421 14.53 39.54 -2.12
C ALA A 421 14.71 40.79 -1.28
N TRP A 422 15.97 41.14 -1.00
CA TRP A 422 16.31 42.41 -0.39
C TRP A 422 16.28 43.52 -1.44
N PRO A 423 16.16 44.78 -1.01
CA PRO A 423 16.08 45.88 -2.00
C PRO A 423 17.33 46.04 -2.84
N THR A 424 18.45 45.46 -2.42
CA THR A 424 19.70 45.50 -3.17
C THR A 424 19.86 44.33 -4.13
N ALA A 425 18.80 43.56 -4.38
CA ALA A 425 18.90 42.39 -5.24
C ALA A 425 18.99 42.81 -6.70
N GLN A 426 19.78 42.08 -7.47
CA GLN A 426 19.94 42.31 -8.91
C GLN A 426 19.74 40.96 -9.61
N ILE A 427 18.53 40.75 -10.12
CA ILE A 427 18.11 39.47 -10.70
C ILE A 427 18.03 39.68 -12.20
N ALA A 428 19.02 39.17 -12.93
CA ALA A 428 19.14 39.41 -14.36
C ALA A 428 19.84 38.25 -15.05
N VAL A 429 19.79 38.25 -16.38
CA VAL A 429 20.46 37.22 -17.17
C VAL A 429 21.98 37.36 -17.09
N MET A 430 22.49 38.58 -17.01
CA MET A 430 23.95 38.83 -16.98
C MET A 430 24.12 40.31 -16.64
N GLY A 431 25.38 40.69 -16.47
CA GLY A 431 25.71 42.08 -16.24
C GLY A 431 25.34 42.96 -17.43
N ALA A 432 25.18 44.25 -17.14
CA ALA A 432 24.65 45.17 -18.14
C ALA A 432 25.60 45.34 -19.31
N LYS A 433 26.90 45.47 -19.03
CA LYS A 433 27.88 45.67 -20.10
C LYS A 433 27.80 44.57 -21.14
N GLY A 434 27.89 43.31 -20.70
CA GLY A 434 27.86 42.20 -21.64
C GLY A 434 26.54 42.11 -22.38
N ALA A 435 25.44 42.27 -21.67
CA ALA A 435 24.13 42.22 -22.32
C ALA A 435 24.03 43.27 -23.42
N VAL A 436 24.53 44.47 -23.14
CA VAL A 436 24.45 45.56 -24.12
C VAL A 436 25.35 45.27 -25.31
N GLU A 437 26.57 44.80 -25.06
CA GLU A 437 27.47 44.48 -26.16
C GLU A 437 26.94 43.34 -27.02
N ILE A 438 26.10 42.46 -26.46
CA ILE A 438 25.50 41.40 -27.28
C ILE A 438 24.30 41.93 -28.05
N ILE A 439 23.45 42.71 -27.39
CA ILE A 439 22.23 43.18 -28.02
C ILE A 439 22.53 44.24 -29.09
N PHE A 440 23.55 45.05 -28.87
CA PHE A 440 23.87 46.18 -29.74
C PHE A 440 25.23 45.99 -30.39
N ARG A 441 25.50 44.77 -30.88
CA ARG A 441 26.78 44.44 -31.48
C ARG A 441 27.06 45.27 -32.73
N ALA A 442 26.03 45.83 -33.38
CA ALA A 442 26.25 46.59 -34.60
C ALA A 442 26.89 47.95 -34.34
N GLU A 443 26.60 48.56 -33.19
CA GLU A 443 27.10 49.90 -32.88
C GLU A 443 27.98 49.86 -31.63
N ILE A 444 28.93 48.94 -31.61
CA ILE A 444 29.72 48.63 -30.42
C ILE A 444 30.91 49.56 -30.29
N GLY A 445 30.98 50.60 -31.13
CA GLY A 445 32.15 51.45 -31.18
C GLY A 445 31.98 52.82 -30.55
N ASP A 446 30.80 53.41 -30.70
CA ASP A 446 30.57 54.78 -30.24
C ASP A 446 30.46 54.80 -28.72
N ALA A 447 31.38 55.51 -28.06
CA ALA A 447 31.48 55.44 -26.60
C ALA A 447 30.22 55.98 -25.93
N ASP A 448 29.86 57.22 -26.22
CA ASP A 448 28.73 57.85 -25.53
C ASP A 448 27.45 57.02 -25.67
N LYS A 449 27.17 56.54 -26.88
CA LYS A 449 25.98 55.73 -27.08
C LYS A 449 26.02 54.47 -26.23
N VAL A 450 27.17 53.80 -26.21
CA VAL A 450 27.33 52.59 -25.42
C VAL A 450 27.07 52.88 -23.95
N ALA A 451 27.63 53.98 -23.43
CA ALA A 451 27.45 54.30 -22.03
C ALA A 451 26.00 54.61 -21.70
N GLU A 452 25.32 55.33 -22.60
CA GLU A 452 23.91 55.65 -22.37
C GLU A 452 23.07 54.39 -22.35
N ARG A 453 23.31 53.48 -23.29
CA ARG A 453 22.57 52.22 -23.32
C ARG A 453 22.87 51.39 -22.08
N THR A 454 24.13 51.39 -21.64
CA THR A 454 24.50 50.66 -20.43
C THR A 454 23.73 51.19 -19.22
N LYS A 455 23.65 52.51 -19.09
CA LYS A 455 22.92 53.09 -17.97
C LYS A 455 21.44 52.78 -18.06
N GLU A 456 20.88 52.80 -19.27
CA GLU A 456 19.46 52.47 -19.44
C GLU A 456 19.18 51.03 -19.03
N TYR A 457 20.03 50.10 -19.47
CA TYR A 457 19.88 48.70 -19.05
C TYR A 457 20.02 48.56 -17.55
N GLU A 458 21.02 49.22 -16.96
CA GLU A 458 21.19 49.16 -15.51
C GLU A 458 19.93 49.62 -14.79
N ASP A 459 19.35 50.73 -15.23
CA ASP A 459 18.18 51.27 -14.55
C ASP A 459 16.96 50.38 -14.74
N ARG A 460 16.83 49.75 -15.91
CA ARG A 460 15.63 48.97 -16.19
C ARG A 460 15.67 47.59 -15.55
N PHE A 461 16.80 46.89 -15.62
CA PHE A 461 16.80 45.44 -15.37
C PHE A 461 17.62 44.97 -14.16
N LEU A 462 18.60 45.74 -13.68
CA LEU A 462 19.42 45.28 -12.56
C LEU A 462 18.77 45.74 -11.25
N SER A 463 17.71 45.01 -10.87
CA SER A 463 16.89 45.30 -9.72
C SER A 463 15.99 44.09 -9.43
N PRO A 464 15.21 44.10 -8.35
CA PRO A 464 14.32 42.96 -8.06
C PRO A 464 12.91 43.07 -8.62
N PHE A 465 12.62 44.02 -9.51
CA PHE A 465 11.23 44.36 -9.82
C PHE A 465 10.67 43.65 -11.06
N VAL A 466 11.49 43.27 -12.04
CA VAL A 466 10.97 42.44 -13.13
C VAL A 466 10.60 41.05 -12.62
N ALA A 467 11.51 40.45 -11.85
CA ALA A 467 11.20 39.17 -11.19
C ALA A 467 9.93 39.28 -10.34
N ALA A 468 9.74 40.41 -9.66
CA ALA A 468 8.54 40.59 -8.86
C ALA A 468 7.30 40.73 -9.75
N GLU A 469 7.41 41.49 -10.84
CA GLU A 469 6.30 41.69 -11.76
C GLU A 469 5.85 40.37 -12.38
N ARG A 470 6.77 39.42 -12.55
CA ARG A 470 6.42 38.11 -13.09
C ARG A 470 6.00 37.11 -12.03
N GLY A 471 6.09 37.47 -10.75
CA GLY A 471 5.75 36.54 -9.68
C GLY A 471 6.81 35.52 -9.34
N TYR A 472 8.05 35.74 -9.75
CA TYR A 472 9.14 34.83 -9.41
C TYR A 472 9.65 35.06 -7.99
N ILE A 473 9.50 36.27 -7.46
CA ILE A 473 9.76 36.58 -6.07
C ILE A 473 8.42 36.83 -5.39
N ASP A 474 8.25 36.27 -4.19
CA ASP A 474 6.99 36.43 -3.48
C ASP A 474 6.87 37.80 -2.82
N GLU A 475 7.95 38.32 -2.25
CA GLU A 475 7.92 39.64 -1.64
C GLU A 475 9.34 40.23 -1.59
N VAL A 476 9.42 41.55 -1.70
CA VAL A 476 10.64 42.30 -1.44
C VAL A 476 10.56 42.81 0.00
N ILE A 477 11.53 42.40 0.83
CA ILE A 477 11.48 42.64 2.26
C ILE A 477 12.61 43.58 2.67
N MET A 478 12.43 44.20 3.84
CA MET A 478 13.53 44.97 4.43
C MET A 478 14.48 44.02 5.16
N PRO A 479 15.79 44.28 5.11
CA PRO A 479 16.73 43.34 5.74
C PRO A 479 16.46 43.05 7.21
N HIS A 480 16.13 44.07 8.00
CA HIS A 480 15.99 43.88 9.45
C HIS A 480 14.87 42.90 9.82
N SER A 481 13.95 42.61 8.91
CA SER A 481 12.86 41.67 9.16
C SER A 481 13.21 40.22 8.82
N THR A 482 14.44 39.96 8.34
CA THR A 482 14.76 38.65 7.77
C THR A 482 14.37 37.52 8.73
N ARG A 483 14.98 37.48 9.91
CA ARG A 483 14.67 36.45 10.89
C ARG A 483 13.16 36.33 11.07
N LYS A 484 12.50 37.45 11.36
CA LYS A 484 11.07 37.43 11.63
C LYS A 484 10.30 36.77 10.50
N ARG A 485 10.69 37.02 9.25
CA ARG A 485 10.01 36.39 8.14
C ARG A 485 10.29 34.88 8.14
N ILE A 486 11.57 34.51 8.20
CA ILE A 486 11.94 33.10 8.13
C ILE A 486 11.18 32.30 9.18
N ALA A 487 11.28 32.72 10.45
CA ALA A 487 10.62 32.00 11.53
C ALA A 487 9.14 31.77 11.24
N ARG A 488 8.45 32.77 10.68
CA ARG A 488 7.04 32.59 10.39
C ARG A 488 6.87 31.55 9.28
N ALA A 489 7.58 31.73 8.17
CA ALA A 489 7.43 30.83 7.04
C ALA A 489 7.58 29.38 7.46
N LEU A 490 8.71 29.06 8.10
CA LEU A 490 8.98 27.68 8.48
C LEU A 490 7.82 27.10 9.26
N GLY A 491 7.29 27.88 10.21
CA GLY A 491 6.14 27.43 10.96
C GLY A 491 5.04 26.91 10.05
N MET A 492 4.55 27.79 9.18
CA MET A 492 3.45 27.44 8.29
C MET A 492 3.80 26.24 7.43
N LEU A 493 5.07 26.08 7.07
CA LEU A 493 5.46 25.05 6.14
C LEU A 493 5.62 23.68 6.80
N ARG A 494 5.51 23.59 8.14
CA ARG A 494 5.72 22.30 8.79
C ARG A 494 4.79 21.20 8.26
N THR A 495 3.63 21.57 7.71
CA THR A 495 2.64 20.59 7.27
C THR A 495 2.78 20.22 5.78
N LYS A 496 3.86 20.64 5.12
CA LYS A 496 4.07 20.32 3.71
C LYS A 496 4.15 18.81 3.49
N GLU A 497 3.33 18.30 2.56
CA GLU A 497 3.44 16.93 2.09
C GLU A 497 3.49 16.92 0.57
N MET A 498 4.43 16.16 0.03
CA MET A 498 4.79 16.12 -1.37
C MET A 498 5.61 14.87 -1.62
N GLU A 499 5.45 14.28 -2.81
CA GLU A 499 6.10 13.02 -3.16
C GLU A 499 6.55 13.05 -4.61
N GLN A 500 7.72 12.47 -4.87
CA GLN A 500 8.25 12.30 -6.21
C GLN A 500 7.67 11.02 -6.82
N PRO A 501 7.77 10.86 -8.14
CA PRO A 501 7.22 9.65 -8.78
C PRO A 501 7.91 8.39 -8.28
N ARG A 502 7.25 7.25 -8.52
CA ARG A 502 7.69 5.97 -7.96
C ARG A 502 8.84 5.39 -8.76
N LYS A 503 9.89 4.96 -8.06
CA LYS A 503 11.09 4.42 -8.69
C LYS A 503 11.92 3.70 -7.63
N LYS A 504 12.75 2.76 -8.10
CA LYS A 504 13.72 2.13 -7.21
C LYS A 504 14.66 3.18 -6.62
N HIS A 505 15.28 3.97 -7.49
CA HIS A 505 16.14 5.09 -7.12
C HIS A 505 16.35 5.94 -8.38
N ASP A 506 16.85 7.15 -8.17
CA ASP A 506 17.16 8.07 -9.25
C ASP A 506 18.49 7.69 -9.90
N ASN A 507 18.86 8.43 -10.96
CA ASN A 507 20.14 8.26 -11.62
C ASN A 507 20.97 9.55 -11.60
N ILE A 508 21.06 10.19 -10.44
CA ILE A 508 21.87 11.40 -10.26
C ILE A 508 23.26 11.18 -10.87
N PRO A 509 23.82 12.16 -11.59
CA PRO A 509 25.19 12.02 -12.09
C PRO A 509 26.18 11.92 -10.95
N LEU A 510 27.27 11.20 -11.20
CA LEU A 510 28.30 11.00 -10.18
C LEU A 510 29.65 11.53 -10.65
N LEU B 5 -8.63 24.30 -46.52
CA LEU B 5 -8.23 25.38 -47.41
C LEU B 5 -6.83 25.13 -47.97
N GLU B 6 -6.52 25.78 -49.10
CA GLU B 6 -5.16 25.81 -49.60
C GLU B 6 -4.29 26.73 -48.76
N LYS B 7 -4.90 27.79 -48.20
CA LYS B 7 -4.17 28.71 -47.34
C LYS B 7 -3.55 27.99 -46.15
N LEU B 8 -4.21 26.95 -45.66
CA LEU B 8 -3.67 26.22 -44.51
C LEU B 8 -2.40 25.47 -44.87
N GLU B 9 -2.40 24.77 -46.01
CA GLU B 9 -1.18 24.12 -46.46
C GLU B 9 -0.08 25.14 -46.78
N GLU B 10 -0.47 26.33 -47.26
CA GLU B 10 0.50 27.40 -47.45
C GLU B 10 1.14 27.79 -46.12
N ARG B 11 0.33 27.92 -45.08
CA ARG B 11 0.84 28.27 -43.76
C ARG B 11 1.78 27.18 -43.25
N ARG B 12 1.45 25.92 -43.51
CA ARG B 12 2.34 24.83 -43.11
C ARG B 12 3.67 24.93 -43.82
N ALA B 13 3.64 25.03 -45.15
CA ALA B 13 4.87 25.16 -45.93
C ALA B 13 5.70 26.35 -45.46
N GLN B 14 5.04 27.42 -45.02
CA GLN B 14 5.78 28.60 -44.58
C GLN B 14 6.36 28.42 -43.18
N ALA B 15 5.75 27.56 -42.36
CA ALA B 15 6.35 27.26 -41.07
C ALA B 15 7.51 26.29 -41.18
N ARG B 16 7.51 25.45 -42.22
CA ARG B 16 8.60 24.47 -42.36
C ARG B 16 9.93 25.09 -42.76
N LEU B 17 10.00 26.40 -43.04
CA LEU B 17 11.24 27.01 -43.51
C LEU B 17 12.09 27.60 -42.40
N GLY B 18 11.53 27.81 -41.22
CA GLY B 18 12.34 28.36 -40.14
C GLY B 18 12.85 29.74 -40.47
N GLY B 19 14.15 29.94 -40.30
CA GLY B 19 14.80 31.22 -40.49
C GLY B 19 15.15 31.59 -41.91
N GLY B 20 14.76 30.81 -42.91
CA GLY B 20 14.90 31.21 -44.29
C GLY B 20 15.79 30.26 -45.09
N GLU B 21 15.73 30.47 -46.42
CA GLU B 21 16.50 29.67 -47.35
C GLU B 21 18.00 29.79 -47.10
N LYS B 22 18.48 31.02 -46.92
CA LYS B 22 19.91 31.28 -46.86
C LYS B 22 20.54 30.65 -45.63
N ARG B 23 19.86 30.73 -44.49
CA ARG B 23 20.40 30.12 -43.27
C ARG B 23 20.41 28.60 -43.38
N LEU B 24 19.40 28.03 -44.05
CA LEU B 24 19.36 26.58 -44.22
C LEU B 24 20.48 26.11 -45.14
N GLU B 25 20.76 26.85 -46.22
CA GLU B 25 21.86 26.46 -47.09
C GLU B 25 23.20 26.64 -46.39
N ALA B 26 23.32 27.64 -45.52
CA ALA B 26 24.52 27.75 -44.71
C ALA B 26 24.70 26.57 -43.77
N GLN B 27 23.61 26.13 -43.13
CA GLN B 27 23.67 24.94 -42.28
C GLN B 27 24.15 23.74 -43.08
N HIS B 28 23.60 23.55 -44.29
CA HIS B 28 24.06 22.46 -45.13
C HIS B 28 25.54 22.62 -45.49
N LYS B 29 25.99 23.86 -45.70
CA LYS B 29 27.37 24.10 -46.09
C LYS B 29 28.35 23.65 -45.02
N ARG B 30 27.94 23.68 -43.75
CA ARG B 30 28.79 23.23 -42.65
C ARG B 30 28.82 21.72 -42.49
N GLY B 31 28.04 20.98 -43.28
CA GLY B 31 27.91 19.55 -43.10
C GLY B 31 26.89 19.13 -42.08
N LYS B 32 25.90 19.97 -41.79
CA LYS B 32 24.90 19.73 -40.77
C LYS B 32 23.53 19.52 -41.42
N LEU B 33 22.79 18.53 -40.91
CA LEU B 33 21.39 18.39 -41.28
C LEU B 33 20.55 19.45 -40.57
N THR B 34 19.30 19.59 -41.02
CA THR B 34 18.32 20.46 -40.37
C THR B 34 17.56 19.67 -39.30
N ALA B 35 16.93 20.41 -38.39
CA ALA B 35 16.17 19.78 -37.31
C ALA B 35 15.12 18.81 -37.86
N ARG B 36 14.37 19.24 -38.87
CA ARG B 36 13.30 18.41 -39.42
C ARG B 36 13.86 17.19 -40.14
N GLU B 37 14.99 17.34 -40.84
CA GLU B 37 15.64 16.20 -41.48
C GLU B 37 16.11 15.19 -40.42
N ARG B 38 16.64 15.68 -39.30
CA ARG B 38 17.06 14.79 -38.22
C ARG B 38 15.88 14.00 -37.68
N ILE B 39 14.74 14.66 -37.48
CA ILE B 39 13.54 13.94 -37.04
C ILE B 39 13.14 12.88 -38.06
N GLU B 40 13.15 13.25 -39.34
CA GLU B 40 12.78 12.30 -40.39
C GLU B 40 13.68 11.07 -40.39
N LEU B 41 14.95 11.24 -40.07
CA LEU B 41 15.87 10.10 -40.06
C LEU B 41 15.68 9.23 -38.83
N LEU B 42 15.36 9.83 -37.67
CA LEU B 42 15.26 9.03 -36.45
C LEU B 42 14.02 8.15 -36.44
N LEU B 43 12.88 8.65 -36.90
CA LEU B 43 11.60 7.97 -36.72
C LEU B 43 11.27 7.08 -37.92
N ASP B 44 10.38 6.12 -37.69
CA ASP B 44 9.89 5.26 -38.75
C ASP B 44 9.12 6.09 -39.78
N HIS B 45 9.11 5.61 -41.03
CA HIS B 45 8.50 6.34 -42.13
C HIS B 45 7.02 6.57 -41.89
N GLY B 46 6.61 7.84 -41.94
CA GLY B 46 5.22 8.20 -41.84
C GLY B 46 4.63 8.24 -40.45
N SER B 47 5.46 8.26 -39.41
CA SER B 47 4.97 8.14 -38.04
C SER B 47 4.95 9.45 -37.26
N PHE B 48 5.63 10.50 -37.73
CA PHE B 48 5.79 11.72 -36.94
C PHE B 48 4.48 12.50 -36.86
N GLU B 49 4.03 12.78 -35.64
CA GLU B 49 2.98 13.74 -35.35
C GLU B 49 3.58 14.93 -34.61
N GLU B 50 3.46 16.11 -35.20
CA GLU B 50 4.04 17.34 -34.68
C GLU B 50 3.08 18.08 -33.76
N PHE B 51 3.61 18.65 -32.68
CA PHE B 51 2.89 19.55 -31.79
C PHE B 51 3.34 20.98 -31.99
N ASP B 52 2.39 21.91 -31.96
CA ASP B 52 2.66 23.34 -31.75
C ASP B 52 3.51 23.94 -32.86
N MET B 53 3.06 23.75 -34.10
CA MET B 53 3.79 24.29 -35.26
C MET B 53 3.68 25.81 -35.34
N PHE B 54 2.60 26.40 -34.84
CA PHE B 54 2.29 27.81 -35.05
C PHE B 54 2.54 28.68 -33.81
N VAL B 55 3.23 28.15 -32.80
CA VAL B 55 3.50 28.91 -31.58
C VAL B 55 4.47 30.06 -31.86
N GLN B 56 4.18 31.23 -31.30
CA GLN B 56 5.00 32.43 -31.45
C GLN B 56 5.35 33.02 -30.09
N HIS B 57 6.41 33.83 -30.06
CA HIS B 57 6.79 34.51 -28.84
C HIS B 57 5.97 35.78 -28.65
N ARG B 58 6.00 36.32 -27.43
CA ARG B 58 5.20 37.48 -27.05
C ARG B 58 6.05 38.62 -26.49
N SER B 59 7.34 38.65 -26.80
CA SER B 59 8.20 39.74 -26.35
C SER B 59 7.98 40.99 -27.19
N THR B 60 8.10 42.15 -26.53
CA THR B 60 7.98 43.45 -27.19
C THR B 60 9.17 44.34 -26.89
N ASP B 61 10.30 43.77 -26.48
CA ASP B 61 11.49 44.51 -26.13
C ASP B 61 12.52 44.43 -27.25
N PHE B 62 13.35 45.48 -27.32
CA PHE B 62 14.50 45.52 -28.23
C PHE B 62 14.10 45.15 -29.66
N GLY B 63 12.93 45.62 -30.09
CA GLY B 63 12.49 45.38 -31.45
C GLY B 63 12.14 43.96 -31.79
N MET B 64 11.86 43.11 -30.79
CA MET B 64 11.57 41.71 -31.07
C MET B 64 10.19 41.52 -31.68
N GLU B 65 9.27 42.46 -31.48
CA GLU B 65 7.92 42.33 -32.01
C GLU B 65 7.87 42.41 -33.53
N LYS B 66 8.95 42.84 -34.18
CA LYS B 66 8.99 42.92 -35.63
C LYS B 66 9.46 41.64 -36.31
N GLN B 67 9.83 40.61 -35.53
CA GLN B 67 10.30 39.34 -36.09
C GLN B 67 9.70 38.20 -35.29
N LYS B 68 8.53 37.71 -35.72
CA LYS B 68 7.84 36.59 -35.10
C LYS B 68 7.84 35.44 -36.09
N ILE B 69 8.61 34.40 -35.78
CA ILE B 69 8.77 33.23 -36.65
C ILE B 69 7.97 32.08 -36.07
N PRO B 70 7.15 31.39 -36.87
CA PRO B 70 6.34 30.28 -36.32
C PRO B 70 7.21 29.13 -35.84
N GLY B 71 6.90 28.63 -34.64
CA GLY B 71 7.60 27.54 -34.01
C GLY B 71 8.51 27.96 -32.87
N ASP B 72 9.02 29.19 -32.93
CA ASP B 72 9.87 29.78 -31.88
C ASP B 72 11.16 29.00 -31.65
N GLY B 73 11.61 28.25 -32.66
CA GLY B 73 12.94 27.69 -32.65
C GLY B 73 13.09 26.24 -32.21
N VAL B 74 12.00 25.49 -32.08
CA VAL B 74 12.06 24.08 -31.69
C VAL B 74 10.93 23.33 -32.37
N VAL B 75 11.23 22.11 -32.85
CA VAL B 75 10.25 21.20 -33.44
C VAL B 75 10.02 20.05 -32.45
N THR B 76 8.76 19.79 -32.12
CA THR B 76 8.39 18.86 -31.06
C THR B 76 7.32 17.90 -31.53
N GLY B 77 7.32 16.69 -30.99
CA GLY B 77 6.24 15.75 -31.29
C GLY B 77 6.56 14.33 -30.86
N TRP B 78 5.91 13.38 -31.52
CA TRP B 78 6.04 11.96 -31.19
C TRP B 78 5.99 11.10 -32.45
N GLY B 79 6.33 9.82 -32.27
CA GLY B 79 6.40 8.88 -33.37
C GLY B 79 6.77 7.50 -32.86
N THR B 80 7.28 6.67 -33.77
CA THR B 80 7.67 5.30 -33.43
C THR B 80 9.06 4.98 -33.95
N VAL B 81 9.80 4.19 -33.17
CA VAL B 81 11.08 3.60 -33.55
C VAL B 81 10.92 2.08 -33.46
N ASN B 82 11.07 1.42 -34.60
CA ASN B 82 10.83 -0.03 -34.71
C ASN B 82 9.52 -0.42 -34.06
N GLY B 83 8.48 0.37 -34.30
CA GLY B 83 7.15 0.11 -33.80
C GLY B 83 6.87 0.55 -32.38
N ARG B 84 7.88 0.98 -31.63
CA ARG B 84 7.71 1.36 -30.23
C ARG B 84 7.62 2.88 -30.09
N THR B 85 6.70 3.34 -29.23
CA THR B 85 6.41 4.77 -29.08
C THR B 85 7.61 5.54 -28.51
N VAL B 86 7.88 6.70 -29.10
CA VAL B 86 8.87 7.64 -28.59
C VAL B 86 8.40 9.08 -28.77
N PHE B 87 8.85 9.95 -27.87
CA PHE B 87 8.66 11.39 -27.92
C PHE B 87 10.00 12.08 -28.19
N LEU B 88 9.96 13.28 -28.78
CA LEU B 88 11.21 13.94 -29.15
C LEU B 88 11.01 15.44 -29.39
N PHE B 89 12.13 16.17 -29.25
CA PHE B 89 12.26 17.57 -29.61
C PHE B 89 13.61 17.84 -30.25
N SER B 90 13.64 18.80 -31.18
CA SER B 90 14.81 19.14 -31.98
C SER B 90 14.91 20.65 -32.12
N LYS B 91 16.05 21.22 -31.74
CA LYS B 91 16.27 22.67 -31.78
C LYS B 91 16.74 23.11 -33.16
N ASP B 92 16.29 24.30 -33.58
CA ASP B 92 16.54 24.84 -34.91
C ASP B 92 17.49 26.03 -34.77
N PHE B 93 18.72 25.86 -35.28
CA PHE B 93 19.78 26.85 -35.11
C PHE B 93 19.55 28.11 -35.93
N THR B 94 18.67 28.07 -36.93
CA THR B 94 18.39 29.22 -37.77
C THR B 94 17.38 30.19 -37.19
N VAL B 95 16.88 29.95 -35.97
CA VAL B 95 15.88 30.80 -35.32
C VAL B 95 16.50 31.30 -34.02
N PHE B 96 16.98 32.55 -34.05
CA PHE B 96 17.62 33.17 -32.88
C PHE B 96 18.73 32.29 -32.32
N GLY B 97 19.41 31.57 -33.20
CA GLY B 97 20.47 30.67 -32.77
C GLY B 97 19.99 29.53 -31.91
N GLY B 98 18.79 29.03 -32.17
CA GLY B 98 18.17 28.00 -31.35
C GLY B 98 18.08 28.35 -29.89
N SER B 99 18.05 29.65 -29.59
CA SER B 99 18.02 30.10 -28.20
C SER B 99 16.66 29.83 -27.56
N SER B 100 16.69 29.63 -26.24
CA SER B 100 15.49 29.27 -25.49
C SER B 100 14.76 30.51 -25.00
N SER B 101 13.45 30.53 -25.22
CA SER B 101 12.54 31.57 -24.76
C SER B 101 11.39 30.92 -23.99
N GLU B 102 10.46 31.75 -23.54
CA GLU B 102 9.32 31.28 -22.75
C GLU B 102 8.51 30.23 -23.50
N ALA B 103 8.04 30.57 -24.70
CA ALA B 103 7.19 29.65 -25.48
C ALA B 103 7.97 28.41 -25.93
N HIS B 104 9.20 28.61 -26.37
CA HIS B 104 10.13 27.52 -26.64
C HIS B 104 10.11 26.49 -25.50
N ALA B 105 10.40 26.96 -24.30
CA ALA B 105 10.44 26.12 -23.12
C ALA B 105 9.09 25.46 -22.85
N ALA B 106 8.00 26.19 -23.09
CA ALA B 106 6.67 25.61 -22.90
C ALA B 106 6.44 24.41 -23.83
N LYS B 107 6.88 24.51 -25.08
CA LYS B 107 6.76 23.39 -26.01
C LYS B 107 7.53 22.17 -25.50
N ILE B 108 8.78 22.39 -25.05
CA ILE B 108 9.57 21.28 -24.54
C ILE B 108 8.91 20.67 -23.31
N VAL B 109 8.39 21.51 -22.41
CA VAL B 109 7.71 21.03 -21.20
C VAL B 109 6.51 20.17 -21.56
N LYS B 110 5.76 20.57 -22.60
CA LYS B 110 4.60 19.78 -23.01
C LYS B 110 5.03 18.36 -23.37
N VAL B 111 6.07 18.24 -24.21
CA VAL B 111 6.45 16.88 -24.61
C VAL B 111 7.04 16.09 -23.42
N GLN B 112 7.76 16.76 -22.51
CA GLN B 112 8.28 16.06 -21.33
C GLN B 112 7.14 15.48 -20.49
N ASP B 113 6.13 16.30 -20.21
CA ASP B 113 4.98 15.85 -19.42
C ASP B 113 4.29 14.67 -20.08
N MET B 114 4.07 14.75 -21.40
CA MET B 114 3.40 13.64 -22.08
C MET B 114 4.22 12.36 -21.99
N ALA B 115 5.54 12.45 -22.14
CA ALA B 115 6.38 11.26 -22.09
C ALA B 115 6.33 10.61 -20.72
N LEU B 116 6.28 11.41 -19.66
CA LEU B 116 6.19 10.81 -18.33
C LEU B 116 4.81 10.18 -18.12
N LYS B 117 3.76 10.84 -18.60
CA LYS B 117 2.40 10.34 -18.40
C LYS B 117 2.19 9.00 -19.10
N MET B 118 2.72 8.84 -20.31
CA MET B 118 2.52 7.61 -21.06
C MET B 118 3.64 6.60 -20.86
N ARG B 119 4.64 6.92 -20.04
CA ARG B 119 5.76 6.03 -19.72
C ARG B 119 6.44 5.50 -21.00
N ALA B 120 7.00 6.42 -21.76
CA ALA B 120 7.80 6.15 -22.95
C ALA B 120 9.09 6.97 -22.97
N PRO B 121 10.08 6.56 -23.75
CA PRO B 121 11.37 7.29 -23.80
C PRO B 121 11.26 8.64 -24.49
N ILE B 122 12.24 9.51 -24.20
CA ILE B 122 12.30 10.86 -24.77
C ILE B 122 13.74 11.15 -25.24
N ILE B 123 13.84 11.70 -26.45
CA ILE B 123 15.10 12.00 -27.13
C ILE B 123 15.17 13.51 -27.37
N GLY B 124 16.25 14.14 -26.92
CA GLY B 124 16.51 15.57 -27.16
C GLY B 124 17.72 15.77 -28.05
N ILE B 125 17.55 16.60 -29.08
CA ILE B 125 18.59 16.91 -30.05
C ILE B 125 18.92 18.40 -29.92
N PHE B 126 20.22 18.71 -29.78
CA PHE B 126 20.67 20.01 -29.29
C PHE B 126 21.56 20.69 -30.33
N ASP B 127 21.15 21.90 -30.72
CA ASP B 127 21.92 22.79 -31.61
C ASP B 127 21.47 24.21 -31.27
N ALA B 128 22.20 24.89 -30.38
CA ALA B 128 21.62 26.04 -29.70
C ALA B 128 22.68 26.80 -28.91
N GLY B 129 22.30 28.00 -28.46
CA GLY B 129 23.19 28.91 -27.77
C GLY B 129 22.69 29.44 -26.43
N GLY B 130 21.67 28.80 -25.86
CA GLY B 130 21.27 29.12 -24.50
C GLY B 130 20.08 30.06 -24.36
N ALA B 131 20.05 30.82 -23.28
CA ALA B 131 18.92 31.69 -22.98
C ALA B 131 18.93 32.93 -23.88
N ARG B 132 17.78 33.20 -24.50
CA ARG B 132 17.63 34.34 -25.39
C ARG B 132 17.74 35.64 -24.59
N ILE B 133 18.78 36.42 -24.89
CA ILE B 133 19.13 37.56 -24.02
C ILE B 133 18.00 38.58 -24.01
N GLN B 134 17.44 38.89 -25.18
CA GLN B 134 16.42 39.94 -25.29
C GLN B 134 15.23 39.70 -24.37
N GLU B 135 14.95 38.46 -23.99
CA GLU B 135 13.80 38.15 -23.15
C GLU B 135 14.08 38.26 -21.65
N GLY B 136 15.35 38.40 -21.26
CA GLY B 136 15.65 38.61 -19.85
C GLY B 136 15.29 37.42 -18.97
N VAL B 137 15.02 37.71 -17.69
CA VAL B 137 14.87 36.67 -16.68
C VAL B 137 13.77 35.68 -17.04
N ALA B 138 12.75 36.13 -17.80
CA ALA B 138 11.71 35.20 -18.21
C ALA B 138 12.30 33.96 -18.85
N ALA B 139 13.27 34.15 -19.75
CA ALA B 139 13.91 33.00 -20.39
C ALA B 139 14.48 32.05 -19.36
N LEU B 140 15.16 32.57 -18.35
CA LEU B 140 15.72 31.72 -17.31
C LEU B 140 14.63 30.86 -16.69
N GLY B 141 13.49 31.47 -16.39
CA GLY B 141 12.38 30.71 -15.84
C GLY B 141 12.09 29.47 -16.65
N GLY B 142 12.02 29.62 -17.98
CA GLY B 142 11.79 28.47 -18.83
C GLY B 142 12.77 27.34 -18.56
N HIS B 143 14.04 27.62 -18.72
CA HIS B 143 15.10 26.64 -18.37
C HIS B 143 14.73 25.92 -17.05
N GLY B 144 14.41 26.66 -15.96
CA GLY B 144 14.11 26.02 -14.69
C GLY B 144 13.06 24.94 -14.83
N GLU B 145 11.95 25.28 -15.46
CA GLU B 145 10.84 24.32 -15.54
C GLU B 145 11.26 23.06 -16.28
N VAL B 146 12.14 23.20 -17.27
CA VAL B 146 12.63 22.02 -17.99
C VAL B 146 13.49 21.18 -17.05
N PHE B 147 14.43 21.83 -16.34
CA PHE B 147 15.31 21.11 -15.43
C PHE B 147 14.52 20.22 -14.48
N ARG B 148 13.53 20.81 -13.80
CA ARG B 148 12.77 20.07 -12.81
C ARG B 148 12.21 18.79 -13.42
N ARG B 149 11.66 18.87 -14.63
CA ARG B 149 11.04 17.69 -15.21
C ARG B 149 12.07 16.61 -15.50
N ASN B 150 13.27 16.99 -15.97
CA ASN B 150 14.33 16.00 -16.12
C ASN B 150 14.46 15.19 -14.83
N VAL B 151 14.55 15.89 -13.70
CA VAL B 151 14.78 15.22 -12.43
C VAL B 151 13.61 14.32 -12.09
N ALA B 152 12.38 14.76 -12.38
CA ALA B 152 11.22 13.92 -12.08
C ALA B 152 11.25 12.64 -12.88
N ALA B 153 11.78 12.67 -14.10
CA ALA B 153 11.76 11.50 -14.97
C ALA B 153 12.92 10.54 -14.74
N SER B 154 13.89 10.92 -13.92
CA SER B 154 15.11 10.12 -13.75
C SER B 154 14.79 8.80 -13.05
N GLY B 155 15.22 7.71 -13.66
CA GLY B 155 14.90 6.38 -13.17
C GLY B 155 13.50 5.89 -13.48
N VAL B 156 12.73 6.62 -14.29
CA VAL B 156 11.38 6.24 -14.66
C VAL B 156 11.26 5.96 -16.16
N ILE B 157 11.73 6.88 -17.00
CA ILE B 157 11.81 6.68 -18.45
C ILE B 157 13.23 6.98 -18.92
N PRO B 158 13.76 6.26 -19.91
CA PRO B 158 15.10 6.59 -20.41
C PRO B 158 15.11 7.89 -21.19
N GLN B 159 16.13 8.70 -20.93
CA GLN B 159 16.30 10.02 -21.54
C GLN B 159 17.63 10.03 -22.30
N ILE B 160 17.58 10.28 -23.60
CA ILE B 160 18.79 10.30 -24.43
C ILE B 160 18.96 11.68 -25.06
N SER B 161 20.21 12.16 -25.07
CA SER B 161 20.57 13.48 -25.60
C SER B 161 21.65 13.35 -26.68
N VAL B 162 21.45 14.07 -27.78
CA VAL B 162 22.36 14.09 -28.92
C VAL B 162 22.78 15.53 -29.17
N ILE B 163 24.07 15.82 -29.02
CA ILE B 163 24.63 17.15 -29.28
C ILE B 163 25.14 17.17 -30.71
N MET B 164 24.48 17.95 -31.57
CA MET B 164 24.80 18.01 -32.98
C MET B 164 25.17 19.42 -33.44
N GLY B 165 25.51 20.28 -32.50
CA GLY B 165 26.03 21.60 -32.77
C GLY B 165 26.55 22.25 -31.50
N PRO B 166 26.54 23.58 -31.43
CA PRO B 166 26.88 24.25 -30.18
C PRO B 166 25.85 23.99 -29.09
N CYS B 167 26.32 24.02 -27.85
CA CYS B 167 25.47 23.91 -26.67
C CYS B 167 26.19 24.62 -25.53
N ALA B 168 25.83 25.89 -25.29
CA ALA B 168 26.53 26.68 -24.24
C ALA B 168 25.59 27.26 -23.17
N GLY B 169 26.22 27.69 -22.07
CA GLY B 169 25.67 28.33 -20.87
C GLY B 169 24.64 27.43 -20.23
N GLY B 170 23.49 28.02 -19.94
CA GLY B 170 22.34 27.30 -19.37
C GLY B 170 21.91 26.07 -20.17
N ASP B 171 22.11 26.02 -21.50
CA ASP B 171 21.66 24.79 -22.20
C ASP B 171 22.30 23.48 -21.68
N VAL B 172 23.53 23.47 -21.16
CA VAL B 172 24.24 22.19 -20.86
C VAL B 172 23.72 21.34 -19.71
N TYR B 173 23.08 21.95 -18.72
CA TYR B 173 22.70 21.22 -17.53
C TYR B 173 21.52 20.28 -17.78
N SER B 174 20.76 20.45 -18.85
CA SER B 174 19.69 19.49 -19.10
C SER B 174 20.28 18.17 -19.59
N PRO B 175 21.10 18.17 -20.66
CA PRO B 175 21.77 16.91 -21.03
C PRO B 175 22.54 16.25 -19.92
N ALA B 176 23.15 17.05 -19.05
CA ALA B 176 23.97 16.50 -17.97
C ALA B 176 23.16 15.61 -17.04
N MET B 177 21.88 15.92 -16.85
CA MET B 177 21.01 15.17 -15.96
C MET B 177 20.30 14.00 -16.65
N THR B 178 20.49 13.83 -17.95
CA THR B 178 19.94 12.70 -18.68
C THR B 178 20.86 11.48 -18.54
N ASP B 179 20.46 10.35 -19.15
CA ASP B 179 21.18 9.09 -18.93
C ASP B 179 22.37 8.93 -19.88
N PHE B 180 22.25 9.30 -21.15
CA PHE B 180 23.35 9.20 -22.11
C PHE B 180 23.46 10.47 -22.95
N ILE B 181 24.70 10.95 -23.12
CA ILE B 181 25.03 12.07 -24.00
C ILE B 181 25.95 11.57 -25.11
N PHE B 182 25.58 11.85 -26.36
CA PHE B 182 26.40 11.53 -27.52
C PHE B 182 26.69 12.80 -28.33
N MET B 183 27.88 12.87 -28.94
CA MET B 183 28.37 14.04 -29.65
C MET B 183 28.81 13.67 -31.07
N VAL B 184 28.82 14.67 -31.95
CA VAL B 184 29.29 14.54 -33.33
C VAL B 184 30.65 15.22 -33.43
N ARG B 185 31.59 14.54 -34.07
CA ARG B 185 32.95 15.06 -34.15
C ARG B 185 33.04 16.25 -35.11
N ASP B 186 33.79 17.26 -34.69
CA ASP B 186 34.26 18.42 -35.43
C ASP B 186 33.18 19.51 -35.66
N THR B 187 31.91 19.26 -35.34
CA THR B 187 30.88 20.29 -35.47
C THR B 187 30.14 20.58 -34.17
N SER B 188 30.36 19.83 -33.11
CA SER B 188 29.67 20.01 -31.84
C SER B 188 30.64 20.39 -30.73
N TYR B 189 30.13 21.08 -29.71
CA TYR B 189 30.90 21.41 -28.53
C TYR B 189 29.97 21.82 -27.40
N MET B 190 30.47 21.66 -26.16
CA MET B 190 29.75 22.02 -24.94
C MET B 190 30.67 22.79 -24.00
N PHE B 191 30.13 23.82 -23.35
CA PHE B 191 30.80 24.44 -22.21
C PHE B 191 29.84 25.35 -21.47
N VAL B 192 30.14 25.54 -20.18
CA VAL B 192 29.35 26.43 -19.32
C VAL B 192 29.68 27.89 -19.61
N THR B 193 30.97 28.20 -19.79
CA THR B 193 31.43 29.56 -20.06
C THR B 193 32.36 29.53 -21.28
N GLY B 194 32.23 30.55 -22.12
CA GLY B 194 32.83 30.54 -23.44
C GLY B 194 34.20 31.20 -23.53
N PRO B 195 34.80 31.11 -24.73
CA PRO B 195 36.20 31.56 -24.89
C PRO B 195 36.45 33.02 -24.53
N ASP B 196 35.56 33.94 -24.91
CA ASP B 196 35.82 35.36 -24.68
C ASP B 196 35.95 35.66 -23.19
N VAL B 197 35.00 35.18 -22.39
CA VAL B 197 35.08 35.36 -20.94
C VAL B 197 36.34 34.69 -20.39
N VAL B 198 36.67 33.51 -20.90
CA VAL B 198 37.85 32.79 -20.45
C VAL B 198 39.09 33.64 -20.67
N LYS B 199 39.16 34.32 -21.81
CA LYS B 199 40.27 35.24 -22.08
C LYS B 199 40.26 36.39 -21.09
N THR B 200 39.12 37.05 -20.95
CA THR B 200 39.06 38.23 -20.09
C THR B 200 39.47 37.92 -18.65
N VAL B 201 39.18 36.72 -18.16
CA VAL B 201 39.37 36.39 -16.76
C VAL B 201 40.69 35.69 -16.51
N THR B 202 41.09 34.77 -17.37
CA THR B 202 42.26 33.93 -17.13
C THR B 202 43.42 34.23 -18.06
N ASN B 203 43.24 35.07 -19.07
CA ASN B 203 44.25 35.41 -20.06
C ASN B 203 44.62 34.25 -20.97
N GLU B 204 43.82 33.19 -20.99
CA GLU B 204 44.09 32.01 -21.81
C GLU B 204 43.31 32.11 -23.11
N VAL B 205 43.98 31.85 -24.23
CA VAL B 205 43.38 31.87 -25.55
C VAL B 205 43.04 30.44 -25.94
N VAL B 206 41.77 30.20 -26.26
CA VAL B 206 41.29 28.87 -26.62
C VAL B 206 40.16 29.00 -27.63
N THR B 207 40.09 28.05 -28.55
CA THR B 207 38.98 27.89 -29.47
C THR B 207 37.92 26.99 -28.86
N ALA B 208 36.72 27.04 -29.43
CA ALA B 208 35.60 26.25 -28.93
C ALA B 208 35.93 24.76 -28.97
N GLU B 209 36.59 24.29 -30.04
CA GLU B 209 36.95 22.88 -30.15
C GLU B 209 37.94 22.48 -29.06
N GLU B 210 38.93 23.33 -28.78
CA GLU B 210 39.89 23.05 -27.73
C GLU B 210 39.23 23.09 -26.35
N LEU B 211 38.27 24.00 -26.15
CA LEU B 211 37.66 24.17 -24.84
C LEU B 211 36.65 23.06 -24.53
N GLY B 212 35.79 22.72 -25.49
CA GLY B 212 34.73 21.76 -25.25
C GLY B 212 34.37 20.81 -26.38
N GLY B 213 35.30 20.50 -27.27
CA GLY B 213 35.04 19.60 -28.36
C GLY B 213 34.79 18.17 -27.92
N ALA B 214 34.51 17.31 -28.90
CA ALA B 214 34.16 15.92 -28.63
C ALA B 214 35.32 15.14 -28.03
N LYS B 215 36.55 15.37 -28.51
CA LYS B 215 37.71 14.68 -27.96
C LYS B 215 37.85 14.95 -26.47
N VAL B 216 37.72 16.22 -26.07
CA VAL B 216 37.80 16.61 -24.67
C VAL B 216 36.78 15.83 -23.84
N HIS B 217 35.50 15.86 -24.24
CA HIS B 217 34.44 15.31 -23.41
C HIS B 217 34.29 13.80 -23.52
N THR B 218 34.94 13.17 -24.50
CA THR B 218 34.93 11.72 -24.62
C THR B 218 36.20 11.06 -24.09
N SER B 219 37.26 11.82 -23.82
CA SER B 219 38.49 11.22 -23.33
C SER B 219 39.01 11.79 -22.02
N LYS B 220 38.61 13.01 -21.62
CA LYS B 220 39.20 13.68 -20.48
C LYS B 220 38.20 13.99 -19.36
N SER B 221 37.04 14.56 -19.69
CA SER B 221 36.21 15.21 -18.69
C SER B 221 35.13 14.32 -18.07
N SER B 222 34.87 13.13 -18.62
CA SER B 222 33.86 12.18 -18.16
C SER B 222 32.44 12.50 -18.63
N ILE B 223 32.25 13.50 -19.48
CA ILE B 223 30.90 14.01 -19.74
C ILE B 223 30.15 13.12 -20.73
N ALA B 224 30.74 12.81 -21.88
CA ALA B 224 30.03 12.18 -22.98
C ALA B 224 30.25 10.67 -23.04
N ASP B 225 29.24 9.96 -23.55
CA ASP B 225 29.24 8.51 -23.66
C ASP B 225 29.77 8.00 -24.99
N GLY B 226 29.86 8.83 -26.01
CA GLY B 226 30.52 8.46 -27.24
C GLY B 226 30.39 9.55 -28.27
N SER B 227 31.19 9.42 -29.34
CA SER B 227 31.18 10.33 -30.47
C SER B 227 31.08 9.55 -31.77
N PHE B 228 30.53 10.21 -32.79
CA PHE B 228 30.31 9.61 -34.11
C PHE B 228 30.82 10.55 -35.19
N GLU B 229 31.00 9.99 -36.39
CA GLU B 229 31.68 10.71 -37.48
C GLU B 229 30.82 11.82 -38.06
N ASN B 230 29.51 11.61 -38.17
CA ASN B 230 28.62 12.62 -38.73
C ASN B 230 27.19 12.38 -38.23
N ASP B 231 26.27 13.22 -38.70
CA ASP B 231 24.90 13.22 -38.17
C ASP B 231 24.18 11.91 -38.47
N VAL B 232 24.32 11.40 -39.70
CA VAL B 232 23.58 10.21 -40.13
C VAL B 232 24.01 8.99 -39.33
N GLU B 233 25.32 8.77 -39.23
CA GLU B 233 25.85 7.66 -38.42
C GLU B 233 25.30 7.73 -37.00
N ALA B 234 25.35 8.92 -36.40
CA ALA B 234 24.88 9.10 -35.03
C ALA B 234 23.42 8.69 -34.88
N ILE B 235 22.55 9.21 -35.75
CA ILE B 235 21.12 8.94 -35.59
C ILE B 235 20.82 7.45 -35.77
N LEU B 236 21.49 6.81 -36.74
CA LEU B 236 21.29 5.37 -36.91
C LEU B 236 21.72 4.60 -35.66
N GLN B 237 22.84 5.01 -35.05
CA GLN B 237 23.27 4.36 -33.80
C GLN B 237 22.28 4.61 -32.67
N ILE B 238 21.61 5.76 -32.64
CA ILE B 238 20.60 5.99 -31.60
C ILE B 238 19.44 5.02 -31.76
N ARG B 239 19.02 4.76 -33.00
CA ARG B 239 18.01 3.72 -33.23
C ARG B 239 18.48 2.36 -32.70
N ARG B 240 19.72 2.00 -33.04
CA ARG B 240 20.30 0.76 -32.53
C ARG B 240 20.24 0.70 -31.01
N LEU B 241 20.59 1.79 -30.34
CA LEU B 241 20.57 1.81 -28.88
C LEU B 241 19.17 1.59 -28.35
N LEU B 242 18.19 2.30 -28.93
CA LEU B 242 16.83 2.20 -28.41
C LEU B 242 16.32 0.77 -28.51
N ASP B 243 16.83 0.00 -29.48
CA ASP B 243 16.41 -1.41 -29.55
C ASP B 243 16.94 -2.27 -28.40
N PHE B 244 17.90 -1.79 -27.61
CA PHE B 244 18.35 -2.52 -26.42
C PHE B 244 17.56 -2.19 -25.16
N LEU B 245 17.05 -0.97 -25.03
CA LEU B 245 16.63 -0.39 -23.76
C LEU B 245 15.17 -0.68 -23.44
N PRO B 246 14.83 -0.87 -22.16
CA PRO B 246 13.43 -0.90 -21.75
C PRO B 246 12.74 0.44 -22.01
N ALA B 247 11.42 0.37 -22.23
CA ALA B 247 10.63 1.57 -22.46
C ALA B 247 10.38 2.35 -21.18
N ASN B 248 10.37 1.66 -20.04
CA ASN B 248 10.20 2.28 -18.73
C ASN B 248 10.68 1.31 -17.66
N ASN B 249 10.54 1.70 -16.41
CA ASN B 249 11.04 0.96 -15.25
C ASN B 249 10.11 -0.17 -14.79
N ILE B 250 9.05 -0.49 -15.53
CA ILE B 250 8.14 -1.58 -15.17
C ILE B 250 8.14 -2.70 -16.20
N GLU B 251 8.26 -2.37 -17.49
CA GLU B 251 7.96 -3.33 -18.54
C GLU B 251 9.08 -4.33 -18.82
N GLY B 252 10.29 -4.11 -18.32
CA GLY B 252 11.39 -5.02 -18.54
C GLY B 252 12.06 -4.87 -19.90
N VAL B 253 13.08 -5.69 -20.12
CA VAL B 253 13.92 -5.58 -21.32
C VAL B 253 13.15 -6.12 -22.53
N PRO B 254 13.38 -5.56 -23.72
CA PRO B 254 12.78 -6.13 -24.93
C PRO B 254 13.42 -7.46 -25.29
N GLU B 255 12.66 -8.28 -26.00
CA GLU B 255 13.10 -9.61 -26.43
C GLU B 255 12.98 -9.74 -27.94
N ILE B 256 14.00 -10.35 -28.56
CA ILE B 256 14.01 -10.67 -29.98
C ILE B 256 14.41 -12.14 -30.14
N GLU B 257 14.26 -12.63 -31.37
CA GLU B 257 14.62 -14.01 -31.72
C GLU B 257 16.10 -14.09 -32.10
N SER B 258 16.83 -14.98 -31.43
CA SER B 258 18.26 -15.13 -31.62
C SER B 258 18.59 -16.16 -32.69
N PHE B 259 19.67 -15.91 -33.41
CA PHE B 259 20.24 -16.87 -34.36
C PHE B 259 21.37 -17.70 -33.74
N ASP B 260 21.58 -17.61 -32.44
CA ASP B 260 22.72 -18.23 -31.77
C ASP B 260 22.24 -19.37 -30.88
N ASP B 261 23.19 -20.06 -30.25
CA ASP B 261 22.94 -21.28 -29.51
C ASP B 261 23.45 -21.13 -28.08
N VAL B 262 22.59 -21.43 -27.10
CA VAL B 262 22.96 -21.28 -25.69
C VAL B 262 23.75 -22.46 -25.15
N ASN B 263 24.03 -23.48 -25.95
CA ASN B 263 24.73 -24.68 -25.51
C ASN B 263 26.05 -24.90 -26.23
N ARG B 264 26.51 -23.95 -27.04
CA ARG B 264 27.79 -24.09 -27.70
C ARG B 264 28.94 -23.88 -26.73
N LEU B 265 30.01 -24.62 -26.95
CA LEU B 265 31.25 -24.50 -26.20
C LEU B 265 32.29 -23.78 -27.05
N ASP B 266 33.26 -23.17 -26.36
CA ASP B 266 34.29 -22.36 -27.01
C ASP B 266 35.66 -22.83 -26.53
N LYS B 267 36.35 -23.61 -27.37
CA LYS B 267 37.62 -24.23 -26.97
C LYS B 267 38.72 -23.20 -26.83
N SER B 268 38.74 -22.17 -27.69
CA SER B 268 39.83 -21.21 -27.68
C SER B 268 39.98 -20.52 -26.32
N LEU B 269 38.88 -20.36 -25.59
CA LEU B 269 38.95 -19.72 -24.28
C LEU B 269 39.85 -20.48 -23.32
N ASP B 270 40.10 -21.77 -23.56
CA ASP B 270 40.98 -22.53 -22.69
C ASP B 270 42.43 -22.07 -22.78
N THR B 271 42.80 -21.32 -23.82
CA THR B 271 44.15 -20.81 -23.97
C THR B 271 44.20 -19.29 -24.02
N LEU B 272 43.23 -18.61 -23.39
CA LEU B 272 43.22 -17.15 -23.39
C LEU B 272 44.22 -16.59 -22.38
N ILE B 273 44.24 -17.12 -21.16
CA ILE B 273 45.11 -16.61 -20.09
C ILE B 273 46.55 -17.05 -20.38
N PRO B 274 47.52 -16.14 -20.44
CA PRO B 274 48.90 -16.56 -20.69
C PRO B 274 49.54 -17.21 -19.47
N ASP B 275 50.54 -18.04 -19.74
CA ASP B 275 51.30 -18.68 -18.67
C ASP B 275 52.09 -17.65 -17.88
N ASN B 276 52.73 -16.72 -18.56
CA ASN B 276 53.51 -15.69 -17.89
C ASN B 276 52.57 -14.69 -17.22
N PRO B 277 52.67 -14.47 -15.90
CA PRO B 277 51.74 -13.56 -15.22
C PRO B 277 52.01 -12.09 -15.50
N ASN B 278 53.09 -11.74 -16.21
CA ASN B 278 53.38 -10.36 -16.55
C ASN B 278 52.89 -9.98 -17.94
N LYS B 279 52.22 -10.89 -18.65
CA LYS B 279 51.67 -10.60 -19.96
C LYS B 279 50.17 -10.33 -19.87
N PRO B 280 49.65 -9.32 -20.56
CA PRO B 280 48.21 -9.07 -20.51
C PRO B 280 47.43 -9.83 -21.58
N TYR B 281 46.11 -9.61 -21.61
CA TYR B 281 45.22 -10.17 -22.61
C TYR B 281 44.03 -9.24 -22.75
N ASP B 282 43.33 -9.36 -23.88
CA ASP B 282 42.23 -8.46 -24.20
C ASP B 282 40.91 -9.07 -23.72
N MET B 283 40.31 -8.44 -22.70
CA MET B 283 39.04 -8.93 -22.15
C MET B 283 37.88 -8.72 -23.10
N GLY B 284 37.95 -7.71 -23.97
CA GLY B 284 36.88 -7.47 -24.92
C GLY B 284 36.67 -8.65 -25.86
N GLU B 285 37.74 -9.40 -26.14
CA GLU B 285 37.59 -10.62 -26.92
C GLU B 285 36.69 -11.61 -26.20
N LEU B 286 36.89 -11.76 -24.88
CA LEU B 286 36.00 -12.62 -24.10
C LEU B 286 34.56 -12.12 -24.17
N ILE B 287 34.35 -10.81 -23.97
CA ILE B 287 32.98 -10.29 -24.00
C ILE B 287 32.33 -10.60 -25.34
N ARG B 288 33.06 -10.41 -26.45
CA ARG B 288 32.47 -10.61 -27.76
C ARG B 288 32.34 -12.07 -28.15
N ARG B 289 33.10 -12.96 -27.50
CA ARG B 289 32.88 -14.39 -27.66
C ARG B 289 31.71 -14.90 -26.83
N VAL B 290 31.27 -14.15 -25.82
CA VAL B 290 30.22 -14.64 -24.93
C VAL B 290 28.83 -14.12 -25.29
N VAL B 291 28.75 -12.96 -25.95
CA VAL B 291 27.44 -12.40 -26.29
C VAL B 291 26.88 -13.05 -27.55
N ASP B 292 25.57 -12.96 -27.71
CA ASP B 292 24.91 -13.39 -28.94
C ASP B 292 25.51 -12.68 -30.15
N GLU B 293 25.86 -13.47 -31.16
CA GLU B 293 26.22 -12.99 -32.50
C GLU B 293 27.39 -12.01 -32.49
N GLY B 294 28.16 -11.94 -31.40
CA GLY B 294 29.29 -11.03 -31.34
C GLY B 294 28.94 -9.55 -31.33
N ASP B 295 27.71 -9.20 -30.97
CA ASP B 295 27.22 -7.83 -31.08
C ASP B 295 27.26 -7.16 -29.70
N PHE B 296 28.02 -6.06 -29.61
CA PHE B 296 28.26 -5.36 -28.35
C PHE B 296 28.26 -3.85 -28.58
N PHE B 297 27.46 -3.12 -27.79
CA PHE B 297 27.32 -1.66 -27.85
C PHE B 297 28.07 -1.05 -26.66
N GLU B 298 29.30 -0.60 -26.90
CA GLU B 298 30.15 -0.11 -25.82
C GLU B 298 29.77 1.30 -25.40
N ILE B 299 29.85 1.55 -24.11
CA ILE B 299 29.55 2.84 -23.49
C ILE B 299 30.84 3.41 -22.90
N GLN B 300 31.09 4.69 -23.15
CA GLN B 300 32.29 5.40 -22.69
C GLN B 300 33.57 4.63 -23.04
N ALA B 301 33.70 4.27 -24.32
CA ALA B 301 34.82 3.45 -24.77
C ALA B 301 36.16 4.18 -24.64
N ALA B 302 36.18 5.49 -24.88
CA ALA B 302 37.42 6.27 -24.90
C ALA B 302 37.79 6.86 -23.56
N TYR B 303 36.98 6.67 -22.52
CA TYR B 303 37.25 7.17 -21.18
C TYR B 303 37.51 6.01 -20.22
N ALA B 304 38.54 6.15 -19.39
CA ALA B 304 38.90 5.18 -18.35
C ALA B 304 38.93 3.76 -18.92
N ARG B 305 39.88 3.56 -19.83
CA ARG B 305 39.97 2.32 -20.61
C ARG B 305 40.54 1.15 -19.82
N ASN B 306 40.87 1.34 -18.54
CA ASN B 306 41.17 0.24 -17.65
C ASN B 306 39.94 -0.57 -17.25
N ILE B 307 38.74 -0.14 -17.65
CA ILE B 307 37.50 -0.88 -17.38
C ILE B 307 36.57 -0.75 -18.59
N ILE B 308 35.75 -1.79 -18.80
CA ILE B 308 34.83 -1.87 -19.93
C ILE B 308 33.40 -1.97 -19.42
N THR B 309 32.48 -1.27 -20.11
CA THR B 309 31.05 -1.27 -19.82
C THR B 309 30.25 -1.29 -21.12
N GLY B 310 29.16 -2.05 -21.14
CA GLY B 310 28.27 -1.99 -22.30
C GLY B 310 27.15 -3.01 -22.28
N PHE B 311 26.35 -2.97 -23.35
CA PHE B 311 25.17 -3.80 -23.54
C PHE B 311 25.39 -4.88 -24.58
N GLY B 312 24.95 -6.11 -24.26
CA GLY B 312 24.81 -7.18 -25.23
C GLY B 312 23.51 -7.94 -25.05
N ARG B 313 23.36 -9.07 -25.74
CA ARG B 313 22.18 -9.92 -25.60
C ARG B 313 22.61 -11.35 -25.30
N VAL B 314 21.86 -12.01 -24.43
CA VAL B 314 21.94 -13.45 -24.19
C VAL B 314 20.53 -14.03 -24.32
N GLU B 315 20.40 -15.09 -25.11
CA GLU B 315 19.10 -15.69 -25.43
C GLU B 315 18.08 -14.64 -25.88
N GLY B 316 18.55 -13.65 -26.63
CA GLY B 316 17.70 -12.63 -27.18
C GLY B 316 17.30 -11.52 -26.23
N ARG B 317 17.78 -11.54 -24.98
CA ARG B 317 17.42 -10.54 -23.98
C ARG B 317 18.64 -9.72 -23.58
N THR B 318 18.40 -8.44 -23.27
CA THR B 318 19.48 -7.48 -23.01
C THR B 318 20.16 -7.74 -21.66
N VAL B 319 21.49 -7.66 -21.67
CA VAL B 319 22.32 -7.86 -20.49
C VAL B 319 23.44 -6.81 -20.49
N GLY B 320 23.72 -6.25 -19.32
CA GLY B 320 24.85 -5.36 -19.15
C GLY B 320 26.11 -6.11 -18.74
N PHE B 321 27.26 -5.57 -19.16
CA PHE B 321 28.56 -6.18 -18.92
C PHE B 321 29.53 -5.14 -18.38
N VAL B 322 30.27 -5.53 -17.32
CA VAL B 322 31.36 -4.76 -16.73
C VAL B 322 32.58 -5.68 -16.60
N ALA B 323 33.75 -5.21 -17.02
CA ALA B 323 34.95 -6.07 -17.01
C ALA B 323 36.25 -5.28 -16.83
N ASN B 324 37.17 -5.84 -16.05
CA ASN B 324 38.51 -5.26 -15.96
C ASN B 324 39.27 -5.48 -17.27
N GLN B 325 40.10 -4.51 -17.65
CA GLN B 325 40.87 -4.55 -18.90
C GLN B 325 42.37 -4.56 -18.60
N PRO B 326 43.01 -5.72 -18.58
CA PRO B 326 44.45 -5.78 -18.26
C PRO B 326 45.34 -4.92 -19.16
N LEU B 327 44.96 -4.71 -20.42
CA LEU B 327 45.82 -3.98 -21.34
C LEU B 327 46.09 -2.54 -20.94
N VAL B 328 45.36 -1.98 -19.97
CA VAL B 328 45.44 -0.56 -19.63
C VAL B 328 45.62 -0.43 -18.12
N LEU B 329 46.78 0.10 -17.72
CA LEU B 329 47.13 0.31 -16.31
C LEU B 329 46.99 -0.98 -15.51
N ALA B 330 47.36 -2.10 -16.12
CA ALA B 330 47.37 -3.41 -15.49
C ALA B 330 46.00 -3.81 -14.93
N GLY B 331 44.94 -3.12 -15.33
CA GLY B 331 43.60 -3.42 -14.85
C GLY B 331 43.27 -2.92 -13.47
N VAL B 332 44.06 -2.00 -12.91
CA VAL B 332 43.79 -1.50 -11.57
C VAL B 332 42.56 -0.60 -11.57
N LEU B 333 41.86 -0.54 -10.45
CA LEU B 333 40.77 0.40 -10.26
C LEU B 333 41.33 1.77 -9.88
N ASP B 334 40.74 2.82 -10.47
CA ASP B 334 41.03 4.20 -10.10
C ASP B 334 39.72 4.98 -10.09
N SER B 335 39.82 6.28 -9.78
CA SER B 335 38.63 7.09 -9.58
C SER B 335 37.78 7.17 -10.86
N ASP B 336 38.42 7.45 -11.99
CA ASP B 336 37.67 7.59 -13.24
C ASP B 336 36.94 6.29 -13.59
N ALA B 337 37.64 5.16 -13.52
CA ALA B 337 37.00 3.86 -13.77
C ALA B 337 35.86 3.60 -12.79
N SER B 338 36.07 3.94 -11.52
CA SER B 338 35.04 3.71 -10.50
C SER B 338 33.77 4.46 -10.84
N ARG B 339 33.90 5.73 -11.20
CA ARG B 339 32.72 6.55 -11.55
C ARG B 339 32.04 6.01 -12.80
N LYS B 340 32.84 5.72 -13.85
CA LYS B 340 32.31 5.15 -15.09
C LYS B 340 31.46 3.92 -14.83
N ALA B 341 31.99 2.98 -14.04
CA ALA B 341 31.27 1.74 -13.79
C ALA B 341 30.06 1.94 -12.88
N ALA B 342 30.18 2.85 -11.91
CA ALA B 342 29.08 3.08 -10.96
C ALA B 342 27.84 3.61 -11.65
N ARG B 343 27.99 4.62 -12.53
CA ARG B 343 26.81 5.17 -13.19
C ARG B 343 26.10 4.09 -14.01
N PHE B 344 26.88 3.25 -14.68
CA PHE B 344 26.31 2.16 -15.48
C PHE B 344 25.56 1.15 -14.61
N VAL B 345 26.15 0.75 -13.48
CA VAL B 345 25.46 -0.18 -12.59
C VAL B 345 24.15 0.41 -12.09
N ARG B 346 24.17 1.71 -11.77
CA ARG B 346 22.94 2.36 -11.28
C ARG B 346 21.87 2.39 -12.36
N PHE B 347 22.24 2.71 -13.60
CA PHE B 347 21.26 2.71 -14.69
C PHE B 347 20.66 1.33 -14.87
N CYS B 348 21.52 0.31 -14.99
CA CYS B 348 21.02 -1.06 -15.14
C CYS B 348 20.06 -1.45 -14.02
N ASN B 349 20.40 -1.10 -12.77
CA ASN B 349 19.54 -1.51 -11.66
C ASN B 349 18.21 -0.79 -11.71
N ALA B 350 18.20 0.49 -12.09
CA ALA B 350 16.96 1.26 -12.10
C ALA B 350 15.95 0.67 -13.07
N PHE B 351 16.39 0.28 -14.27
CA PHE B 351 15.52 -0.21 -15.32
C PHE B 351 15.49 -1.74 -15.44
N SER B 352 15.91 -2.45 -14.40
CA SER B 352 15.81 -3.92 -14.30
C SER B 352 16.53 -4.64 -15.43
N ILE B 353 17.79 -4.28 -15.64
CA ILE B 353 18.67 -4.96 -16.59
C ILE B 353 19.67 -5.79 -15.79
N PRO B 354 19.83 -7.10 -16.08
CA PRO B 354 20.83 -7.90 -15.36
C PRO B 354 22.25 -7.55 -15.75
N ILE B 355 23.18 -7.82 -14.82
CA ILE B 355 24.58 -7.43 -14.95
C ILE B 355 25.52 -8.63 -14.76
N VAL B 356 26.41 -8.82 -15.74
CA VAL B 356 27.50 -9.79 -15.69
C VAL B 356 28.83 -9.04 -15.54
N THR B 357 29.71 -9.57 -14.69
CA THR B 357 30.99 -8.94 -14.36
C THR B 357 32.15 -9.92 -14.55
N PHE B 358 33.20 -9.46 -15.22
CA PHE B 358 34.45 -10.22 -15.42
C PHE B 358 35.58 -9.54 -14.65
N VAL B 359 36.21 -10.28 -13.75
CA VAL B 359 37.14 -9.74 -12.75
C VAL B 359 38.55 -10.19 -13.06
N ASP B 360 39.47 -9.23 -13.20
CA ASP B 360 40.91 -9.47 -13.12
C ASP B 360 41.55 -8.17 -12.64
N VAL B 361 41.79 -8.08 -11.32
CA VAL B 361 42.16 -6.81 -10.70
C VAL B 361 43.25 -7.04 -9.64
N PRO B 362 44.41 -6.40 -9.75
CA PRO B 362 45.47 -6.53 -8.74
C PRO B 362 45.39 -5.56 -7.58
N GLY B 363 44.47 -4.61 -7.59
CA GLY B 363 44.38 -3.60 -6.57
C GLY B 363 44.01 -2.25 -7.15
N PHE B 364 44.28 -1.21 -6.37
CA PHE B 364 44.02 0.16 -6.73
C PHE B 364 45.30 0.86 -7.18
N LEU B 365 45.14 2.01 -7.83
CA LEU B 365 46.28 2.76 -8.36
C LEU B 365 46.92 3.60 -7.24
N PRO B 366 48.20 3.42 -6.95
CA PRO B 366 48.84 4.22 -5.89
C PRO B 366 49.26 5.60 -6.37
N GLY B 367 49.46 6.49 -5.40
CA GLY B 367 50.04 7.80 -5.64
C GLY B 367 49.29 8.94 -4.97
N THR B 368 50.03 10.02 -4.70
CA THR B 368 49.43 11.22 -4.12
C THR B 368 48.35 11.81 -5.02
N ALA B 369 48.48 11.65 -6.33
CA ALA B 369 47.46 12.17 -7.24
C ALA B 369 46.10 11.56 -6.94
N GLN B 370 46.03 10.23 -6.84
CA GLN B 370 44.76 9.57 -6.52
C GLN B 370 44.23 9.98 -5.16
N GLU B 371 45.10 10.08 -4.15
CA GLU B 371 44.63 10.37 -2.80
C GLU B 371 44.10 11.80 -2.69
N TYR B 372 44.80 12.76 -3.30
CA TYR B 372 44.35 14.15 -3.26
C TYR B 372 43.12 14.38 -4.13
N GLY B 373 42.88 13.53 -5.12
CA GLY B 373 41.70 13.60 -5.95
C GLY B 373 40.46 12.96 -5.38
N GLY B 374 40.56 12.31 -4.23
CA GLY B 374 39.41 11.78 -3.54
C GLY B 374 39.10 10.31 -3.79
N LEU B 375 40.10 9.48 -4.02
CA LEU B 375 39.84 8.08 -4.36
C LEU B 375 39.05 7.37 -3.28
N ILE B 376 39.14 7.84 -2.03
CA ILE B 376 38.43 7.19 -0.92
C ILE B 376 36.93 7.16 -1.19
N LYS B 377 36.38 8.24 -1.77
CA LYS B 377 34.94 8.33 -2.02
C LYS B 377 34.54 7.87 -3.42
N HIS B 378 35.33 8.25 -4.43
CA HIS B 378 35.09 7.77 -5.78
C HIS B 378 35.09 6.25 -5.82
N GLY B 379 36.04 5.62 -5.11
CA GLY B 379 36.07 4.17 -5.07
C GLY B 379 34.86 3.58 -4.39
N ALA B 380 34.35 4.26 -3.36
CA ALA B 380 33.18 3.76 -2.63
C ALA B 380 31.91 3.84 -3.46
N LYS B 381 31.86 4.73 -4.45
CA LYS B 381 30.65 4.81 -5.29
C LYS B 381 30.31 3.47 -5.94
N LEU B 382 31.31 2.77 -6.46
CA LEU B 382 31.07 1.46 -7.11
C LEU B 382 30.61 0.41 -6.11
N LEU B 383 31.27 0.35 -4.96
CA LEU B 383 30.84 -0.54 -3.88
C LEU B 383 29.38 -0.30 -3.52
N PHE B 384 29.03 0.96 -3.32
CA PHE B 384 27.65 1.36 -3.04
C PHE B 384 26.69 0.88 -4.13
N ALA B 385 27.05 1.13 -5.39
CA ALA B 385 26.16 0.77 -6.50
C ALA B 385 25.90 -0.73 -6.53
N TYR B 386 26.95 -1.54 -6.41
CA TYR B 386 26.76 -2.98 -6.42
C TYR B 386 25.98 -3.48 -5.20
N SER B 387 26.24 -2.92 -4.03
CA SER B 387 25.59 -3.38 -2.81
C SER B 387 24.12 -2.98 -2.75
N GLN B 388 23.73 -1.95 -3.48
CA GLN B 388 22.33 -1.52 -3.53
C GLN B 388 21.50 -2.29 -4.56
N ALA B 389 22.13 -2.95 -5.51
CA ALA B 389 21.43 -3.55 -6.64
C ALA B 389 20.55 -4.73 -6.21
N THR B 390 19.39 -4.84 -6.85
CA THR B 390 18.47 -5.95 -6.67
C THR B 390 18.20 -6.74 -7.94
N VAL B 391 18.80 -6.36 -9.06
CA VAL B 391 18.73 -7.12 -10.31
C VAL B 391 19.65 -8.33 -10.17
N PRO B 392 19.53 -9.35 -11.02
CA PRO B 392 20.48 -10.47 -10.97
C PRO B 392 21.91 -10.00 -11.22
N LEU B 393 22.84 -10.57 -10.46
CA LEU B 393 24.27 -10.28 -10.56
C LEU B 393 25.02 -11.59 -10.75
N VAL B 394 25.76 -11.72 -11.85
CA VAL B 394 26.60 -12.90 -12.10
C VAL B 394 28.04 -12.45 -12.30
N THR B 395 28.98 -13.10 -11.60
CA THR B 395 30.38 -12.68 -11.54
C THR B 395 31.30 -13.86 -11.88
N ILE B 396 32.35 -13.57 -12.64
CA ILE B 396 33.32 -14.57 -13.09
C ILE B 396 34.73 -14.02 -12.87
N ILE B 397 35.52 -14.73 -12.06
CA ILE B 397 36.92 -14.38 -11.81
C ILE B 397 37.78 -15.19 -12.77
N THR B 398 38.45 -14.50 -13.68
CA THR B 398 39.35 -15.15 -14.65
C THR B 398 40.78 -15.25 -14.14
N ARG B 399 41.23 -14.26 -13.38
CA ARG B 399 42.61 -14.14 -12.94
C ARG B 399 42.60 -13.41 -11.60
N LYS B 400 43.70 -12.72 -11.28
CA LYS B 400 43.90 -12.16 -9.95
C LYS B 400 42.66 -11.44 -9.42
N ALA B 401 42.49 -11.50 -8.11
CA ALA B 401 41.50 -10.71 -7.39
C ALA B 401 42.06 -10.53 -5.97
N PHE B 402 42.68 -9.38 -5.72
CA PHE B 402 43.38 -9.11 -4.48
C PHE B 402 42.61 -8.09 -3.64
N GLY B 403 42.34 -8.46 -2.38
CA GLY B 403 41.91 -7.53 -1.36
C GLY B 403 40.62 -6.77 -1.63
N GLY B 404 40.64 -5.50 -1.23
CA GLY B 404 39.47 -4.67 -1.35
C GLY B 404 38.90 -4.64 -2.76
N ALA B 405 39.78 -4.68 -3.76
CA ALA B 405 39.32 -4.72 -5.15
C ALA B 405 38.49 -5.97 -5.40
N TYR B 406 38.91 -7.11 -4.84
CA TYR B 406 38.09 -8.32 -4.93
C TYR B 406 36.73 -8.10 -4.28
N ILE B 407 36.70 -7.43 -3.12
CA ILE B 407 35.41 -7.20 -2.47
C ILE B 407 34.51 -6.35 -3.38
N VAL B 408 35.07 -5.28 -3.94
CA VAL B 408 34.28 -4.28 -4.66
C VAL B 408 33.66 -4.85 -5.94
N MET B 409 34.34 -5.79 -6.62
CA MET B 409 33.93 -6.27 -7.93
C MET B 409 32.87 -7.38 -7.81
N ALA B 410 31.69 -7.00 -7.33
CA ALA B 410 30.50 -7.85 -7.35
C ALA B 410 30.76 -9.20 -6.67
N SER B 411 31.29 -9.16 -5.46
CA SER B 411 31.54 -10.35 -4.67
C SER B 411 30.27 -10.84 -3.95
N LYS B 412 30.27 -12.12 -3.60
CA LYS B 412 29.18 -12.69 -2.81
C LYS B 412 28.92 -11.89 -1.54
N HIS B 413 29.96 -11.29 -0.96
CA HIS B 413 29.81 -10.61 0.32
C HIS B 413 28.97 -9.34 0.19
N VAL B 414 28.93 -8.72 -0.99
CA VAL B 414 28.12 -7.52 -1.18
C VAL B 414 26.82 -7.83 -1.90
N GLY B 415 26.54 -9.11 -2.19
CA GLY B 415 25.19 -9.52 -2.56
C GLY B 415 25.05 -10.24 -3.89
N ALA B 416 26.16 -10.65 -4.50
CA ALA B 416 26.08 -11.32 -5.79
C ALA B 416 25.40 -12.68 -5.64
N ASP B 417 24.59 -13.04 -6.65
CA ASP B 417 23.81 -14.27 -6.61
C ASP B 417 24.67 -15.49 -6.91
N LEU B 418 25.45 -15.43 -7.99
CA LEU B 418 26.29 -16.54 -8.43
C LEU B 418 27.70 -16.04 -8.70
N ASN B 419 28.69 -16.81 -8.26
CA ASN B 419 30.11 -16.44 -8.34
C ASN B 419 30.90 -17.65 -8.79
N TYR B 420 31.40 -17.61 -10.03
CA TYR B 420 32.23 -18.65 -10.60
C TYR B 420 33.70 -18.22 -10.61
N ALA B 421 34.57 -19.19 -10.84
CA ALA B 421 36.01 -18.95 -10.97
C ALA B 421 36.62 -19.92 -11.96
N TRP B 422 37.52 -19.41 -12.80
CA TRP B 422 38.33 -20.25 -13.68
C TRP B 422 39.46 -20.91 -12.89
N PRO B 423 40.10 -21.93 -13.47
CA PRO B 423 41.19 -22.61 -12.74
C PRO B 423 42.37 -21.70 -12.44
N THR B 424 42.63 -20.70 -13.28
CA THR B 424 43.73 -19.76 -13.12
C THR B 424 43.47 -18.68 -12.08
N ALA B 425 42.33 -18.71 -11.40
CA ALA B 425 41.98 -17.65 -10.46
C ALA B 425 42.91 -17.63 -9.25
N GLN B 426 43.31 -16.43 -8.84
CA GLN B 426 44.13 -16.20 -7.66
C GLN B 426 43.37 -15.23 -6.74
N ILE B 427 42.79 -15.75 -5.68
CA ILE B 427 41.95 -14.99 -4.75
C ILE B 427 42.68 -14.93 -3.41
N ALA B 428 43.16 -13.74 -3.03
CA ALA B 428 44.05 -13.62 -1.88
C ALA B 428 44.07 -12.18 -1.37
N VAL B 429 44.55 -12.03 -0.13
CA VAL B 429 44.65 -10.71 0.50
C VAL B 429 45.65 -9.84 -0.24
N MET B 430 46.72 -10.42 -0.76
CA MET B 430 47.77 -9.67 -1.51
C MET B 430 48.70 -10.72 -2.10
N GLY B 431 49.67 -10.20 -2.86
CA GLY B 431 50.67 -11.06 -3.46
C GLY B 431 51.57 -11.70 -2.43
N ALA B 432 52.16 -12.84 -2.83
CA ALA B 432 52.92 -13.66 -1.90
C ALA B 432 54.07 -12.89 -1.26
N LYS B 433 54.82 -12.13 -2.07
CA LYS B 433 56.03 -11.47 -1.58
C LYS B 433 55.70 -10.54 -0.41
N GLY B 434 54.76 -9.62 -0.62
CA GLY B 434 54.40 -8.70 0.44
C GLY B 434 53.83 -9.40 1.65
N ALA B 435 53.04 -10.45 1.42
CA ALA B 435 52.48 -11.22 2.53
C ALA B 435 53.58 -11.78 3.41
N VAL B 436 54.61 -12.39 2.80
CA VAL B 436 55.69 -12.95 3.60
C VAL B 436 56.52 -11.85 4.24
N GLU B 437 56.70 -10.73 3.54
CA GLU B 437 57.44 -9.62 4.13
C GLU B 437 56.78 -9.14 5.42
N ILE B 438 55.45 -9.03 5.41
CA ILE B 438 54.74 -8.55 6.60
C ILE B 438 54.69 -9.64 7.66
N ILE B 439 54.33 -10.86 7.28
CA ILE B 439 54.18 -11.95 8.25
C ILE B 439 55.52 -12.28 8.87
N PHE B 440 56.52 -12.58 8.04
CA PHE B 440 57.85 -12.95 8.50
C PHE B 440 58.76 -11.72 8.40
N ARG B 441 58.62 -10.84 9.39
CA ARG B 441 59.38 -9.59 9.40
C ARG B 441 60.67 -9.71 10.20
N ALA B 442 60.70 -10.57 11.21
CA ALA B 442 61.95 -10.80 11.94
C ALA B 442 63.01 -11.38 11.02
N GLU B 443 62.75 -12.55 10.45
CA GLU B 443 63.70 -13.23 9.56
C GLU B 443 63.64 -12.63 8.15
N ILE B 444 63.88 -11.33 8.07
CA ILE B 444 63.82 -10.61 6.80
C ILE B 444 65.17 -10.58 6.08
N GLY B 445 66.26 -10.87 6.76
CA GLY B 445 67.58 -10.71 6.18
C GLY B 445 67.98 -11.79 5.19
N ASP B 446 67.66 -13.04 5.49
CA ASP B 446 68.10 -14.14 4.66
C ASP B 446 67.46 -14.06 3.27
N ALA B 447 67.87 -14.96 2.39
CA ALA B 447 67.37 -15.00 1.02
C ALA B 447 66.85 -16.39 0.67
N ASP B 448 67.42 -17.42 1.29
CA ASP B 448 66.93 -18.78 1.07
C ASP B 448 65.62 -19.01 1.82
N LYS B 449 65.56 -18.59 3.08
CA LYS B 449 64.34 -18.72 3.86
C LYS B 449 63.20 -17.92 3.23
N VAL B 450 63.50 -16.70 2.75
CA VAL B 450 62.48 -15.87 2.13
C VAL B 450 61.93 -16.54 0.89
N ALA B 451 62.80 -17.09 0.04
CA ALA B 451 62.34 -17.77 -1.16
C ALA B 451 61.50 -19.00 -0.82
N GLU B 452 61.96 -19.77 0.16
CA GLU B 452 61.19 -20.94 0.59
C GLU B 452 59.79 -20.55 1.04
N ARG B 453 59.70 -19.52 1.89
CA ARG B 453 58.41 -19.12 2.44
C ARG B 453 57.51 -18.52 1.36
N THR B 454 58.10 -17.78 0.42
CA THR B 454 57.32 -17.24 -0.69
C THR B 454 56.74 -18.37 -1.53
N LYS B 455 57.57 -19.37 -1.86
CA LYS B 455 57.07 -20.50 -2.64
C LYS B 455 55.96 -21.22 -1.91
N GLU B 456 56.10 -21.40 -0.59
CA GLU B 456 55.06 -22.07 0.18
C GLU B 456 53.76 -21.27 0.17
N TYR B 457 53.85 -19.95 0.41
CA TYR B 457 52.66 -19.11 0.38
C TYR B 457 51.98 -19.17 -0.97
N GLU B 458 52.76 -19.13 -2.05
CA GLU B 458 52.19 -19.19 -3.39
C GLU B 458 51.47 -20.53 -3.60
N ASP B 459 52.10 -21.63 -3.24
CA ASP B 459 51.50 -22.94 -3.46
C ASP B 459 50.30 -23.17 -2.55
N ARG B 460 50.16 -22.40 -1.49
CA ARG B 460 49.10 -22.63 -0.52
C ARG B 460 47.92 -21.66 -0.63
N PHE B 461 48.12 -20.46 -1.15
CA PHE B 461 47.10 -19.41 -1.05
C PHE B 461 46.78 -18.69 -2.36
N LEU B 462 47.60 -18.78 -3.40
CA LEU B 462 47.35 -18.07 -4.66
C LEU B 462 46.70 -19.04 -5.63
N SER B 463 45.40 -19.24 -5.43
CA SER B 463 44.60 -20.25 -6.13
C SER B 463 43.12 -20.03 -5.77
N PRO B 464 42.19 -20.71 -6.42
CA PRO B 464 40.76 -20.52 -6.11
C PRO B 464 40.22 -21.39 -4.99
N PHE B 465 41.01 -22.26 -4.38
CA PHE B 465 40.47 -23.34 -3.56
C PHE B 465 40.25 -22.97 -2.10
N VAL B 466 40.99 -22.00 -1.54
CA VAL B 466 40.66 -21.55 -0.20
C VAL B 466 39.32 -20.82 -0.20
N ALA B 467 39.08 -19.97 -1.20
CA ALA B 467 37.77 -19.34 -1.33
C ALA B 467 36.67 -20.38 -1.53
N ALA B 468 36.93 -21.42 -2.32
CA ALA B 468 35.95 -22.48 -2.52
C ALA B 468 35.66 -23.22 -1.23
N GLU B 469 36.70 -23.49 -0.42
CA GLU B 469 36.51 -24.24 0.82
C GLU B 469 35.58 -23.50 1.78
N ARG B 470 35.62 -22.18 1.78
CA ARG B 470 34.73 -21.37 2.60
C ARG B 470 33.40 -21.08 1.95
N GLY B 471 33.16 -21.59 0.74
CA GLY B 471 31.93 -21.31 0.03
C GLY B 471 31.76 -19.89 -0.45
N TYR B 472 32.84 -19.16 -0.66
CA TYR B 472 32.77 -17.83 -1.27
C TYR B 472 32.63 -17.90 -2.78
N ILE B 473 33.06 -19.00 -3.40
CA ILE B 473 32.89 -19.26 -4.82
C ILE B 473 31.95 -20.45 -4.96
N ASP B 474 30.98 -20.34 -5.87
CA ASP B 474 29.97 -21.38 -6.01
C ASP B 474 30.47 -22.58 -6.79
N GLU B 475 31.36 -22.37 -7.75
CA GLU B 475 31.92 -23.46 -8.56
C GLU B 475 33.13 -22.97 -9.32
N VAL B 476 34.11 -23.86 -9.49
CA VAL B 476 35.25 -23.66 -10.37
C VAL B 476 34.90 -24.31 -11.70
N ILE B 477 34.97 -23.54 -12.78
CA ILE B 477 34.46 -23.98 -14.08
C ILE B 477 35.57 -23.97 -15.13
N MET B 478 35.40 -24.82 -16.13
CA MET B 478 36.27 -24.81 -17.29
C MET B 478 35.94 -23.60 -18.16
N PRO B 479 36.95 -22.94 -18.73
CA PRO B 479 36.67 -21.73 -19.54
C PRO B 479 35.67 -21.97 -20.66
N HIS B 480 35.80 -23.07 -21.40
CA HIS B 480 34.93 -23.32 -22.54
C HIS B 480 33.45 -23.42 -22.16
N SER B 481 33.14 -23.48 -20.86
CA SER B 481 31.75 -23.60 -20.40
C SER B 481 31.09 -22.24 -20.15
N THR B 482 31.85 -21.15 -20.19
CA THR B 482 31.41 -19.89 -19.60
C THR B 482 30.04 -19.46 -20.12
N ARG B 483 29.90 -19.30 -21.45
CA ARG B 483 28.61 -18.89 -22.00
C ARG B 483 27.50 -19.82 -21.52
N LYS B 484 27.69 -21.13 -21.70
CA LYS B 484 26.67 -22.09 -21.33
C LYS B 484 26.25 -21.90 -19.88
N ARG B 485 27.18 -21.54 -19.00
CA ARG B 485 26.82 -21.35 -17.61
C ARG B 485 25.99 -20.08 -17.46
N ILE B 486 26.49 -18.97 -18.01
CA ILE B 486 25.82 -17.68 -17.84
C ILE B 486 24.38 -17.79 -18.32
N ALA B 487 24.18 -18.29 -19.54
CA ALA B 487 22.84 -18.36 -20.10
C ALA B 487 21.91 -19.19 -19.21
N ARG B 488 22.43 -20.26 -18.62
CA ARG B 488 21.58 -21.04 -17.72
C ARG B 488 21.26 -20.21 -16.49
N ALA B 489 22.29 -19.66 -15.85
CA ALA B 489 22.11 -18.91 -14.61
C ALA B 489 21.07 -17.81 -14.79
N LEU B 490 21.27 -16.96 -15.80
CA LEU B 490 20.35 -15.85 -16.01
C LEU B 490 18.92 -16.36 -16.12
N GLY B 491 18.71 -17.42 -16.89
CA GLY B 491 17.37 -17.96 -17.03
C GLY B 491 16.71 -18.27 -15.70
N MET B 492 17.48 -18.85 -14.76
CA MET B 492 16.92 -19.19 -13.46
C MET B 492 16.62 -17.96 -12.63
N LEU B 493 17.40 -16.89 -12.79
CA LEU B 493 17.33 -15.74 -11.90
C LEU B 493 16.26 -14.73 -12.28
N ARG B 494 15.59 -14.89 -13.43
CA ARG B 494 14.59 -13.93 -13.88
C ARG B 494 13.51 -13.64 -12.83
N THR B 495 13.22 -14.60 -11.96
CA THR B 495 12.17 -14.45 -10.95
C THR B 495 12.66 -13.88 -9.62
N LYS B 496 13.89 -13.36 -9.58
CA LYS B 496 14.44 -12.78 -8.36
C LYS B 496 13.56 -11.65 -7.82
N GLU B 497 13.28 -11.70 -6.51
CA GLU B 497 12.49 -10.70 -5.81
C GLU B 497 13.26 -10.25 -4.57
N MET B 498 13.52 -8.97 -4.45
CA MET B 498 14.38 -8.41 -3.41
C MET B 498 14.15 -6.88 -3.36
N GLU B 499 14.04 -6.32 -2.14
CA GLU B 499 13.74 -4.92 -1.91
C GLU B 499 14.62 -4.34 -0.82
N GLN B 500 15.12 -3.13 -1.04
CA GLN B 500 15.98 -2.43 -0.07
C GLN B 500 15.07 -1.79 1.00
N PRO B 501 15.53 -1.37 2.22
CA PRO B 501 14.66 -0.69 3.20
C PRO B 501 13.98 0.59 2.66
N ARG B 502 12.89 0.93 3.34
CA ARG B 502 12.07 2.07 2.94
C ARG B 502 12.80 3.37 3.23
N LYS B 503 12.79 4.28 2.27
CA LYS B 503 13.52 5.54 2.39
C LYS B 503 13.17 6.46 1.23
N LYS B 504 13.19 7.77 1.51
CA LYS B 504 13.06 8.76 0.45
C LYS B 504 14.13 8.57 -0.60
N HIS B 505 15.38 8.43 -0.17
CA HIS B 505 16.49 8.07 -1.04
C HIS B 505 17.74 7.89 -0.18
N ASP B 506 18.72 7.22 -0.78
CA ASP B 506 20.01 6.97 -0.14
C ASP B 506 20.86 8.24 -0.12
N ASN B 507 22.01 8.16 0.56
CA ASN B 507 22.94 9.27 0.65
C ASN B 507 24.29 8.87 0.05
N ILE B 508 24.26 8.27 -1.13
CA ILE B 508 25.47 7.84 -1.85
C ILE B 508 26.42 9.03 -1.92
N PRO B 509 27.72 8.84 -1.72
CA PRO B 509 28.64 9.98 -1.79
C PRO B 509 28.72 10.55 -3.19
N LEU B 510 29.04 11.84 -3.26
CA LEU B 510 29.10 12.56 -4.53
C LEU B 510 30.49 13.14 -4.79
N LEU C 5 14.52 51.16 2.52
CA LEU C 5 14.49 52.32 1.62
C LEU C 5 13.11 52.98 1.64
N GLU C 6 13.10 54.31 1.74
CA GLU C 6 11.84 55.05 1.68
C GLU C 6 11.11 54.77 0.37
N LYS C 7 11.86 54.60 -0.72
CA LYS C 7 11.25 54.45 -2.04
C LYS C 7 10.44 53.16 -2.12
N LEU C 8 10.90 52.09 -1.48
CA LEU C 8 10.12 50.85 -1.45
C LEU C 8 8.84 51.04 -0.64
N GLU C 9 8.92 51.78 0.46
CA GLU C 9 7.72 52.11 1.22
C GLU C 9 6.72 52.86 0.34
N GLU C 10 7.23 53.75 -0.51
CA GLU C 10 6.34 54.47 -1.42
C GLU C 10 5.72 53.53 -2.45
N ARG C 11 6.54 52.64 -3.02
CA ARG C 11 6.01 51.62 -3.94
C ARG C 11 4.85 50.87 -3.32
N ARG C 12 5.02 50.44 -2.06
CA ARG C 12 3.95 49.71 -1.37
C ARG C 12 2.72 50.59 -1.16
N ALA C 13 2.94 51.82 -0.67
CA ALA C 13 1.82 52.74 -0.45
C ALA C 13 1.03 52.97 -1.73
N GLN C 14 1.70 52.96 -2.88
CA GLN C 14 1.01 53.19 -4.14
C GLN C 14 0.31 51.94 -4.64
N ALA C 15 0.90 50.76 -4.41
CA ALA C 15 0.21 49.53 -4.75
C ALA C 15 -1.08 49.37 -3.95
N ARG C 16 -1.09 49.87 -2.72
CA ARG C 16 -2.25 49.71 -1.85
C ARG C 16 -3.46 50.53 -2.26
N LEU C 17 -3.38 51.38 -3.29
CA LEU C 17 -4.49 52.25 -3.67
C LEU C 17 -5.30 51.73 -4.84
N GLY C 18 -4.91 50.61 -5.43
CA GLY C 18 -5.74 49.99 -6.45
C GLY C 18 -5.97 50.91 -7.63
N GLY C 19 -7.25 51.16 -7.93
CA GLY C 19 -7.64 51.93 -9.09
C GLY C 19 -7.96 53.40 -8.85
N GLY C 20 -7.59 53.94 -7.69
CA GLY C 20 -7.77 55.36 -7.44
C GLY C 20 -8.59 55.71 -6.21
N GLU C 21 -8.34 56.90 -5.66
CA GLU C 21 -9.09 57.36 -4.49
C GLU C 21 -10.58 57.50 -4.80
N LYS C 22 -10.89 57.98 -6.00
CA LYS C 22 -12.29 58.22 -6.37
C LYS C 22 -13.09 56.92 -6.42
N ARG C 23 -12.52 55.89 -7.06
CA ARG C 23 -13.20 54.61 -7.15
C ARG C 23 -13.40 53.99 -5.77
N LEU C 24 -12.40 54.11 -4.89
CA LEU C 24 -12.55 53.55 -3.55
C LEU C 24 -13.63 54.30 -2.77
N GLU C 25 -13.69 55.62 -2.93
CA GLU C 25 -14.75 56.39 -2.29
C GLU C 25 -16.12 55.98 -2.81
N ALA C 26 -16.21 55.70 -4.11
CA ALA C 26 -17.49 55.26 -4.67
C ALA C 26 -17.88 53.89 -4.12
N GLN C 27 -16.91 52.99 -3.98
CA GLN C 27 -17.18 51.70 -3.33
C GLN C 27 -17.72 51.92 -1.93
N HIS C 28 -17.11 52.82 -1.16
CA HIS C 28 -17.59 53.10 0.19
C HIS C 28 -19.01 53.67 0.17
N LYS C 29 -19.31 54.54 -0.80
CA LYS C 29 -20.63 55.15 -0.88
C LYS C 29 -21.72 54.13 -1.16
N ARG C 30 -21.38 53.05 -1.88
CA ARG C 30 -22.32 51.95 -2.08
C ARG C 30 -22.56 51.13 -0.81
N GLY C 31 -21.85 51.43 0.27
CA GLY C 31 -21.95 50.63 1.47
C GLY C 31 -21.16 49.34 1.41
N LYS C 32 -20.05 49.33 0.69
CA LYS C 32 -19.23 48.14 0.51
C LYS C 32 -17.80 48.42 0.97
N LEU C 33 -17.19 47.42 1.60
CA LEU C 33 -15.80 47.48 1.99
C LEU C 33 -14.88 47.26 0.78
N THR C 34 -13.61 47.58 0.97
CA THR C 34 -12.58 47.30 -0.01
C THR C 34 -11.99 45.91 0.22
N ALA C 35 -11.27 45.41 -0.79
CA ALA C 35 -10.64 44.11 -0.71
C ALA C 35 -9.75 44.00 0.53
N ARG C 36 -8.85 44.96 0.71
CA ARG C 36 -7.88 44.88 1.79
C ARG C 36 -8.55 45.02 3.16
N GLU C 37 -9.60 45.84 3.26
CA GLU C 37 -10.34 45.92 4.50
C GLU C 37 -11.02 44.59 4.84
N ARG C 38 -11.56 43.91 3.84
CA ARG C 38 -12.17 42.60 4.06
C ARG C 38 -11.13 41.60 4.57
N ILE C 39 -9.96 41.54 3.92
CA ILE C 39 -8.90 40.67 4.41
C ILE C 39 -8.54 41.04 5.85
N GLU C 40 -8.52 42.33 6.17
CA GLU C 40 -8.16 42.76 7.51
C GLU C 40 -9.17 42.29 8.55
N LEU C 41 -10.45 42.33 8.21
CA LEU C 41 -11.49 41.94 9.16
C LEU C 41 -11.56 40.43 9.34
N LEU C 42 -11.15 39.67 8.32
CA LEU C 42 -11.25 38.21 8.42
C LEU C 42 -10.14 37.61 9.28
N LEU C 43 -8.90 38.07 9.14
CA LEU C 43 -7.75 37.43 9.75
C LEU C 43 -7.44 38.02 11.13
N ASP C 44 -6.69 37.25 11.92
CA ASP C 44 -6.20 37.72 13.20
C ASP C 44 -5.24 38.90 13.00
N HIS C 45 -5.23 39.80 13.97
CA HIS C 45 -4.49 41.05 13.87
C HIS C 45 -2.99 40.79 13.71
N GLY C 46 -2.41 41.32 12.64
CA GLY C 46 -0.99 41.25 12.39
C GLY C 46 -0.50 40.00 11.69
N SER C 47 -1.39 39.09 11.31
CA SER C 47 -1.01 37.78 10.79
C SER C 47 -0.93 37.72 9.27
N PHE C 48 -1.37 38.75 8.55
CA PHE C 48 -1.51 38.67 7.10
C PHE C 48 -0.15 38.79 6.42
N GLU C 49 0.20 37.79 5.61
CA GLU C 49 1.35 37.83 4.71
C GLU C 49 0.84 37.77 3.28
N GLU C 50 1.16 38.81 2.52
CA GLU C 50 0.69 38.98 1.14
C GLU C 50 1.70 38.44 0.14
N PHE C 51 1.19 37.88 -0.95
CA PHE C 51 1.98 37.42 -2.07
C PHE C 51 1.74 38.30 -3.30
N ASP C 52 2.83 38.60 -4.01
CA ASP C 52 2.76 39.11 -5.38
C ASP C 52 2.06 40.48 -5.46
N MET C 53 2.51 41.41 -4.61
CA MET C 53 1.92 42.76 -4.58
C MET C 53 2.20 43.54 -5.85
N PHE C 54 3.30 43.24 -6.56
CA PHE C 54 3.76 44.05 -7.68
C PHE C 54 3.48 43.41 -9.05
N VAL C 55 2.72 42.32 -9.10
CA VAL C 55 2.45 41.66 -10.36
C VAL C 55 1.64 42.59 -11.28
N GLN C 56 2.02 42.61 -12.56
CA GLN C 56 1.38 43.44 -13.59
C GLN C 56 1.01 42.58 -14.80
N HIS C 57 0.04 43.07 -15.58
CA HIS C 57 -0.38 42.40 -16.80
C HIS C 57 0.59 42.68 -17.94
N ARG C 58 0.54 41.83 -18.97
CA ARG C 58 1.45 41.89 -20.10
C ARG C 58 0.70 41.95 -21.44
N SER C 59 -0.52 42.47 -21.43
CA SER C 59 -1.31 42.63 -22.65
C SER C 59 -0.94 43.93 -23.36
N THR C 60 -0.94 43.88 -24.69
CA THR C 60 -0.63 45.04 -25.52
C THR C 60 -1.74 45.38 -26.50
N ASP C 61 -2.92 44.81 -26.34
CA ASP C 61 -4.02 45.02 -27.28
C ASP C 61 -5.00 46.07 -26.74
N PHE C 62 -5.56 46.85 -27.66
CA PHE C 62 -6.62 47.81 -27.36
C PHE C 62 -6.19 48.82 -26.30
N GLY C 63 -4.93 49.25 -26.36
CA GLY C 63 -4.46 50.33 -25.52
C GLY C 63 -4.19 49.95 -24.08
N MET C 64 -4.16 48.65 -23.75
CA MET C 64 -3.98 48.23 -22.37
C MET C 64 -2.57 48.50 -21.85
N GLU C 65 -1.57 48.59 -22.73
CA GLU C 65 -0.20 48.79 -22.26
C GLU C 65 -0.02 50.12 -21.54
N LYS C 66 -0.92 51.08 -21.74
CA LYS C 66 -0.77 52.40 -21.15
C LYS C 66 -1.29 52.48 -19.72
N GLN C 67 -1.96 51.43 -19.23
CA GLN C 67 -2.51 51.41 -17.88
C GLN C 67 -2.18 50.08 -17.22
N LYS C 68 -1.00 50.01 -16.61
CA LYS C 68 -0.57 48.87 -15.83
C LYS C 68 -0.76 49.22 -14.36
N ILE C 69 -1.49 48.39 -13.64
CA ILE C 69 -1.86 48.64 -12.25
C ILE C 69 -1.27 47.51 -11.39
N PRO C 70 -0.43 47.82 -10.39
CA PRO C 70 0.15 46.75 -9.58
C PRO C 70 -0.90 45.93 -8.84
N GLY C 71 -0.67 44.62 -8.81
CA GLY C 71 -1.59 43.66 -8.23
C GLY C 71 -2.51 43.00 -9.24
N ASP C 72 -2.83 43.70 -10.33
CA ASP C 72 -3.65 43.18 -11.43
C ASP C 72 -5.05 42.72 -10.97
N GLY C 73 -5.55 43.32 -9.90
CA GLY C 73 -6.94 43.18 -9.54
C GLY C 73 -7.30 42.08 -8.55
N VAL C 74 -6.34 41.57 -7.78
CA VAL C 74 -6.65 40.59 -6.75
C VAL C 74 -5.54 40.63 -5.70
N VAL C 75 -5.93 40.48 -4.44
CA VAL C 75 -5.04 40.46 -3.30
C VAL C 75 -5.01 39.04 -2.74
N THR C 76 -3.81 38.47 -2.60
CA THR C 76 -3.63 37.06 -2.29
C THR C 76 -2.64 36.89 -1.13
N GLY C 77 -2.85 35.86 -0.32
CA GLY C 77 -1.90 35.55 0.72
C GLY C 77 -2.43 34.58 1.75
N TRP C 78 -1.86 34.65 2.95
CA TRP C 78 -2.23 33.72 4.02
C TRP C 78 -2.16 34.40 5.38
N GLY C 79 -2.81 33.76 6.35
CA GLY C 79 -2.79 34.23 7.72
C GLY C 79 -3.38 33.19 8.67
N THR C 80 -3.84 33.67 9.82
CA THR C 80 -4.44 32.81 10.84
C THR C 80 -5.82 33.29 11.25
N VAL C 81 -6.71 32.33 11.51
CA VAL C 81 -8.02 32.56 12.10
C VAL C 81 -8.06 31.75 13.40
N ASN C 82 -8.21 32.46 14.52
CA ASN C 82 -8.16 31.86 15.85
C ASN C 82 -6.95 30.94 16.01
N GLY C 83 -5.81 31.36 15.46
CA GLY C 83 -4.57 30.62 15.57
C GLY C 83 -4.32 29.58 14.50
N ARG C 84 -5.30 29.26 13.67
CA ARG C 84 -5.18 28.20 12.67
C ARG C 84 -4.95 28.78 11.27
N THR C 85 -4.03 28.15 10.52
CA THR C 85 -3.60 28.66 9.23
C THR C 85 -4.71 28.61 8.19
N VAL C 86 -4.87 29.70 7.43
CA VAL C 86 -5.80 29.78 6.32
C VAL C 86 -5.17 30.59 5.18
N PHE C 87 -5.44 30.18 3.95
CA PHE C 87 -5.08 30.91 2.74
C PHE C 87 -6.29 31.64 2.20
N LEU C 88 -6.05 32.68 1.41
CA LEU C 88 -7.17 33.47 0.91
C LEU C 88 -6.78 34.35 -0.27
N PHE C 89 -7.81 34.78 -1.00
CA PHE C 89 -7.72 35.78 -2.06
C PHE C 89 -9.00 36.62 -2.09
N SER C 90 -8.85 37.85 -2.58
CA SER C 90 -9.92 38.85 -2.58
C SER C 90 -9.84 39.71 -3.83
N LYS C 91 -10.89 39.70 -4.64
CA LYS C 91 -10.92 40.44 -5.90
C LYS C 91 -11.24 41.91 -5.65
N ASP C 92 -10.59 42.78 -6.41
CA ASP C 92 -10.68 44.23 -6.25
C ASP C 92 -11.49 44.81 -7.40
N PHE C 93 -12.72 45.21 -7.10
CA PHE C 93 -13.64 45.73 -8.11
C PHE C 93 -13.12 47.00 -8.77
N THR C 94 -12.19 47.71 -8.12
CA THR C 94 -11.69 48.98 -8.65
C THR C 94 -10.69 48.81 -9.78
N VAL C 95 -10.22 47.60 -10.05
CA VAL C 95 -9.23 47.33 -11.10
C VAL C 95 -9.95 46.56 -12.22
N PHE C 96 -10.19 47.26 -13.33
CA PHE C 96 -10.88 46.69 -14.49
C PHE C 96 -12.10 45.88 -14.08
N GLY C 97 -12.84 46.37 -13.08
CA GLY C 97 -14.02 45.67 -12.61
C GLY C 97 -13.75 44.29 -12.07
N GLY C 98 -12.61 44.11 -11.41
CA GLY C 98 -12.25 42.82 -10.85
C GLY C 98 -12.14 41.70 -11.87
N SER C 99 -12.03 42.01 -13.14
CA SER C 99 -12.03 41.00 -14.18
C SER C 99 -10.74 40.19 -14.17
N SER C 100 -10.86 38.92 -14.56
CA SER C 100 -9.77 37.96 -14.47
C SER C 100 -8.92 38.01 -15.73
N SER C 101 -7.62 38.19 -15.54
CA SER C 101 -6.61 38.15 -16.58
C SER C 101 -5.69 36.94 -16.39
N GLU C 102 -4.68 36.83 -17.24
CA GLU C 102 -3.73 35.73 -17.15
C GLU C 102 -2.94 35.77 -15.83
N ALA C 103 -2.38 36.93 -15.50
CA ALA C 103 -1.54 37.06 -14.30
C ALA C 103 -2.38 36.98 -13.02
N HIS C 104 -3.52 37.67 -13.00
CA HIS C 104 -4.53 37.52 -11.96
C HIS C 104 -4.80 36.04 -11.64
N ALA C 105 -5.14 35.27 -12.68
CA ALA C 105 -5.39 33.85 -12.52
C ALA C 105 -4.15 33.12 -12.00
N ALA C 106 -2.96 33.55 -12.43
CA ALA C 106 -1.74 32.90 -11.93
C ALA C 106 -1.57 33.10 -10.43
N LYS C 107 -1.86 34.31 -9.94
CA LYS C 107 -1.84 34.56 -8.50
C LYS C 107 -2.78 33.61 -7.76
N ILE C 108 -4.02 33.49 -8.25
CA ILE C 108 -4.98 32.62 -7.59
C ILE C 108 -4.48 31.18 -7.59
N VAL C 109 -3.89 30.74 -8.71
CA VAL C 109 -3.37 29.38 -8.81
C VAL C 109 -2.25 29.16 -7.80
N LYS C 110 -1.38 30.15 -7.61
CA LYS C 110 -0.32 30.04 -6.61
C LYS C 110 -0.92 29.73 -5.24
N VAL C 111 -1.90 30.52 -4.80
CA VAL C 111 -2.38 30.28 -3.44
C VAL C 111 -3.18 28.97 -3.35
N GLN C 112 -3.91 28.59 -4.41
CA GLN C 112 -4.60 27.30 -4.40
C GLN C 112 -3.61 26.14 -4.23
N ASP C 113 -2.55 26.13 -5.04
CA ASP C 113 -1.54 25.07 -4.94
C ASP C 113 -0.92 25.03 -3.55
N MET C 114 -0.59 26.20 -2.99
CA MET C 114 0.01 26.19 -1.65
C MET C 114 -0.95 25.61 -0.63
N ALA C 115 -2.24 25.92 -0.75
CA ALA C 115 -3.20 25.45 0.24
C ALA C 115 -3.39 23.95 0.16
N LEU C 116 -3.43 23.39 -1.05
CA LEU C 116 -3.48 21.93 -1.16
C LEU C 116 -2.22 21.31 -0.57
N LYS C 117 -1.06 21.91 -0.84
CA LYS C 117 0.20 21.39 -0.33
C LYS C 117 0.26 21.37 1.20
N MET C 118 -0.08 22.49 1.85
CA MET C 118 -0.06 22.57 3.31
C MET C 118 -1.24 21.85 3.96
N ARG C 119 -2.26 21.46 3.21
CA ARG C 119 -3.50 20.90 3.76
C ARG C 119 -4.15 21.87 4.75
N ALA C 120 -4.50 23.05 4.24
CA ALA C 120 -5.18 24.09 4.99
C ALA C 120 -6.37 24.63 4.20
N PRO C 121 -7.37 25.21 4.88
CA PRO C 121 -8.55 25.75 4.19
C PRO C 121 -8.22 26.95 3.30
N ILE C 122 -9.11 27.20 2.33
CA ILE C 122 -8.98 28.34 1.41
C ILE C 122 -10.34 29.06 1.29
N ILE C 123 -10.29 30.39 1.45
CA ILE C 123 -11.44 31.28 1.36
C ILE C 123 -11.27 32.19 0.15
N GLY C 124 -12.30 32.27 -0.69
CA GLY C 124 -12.35 33.21 -1.81
C GLY C 124 -13.45 34.24 -1.62
N ILE C 125 -13.12 35.49 -1.92
CA ILE C 125 -14.04 36.62 -1.80
C ILE C 125 -14.22 37.24 -3.20
N PHE C 126 -15.47 37.30 -3.66
CA PHE C 126 -15.78 37.62 -5.05
C PHE C 126 -16.51 38.95 -5.16
N ASP C 127 -15.95 39.83 -6.00
CA ASP C 127 -16.55 41.11 -6.38
C ASP C 127 -15.91 41.45 -7.74
N ALA C 128 -16.59 41.06 -8.82
CA ALA C 128 -15.88 40.78 -10.06
C ALA C 128 -16.83 40.96 -11.26
N GLY C 129 -16.27 40.73 -12.45
CA GLY C 129 -17.00 40.86 -13.69
C GLY C 129 -16.66 39.82 -14.75
N GLY C 130 -15.87 38.80 -14.40
CA GLY C 130 -15.58 37.74 -15.34
C GLY C 130 -14.28 37.90 -16.11
N ALA C 131 -14.24 37.33 -17.31
CA ALA C 131 -13.02 37.31 -18.12
C ALA C 131 -12.80 38.66 -18.80
N ARG C 132 -11.62 39.23 -18.61
CA ARG C 132 -11.26 40.51 -19.22
C ARG C 132 -11.26 40.39 -20.74
N ILE C 133 -12.14 41.15 -21.39
CA ILE C 133 -12.41 40.95 -22.81
C ILE C 133 -11.18 41.30 -23.65
N GLN C 134 -10.48 42.38 -23.28
CA GLN C 134 -9.35 42.84 -24.07
C GLN C 134 -8.25 41.80 -24.20
N GLU C 135 -8.20 40.80 -23.32
CA GLU C 135 -7.16 39.77 -23.39
C GLU C 135 -7.58 38.54 -24.18
N GLY C 136 -8.84 38.42 -24.56
CA GLY C 136 -9.25 37.31 -25.40
C GLY C 136 -9.06 35.95 -24.74
N VAL C 137 -8.73 34.97 -25.60
CA VAL C 137 -8.73 33.56 -25.20
C VAL C 137 -7.80 33.31 -24.02
N ALA C 138 -6.70 34.06 -23.91
CA ALA C 138 -5.78 33.88 -22.80
C ALA C 138 -6.52 33.95 -21.47
N ALA C 139 -7.36 34.98 -21.32
CA ALA C 139 -8.16 35.09 -20.10
C ALA C 139 -8.85 33.78 -19.78
N LEU C 140 -9.52 33.19 -20.77
CA LEU C 140 -10.27 31.96 -20.52
C LEU C 140 -9.36 30.87 -19.99
N GLY C 141 -8.18 30.72 -20.59
CA GLY C 141 -7.23 29.73 -20.13
C GLY C 141 -7.04 29.83 -18.63
N GLY C 142 -6.83 31.06 -18.15
CA GLY C 142 -6.67 31.25 -16.72
C GLY C 142 -7.79 30.63 -15.92
N HIS C 143 -9.03 30.99 -16.24
CA HIS C 143 -10.17 30.40 -15.55
C HIS C 143 -10.05 28.89 -15.48
N GLY C 144 -9.76 28.25 -16.61
CA GLY C 144 -9.63 26.80 -16.62
C GLY C 144 -8.68 26.31 -15.54
N GLU C 145 -7.47 26.88 -15.50
CA GLU C 145 -6.48 26.41 -14.54
C GLU C 145 -6.96 26.56 -13.10
N VAL C 146 -7.80 27.57 -12.84
CA VAL C 146 -8.37 27.70 -11.50
C VAL C 146 -9.36 26.56 -11.26
N PHE C 147 -10.29 26.37 -12.21
CA PHE C 147 -11.30 25.31 -12.09
C PHE C 147 -10.66 23.97 -11.75
N ARG C 148 -9.67 23.56 -12.54
CA ARG C 148 -9.03 22.26 -12.32
C ARG C 148 -8.63 22.10 -10.87
N ARG C 149 -8.02 23.13 -10.29
CA ARG C 149 -7.51 23.00 -8.94
C ARG C 149 -8.65 22.92 -7.93
N ASN C 150 -9.74 23.68 -8.14
CA ASN C 150 -10.95 23.47 -7.35
C ASN C 150 -11.28 21.98 -7.28
N VAL C 151 -11.34 21.33 -8.46
CA VAL C 151 -11.78 19.93 -8.50
C VAL C 151 -10.76 19.04 -7.78
N ALA C 152 -9.47 19.39 -7.83
CA ALA C 152 -8.48 18.57 -7.16
C ALA C 152 -8.61 18.68 -5.65
N ALA C 153 -9.09 19.82 -5.15
CA ALA C 153 -9.15 20.08 -3.72
C ALA C 153 -10.42 19.56 -3.07
N SER C 154 -11.38 19.08 -3.85
CA SER C 154 -12.69 18.71 -3.33
C SER C 154 -12.58 17.44 -2.50
N GLY C 155 -13.00 17.53 -1.23
CA GLY C 155 -12.89 16.44 -0.28
C GLY C 155 -11.53 16.32 0.39
N VAL C 156 -10.60 17.23 0.14
CA VAL C 156 -9.28 17.21 0.76
C VAL C 156 -9.11 18.38 1.73
N ILE C 157 -9.46 19.59 1.31
CA ILE C 157 -9.47 20.77 2.17
C ILE C 157 -10.82 21.49 2.00
N PRO C 158 -11.35 22.12 3.04
CA PRO C 158 -12.60 22.87 2.86
C PRO C 158 -12.39 24.15 2.05
N GLN C 159 -13.37 24.46 1.20
CA GLN C 159 -13.32 25.58 0.27
C GLN C 159 -14.56 26.46 0.49
N ILE C 160 -14.35 27.69 0.95
CA ILE C 160 -15.46 28.62 1.26
C ILE C 160 -15.43 29.80 0.30
N SER C 161 -16.60 30.18 -0.20
CA SER C 161 -16.78 31.32 -1.10
C SER C 161 -17.73 32.34 -0.49
N VAL C 162 -17.41 33.63 -0.67
CA VAL C 162 -18.21 34.72 -0.16
C VAL C 162 -18.45 35.71 -1.30
N ILE C 163 -19.71 35.91 -1.66
CA ILE C 163 -20.12 36.76 -2.75
C ILE C 163 -20.51 38.12 -2.17
N MET C 164 -19.68 39.12 -2.40
CA MET C 164 -19.87 40.46 -1.85
C MET C 164 -20.00 41.52 -2.94
N GLY C 165 -20.37 41.10 -4.15
CA GLY C 165 -20.54 42.01 -5.27
C GLY C 165 -21.09 41.27 -6.48
N PRO C 166 -20.96 41.86 -7.66
CA PRO C 166 -21.35 41.15 -8.88
C PRO C 166 -20.42 39.98 -9.16
N CYS C 167 -21.02 38.89 -9.63
CA CYS C 167 -20.28 37.72 -10.12
C CYS C 167 -21.00 37.20 -11.36
N ALA C 168 -20.35 37.30 -12.51
CA ALA C 168 -21.01 37.02 -13.78
C ALA C 168 -20.08 36.24 -14.70
N GLY C 169 -20.68 35.43 -15.56
CA GLY C 169 -19.92 34.63 -16.51
C GLY C 169 -19.12 33.55 -15.82
N GLY C 170 -17.93 33.29 -16.36
CA GLY C 170 -17.12 32.18 -15.88
C GLY C 170 -16.77 32.29 -14.41
N ASP C 171 -16.81 33.48 -13.88
CA ASP C 171 -16.58 33.61 -12.42
C ASP C 171 -17.52 32.74 -11.57
N VAL C 172 -18.74 32.44 -12.03
CA VAL C 172 -19.70 31.77 -11.16
C VAL C 172 -19.39 30.27 -10.97
N TYR C 173 -18.68 29.65 -11.91
CA TYR C 173 -18.47 28.20 -11.81
C TYR C 173 -17.39 27.81 -10.81
N SER C 174 -16.52 28.74 -10.41
CA SER C 174 -15.57 28.43 -9.36
C SER C 174 -16.26 28.31 -8.00
N PRO C 175 -17.05 29.29 -7.55
CA PRO C 175 -17.82 29.09 -6.31
C PRO C 175 -18.75 27.89 -6.36
N ALA C 176 -19.24 27.52 -7.55
CA ALA C 176 -20.21 26.44 -7.65
C ALA C 176 -19.61 25.09 -7.29
N MET C 177 -18.30 24.93 -7.43
CA MET C 177 -17.62 23.70 -7.10
C MET C 177 -17.00 23.71 -5.70
N THR C 178 -17.21 24.78 -4.94
CA THR C 178 -16.77 24.87 -3.56
C THR C 178 -17.85 24.31 -2.60
N ASP C 179 -17.49 24.21 -1.31
CA ASP C 179 -18.36 23.53 -0.34
C ASP C 179 -19.53 24.41 0.12
N PHE C 180 -19.33 25.72 0.27
CA PHE C 180 -20.38 26.63 0.71
C PHE C 180 -20.28 27.98 0.00
N ILE C 181 -21.44 28.56 -0.33
CA ILE C 181 -21.55 29.90 -0.94
C ILE C 181 -22.44 30.77 -0.07
N PHE C 182 -21.90 31.89 0.40
CA PHE C 182 -22.64 32.89 1.18
C PHE C 182 -22.68 34.22 0.43
N MET C 183 -23.79 34.95 0.60
CA MET C 183 -24.05 36.19 -0.12
C MET C 183 -24.42 37.32 0.85
N VAL C 184 -24.25 38.55 0.36
CA VAL C 184 -24.64 39.77 1.06
C VAL C 184 -25.91 40.32 0.41
N ARG C 185 -26.89 40.67 1.23
CA ARG C 185 -28.15 41.19 0.72
C ARG C 185 -27.99 42.58 0.13
N ASP C 186 -28.63 42.80 -1.03
CA ASP C 186 -28.83 44.08 -1.70
C ASP C 186 -27.62 44.64 -2.44
N THR C 187 -26.46 43.99 -2.39
CA THR C 187 -25.29 44.48 -3.12
C THR C 187 -24.61 43.40 -3.96
N SER C 188 -25.00 42.15 -3.83
CA SER C 188 -24.40 41.03 -4.53
C SER C 188 -25.40 40.36 -5.46
N TYR C 189 -24.89 39.67 -6.48
CA TYR C 189 -25.73 38.85 -7.36
C TYR C 189 -24.86 37.94 -8.20
N MET C 190 -25.47 36.87 -8.72
CA MET C 190 -24.80 35.86 -9.53
C MET C 190 -25.69 35.45 -10.69
N PHE C 191 -25.12 35.38 -11.89
CA PHE C 191 -25.79 34.76 -13.03
C PHE C 191 -24.75 34.43 -14.10
N VAL C 192 -25.15 33.53 -15.01
CA VAL C 192 -24.29 33.14 -16.12
C VAL C 192 -24.40 34.15 -17.26
N THR C 193 -25.61 34.42 -17.72
CA THR C 193 -25.87 35.41 -18.76
C THR C 193 -26.69 36.56 -18.15
N GLY C 194 -26.29 37.79 -18.46
CA GLY C 194 -26.83 38.97 -17.83
C GLY C 194 -28.07 39.53 -18.52
N PRO C 195 -28.63 40.60 -17.93
CA PRO C 195 -29.95 41.08 -18.38
C PRO C 195 -30.03 41.48 -19.85
N ASP C 196 -28.95 42.00 -20.44
CA ASP C 196 -29.02 42.51 -21.80
C ASP C 196 -29.31 41.39 -22.81
N VAL C 197 -28.51 40.32 -22.75
CA VAL C 197 -28.74 39.18 -23.63
C VAL C 197 -30.10 38.56 -23.37
N VAL C 198 -30.51 38.51 -22.10
CA VAL C 198 -31.82 37.99 -21.76
C VAL C 198 -32.90 38.80 -22.46
N LYS C 199 -32.75 40.12 -22.47
CA LYS C 199 -33.72 40.98 -23.14
C LYS C 199 -33.73 40.72 -24.64
N THR C 200 -32.54 40.63 -25.25
CA THR C 200 -32.46 40.49 -26.70
C THR C 200 -33.00 39.14 -27.17
N VAL C 201 -32.88 38.10 -26.36
CA VAL C 201 -33.23 36.74 -26.77
C VAL C 201 -34.64 36.35 -26.33
N THR C 202 -34.99 36.60 -25.06
CA THR C 202 -36.27 36.16 -24.52
C THR C 202 -37.32 37.27 -24.49
N ASN C 203 -36.95 38.51 -24.78
CA ASN C 203 -37.86 39.65 -24.75
C ASN C 203 -38.36 39.97 -23.35
N GLU C 204 -37.71 39.44 -22.32
CA GLU C 204 -38.09 39.67 -20.94
C GLU C 204 -37.21 40.77 -20.34
N VAL C 205 -37.84 41.71 -19.66
CA VAL C 205 -37.15 42.81 -18.99
C VAL C 205 -37.01 42.45 -17.52
N VAL C 206 -35.77 42.50 -17.02
CA VAL C 206 -35.48 42.02 -15.68
C VAL C 206 -34.24 42.73 -15.16
N THR C 207 -34.30 43.16 -13.90
CA THR C 207 -33.16 43.74 -13.21
C THR C 207 -32.20 42.65 -12.72
N ALA C 208 -30.99 43.09 -12.35
CA ALA C 208 -30.00 42.17 -11.81
C ALA C 208 -30.46 41.57 -10.49
N GLU C 209 -31.02 42.39 -9.60
CA GLU C 209 -31.57 41.87 -8.35
C GLU C 209 -32.61 40.79 -8.61
N GLU C 210 -33.47 40.99 -9.61
CA GLU C 210 -34.51 40.01 -9.94
C GLU C 210 -33.91 38.75 -10.54
N LEU C 211 -32.86 38.89 -11.34
CA LEU C 211 -32.28 37.76 -12.06
C LEU C 211 -31.43 36.88 -11.14
N GLY C 212 -30.56 37.48 -10.32
CA GLY C 212 -29.62 36.71 -9.52
C GLY C 212 -29.32 37.20 -8.12
N GLY C 213 -30.24 37.92 -7.50
CA GLY C 213 -30.03 38.46 -6.16
C GLY C 213 -30.04 37.41 -5.06
N ALA C 214 -29.76 37.88 -3.84
CA ALA C 214 -29.64 37.00 -2.69
C ALA C 214 -30.91 36.19 -2.45
N LYS C 215 -32.08 36.84 -2.56
CA LYS C 215 -33.34 36.14 -2.30
C LYS C 215 -33.53 34.97 -3.26
N VAL C 216 -33.34 35.23 -4.57
CA VAL C 216 -33.47 34.18 -5.57
C VAL C 216 -32.59 32.98 -5.20
N HIS C 217 -31.33 33.24 -4.87
CA HIS C 217 -30.37 32.17 -4.68
C HIS C 217 -30.42 31.52 -3.31
N THR C 218 -31.11 32.12 -2.34
CA THR C 218 -31.26 31.50 -1.03
C THR C 218 -32.61 30.83 -0.83
N SER C 219 -33.61 31.18 -1.64
CA SER C 219 -34.96 30.65 -1.47
C SER C 219 -35.47 29.76 -2.61
N LYS C 220 -34.90 29.85 -3.81
CA LYS C 220 -35.56 29.26 -4.98
C LYS C 220 -34.67 28.40 -5.86
N SER C 221 -33.36 28.68 -5.92
CA SER C 221 -32.49 28.12 -6.94
C SER C 221 -31.60 26.98 -6.46
N SER C 222 -31.40 26.84 -5.15
CA SER C 222 -30.54 25.84 -4.50
C SER C 222 -29.06 26.19 -4.49
N ILE C 223 -28.67 27.42 -4.83
CA ILE C 223 -27.26 27.76 -5.02
C ILE C 223 -26.59 28.20 -3.72
N ALA C 224 -27.18 29.13 -2.98
CA ALA C 224 -26.52 29.77 -1.84
C ALA C 224 -26.92 29.13 -0.52
N ASP C 225 -25.94 28.96 0.36
CA ASP C 225 -26.14 28.40 1.70
C ASP C 225 -26.59 29.41 2.73
N GLY C 226 -26.58 30.70 2.41
CA GLY C 226 -27.12 31.70 3.32
C GLY C 226 -26.79 33.09 2.88
N SER C 227 -27.43 34.06 3.53
CA SER C 227 -27.26 35.48 3.25
C SER C 227 -27.15 36.25 4.56
N PHE C 228 -26.56 37.46 4.46
CA PHE C 228 -26.26 38.28 5.62
C PHE C 228 -26.57 39.75 5.31
N GLU C 229 -26.71 40.54 6.39
CA GLU C 229 -27.17 41.92 6.26
C GLU C 229 -26.15 42.79 5.55
N ASN C 230 -24.87 42.66 5.90
CA ASN C 230 -23.83 43.50 5.33
C ASN C 230 -22.48 42.78 5.45
N ASP C 231 -21.43 43.42 4.94
CA ASP C 231 -20.12 42.79 4.81
C ASP C 231 -19.55 42.39 6.16
N VAL C 232 -19.71 43.24 7.18
CA VAL C 232 -19.10 43.01 8.48
C VAL C 232 -19.72 41.78 9.15
N GLU C 233 -21.06 41.74 9.20
CA GLU C 233 -21.77 40.57 9.70
C GLU C 233 -21.31 39.30 9.00
N ALA C 234 -21.15 39.36 7.68
CA ALA C 234 -20.81 38.17 6.91
C ALA C 234 -19.40 37.67 7.24
N ILE C 235 -18.43 38.58 7.34
CA ILE C 235 -17.07 38.13 7.62
C ILE C 235 -16.97 37.60 9.04
N LEU C 236 -17.71 38.20 9.98
CA LEU C 236 -17.69 37.66 11.34
C LEU C 236 -18.31 36.26 11.38
N GLN C 237 -19.35 36.02 10.58
CA GLN C 237 -19.93 34.69 10.54
C GLN C 237 -19.00 33.67 9.86
N ILE C 238 -18.21 34.10 8.86
CA ILE C 238 -17.22 33.19 8.29
C ILE C 238 -16.20 32.79 9.35
N ARG C 239 -15.74 33.76 10.15
CA ARG C 239 -14.86 33.42 11.27
C ARG C 239 -15.53 32.40 12.19
N ARG C 240 -16.82 32.59 12.49
CA ARG C 240 -17.55 31.63 13.32
C ARG C 240 -17.55 30.23 12.69
N LEU C 241 -17.86 30.15 11.40
CA LEU C 241 -17.97 28.85 10.74
C LEU C 241 -16.63 28.12 10.74
N LEU C 242 -15.53 28.84 10.56
CA LEU C 242 -14.24 28.18 10.45
C LEU C 242 -13.88 27.41 11.72
N ASP C 243 -14.42 27.82 12.88
CA ASP C 243 -14.13 27.16 14.14
C ASP C 243 -14.87 25.84 14.33
N PHE C 244 -15.87 25.55 13.51
CA PHE C 244 -16.51 24.24 13.51
C PHE C 244 -15.77 23.22 12.65
N LEU C 245 -15.08 23.66 11.59
CA LEU C 245 -14.70 22.78 10.50
C LEU C 245 -13.31 22.16 10.71
N PRO C 246 -13.11 20.93 10.24
CA PRO C 246 -11.75 20.38 10.17
C PRO C 246 -10.88 21.17 9.18
N ALA C 247 -9.59 21.21 9.48
CA ALA C 247 -8.62 21.83 8.56
C ALA C 247 -8.43 21.00 7.30
N ASN C 248 -8.56 19.67 7.41
CA ASN C 248 -8.38 18.78 6.28
C ASN C 248 -9.08 17.46 6.58
N ASN C 249 -9.01 16.53 5.63
CA ASN C 249 -9.66 15.23 5.70
C ASN C 249 -8.87 14.19 6.49
N ILE C 250 -7.80 14.59 7.17
CA ILE C 250 -7.04 13.70 8.04
C ILE C 250 -7.14 14.07 9.51
N GLU C 251 -7.15 15.37 9.84
CA GLU C 251 -6.94 15.78 11.23
C GLU C 251 -8.16 15.57 12.13
N GLY C 252 -9.37 15.53 11.58
CA GLY C 252 -10.58 15.44 12.37
C GLY C 252 -11.05 16.78 12.91
N VAL C 253 -12.16 16.72 13.65
CA VAL C 253 -12.87 17.92 14.10
C VAL C 253 -12.09 18.66 15.18
N PRO C 254 -12.16 19.99 15.24
CA PRO C 254 -11.54 20.72 16.35
C PRO C 254 -12.29 20.47 17.65
N GLU C 255 -11.59 20.70 18.76
CA GLU C 255 -12.12 20.50 20.11
C GLU C 255 -12.00 21.78 20.92
N ILE C 256 -13.04 22.07 21.71
CA ILE C 256 -13.03 23.18 22.66
C ILE C 256 -13.59 22.70 23.99
N GLU C 257 -13.29 23.47 25.04
CA GLU C 257 -13.87 23.23 26.36
C GLU C 257 -15.31 23.70 26.39
N SER C 258 -16.23 22.81 26.75
CA SER C 258 -17.65 23.14 26.83
C SER C 258 -18.04 23.56 28.24
N PHE C 259 -19.02 24.47 28.31
CA PHE C 259 -19.62 24.90 29.57
C PHE C 259 -20.87 24.09 29.93
N ASP C 260 -21.25 23.11 29.12
CA ASP C 260 -22.44 22.31 29.32
C ASP C 260 -22.11 20.95 29.91
N ASP C 261 -23.14 20.28 30.41
CA ASP C 261 -23.03 18.97 31.05
C ASP C 261 -23.67 17.91 30.17
N VAL C 262 -23.03 16.73 30.12
CA VAL C 262 -23.50 15.64 29.26
C VAL C 262 -24.52 14.72 29.92
N ASN C 263 -24.68 14.80 31.24
CA ASN C 263 -25.59 13.93 31.98
C ASN C 263 -26.86 14.65 32.42
N ARG C 264 -27.14 15.82 31.86
CA ARG C 264 -28.34 16.54 32.23
C ARG C 264 -29.55 15.97 31.50
N LEU C 265 -30.68 15.99 32.18
CA LEU C 265 -31.95 15.52 31.65
C LEU C 265 -32.84 16.71 31.31
N ASP C 266 -33.78 16.48 30.39
CA ASP C 266 -34.65 17.54 29.87
C ASP C 266 -36.10 17.09 29.97
N LYS C 267 -36.75 17.45 31.08
CA LYS C 267 -38.12 17.01 31.32
C LYS C 267 -39.10 17.55 30.29
N SER C 268 -38.89 18.77 29.80
CA SER C 268 -39.85 19.39 28.90
C SER C 268 -40.05 18.56 27.63
N LEU C 269 -39.00 17.88 27.16
CA LEU C 269 -39.13 17.07 25.96
C LEU C 269 -40.20 15.99 26.10
N ASP C 270 -40.57 15.63 27.33
CA ASP C 270 -41.62 14.63 27.53
C ASP C 270 -42.99 15.13 27.10
N THR C 271 -43.16 16.42 26.80
CA THR C 271 -44.44 16.98 26.39
C THR C 271 -44.38 17.66 25.03
N LEU C 272 -43.40 17.32 24.19
CA LEU C 272 -43.24 18.04 22.93
C LEU C 272 -44.15 17.49 21.83
N ILE C 273 -44.36 16.18 21.79
CA ILE C 273 -45.22 15.56 20.77
C ILE C 273 -46.67 15.76 21.17
N PRO C 274 -47.51 16.39 20.33
CA PRO C 274 -48.91 16.58 20.71
C PRO C 274 -49.70 15.28 20.69
N ASP C 275 -50.74 15.24 21.52
CA ASP C 275 -51.66 14.11 21.52
C ASP C 275 -52.35 13.95 20.17
N ASN C 276 -52.79 15.06 19.58
CA ASN C 276 -53.49 15.01 18.30
C ASN C 276 -52.49 14.75 17.18
N PRO C 277 -52.70 13.71 16.36
CA PRO C 277 -51.75 13.45 15.27
C PRO C 277 -51.79 14.49 14.16
N ASN C 278 -52.74 15.42 14.19
CA ASN C 278 -52.86 16.45 13.17
C ASN C 278 -52.11 17.72 13.52
N LYS C 279 -51.61 17.85 14.74
CA LYS C 279 -50.92 19.06 15.15
C LYS C 279 -49.41 18.92 15.02
N PRO C 280 -48.72 19.91 14.47
CA PRO C 280 -47.26 19.81 14.33
C PRO C 280 -46.48 20.37 15.51
N TYR C 281 -45.16 20.26 15.45
CA TYR C 281 -44.25 20.86 16.42
C TYR C 281 -42.99 21.30 15.69
N ASP C 282 -42.14 22.06 16.40
CA ASP C 282 -40.96 22.67 15.82
C ASP C 282 -39.74 21.82 16.18
N MET C 283 -39.21 21.10 15.18
CA MET C 283 -38.05 20.24 15.39
C MET C 283 -36.81 21.05 15.77
N GLY C 284 -36.74 22.30 15.30
CA GLY C 284 -35.62 23.16 15.67
C GLY C 284 -35.47 23.32 17.17
N GLU C 285 -36.58 23.31 17.90
CA GLU C 285 -36.51 23.35 19.37
C GLU C 285 -35.78 22.14 19.91
N LEU C 286 -36.12 20.95 19.43
CA LEU C 286 -35.41 19.73 19.83
C LEU C 286 -33.92 19.87 19.57
N ILE C 287 -33.55 20.31 18.36
CA ILE C 287 -32.13 20.42 18.03
C ILE C 287 -31.45 21.41 18.98
N ARG C 288 -32.06 22.57 19.19
CA ARG C 288 -31.43 23.62 19.99
C ARG C 288 -31.38 23.26 21.47
N ARG C 289 -32.19 22.29 21.91
CA ARG C 289 -32.08 21.77 23.26
C ARG C 289 -31.05 20.64 23.38
N VAL C 290 -30.74 19.96 22.28
CA VAL C 290 -29.82 18.83 22.36
C VAL C 290 -28.36 19.28 22.29
N VAL C 291 -28.06 20.31 21.51
CA VAL C 291 -26.67 20.72 21.29
C VAL C 291 -26.14 21.48 22.52
N ASP C 292 -24.81 21.53 22.62
CA ASP C 292 -24.14 22.31 23.66
C ASP C 292 -24.56 23.77 23.60
N GLU C 293 -24.99 24.29 24.74
CA GLU C 293 -25.19 25.72 24.97
C GLU C 293 -26.26 26.34 24.08
N GLY C 294 -27.05 25.53 23.37
CA GLY C 294 -28.05 26.06 22.47
C GLY C 294 -27.51 26.71 21.23
N ASP C 295 -26.27 26.41 20.84
CA ASP C 295 -25.59 27.05 19.72
C ASP C 295 -25.67 26.16 18.49
N PHE C 296 -26.24 26.70 17.41
CA PHE C 296 -26.50 25.96 16.18
C PHE C 296 -26.27 26.85 14.97
N PHE C 297 -25.44 26.38 14.03
CA PHE C 297 -25.13 27.09 12.78
C PHE C 297 -25.88 26.38 11.65
N GLU C 298 -27.00 26.97 11.23
CA GLU C 298 -27.87 26.36 10.24
C GLU C 298 -27.37 26.60 8.83
N ILE C 299 -27.54 25.62 7.96
CA ILE C 299 -27.14 25.67 6.56
C ILE C 299 -28.39 25.57 5.69
N GLN C 300 -28.45 26.40 4.66
CA GLN C 300 -29.60 26.52 3.76
C GLN C 300 -30.91 26.61 4.54
N ALA C 301 -31.00 27.61 5.41
CA ALA C 301 -32.16 27.74 6.28
C ALA C 301 -33.40 28.21 5.54
N ALA C 302 -33.23 28.94 4.45
CA ALA C 302 -34.32 29.54 3.70
C ALA C 302 -34.77 28.69 2.51
N TYR C 303 -34.12 27.57 2.26
CA TYR C 303 -34.42 26.68 1.15
C TYR C 303 -34.91 25.33 1.66
N ALA C 304 -35.96 24.80 1.02
CA ALA C 304 -36.52 23.48 1.34
C ALA C 304 -36.68 23.31 2.85
N ARG C 305 -37.56 24.15 3.41
CA ARG C 305 -37.72 24.25 4.85
C ARG C 305 -38.41 23.04 5.49
N ASN C 306 -38.87 22.08 4.68
CA ASN C 306 -39.37 20.82 5.20
C ASN C 306 -38.28 19.95 5.81
N ILE C 307 -37.00 20.32 5.67
CA ILE C 307 -35.89 19.61 6.30
C ILE C 307 -34.89 20.63 6.85
N ILE C 308 -34.18 20.22 7.89
CA ILE C 308 -33.21 21.07 8.59
C ILE C 308 -31.84 20.41 8.54
N THR C 309 -30.81 21.21 8.29
CA THR C 309 -29.41 20.79 8.24
C THR C 309 -28.55 21.82 8.97
N GLY C 310 -27.55 21.36 9.70
CA GLY C 310 -26.61 22.30 10.30
C GLY C 310 -25.60 21.66 11.24
N PHE C 311 -24.77 22.54 11.82
CA PHE C 311 -23.68 22.16 12.72
C PHE C 311 -23.97 22.57 14.16
N GLY C 312 -23.74 21.66 15.10
CA GLY C 312 -23.69 21.96 16.52
C GLY C 312 -22.48 21.31 17.17
N ARG C 313 -22.40 21.35 18.51
CA ARG C 313 -21.33 20.69 19.24
C ARG C 313 -21.91 19.82 20.34
N VAL C 314 -21.28 18.68 20.59
CA VAL C 314 -21.60 17.79 21.71
C VAL C 314 -20.29 17.46 22.41
N GLU C 315 -20.26 17.68 23.72
CA GLU C 315 -19.04 17.53 24.54
C GLU C 315 -17.87 18.26 23.90
N GLY C 316 -18.17 19.42 23.31
CA GLY C 316 -17.16 20.27 22.73
C GLY C 316 -16.60 19.83 21.39
N ARG C 317 -17.21 18.85 20.73
CA ARG C 317 -16.79 18.41 19.41
C ARG C 317 -17.91 18.62 18.39
N THR C 318 -17.53 18.98 17.16
CA THR C 318 -18.49 19.30 16.12
C THR C 318 -19.29 18.08 15.71
N VAL C 319 -20.60 18.28 15.50
CA VAL C 319 -21.53 17.24 15.04
C VAL C 319 -22.50 17.86 14.04
N GLY C 320 -22.78 17.12 12.96
CA GLY C 320 -23.79 17.51 12.00
C GLY C 320 -25.17 16.95 12.31
N PHE C 321 -26.20 17.70 11.94
CA PHE C 321 -27.59 17.38 12.24
C PHE C 321 -28.45 17.47 10.98
N VAL C 322 -29.28 16.44 10.77
CA VAL C 322 -30.34 16.40 9.76
C VAL C 322 -31.65 16.05 10.45
N ALA C 323 -32.72 16.76 10.12
CA ALA C 323 -34.01 16.51 10.78
C ALA C 323 -35.20 16.85 9.88
N ASN C 324 -36.22 16.01 9.92
CA ASN C 324 -37.50 16.37 9.29
C ASN C 324 -38.19 17.48 10.09
N GLN C 325 -38.93 18.33 9.39
CA GLN C 325 -39.58 19.51 9.98
C GLN C 325 -41.09 19.48 9.74
N PRO C 326 -41.90 19.05 10.70
CA PRO C 326 -43.35 18.93 10.46
C PRO C 326 -44.05 20.24 10.13
N LEU C 327 -43.51 21.38 10.56
CA LEU C 327 -44.17 22.66 10.35
C LEU C 327 -44.35 23.02 8.87
N VAL C 328 -43.58 22.40 7.98
CA VAL C 328 -43.56 22.78 6.56
C VAL C 328 -43.81 21.54 5.71
N LEU C 329 -44.87 21.59 4.90
CA LEU C 329 -45.26 20.50 4.01
C LEU C 329 -45.43 19.18 4.77
N ALA C 330 -45.88 19.27 6.02
CA ALA C 330 -46.10 18.11 6.89
C ALA C 330 -44.84 17.27 7.08
N GLY C 331 -43.67 17.84 6.78
CA GLY C 331 -42.42 17.13 6.94
C GLY C 331 -42.12 16.09 5.88
N VAL C 332 -42.80 16.12 4.74
CA VAL C 332 -42.57 15.13 3.69
C VAL C 332 -41.19 15.32 3.06
N LEU C 333 -40.74 14.28 2.38
CA LEU C 333 -39.52 14.33 1.58
C LEU C 333 -39.87 14.66 0.14
N ASP C 334 -39.22 15.69 -0.41
CA ASP C 334 -39.36 16.03 -1.82
C ASP C 334 -37.98 16.13 -2.48
N SER C 335 -37.93 16.55 -3.74
CA SER C 335 -36.66 16.57 -4.47
C SER C 335 -35.68 17.57 -3.87
N ASP C 336 -36.14 18.81 -3.64
CA ASP C 336 -35.28 19.85 -3.10
C ASP C 336 -34.65 19.45 -1.77
N ALA C 337 -35.50 19.10 -0.79
CA ALA C 337 -35.02 18.66 0.51
C ALA C 337 -34.00 17.53 0.39
N SER C 338 -34.30 16.55 -0.49
CA SER C 338 -33.41 15.41 -0.64
C SER C 338 -32.03 15.86 -1.11
N ARG C 339 -31.97 16.76 -2.09
CA ARG C 339 -30.69 17.24 -2.59
C ARG C 339 -29.93 18.02 -1.50
N LYS C 340 -30.63 18.91 -0.80
CA LYS C 340 -30.06 19.65 0.32
C LYS C 340 -29.35 18.72 1.31
N ALA C 341 -30.13 17.77 1.84
CA ALA C 341 -29.61 16.86 2.85
C ALA C 341 -28.49 15.99 2.29
N ALA C 342 -28.59 15.59 1.02
CA ALA C 342 -27.60 14.71 0.42
C ALA C 342 -26.24 15.38 0.36
N ARG C 343 -26.18 16.64 0.01
CA ARG C 343 -24.87 17.36 -0.16
C ARG C 343 -24.29 17.50 1.26
N PHE C 344 -25.17 17.82 2.21
CA PHE C 344 -24.66 17.98 3.58
C PHE C 344 -24.06 16.69 4.11
N VAL C 345 -24.76 15.56 3.93
CA VAL C 345 -24.27 14.27 4.41
C VAL C 345 -22.94 13.92 3.74
N ARG C 346 -22.83 14.17 2.43
CA ARG C 346 -21.59 13.87 1.72
C ARG C 346 -20.42 14.70 2.26
N PHE C 347 -20.64 15.99 2.49
CA PHE C 347 -19.56 16.82 3.07
C PHE C 347 -19.10 16.26 4.41
N CYS C 348 -20.06 15.97 5.30
CA CYS C 348 -19.69 15.49 6.62
C CYS C 348 -18.94 14.17 6.55
N ASN C 349 -19.32 13.29 5.64
CA ASN C 349 -18.60 12.03 5.52
C ASN C 349 -17.20 12.25 4.97
N ALA C 350 -17.06 13.16 4.00
CA ALA C 350 -15.75 13.41 3.40
C ALA C 350 -14.76 13.94 4.43
N PHE C 351 -15.23 14.77 5.38
CA PHE C 351 -14.33 15.36 6.37
C PHE C 351 -14.47 14.76 7.77
N SER C 352 -15.02 13.55 7.87
CA SER C 352 -15.04 12.77 9.12
C SER C 352 -15.79 13.48 10.25
N ILE C 353 -16.92 14.08 9.93
CA ILE C 353 -17.83 14.67 10.91
C ILE C 353 -18.97 13.70 11.15
N PRO C 354 -19.30 13.36 12.41
CA PRO C 354 -20.41 12.45 12.66
C PRO C 354 -21.77 13.12 12.49
N ILE C 355 -22.77 12.30 12.19
CA ILE C 355 -24.11 12.76 11.81
C ILE C 355 -25.17 12.20 12.76
N VAL C 356 -26.07 13.07 13.21
CA VAL C 356 -27.24 12.74 14.01
C VAL C 356 -28.50 13.14 13.24
N THR C 357 -29.43 12.20 13.12
CA THR C 357 -30.66 12.38 12.36
C THR C 357 -31.90 12.24 13.25
N PHE C 358 -32.84 13.18 13.12
CA PHE C 358 -34.15 13.13 13.75
C PHE C 358 -35.25 12.92 12.70
N VAL C 359 -36.06 11.88 12.91
CA VAL C 359 -37.00 11.38 11.90
C VAL C 359 -38.43 11.60 12.38
N ASP C 360 -39.21 12.31 11.55
CA ASP C 360 -40.67 12.35 11.60
C ASP C 360 -41.17 12.56 10.17
N VAL C 361 -41.44 11.46 9.48
CA VAL C 361 -41.71 11.52 8.04
C VAL C 361 -42.92 10.66 7.66
N PRO C 362 -43.95 11.25 7.06
CA PRO C 362 -45.11 10.47 6.61
C PRO C 362 -44.92 9.79 5.26
N GLY C 363 -44.06 10.30 4.40
CA GLY C 363 -43.88 9.75 3.06
C GLY C 363 -43.22 10.77 2.14
N PHE C 364 -43.49 10.62 0.84
CA PHE C 364 -43.04 11.53 -0.20
C PHE C 364 -44.19 12.39 -0.70
N LEU C 365 -43.85 13.45 -1.42
CA LEU C 365 -44.84 14.39 -1.93
C LEU C 365 -45.43 13.87 -3.24
N PRO C 366 -46.75 13.73 -3.36
CA PRO C 366 -47.34 13.25 -4.60
C PRO C 366 -47.61 14.38 -5.60
N GLY C 367 -47.71 13.98 -6.86
CA GLY C 367 -48.13 14.88 -7.93
C GLY C 367 -47.28 14.73 -9.18
N THR C 368 -47.87 15.14 -10.31
CA THR C 368 -47.15 15.07 -11.58
C THR C 368 -45.96 16.01 -11.61
N ALA C 369 -46.01 17.12 -10.88
CA ALA C 369 -44.86 18.03 -10.86
C ALA C 369 -43.62 17.32 -10.34
N GLN C 370 -43.77 16.60 -9.23
CA GLN C 370 -42.64 15.88 -8.64
C GLN C 370 -42.13 14.79 -9.58
N GLU C 371 -43.03 13.97 -10.12
CA GLU C 371 -42.61 12.86 -10.96
C GLU C 371 -41.95 13.36 -12.24
N TYR C 372 -42.56 14.35 -12.90
CA TYR C 372 -41.98 14.93 -14.11
C TYR C 372 -40.65 15.62 -13.82
N GLY C 373 -40.47 16.10 -12.59
CA GLY C 373 -39.22 16.75 -12.24
C GLY C 373 -38.06 15.82 -11.91
N GLY C 374 -38.33 14.54 -11.69
CA GLY C 374 -37.28 13.56 -11.46
C GLY C 374 -37.12 13.08 -10.04
N LEU C 375 -38.21 12.97 -9.27
CA LEU C 375 -38.11 12.59 -7.86
C LEU C 375 -37.46 11.23 -7.66
N ILE C 376 -37.63 10.28 -8.59
CA ILE C 376 -36.99 8.97 -8.45
C ILE C 376 -35.50 9.15 -8.14
N LYS C 377 -34.80 9.86 -9.02
CA LYS C 377 -33.35 10.03 -8.86
C LYS C 377 -32.99 10.99 -7.73
N HIS C 378 -33.70 12.12 -7.62
CA HIS C 378 -33.40 13.09 -6.55
C HIS C 378 -33.54 12.44 -5.18
N GLY C 379 -34.62 11.69 -4.97
CA GLY C 379 -34.76 10.94 -3.74
C GLY C 379 -33.66 9.91 -3.56
N ALA C 380 -33.28 9.23 -4.64
CA ALA C 380 -32.20 8.25 -4.53
C ALA C 380 -30.90 8.89 -4.06
N LYS C 381 -30.70 10.17 -4.32
CA LYS C 381 -29.45 10.82 -3.92
C LYS C 381 -29.19 10.69 -2.43
N LEU C 382 -30.20 10.97 -1.60
CA LEU C 382 -30.03 10.91 -0.14
C LEU C 382 -29.79 9.48 0.33
N LEU C 383 -30.53 8.53 -0.22
CA LEU C 383 -30.30 7.12 0.09
C LEU C 383 -28.86 6.73 -0.21
N PHE C 384 -28.38 7.12 -1.39
CA PHE C 384 -26.99 6.88 -1.77
C PHE C 384 -26.05 7.48 -0.74
N ALA C 385 -26.27 8.74 -0.37
CA ALA C 385 -25.34 9.42 0.54
C ALA C 385 -25.24 8.69 1.86
N TYR C 386 -26.38 8.33 2.47
CA TYR C 386 -26.35 7.63 3.75
C TYR C 386 -25.71 6.25 3.61
N SER C 387 -26.10 5.49 2.58
CA SER C 387 -25.60 4.13 2.45
C SER C 387 -24.08 4.09 2.29
N GLN C 388 -23.50 5.12 1.70
CA GLN C 388 -22.07 5.22 1.44
C GLN C 388 -21.27 5.71 2.64
N ALA C 389 -21.92 6.23 3.67
CA ALA C 389 -21.22 6.87 4.77
C ALA C 389 -20.50 5.86 5.66
N THR C 390 -19.28 6.22 6.07
CA THR C 390 -18.50 5.43 7.00
C THR C 390 -18.24 6.12 8.34
N VAL C 391 -18.67 7.37 8.50
CA VAL C 391 -18.63 8.07 9.79
C VAL C 391 -19.70 7.50 10.71
N PRO C 392 -19.69 7.82 12.01
CA PRO C 392 -20.78 7.39 12.89
C PRO C 392 -22.10 8.04 12.52
N LEU C 393 -23.17 7.25 12.60
CA LEU C 393 -24.54 7.70 12.32
C LEU C 393 -25.44 7.30 13.47
N VAL C 394 -26.06 8.28 14.14
CA VAL C 394 -27.03 8.04 15.20
C VAL C 394 -28.38 8.62 14.79
N THR C 395 -29.43 7.79 14.82
CA THR C 395 -30.77 8.15 14.39
C THR C 395 -31.78 7.99 15.52
N ILE C 396 -32.74 8.93 15.59
CA ILE C 396 -33.78 8.94 16.61
C ILE C 396 -35.12 9.22 15.93
N ILE C 397 -36.06 8.28 16.06
CA ILE C 397 -37.39 8.42 15.48
C ILE C 397 -38.31 9.02 16.54
N THR C 398 -38.86 10.20 16.24
CA THR C 398 -39.75 10.86 17.18
C THR C 398 -41.20 10.40 17.04
N ARG C 399 -41.83 10.63 15.88
CA ARG C 399 -43.24 10.29 15.73
C ARG C 399 -43.54 9.34 14.56
N LYS C 400 -43.33 9.75 13.32
CA LYS C 400 -43.75 8.97 12.15
C LYS C 400 -42.55 8.46 11.37
N ALA C 401 -42.70 7.24 10.83
CA ALA C 401 -41.74 6.69 9.87
C ALA C 401 -42.46 5.62 9.05
N PHE C 402 -42.90 5.99 7.85
CA PHE C 402 -43.68 5.12 6.98
C PHE C 402 -42.92 4.83 5.68
N GLY C 403 -42.96 3.57 5.25
CA GLY C 403 -42.56 3.15 3.94
C GLY C 403 -41.11 3.44 3.60
N GLY C 404 -40.89 3.73 2.31
CA GLY C 404 -39.54 3.97 1.82
C GLY C 404 -38.84 5.12 2.50
N ALA C 405 -39.60 6.15 2.90
CA ALA C 405 -39.02 7.26 3.65
C ALA C 405 -38.33 6.77 4.92
N TYR C 406 -38.93 5.80 5.61
CA TYR C 406 -38.30 5.23 6.80
C TYR C 406 -36.93 4.64 6.46
N ILE C 407 -36.85 3.92 5.33
CA ILE C 407 -35.58 3.33 4.92
C ILE C 407 -34.56 4.41 4.61
N VAL C 408 -34.99 5.50 3.97
CA VAL C 408 -34.06 6.53 3.50
C VAL C 408 -33.45 7.31 4.66
N MET C 409 -34.20 7.49 5.76
CA MET C 409 -33.75 8.35 6.88
C MET C 409 -32.89 7.56 7.86
N ALA C 410 -31.69 7.20 7.40
CA ALA C 410 -30.65 6.60 8.23
C ALA C 410 -31.18 5.46 9.10
N SER C 411 -31.80 4.49 8.44
CA SER C 411 -32.24 3.24 9.06
C SER C 411 -31.05 2.30 9.24
N LYS C 412 -31.25 1.31 10.12
CA LYS C 412 -30.22 0.28 10.32
C LYS C 412 -29.95 -0.52 9.06
N HIS C 413 -30.94 -0.63 8.17
CA HIS C 413 -30.80 -1.42 6.97
C HIS C 413 -29.79 -0.82 5.99
N VAL C 414 -29.62 0.49 5.98
CA VAL C 414 -28.66 1.15 5.10
C VAL C 414 -27.36 1.50 5.82
N GLY C 415 -27.16 1.01 7.05
CA GLY C 415 -25.86 1.10 7.69
C GLY C 415 -25.72 1.89 8.98
N ALA C 416 -26.82 2.38 9.53
CA ALA C 416 -26.76 3.15 10.77
C ALA C 416 -26.15 2.31 11.90
N ASP C 417 -25.44 2.98 12.81
CA ASP C 417 -24.78 2.30 13.92
C ASP C 417 -25.72 2.08 15.10
N LEU C 418 -26.45 3.11 15.49
CA LEU C 418 -27.42 3.04 16.59
C LEU C 418 -28.73 3.67 16.16
N ASN C 419 -29.85 3.05 16.57
CA ASN C 419 -31.18 3.48 16.16
C ASN C 419 -32.10 3.44 17.38
N TYR C 420 -32.50 4.61 17.88
CA TYR C 420 -33.41 4.74 19.01
C TYR C 420 -34.80 5.13 18.53
N ALA C 421 -35.77 5.04 19.44
CA ALA C 421 -37.16 5.42 19.18
C ALA C 421 -37.81 5.91 20.47
N TRP C 422 -38.53 7.04 20.39
CA TRP C 422 -39.36 7.52 21.48
C TRP C 422 -40.60 6.63 21.60
N PRO C 423 -41.34 6.73 22.72
CA PRO C 423 -42.54 5.90 22.86
C PRO C 423 -43.64 6.23 21.86
N THR C 424 -43.66 7.44 21.31
CA THR C 424 -44.67 7.86 20.35
C THR C 424 -44.37 7.44 18.92
N ALA C 425 -43.26 6.75 18.68
CA ALA C 425 -42.88 6.36 17.32
C ALA C 425 -43.91 5.42 16.72
N GLN C 426 -44.15 5.58 15.41
CA GLN C 426 -45.03 4.71 14.63
C GLN C 426 -44.28 4.26 13.39
N ILE C 427 -43.80 3.02 13.39
CA ILE C 427 -42.98 2.46 12.33
C ILE C 427 -43.81 1.40 11.62
N ALA C 428 -44.26 1.71 10.39
CA ALA C 428 -45.14 0.81 9.65
C ALA C 428 -44.97 1.03 8.16
N VAL C 429 -45.64 0.16 7.38
CA VAL C 429 -45.59 0.26 5.93
C VAL C 429 -46.37 1.47 5.43
N MET C 430 -47.52 1.72 6.06
CA MET C 430 -48.33 2.92 5.72
C MET C 430 -49.38 3.09 6.81
N GLY C 431 -50.26 4.06 6.60
CA GLY C 431 -51.32 4.31 7.55
C GLY C 431 -52.34 3.20 7.58
N ALA C 432 -53.01 3.08 8.72
CA ALA C 432 -53.94 1.98 8.95
C ALA C 432 -55.05 1.95 7.90
N LYS C 433 -55.62 3.12 7.60
CA LYS C 433 -56.75 3.17 6.67
C LYS C 433 -56.41 2.54 5.33
N GLY C 434 -55.32 2.98 4.70
CA GLY C 434 -54.98 2.44 3.39
C GLY C 434 -54.55 0.98 3.44
N ALA C 435 -53.76 0.63 4.46
CA ALA C 435 -53.40 -0.78 4.64
C ALA C 435 -54.63 -1.67 4.69
N VAL C 436 -55.66 -1.24 5.43
CA VAL C 436 -56.87 -2.03 5.54
C VAL C 436 -57.60 -2.07 4.19
N GLU C 437 -57.77 -0.90 3.57
CA GLU C 437 -58.44 -0.84 2.27
C GLU C 437 -57.77 -1.74 1.24
N ILE C 438 -56.48 -2.03 1.40
CA ILE C 438 -55.79 -2.91 0.47
C ILE C 438 -55.92 -4.38 0.88
N ILE C 439 -55.65 -4.68 2.15
CA ILE C 439 -55.66 -6.08 2.58
C ILE C 439 -57.08 -6.65 2.52
N PHE C 440 -58.09 -5.82 2.72
CA PHE C 440 -59.48 -6.24 2.77
C PHE C 440 -60.26 -5.62 1.60
N ARG C 441 -59.65 -5.65 0.41
CA ARG C 441 -60.22 -4.99 -0.75
C ARG C 441 -61.63 -5.48 -1.05
N ALA C 442 -61.84 -6.79 -1.03
CA ALA C 442 -63.16 -7.35 -1.30
C ALA C 442 -63.99 -7.48 -0.02
N GLU C 443 -63.99 -6.44 0.80
CA GLU C 443 -64.89 -6.37 1.95
C GLU C 443 -65.37 -4.96 2.25
N ILE C 444 -65.01 -3.96 1.46
CA ILE C 444 -65.22 -2.56 1.80
C ILE C 444 -66.69 -2.18 1.70
N GLY C 445 -67.54 -3.13 1.30
CA GLY C 445 -68.96 -2.86 1.23
C GLY C 445 -69.59 -2.46 2.54
N ASP C 446 -68.95 -2.79 3.66
CA ASP C 446 -69.48 -2.50 4.99
C ASP C 446 -68.84 -1.22 5.54
N ALA C 447 -69.25 -0.84 6.74
CA ALA C 447 -68.73 0.36 7.38
C ALA C 447 -68.26 0.08 8.80
N ASP C 448 -68.87 -0.89 9.46
CA ASP C 448 -68.51 -1.22 10.83
C ASP C 448 -67.31 -2.18 10.88
N LYS C 449 -67.34 -3.20 10.03
CA LYS C 449 -66.17 -4.08 9.89
C LYS C 449 -64.94 -3.26 9.53
N VAL C 450 -65.11 -2.26 8.68
CA VAL C 450 -63.99 -1.39 8.31
C VAL C 450 -63.38 -0.75 9.55
N ALA C 451 -64.22 -0.16 10.39
CA ALA C 451 -63.72 0.53 11.58
C ALA C 451 -63.06 -0.44 12.55
N GLU C 452 -63.66 -1.62 12.73
CA GLU C 452 -63.06 -2.62 13.60
C GLU C 452 -61.67 -3.04 13.11
N ARG C 453 -61.57 -3.36 11.83
CA ARG C 453 -60.29 -3.79 11.27
C ARG C 453 -59.26 -2.67 11.36
N THR C 454 -59.68 -1.43 11.10
CA THR C 454 -58.75 -0.31 11.20
C THR C 454 -58.25 -0.13 12.63
N LYS C 455 -59.16 -0.23 13.61
CA LYS C 455 -58.75 -0.08 15.01
C LYS C 455 -57.76 -1.17 15.40
N GLU C 456 -58.03 -2.41 15.03
CA GLU C 456 -57.11 -3.48 15.43
C GLU C 456 -55.77 -3.37 14.71
N TYR C 457 -55.77 -2.91 13.46
CA TYR C 457 -54.51 -2.66 12.77
C TYR C 457 -53.72 -1.55 13.47
N GLU C 458 -54.40 -0.47 13.86
CA GLU C 458 -53.76 0.58 14.64
C GLU C 458 -53.13 0.01 15.90
N ASP C 459 -53.89 -0.80 16.63
CA ASP C 459 -53.41 -1.32 17.91
C ASP C 459 -52.18 -2.20 17.72
N ARG C 460 -52.17 -3.03 16.68
CA ARG C 460 -51.06 -3.95 16.50
C ARG C 460 -49.82 -3.26 15.93
N PHE C 461 -49.96 -2.55 14.80
CA PHE C 461 -48.81 -2.23 13.98
C PHE C 461 -48.33 -0.78 14.06
N LEU C 462 -49.18 0.17 14.48
CA LEU C 462 -48.75 1.58 14.54
C LEU C 462 -48.15 1.85 15.93
N SER C 463 -46.90 1.42 16.09
CA SER C 463 -46.16 1.48 17.36
C SER C 463 -44.69 1.22 17.09
N PRO C 464 -43.81 1.29 18.09
CA PRO C 464 -42.41 0.92 17.86
C PRO C 464 -42.05 -0.53 18.18
N PHE C 465 -43.01 -1.37 18.57
CA PHE C 465 -42.69 -2.66 19.17
C PHE C 465 -42.49 -3.79 18.17
N VAL C 466 -43.08 -3.74 16.98
CA VAL C 466 -42.78 -4.75 15.97
C VAL C 466 -41.33 -4.60 15.50
N ALA C 467 -40.93 -3.38 15.18
CA ALA C 467 -39.55 -3.11 14.80
C ALA C 467 -38.58 -3.50 15.91
N ALA C 468 -38.96 -3.26 17.17
CA ALA C 468 -38.11 -3.66 18.29
C ALA C 468 -38.02 -5.17 18.40
N GLU C 469 -39.15 -5.87 18.23
CA GLU C 469 -39.15 -7.32 18.27
C GLU C 469 -38.29 -7.93 17.17
N ARG C 470 -38.15 -7.23 16.05
CA ARG C 470 -37.29 -7.71 14.97
C ARG C 470 -35.84 -7.21 15.09
N GLY C 471 -35.55 -6.33 16.03
CA GLY C 471 -34.20 -5.82 16.21
C GLY C 471 -33.80 -4.69 15.30
N TYR C 472 -34.76 -4.09 14.58
CA TYR C 472 -34.47 -2.93 13.75
C TYR C 472 -34.25 -1.68 14.59
N ILE C 473 -34.70 -1.69 15.84
CA ILE C 473 -34.54 -0.61 16.80
C ILE C 473 -33.76 -1.16 17.99
N ASP C 474 -32.71 -0.44 18.40
CA ASP C 474 -31.86 -0.92 19.49
C ASP C 474 -32.48 -0.68 20.88
N GLU C 475 -33.22 0.42 21.07
CA GLU C 475 -33.86 0.67 22.35
C GLU C 475 -34.95 1.72 22.18
N VAL C 476 -36.04 1.56 22.92
CA VAL C 476 -37.05 2.61 23.09
C VAL C 476 -36.68 3.41 24.33
N ILE C 477 -36.46 4.71 24.15
CA ILE C 477 -35.98 5.57 25.22
C ILE C 477 -37.03 6.61 25.58
N MET C 478 -36.90 7.16 26.79
CA MET C 478 -37.72 8.28 27.22
C MET C 478 -37.16 9.57 26.62
N PRO C 479 -38.02 10.54 26.29
CA PRO C 479 -37.51 11.75 25.62
C PRO C 479 -36.46 12.50 26.43
N HIS C 480 -36.67 12.67 27.74
CA HIS C 480 -35.77 13.45 28.57
C HIS C 480 -34.33 12.95 28.55
N SER C 481 -34.09 11.72 28.10
CA SER C 481 -32.76 11.13 28.09
C SER C 481 -32.00 11.37 26.78
N THR C 482 -32.62 12.00 25.79
CA THR C 482 -32.07 12.04 24.44
C THR C 482 -30.60 12.48 24.45
N ARG C 483 -30.34 13.70 24.92
CA ARG C 483 -28.97 14.21 24.93
C ARG C 483 -28.04 13.20 25.58
N LYS C 484 -28.39 12.75 26.79
CA LYS C 484 -27.50 11.87 27.53
C LYS C 484 -27.13 10.64 26.71
N ARG C 485 -28.10 10.07 26.00
CA ARG C 485 -27.78 8.88 25.22
C ARG C 485 -26.88 9.24 24.04
N ILE C 486 -27.22 10.31 23.31
CA ILE C 486 -26.42 10.70 22.14
C ILE C 486 -24.96 10.87 22.56
N ALA C 487 -24.72 11.74 23.54
CA ALA C 487 -23.36 12.03 23.98
C ALA C 487 -22.60 10.76 24.31
N ARG C 488 -23.28 9.78 24.91
CA ARG C 488 -22.59 8.53 25.25
C ARG C 488 -22.25 7.75 23.99
N ALA C 489 -23.25 7.53 23.13
CA ALA C 489 -23.03 6.79 21.90
C ALA C 489 -21.88 7.37 21.11
N LEU C 490 -21.93 8.68 20.84
CA LEU C 490 -20.90 9.31 20.04
C LEU C 490 -19.51 9.02 20.60
N GLY C 491 -19.38 9.13 21.93
CA GLY C 491 -18.10 8.82 22.54
C GLY C 491 -17.64 7.45 22.11
N MET C 492 -18.47 6.45 22.40
CA MET C 492 -18.13 5.07 22.08
C MET C 492 -17.75 4.92 20.61
N LEU C 493 -18.43 5.65 19.72
CA LEU C 493 -18.27 5.40 18.30
C LEU C 493 -17.07 6.12 17.70
N ARG C 494 -16.29 6.87 18.50
CA ARG C 494 -15.17 7.61 17.94
C ARG C 494 -14.14 6.70 17.26
N THR C 495 -14.06 5.43 17.66
CA THR C 495 -13.06 4.50 17.12
C THR C 495 -13.57 3.68 15.92
N LYS C 496 -14.73 4.02 15.36
CA LYS C 496 -15.25 3.30 14.19
C LYS C 496 -14.27 3.38 13.02
N GLU C 497 -13.98 2.24 12.41
CA GLU C 497 -13.18 2.17 11.20
C GLU C 497 -13.83 1.21 10.21
N MET C 498 -14.21 1.74 9.05
CA MET C 498 -14.86 1.00 7.98
C MET C 498 -14.47 1.66 6.67
N GLU C 499 -14.44 0.86 5.60
CA GLU C 499 -14.08 1.36 4.28
C GLU C 499 -14.92 0.69 3.20
N GLN C 500 -15.26 1.46 2.18
CA GLN C 500 -16.01 0.98 1.03
C GLN C 500 -15.08 0.22 0.07
N PRO C 501 -15.64 -0.51 -0.89
CA PRO C 501 -14.81 -1.22 -1.86
C PRO C 501 -13.92 -0.28 -2.67
N ARG C 502 -12.89 -0.85 -3.29
CA ARG C 502 -11.93 -0.07 -4.04
C ARG C 502 -12.50 0.30 -5.41
N LYS C 503 -12.38 1.58 -5.76
CA LYS C 503 -12.95 2.12 -7.00
C LYS C 503 -12.33 3.49 -7.25
N LYS C 504 -12.27 3.90 -8.52
CA LYS C 504 -11.87 5.25 -8.85
C LYS C 504 -12.83 6.26 -8.24
N HIS C 505 -14.12 6.06 -8.44
CA HIS C 505 -15.16 6.76 -7.72
C HIS C 505 -16.49 6.07 -8.01
N ASP C 506 -17.51 6.45 -7.26
CA ASP C 506 -18.85 5.92 -7.41
C ASP C 506 -19.50 6.53 -8.66
N ASN C 507 -20.74 6.13 -8.94
CA ASN C 507 -21.52 6.69 -10.03
C ASN C 507 -22.88 7.17 -9.51
N ILE C 508 -22.84 7.93 -8.42
CA ILE C 508 -24.03 8.52 -7.81
C ILE C 508 -24.84 9.24 -8.88
N PRO C 509 -26.18 9.16 -8.85
CA PRO C 509 -26.97 9.86 -9.88
C PRO C 509 -26.89 11.37 -9.74
N LEU C 510 -27.04 12.05 -10.86
CA LEU C 510 -27.07 13.50 -10.88
C LEU C 510 -28.43 13.98 -11.40
N LEU D 5 -35.07 -39.57 -9.63
CA LEU D 5 -36.37 -39.89 -9.04
C LEU D 5 -37.44 -38.99 -9.65
N GLU D 6 -38.59 -39.58 -9.97
CA GLU D 6 -39.64 -38.85 -10.65
C GLU D 6 -40.18 -37.71 -9.79
N LYS D 7 -40.22 -37.90 -8.48
CA LYS D 7 -40.83 -36.93 -7.59
C LYS D 7 -40.13 -35.58 -7.67
N LEU D 8 -38.80 -35.58 -7.85
CA LEU D 8 -38.07 -34.32 -7.91
C LEU D 8 -38.33 -33.59 -9.23
N GLU D 9 -38.42 -34.34 -10.34
CA GLU D 9 -38.79 -33.71 -11.60
C GLU D 9 -40.20 -33.14 -11.53
N GLU D 10 -41.09 -33.82 -10.79
CA GLU D 10 -42.44 -33.31 -10.61
C GLU D 10 -42.43 -32.01 -9.80
N ARG D 11 -41.66 -31.95 -8.72
CA ARG D 11 -41.61 -30.74 -7.91
C ARG D 11 -40.98 -29.58 -8.69
N ARG D 12 -39.99 -29.87 -9.54
CA ARG D 12 -39.45 -28.84 -10.42
C ARG D 12 -40.51 -28.32 -11.38
N ALA D 13 -41.20 -29.24 -12.07
CA ALA D 13 -42.25 -28.83 -12.99
C ALA D 13 -43.35 -28.05 -12.28
N GLN D 14 -43.56 -28.31 -11.00
CA GLN D 14 -44.59 -27.58 -10.27
C GLN D 14 -44.11 -26.21 -9.80
N ALA D 15 -42.81 -26.07 -9.53
CA ALA D 15 -42.27 -24.76 -9.17
C ALA D 15 -42.17 -23.85 -10.37
N ARG D 16 -42.09 -24.40 -11.57
CA ARG D 16 -41.98 -23.55 -12.76
C ARG D 16 -43.28 -22.83 -13.09
N LEU D 17 -44.42 -23.24 -12.55
CA LEU D 17 -45.70 -22.65 -12.93
C LEU D 17 -46.04 -21.36 -12.22
N GLY D 18 -45.30 -20.99 -11.19
CA GLY D 18 -45.59 -19.75 -10.49
C GLY D 18 -47.01 -19.71 -9.96
N GLY D 19 -47.71 -18.63 -10.27
CA GLY D 19 -49.04 -18.38 -9.76
C GLY D 19 -50.20 -19.04 -10.48
N GLY D 20 -49.94 -19.86 -11.50
CA GLY D 20 -50.99 -20.63 -12.13
C GLY D 20 -51.14 -20.44 -13.62
N GLU D 21 -51.74 -21.44 -14.28
CA GLU D 21 -51.96 -21.40 -15.73
C GLU D 21 -52.71 -20.13 -16.14
N LYS D 22 -53.75 -19.78 -15.40
CA LYS D 22 -54.62 -18.69 -15.81
C LYS D 22 -53.90 -17.35 -15.80
N ARG D 23 -53.18 -17.06 -14.71
CA ARG D 23 -52.44 -15.81 -14.62
C ARG D 23 -51.36 -15.72 -15.70
N LEU D 24 -50.74 -16.84 -16.03
CA LEU D 24 -49.70 -16.84 -17.06
C LEU D 24 -50.30 -16.59 -18.45
N GLU D 25 -51.42 -17.25 -18.76
CA GLU D 25 -52.07 -16.97 -20.02
C GLU D 25 -52.54 -15.53 -20.11
N ALA D 26 -52.97 -14.95 -18.98
CA ALA D 26 -53.38 -13.55 -18.99
C ALA D 26 -52.19 -12.62 -19.20
N GLN D 27 -51.04 -12.97 -18.64
CA GLN D 27 -49.82 -12.23 -18.94
C GLN D 27 -49.51 -12.28 -20.44
N HIS D 28 -49.65 -13.46 -21.04
CA HIS D 28 -49.47 -13.57 -22.49
C HIS D 28 -50.48 -12.71 -23.25
N LYS D 29 -51.69 -12.58 -22.73
CA LYS D 29 -52.71 -11.77 -23.39
C LYS D 29 -52.41 -10.28 -23.31
N ARG D 30 -51.62 -9.85 -22.32
CA ARG D 30 -51.20 -8.45 -22.24
C ARG D 30 -50.08 -8.14 -23.21
N GLY D 31 -49.58 -9.13 -23.95
CA GLY D 31 -48.42 -8.94 -24.81
C GLY D 31 -47.11 -9.00 -24.08
N LYS D 32 -47.05 -9.69 -22.94
CA LYS D 32 -45.87 -9.76 -22.09
C LYS D 32 -45.35 -11.19 -22.02
N LEU D 33 -44.03 -11.33 -21.94
CA LEU D 33 -43.41 -12.61 -21.66
C LEU D 33 -43.40 -12.88 -20.15
N THR D 34 -43.20 -14.15 -19.80
CA THR D 34 -42.99 -14.53 -18.40
C THR D 34 -41.54 -14.31 -17.98
N ALA D 35 -41.30 -14.41 -16.68
CA ALA D 35 -39.95 -14.21 -16.14
C ALA D 35 -38.96 -15.20 -16.72
N ARG D 36 -39.35 -16.48 -16.77
CA ARG D 36 -38.43 -17.52 -17.23
C ARG D 36 -38.17 -17.42 -18.72
N GLU D 37 -39.19 -17.04 -19.50
CA GLU D 37 -38.97 -16.80 -20.92
C GLU D 37 -38.00 -15.64 -21.16
N ARG D 38 -38.10 -14.58 -20.35
CA ARG D 38 -37.15 -13.48 -20.43
C ARG D 38 -35.72 -13.96 -20.17
N ILE D 39 -35.52 -14.70 -19.07
CA ILE D 39 -34.20 -15.26 -18.79
C ILE D 39 -33.72 -16.11 -19.96
N GLU D 40 -34.62 -16.92 -20.53
CA GLU D 40 -34.22 -17.84 -21.59
C GLU D 40 -33.75 -17.08 -22.83
N LEU D 41 -34.37 -15.94 -23.11
CA LEU D 41 -33.97 -15.16 -24.28
C LEU D 41 -32.69 -14.37 -24.03
N LEU D 42 -32.44 -13.97 -22.79
CA LEU D 42 -31.25 -13.15 -22.52
C LEU D 42 -29.97 -13.96 -22.59
N LEU D 43 -29.96 -15.17 -22.01
CA LEU D 43 -28.74 -15.94 -21.82
C LEU D 43 -28.44 -16.86 -23.00
N ASP D 44 -27.15 -17.22 -23.13
CA ASP D 44 -26.73 -18.19 -24.12
C ASP D 44 -27.44 -19.53 -23.89
N HIS D 45 -27.67 -20.27 -24.96
CA HIS D 45 -28.43 -21.51 -24.88
C HIS D 45 -27.78 -22.50 -23.94
N GLY D 46 -28.57 -23.05 -23.03
CA GLY D 46 -28.12 -24.07 -22.09
C GLY D 46 -27.29 -23.58 -20.94
N SER D 47 -27.13 -22.27 -20.76
CA SER D 47 -26.17 -21.73 -19.83
C SER D 47 -26.74 -21.41 -18.45
N PHE D 48 -28.05 -21.37 -18.29
CA PHE D 48 -28.66 -20.87 -17.06
C PHE D 48 -28.49 -21.87 -15.92
N GLU D 49 -27.99 -21.38 -14.78
CA GLU D 49 -28.00 -22.12 -13.52
C GLU D 49 -28.81 -21.32 -12.52
N GLU D 50 -29.88 -21.93 -12.01
CA GLU D 50 -30.82 -21.28 -11.10
C GLU D 50 -30.45 -21.52 -9.65
N PHE D 51 -30.60 -20.49 -8.83
CA PHE D 51 -30.51 -20.61 -7.39
C PHE D 51 -31.88 -20.62 -6.74
N ASP D 52 -31.99 -21.34 -5.62
CA ASP D 52 -33.06 -21.14 -4.64
C ASP D 52 -34.46 -21.30 -5.25
N MET D 53 -34.64 -22.39 -6.00
CA MET D 53 -35.93 -22.65 -6.65
C MET D 53 -37.05 -22.92 -5.64
N PHE D 54 -36.75 -23.53 -4.50
CA PHE D 54 -37.77 -24.01 -3.56
C PHE D 54 -38.01 -23.08 -2.39
N VAL D 55 -37.43 -21.87 -2.39
CA VAL D 55 -37.60 -20.97 -1.25
C VAL D 55 -39.07 -20.61 -1.06
N GLN D 56 -39.49 -20.48 0.20
CA GLN D 56 -40.86 -20.12 0.57
C GLN D 56 -40.84 -19.06 1.66
N HIS D 57 -41.93 -18.29 1.73
CA HIS D 57 -42.08 -17.26 2.74
C HIS D 57 -42.49 -17.87 4.08
N ARG D 58 -42.28 -17.08 5.15
CA ARG D 58 -42.50 -17.54 6.52
C ARG D 58 -43.46 -16.64 7.30
N SER D 59 -44.35 -15.93 6.62
CA SER D 59 -45.33 -15.07 7.27
C SER D 59 -46.58 -15.87 7.64
N THR D 60 -47.18 -15.50 8.78
CA THR D 60 -48.40 -16.16 9.26
C THR D 60 -49.59 -15.20 9.41
N ASP D 61 -49.44 -13.94 9.04
CA ASP D 61 -50.51 -12.96 9.19
C ASP D 61 -51.45 -12.97 7.99
N PHE D 62 -52.68 -12.52 8.24
CA PHE D 62 -53.70 -12.32 7.20
C PHE D 62 -53.84 -13.54 6.29
N GLY D 63 -53.74 -14.73 6.87
CA GLY D 63 -53.98 -15.96 6.15
C GLY D 63 -52.88 -16.38 5.21
N MET D 64 -51.76 -15.66 5.18
CA MET D 64 -50.71 -15.94 4.20
C MET D 64 -50.15 -17.35 4.35
N GLU D 65 -50.31 -17.98 5.51
CA GLU D 65 -49.84 -19.34 5.70
C GLU D 65 -50.55 -20.34 4.80
N LYS D 66 -51.62 -19.93 4.10
CA LYS D 66 -52.35 -20.82 3.23
C LYS D 66 -51.99 -20.69 1.75
N GLN D 67 -51.17 -19.69 1.38
CA GLN D 67 -50.73 -19.51 -0.01
C GLN D 67 -49.20 -19.45 0.01
N LYS D 68 -48.55 -20.61 0.00
CA LYS D 68 -47.11 -20.72 -0.04
C LYS D 68 -46.70 -21.23 -1.42
N ILE D 69 -46.02 -20.39 -2.19
CA ILE D 69 -45.68 -20.65 -3.57
C ILE D 69 -44.15 -20.76 -3.66
N PRO D 70 -43.60 -21.84 -4.18
CA PRO D 70 -42.13 -21.98 -4.21
C PRO D 70 -41.49 -20.93 -5.12
N GLY D 71 -40.42 -20.31 -4.62
CA GLY D 71 -39.71 -19.26 -5.31
C GLY D 71 -40.02 -17.87 -4.82
N ASP D 72 -41.19 -17.67 -4.21
CA ASP D 72 -41.58 -16.42 -3.56
C ASP D 72 -41.53 -15.22 -4.51
N GLY D 73 -41.76 -15.45 -5.80
CA GLY D 73 -42.00 -14.39 -6.74
C GLY D 73 -40.81 -13.81 -7.47
N VAL D 74 -39.64 -14.45 -7.42
CA VAL D 74 -38.49 -13.98 -8.19
C VAL D 74 -37.64 -15.19 -8.59
N VAL D 75 -37.10 -15.13 -9.81
CA VAL D 75 -36.18 -16.14 -10.35
C VAL D 75 -34.79 -15.53 -10.36
N THR D 76 -33.80 -16.25 -9.82
CA THR D 76 -32.44 -15.77 -9.65
C THR D 76 -31.44 -16.80 -10.14
N GLY D 77 -30.33 -16.32 -10.71
CA GLY D 77 -29.24 -17.23 -11.06
C GLY D 77 -28.13 -16.57 -11.85
N TRP D 78 -27.42 -17.41 -12.61
CA TRP D 78 -26.27 -16.95 -13.38
C TRP D 78 -26.15 -17.72 -14.69
N GLY D 79 -25.38 -17.13 -15.61
CA GLY D 79 -25.19 -17.70 -16.93
C GLY D 79 -24.11 -16.97 -17.69
N THR D 80 -24.13 -17.13 -19.01
CA THR D 80 -23.19 -16.46 -19.90
C THR D 80 -23.93 -15.74 -21.03
N VAL D 81 -23.36 -14.60 -21.42
CA VAL D 81 -23.78 -13.84 -22.61
C VAL D 81 -22.57 -13.71 -23.50
N ASN D 82 -22.66 -14.27 -24.71
CA ASN D 82 -21.54 -14.37 -25.64
C ASN D 82 -20.28 -14.88 -24.92
N GLY D 83 -20.47 -15.87 -24.07
CA GLY D 83 -19.39 -16.55 -23.40
C GLY D 83 -18.89 -15.89 -22.14
N ARG D 84 -19.35 -14.68 -21.83
CA ARG D 84 -18.90 -13.94 -20.66
C ARG D 84 -19.92 -14.04 -19.54
N THR D 85 -19.41 -14.25 -18.32
CA THR D 85 -20.25 -14.53 -17.14
C THR D 85 -21.11 -13.34 -16.74
N VAL D 86 -22.39 -13.62 -16.44
CA VAL D 86 -23.31 -12.62 -15.88
C VAL D 86 -24.23 -13.26 -14.83
N PHE D 87 -24.64 -12.46 -13.86
CA PHE D 87 -25.65 -12.79 -12.87
C PHE D 87 -26.94 -12.02 -13.12
N LEU D 88 -28.09 -12.60 -12.76
CA LEU D 88 -29.35 -11.94 -13.07
C LEU D 88 -30.48 -12.38 -12.13
N PHE D 89 -31.51 -11.54 -12.08
CA PHE D 89 -32.78 -11.82 -11.42
C PHE D 89 -33.95 -11.24 -12.21
N SER D 90 -35.11 -11.90 -12.07
CA SER D 90 -36.30 -11.59 -12.85
C SER D 90 -37.54 -11.76 -11.95
N LYS D 91 -38.29 -10.68 -11.75
CA LYS D 91 -39.48 -10.70 -10.91
C LYS D 91 -40.66 -11.30 -11.66
N ASP D 92 -41.53 -12.00 -10.91
CA ASP D 92 -42.64 -12.77 -11.45
C ASP D 92 -43.95 -12.12 -11.03
N PHE D 93 -44.62 -11.46 -11.97
CA PHE D 93 -45.83 -10.68 -11.68
C PHE D 93 -47.01 -11.54 -11.22
N THR D 94 -47.00 -12.84 -11.53
CA THR D 94 -48.12 -13.70 -11.13
C THR D 94 -48.12 -14.00 -9.64
N VAL D 95 -46.96 -14.02 -9.01
CA VAL D 95 -46.83 -14.35 -7.59
C VAL D 95 -46.97 -13.07 -6.78
N PHE D 96 -48.12 -12.90 -6.11
CA PHE D 96 -48.40 -11.75 -5.27
C PHE D 96 -48.03 -10.44 -5.97
N GLY D 97 -48.30 -10.37 -7.27
CA GLY D 97 -48.04 -9.16 -8.01
C GLY D 97 -46.58 -8.80 -8.11
N GLY D 98 -45.67 -9.77 -7.98
CA GLY D 98 -44.25 -9.48 -7.97
C GLY D 98 -43.77 -8.74 -6.74
N SER D 99 -44.55 -8.74 -5.67
CA SER D 99 -44.23 -7.94 -4.51
C SER D 99 -43.03 -8.51 -3.75
N SER D 100 -42.29 -7.62 -3.12
CA SER D 100 -41.06 -7.98 -2.42
C SER D 100 -41.34 -8.38 -0.98
N SER D 101 -40.86 -9.54 -0.60
CA SER D 101 -40.95 -10.06 0.75
C SER D 101 -39.54 -10.25 1.33
N GLU D 102 -39.50 -10.73 2.57
CA GLU D 102 -38.23 -10.98 3.24
C GLU D 102 -37.37 -11.99 2.46
N ALA D 103 -37.93 -13.17 2.18
CA ALA D 103 -37.18 -14.22 1.51
C ALA D 103 -36.87 -13.85 0.06
N HIS D 104 -37.80 -13.17 -0.60
CA HIS D 104 -37.58 -12.61 -1.93
C HIS D 104 -36.34 -11.71 -1.93
N ALA D 105 -36.29 -10.78 -0.99
CA ALA D 105 -35.14 -9.89 -0.87
C ALA D 105 -33.85 -10.67 -0.59
N ALA D 106 -33.94 -11.73 0.20
CA ALA D 106 -32.74 -12.52 0.48
C ALA D 106 -32.24 -13.23 -0.78
N LYS D 107 -33.15 -13.67 -1.64
CA LYS D 107 -32.75 -14.25 -2.92
C LYS D 107 -32.00 -13.24 -3.76
N ILE D 108 -32.51 -11.99 -3.82
CA ILE D 108 -31.79 -10.97 -4.59
C ILE D 108 -30.43 -10.66 -3.97
N VAL D 109 -30.35 -10.64 -2.64
CA VAL D 109 -29.10 -10.32 -1.97
C VAL D 109 -28.03 -11.38 -2.26
N LYS D 110 -28.42 -12.66 -2.30
CA LYS D 110 -27.43 -13.70 -2.59
C LYS D 110 -26.71 -13.42 -3.92
N VAL D 111 -27.48 -13.13 -4.96
CA VAL D 111 -26.87 -12.94 -6.28
C VAL D 111 -26.15 -11.59 -6.36
N GLN D 112 -26.60 -10.56 -5.64
CA GLN D 112 -25.84 -9.32 -5.60
C GLN D 112 -24.46 -9.55 -5.00
N ASP D 113 -24.41 -10.20 -3.83
CA ASP D 113 -23.15 -10.52 -3.18
C ASP D 113 -22.25 -11.31 -4.11
N MET D 114 -22.80 -12.35 -4.75
CA MET D 114 -21.99 -13.18 -5.65
C MET D 114 -21.43 -12.36 -6.81
N ALA D 115 -22.23 -11.45 -7.37
CA ALA D 115 -21.75 -10.65 -8.48
C ALA D 115 -20.59 -9.76 -8.06
N LEU D 116 -20.68 -9.16 -6.87
CA LEU D 116 -19.55 -8.36 -6.39
C LEU D 116 -18.32 -9.23 -6.14
N LYS D 117 -18.51 -10.41 -5.52
CA LYS D 117 -17.38 -11.29 -5.24
C LYS D 117 -16.66 -11.71 -6.53
N MET D 118 -17.43 -12.09 -7.55
CA MET D 118 -16.85 -12.55 -8.81
C MET D 118 -16.38 -11.41 -9.70
N ARG D 119 -16.79 -10.19 -9.43
CA ARG D 119 -16.53 -9.04 -10.29
C ARG D 119 -17.06 -9.30 -11.70
N ALA D 120 -18.37 -9.48 -11.79
CA ALA D 120 -19.10 -9.69 -13.04
C ALA D 120 -20.37 -8.83 -13.06
N PRO D 121 -20.88 -8.51 -14.25
CA PRO D 121 -22.09 -7.66 -14.34
C PRO D 121 -23.32 -8.29 -13.72
N ILE D 122 -24.31 -7.44 -13.42
CA ILE D 122 -25.60 -7.90 -12.91
C ILE D 122 -26.75 -7.16 -13.61
N ILE D 123 -27.73 -7.93 -14.07
CA ILE D 123 -28.92 -7.45 -14.78
C ILE D 123 -30.14 -7.73 -13.92
N GLY D 124 -30.99 -6.71 -13.73
CA GLY D 124 -32.24 -6.85 -13.02
C GLY D 124 -33.46 -6.55 -13.88
N ILE D 125 -34.45 -7.44 -13.86
CA ILE D 125 -35.65 -7.33 -14.68
C ILE D 125 -36.85 -7.13 -13.75
N PHE D 126 -37.61 -6.07 -13.99
CA PHE D 126 -38.60 -5.58 -13.04
C PHE D 126 -40.00 -5.66 -13.61
N ASP D 127 -40.88 -6.39 -12.93
CA ASP D 127 -42.31 -6.45 -13.21
C ASP D 127 -43.00 -6.75 -11.87
N ALA D 128 -43.37 -5.69 -11.14
CA ALA D 128 -43.64 -5.84 -9.71
C ALA D 128 -44.55 -4.71 -9.22
N GLY D 129 -44.81 -4.73 -7.91
CA GLY D 129 -45.71 -3.79 -7.28
C GLY D 129 -45.25 -3.29 -5.92
N GLY D 130 -44.04 -3.63 -5.51
CA GLY D 130 -43.45 -3.04 -4.33
C GLY D 130 -43.53 -3.93 -3.10
N ALA D 131 -43.33 -3.29 -1.94
CA ALA D 131 -43.32 -3.99 -0.66
C ALA D 131 -44.64 -4.70 -0.41
N ARG D 132 -44.55 -6.00 -0.10
CA ARG D 132 -45.74 -6.82 0.15
C ARG D 132 -46.37 -6.41 1.48
N ILE D 133 -47.59 -5.89 1.42
CA ILE D 133 -48.17 -5.17 2.54
C ILE D 133 -48.37 -6.10 3.74
N GLN D 134 -48.84 -7.33 3.49
CA GLN D 134 -49.16 -8.26 4.58
C GLN D 134 -47.97 -8.54 5.47
N GLU D 135 -46.74 -8.41 4.98
CA GLU D 135 -45.56 -8.72 5.77
C GLU D 135 -45.07 -7.54 6.60
N GLY D 136 -45.62 -6.35 6.43
CA GLY D 136 -45.29 -5.24 7.29
C GLY D 136 -43.85 -4.80 7.19
N VAL D 137 -43.33 -4.27 8.30
CA VAL D 137 -42.03 -3.60 8.32
C VAL D 137 -40.92 -4.53 7.88
N ALA D 138 -41.03 -5.82 8.19
CA ALA D 138 -40.03 -6.78 7.73
C ALA D 138 -39.71 -6.57 6.26
N ALA D 139 -40.75 -6.44 5.43
CA ALA D 139 -40.55 -6.27 4.00
C ALA D 139 -39.67 -5.07 3.70
N LEU D 140 -39.94 -3.95 4.36
CA LEU D 140 -39.12 -2.76 4.19
C LEU D 140 -37.66 -3.08 4.46
N GLY D 141 -37.38 -3.74 5.59
CA GLY D 141 -36.02 -4.11 5.91
C GLY D 141 -35.35 -4.77 4.72
N GLY D 142 -36.08 -5.69 4.10
CA GLY D 142 -35.55 -6.36 2.92
C GLY D 142 -35.06 -5.40 1.87
N HIS D 143 -35.96 -4.67 1.22
CA HIS D 143 -35.57 -3.55 0.34
C HIS D 143 -34.25 -2.83 0.79
N GLY D 144 -34.11 -2.46 2.10
CA GLY D 144 -32.90 -1.77 2.52
C GLY D 144 -31.65 -2.54 2.18
N GLU D 145 -31.63 -3.84 2.49
CA GLU D 145 -30.44 -4.63 2.26
C GLU D 145 -30.08 -4.65 0.79
N VAL D 146 -31.07 -4.61 -0.10
CA VAL D 146 -30.79 -4.52 -1.52
C VAL D 146 -30.15 -3.18 -1.84
N PHE D 147 -30.75 -2.08 -1.39
CA PHE D 147 -30.23 -0.75 -1.71
C PHE D 147 -28.75 -0.65 -1.36
N ARG D 148 -28.39 -0.98 -0.13
CA ARG D 148 -27.01 -0.89 0.31
C ARG D 148 -26.07 -1.54 -0.70
N ARG D 149 -26.42 -2.74 -1.16
CA ARG D 149 -25.51 -3.46 -2.03
C ARG D 149 -25.38 -2.77 -3.38
N ASN D 150 -26.47 -2.23 -3.92
CA ASN D 150 -26.36 -1.38 -5.10
C ASN D 150 -25.24 -0.37 -4.91
N VAL D 151 -25.28 0.35 -3.77
CA VAL D 151 -24.33 1.44 -3.56
C VAL D 151 -22.92 0.90 -3.45
N ALA D 152 -22.75 -0.28 -2.83
CA ALA D 152 -21.41 -0.86 -2.73
C ALA D 152 -20.87 -1.21 -4.11
N ALA D 153 -21.75 -1.65 -5.02
CA ALA D 153 -21.32 -2.08 -6.34
C ALA D 153 -21.05 -0.94 -7.31
N SER D 154 -21.45 0.29 -6.99
CA SER D 154 -21.38 1.39 -7.94
C SER D 154 -19.92 1.72 -8.26
N GLY D 155 -19.59 1.71 -9.54
CA GLY D 155 -18.23 1.92 -10.02
C GLY D 155 -17.32 0.73 -9.86
N VAL D 156 -17.83 -0.43 -9.50
CA VAL D 156 -17.06 -1.67 -9.44
C VAL D 156 -17.51 -2.67 -10.49
N ILE D 157 -18.81 -2.94 -10.57
CA ILE D 157 -19.37 -3.77 -11.64
C ILE D 157 -20.51 -3.02 -12.32
N PRO D 158 -20.70 -3.18 -13.63
CA PRO D 158 -21.84 -2.54 -14.28
C PRO D 158 -23.16 -3.17 -13.86
N GLN D 159 -24.16 -2.31 -13.63
CA GLN D 159 -25.49 -2.71 -13.19
C GLN D 159 -26.52 -2.20 -14.21
N ILE D 160 -27.32 -3.10 -14.74
CA ILE D 160 -28.32 -2.74 -15.75
C ILE D 160 -29.71 -3.12 -15.25
N SER D 161 -30.69 -2.24 -15.50
CA SER D 161 -32.08 -2.42 -15.11
C SER D 161 -32.98 -2.40 -16.34
N VAL D 162 -33.93 -3.33 -16.40
CA VAL D 162 -34.90 -3.41 -17.49
C VAL D 162 -36.30 -3.41 -16.86
N ILE D 163 -37.11 -2.42 -17.21
CA ILE D 163 -38.46 -2.25 -16.68
C ILE D 163 -39.45 -2.77 -17.71
N MET D 164 -40.03 -3.93 -17.43
CA MET D 164 -40.91 -4.64 -18.38
C MET D 164 -42.33 -4.77 -17.85
N GLY D 165 -42.69 -3.98 -16.84
CA GLY D 165 -44.03 -3.92 -16.31
C GLY D 165 -44.18 -2.77 -15.33
N PRO D 166 -45.11 -2.90 -14.39
CA PRO D 166 -45.21 -1.90 -13.33
C PRO D 166 -44.00 -1.94 -12.40
N CYS D 167 -43.69 -0.77 -11.84
CA CYS D 167 -42.66 -0.63 -10.82
C CYS D 167 -43.02 0.60 -9.99
N ALA D 168 -43.58 0.38 -8.81
CA ALA D 168 -44.14 1.44 -7.99
C ALA D 168 -43.58 1.37 -6.58
N GLY D 169 -43.53 2.54 -5.93
CA GLY D 169 -43.09 2.61 -4.56
C GLY D 169 -41.61 2.29 -4.44
N GLY D 170 -41.26 1.61 -3.35
CA GLY D 170 -39.85 1.35 -3.06
C GLY D 170 -39.12 0.67 -4.19
N ASP D 171 -39.84 -0.04 -5.06
CA ASP D 171 -39.22 -0.78 -6.18
C ASP D 171 -38.45 0.19 -7.08
N VAL D 172 -38.75 1.49 -7.06
CA VAL D 172 -38.11 2.39 -8.01
C VAL D 172 -36.70 2.81 -7.60
N TYR D 173 -36.39 2.82 -6.31
CA TYR D 173 -35.11 3.37 -5.86
C TYR D 173 -33.93 2.44 -6.13
N SER D 174 -34.17 1.15 -6.39
CA SER D 174 -33.06 0.28 -6.79
C SER D 174 -32.60 0.58 -8.21
N PRO D 175 -33.47 0.51 -9.23
CA PRO D 175 -33.03 0.89 -10.58
C PRO D 175 -32.41 2.27 -10.67
N ALA D 176 -32.83 3.20 -9.82
CA ALA D 176 -32.34 4.57 -9.88
C ALA D 176 -30.85 4.67 -9.56
N MET D 177 -30.33 3.75 -8.75
CA MET D 177 -28.93 3.76 -8.36
C MET D 177 -28.06 2.90 -9.26
N THR D 178 -28.64 2.29 -10.29
CA THR D 178 -27.91 1.54 -11.29
C THR D 178 -27.42 2.48 -12.40
N ASP D 179 -26.63 1.94 -13.34
CA ASP D 179 -26.01 2.75 -14.38
C ASP D 179 -26.95 3.04 -15.55
N PHE D 180 -27.81 2.09 -15.92
CA PHE D 180 -28.73 2.27 -17.04
C PHE D 180 -30.11 1.69 -16.73
N ILE D 181 -31.16 2.44 -17.06
CA ILE D 181 -32.55 1.99 -17.00
C ILE D 181 -33.16 2.04 -18.39
N PHE D 182 -33.75 0.93 -18.83
CA PHE D 182 -34.48 0.82 -20.09
C PHE D 182 -35.92 0.35 -19.86
N MET D 183 -36.84 0.79 -20.72
CA MET D 183 -38.27 0.54 -20.57
C MET D 183 -38.88 0.03 -21.88
N VAL D 184 -40.00 -0.68 -21.75
CA VAL D 184 -40.78 -1.16 -22.89
C VAL D 184 -42.01 -0.29 -23.05
N ARG D 185 -42.26 0.14 -24.28
CA ARG D 185 -43.36 1.06 -24.55
C ARG D 185 -44.72 0.38 -24.35
N ASP D 186 -45.63 1.10 -23.70
CA ASP D 186 -47.06 0.86 -23.52
C ASP D 186 -47.39 -0.22 -22.48
N THR D 187 -46.42 -0.97 -21.95
CA THR D 187 -46.70 -1.96 -20.92
C THR D 187 -45.96 -1.72 -19.60
N SER D 188 -45.05 -0.77 -19.55
CA SER D 188 -44.29 -0.47 -18.35
C SER D 188 -44.54 0.96 -17.88
N TYR D 189 -44.28 1.21 -16.60
CA TYR D 189 -44.35 2.54 -16.01
C TYR D 189 -43.73 2.54 -14.62
N MET D 190 -43.25 3.72 -14.20
CA MET D 190 -42.59 3.91 -12.90
C MET D 190 -43.14 5.15 -12.21
N PHE D 191 -43.36 5.06 -10.90
CA PHE D 191 -43.65 6.23 -10.09
C PHE D 191 -43.51 5.90 -8.61
N VAL D 192 -43.20 6.94 -7.82
CA VAL D 192 -43.07 6.81 -6.37
C VAL D 192 -44.45 6.65 -5.72
N THR D 193 -45.38 7.56 -6.04
CA THR D 193 -46.73 7.54 -5.52
C THR D 193 -47.72 7.41 -6.68
N GLY D 194 -48.78 6.62 -6.46
CA GLY D 194 -49.67 6.22 -7.53
C GLY D 194 -50.85 7.15 -7.73
N PRO D 195 -51.67 6.85 -8.76
CA PRO D 195 -52.73 7.80 -9.15
C PRO D 195 -53.79 8.04 -8.10
N ASP D 196 -54.17 7.01 -7.32
CA ASP D 196 -55.21 7.19 -6.31
C ASP D 196 -54.83 8.24 -5.29
N VAL D 197 -53.63 8.14 -4.72
CA VAL D 197 -53.16 9.15 -3.77
C VAL D 197 -53.05 10.51 -4.45
N VAL D 198 -52.61 10.54 -5.71
CA VAL D 198 -52.53 11.79 -6.45
C VAL D 198 -53.90 12.45 -6.49
N LYS D 199 -54.96 11.66 -6.70
CA LYS D 199 -56.31 12.22 -6.73
C LYS D 199 -56.71 12.73 -5.35
N THR D 200 -56.53 11.89 -4.32
CA THR D 200 -56.91 12.30 -2.97
C THR D 200 -56.25 13.62 -2.58
N VAL D 201 -54.99 13.82 -2.96
CA VAL D 201 -54.17 14.88 -2.39
C VAL D 201 -54.13 16.12 -3.27
N THR D 202 -53.99 15.95 -4.59
CA THR D 202 -53.87 17.08 -5.50
C THR D 202 -55.11 17.31 -6.35
N ASN D 203 -56.11 16.43 -6.28
CA ASN D 203 -57.37 16.51 -7.00
C ASN D 203 -57.23 16.32 -8.50
N GLU D 204 -56.05 15.97 -9.01
CA GLU D 204 -55.86 15.80 -10.44
C GLU D 204 -56.03 14.34 -10.82
N VAL D 205 -56.65 14.12 -11.98
CA VAL D 205 -56.97 12.78 -12.49
C VAL D 205 -55.97 12.47 -13.60
N VAL D 206 -55.21 11.39 -13.44
CA VAL D 206 -54.22 10.98 -14.41
C VAL D 206 -54.14 9.47 -14.43
N THR D 207 -53.85 8.92 -15.61
CA THR D 207 -53.65 7.49 -15.78
C THR D 207 -52.19 7.13 -15.46
N ALA D 208 -51.96 5.83 -15.26
CA ALA D 208 -50.61 5.36 -14.97
C ALA D 208 -49.64 5.70 -16.10
N GLU D 209 -50.08 5.53 -17.34
CA GLU D 209 -49.27 5.89 -18.49
C GLU D 209 -48.92 7.38 -18.48
N GLU D 210 -49.90 8.23 -18.16
CA GLU D 210 -49.65 9.67 -18.15
C GLU D 210 -48.74 10.08 -17.00
N LEU D 211 -48.77 9.34 -15.90
CA LEU D 211 -47.95 9.68 -14.74
C LEU D 211 -46.52 9.18 -14.88
N GLY D 212 -46.33 7.97 -15.40
CA GLY D 212 -45.01 7.36 -15.42
C GLY D 212 -44.66 6.50 -16.63
N GLY D 213 -45.40 6.63 -17.72
CA GLY D 213 -45.13 5.85 -18.91
C GLY D 213 -43.79 6.14 -19.54
N ALA D 214 -43.43 5.40 -20.60
CA ALA D 214 -42.09 5.47 -21.16
C ALA D 214 -41.81 6.83 -21.80
N LYS D 215 -42.81 7.42 -22.48
CA LYS D 215 -42.61 8.75 -23.06
C LYS D 215 -42.17 9.75 -22.00
N VAL D 216 -42.85 9.75 -20.85
CA VAL D 216 -42.53 10.70 -19.78
C VAL D 216 -41.09 10.55 -19.33
N HIS D 217 -40.66 9.31 -19.10
CA HIS D 217 -39.35 9.07 -18.50
C HIS D 217 -38.20 9.07 -19.51
N THR D 218 -38.51 9.04 -20.81
CA THR D 218 -37.48 9.14 -21.83
C THR D 218 -37.37 10.53 -22.45
N SER D 219 -38.37 11.40 -22.27
CA SER D 219 -38.34 12.73 -22.87
C SER D 219 -38.46 13.89 -21.90
N LYS D 220 -38.97 13.68 -20.69
CA LYS D 220 -39.28 14.76 -19.77
C LYS D 220 -38.53 14.71 -18.45
N SER D 221 -38.35 13.53 -17.85
CA SER D 221 -37.98 13.43 -16.45
C SER D 221 -36.50 13.18 -16.20
N SER D 222 -35.74 12.72 -17.19
CA SER D 222 -34.32 12.37 -17.06
C SER D 222 -34.08 10.99 -16.49
N ILE D 223 -35.12 10.18 -16.26
CA ILE D 223 -34.95 8.90 -15.58
C ILE D 223 -34.39 7.83 -16.51
N ALA D 224 -34.98 7.65 -17.69
CA ALA D 224 -34.71 6.51 -18.54
C ALA D 224 -33.71 6.83 -19.65
N ASP D 225 -32.85 5.86 -19.96
CA ASP D 225 -31.84 5.95 -21.01
C ASP D 225 -32.32 5.44 -22.36
N GLY D 226 -33.50 4.81 -22.44
CA GLY D 226 -34.08 4.41 -23.69
C GLY D 226 -35.34 3.57 -23.57
N SER D 227 -36.10 3.46 -24.65
CA SER D 227 -37.34 2.67 -24.73
C SER D 227 -37.32 1.78 -25.97
N PHE D 228 -38.06 0.68 -25.90
CA PHE D 228 -38.14 -0.27 -27.00
C PHE D 228 -39.59 -0.67 -27.26
N GLU D 229 -39.82 -1.31 -28.40
CA GLU D 229 -41.17 -1.60 -28.87
C GLU D 229 -41.81 -2.73 -28.08
N ASN D 230 -41.08 -3.82 -27.83
CA ASN D 230 -41.60 -4.98 -27.12
C ASN D 230 -40.46 -5.68 -26.39
N ASP D 231 -40.82 -6.74 -25.64
CA ASP D 231 -39.88 -7.42 -24.77
C ASP D 231 -38.71 -8.02 -25.56
N VAL D 232 -39.00 -8.66 -26.69
CA VAL D 232 -37.97 -9.36 -27.47
C VAL D 232 -36.92 -8.38 -27.97
N GLU D 233 -37.37 -7.28 -28.57
CA GLU D 233 -36.47 -6.21 -29.03
C GLU D 233 -35.58 -5.74 -27.89
N ALA D 234 -36.18 -5.43 -26.74
CA ALA D 234 -35.44 -4.91 -25.59
C ALA D 234 -34.33 -5.88 -25.18
N ILE D 235 -34.68 -7.16 -24.99
CA ILE D 235 -33.71 -8.12 -24.48
C ILE D 235 -32.55 -8.30 -25.47
N LEU D 236 -32.87 -8.35 -26.77
CA LEU D 236 -31.80 -8.48 -27.76
C LEU D 236 -30.88 -7.25 -27.75
N GLN D 237 -31.45 -6.06 -27.51
CA GLN D 237 -30.62 -4.88 -27.39
C GLN D 237 -29.76 -4.89 -26.12
N ILE D 238 -30.25 -5.51 -25.05
CA ILE D 238 -29.41 -5.65 -23.85
C ILE D 238 -28.21 -6.53 -24.17
N ARG D 239 -28.43 -7.61 -24.94
CA ARG D 239 -27.30 -8.44 -25.37
C ARG D 239 -26.31 -7.61 -26.20
N ARG D 240 -26.82 -6.73 -27.06
CA ARG D 240 -25.94 -5.85 -27.82
C ARG D 240 -25.12 -4.94 -26.91
N LEU D 241 -25.78 -4.30 -25.92
CA LEU D 241 -25.08 -3.39 -25.02
C LEU D 241 -23.99 -4.09 -24.24
N LEU D 242 -24.25 -5.29 -23.72
CA LEU D 242 -23.27 -5.94 -22.86
C LEU D 242 -21.93 -6.14 -23.57
N ASP D 243 -21.95 -6.37 -24.88
CA ASP D 243 -20.72 -6.63 -25.62
C ASP D 243 -19.80 -5.39 -25.68
N PHE D 244 -20.37 -4.19 -25.55
CA PHE D 244 -19.54 -2.99 -25.48
C PHE D 244 -18.82 -2.84 -24.14
N LEU D 245 -19.43 -3.30 -23.05
CA LEU D 245 -19.07 -2.86 -21.71
C LEU D 245 -17.99 -3.76 -21.09
N PRO D 246 -17.10 -3.18 -20.28
CA PRO D 246 -16.21 -3.99 -19.44
C PRO D 246 -17.00 -4.83 -18.44
N ALA D 247 -16.37 -5.91 -17.98
CA ALA D 247 -16.95 -6.77 -16.95
C ALA D 247 -16.79 -6.20 -15.55
N ASN D 248 -15.80 -5.35 -15.35
CA ASN D 248 -15.53 -4.73 -14.05
C ASN D 248 -14.56 -3.58 -14.28
N ASN D 249 -14.12 -2.96 -13.19
CA ASN D 249 -13.29 -1.76 -13.23
C ASN D 249 -11.79 -2.07 -13.27
N ILE D 250 -11.39 -3.32 -13.57
CA ILE D 250 -9.99 -3.70 -13.70
C ILE D 250 -9.64 -4.19 -15.10
N GLU D 251 -10.54 -4.97 -15.74
CA GLU D 251 -10.14 -5.73 -16.93
C GLU D 251 -10.02 -4.88 -18.19
N GLY D 252 -10.60 -3.68 -18.23
CA GLY D 252 -10.59 -2.87 -19.42
C GLY D 252 -11.66 -3.28 -20.43
N VAL D 253 -11.73 -2.50 -21.52
CA VAL D 253 -12.78 -2.67 -22.52
C VAL D 253 -12.60 -3.97 -23.30
N PRO D 254 -13.67 -4.62 -23.75
CA PRO D 254 -13.51 -5.80 -24.61
C PRO D 254 -13.04 -5.43 -26.01
N GLU D 255 -12.36 -6.39 -26.65
CA GLU D 255 -11.84 -6.22 -28.00
C GLU D 255 -12.41 -7.27 -28.94
N ILE D 256 -12.79 -6.83 -30.14
CA ILE D 256 -13.26 -7.71 -31.21
C ILE D 256 -12.47 -7.38 -32.47
N GLU D 257 -12.52 -8.31 -33.44
CA GLU D 257 -11.85 -8.12 -34.72
C GLU D 257 -12.71 -7.28 -35.66
N SER D 258 -12.13 -6.20 -36.17
CA SER D 258 -12.84 -5.21 -36.97
C SER D 258 -12.68 -5.50 -38.46
N PHE D 259 -13.71 -5.14 -39.22
CA PHE D 259 -13.69 -5.20 -40.67
C PHE D 259 -13.34 -3.87 -41.33
N ASP D 260 -13.09 -2.82 -40.54
CA ASP D 260 -12.81 -1.49 -41.06
C ASP D 260 -11.31 -1.22 -41.04
N ASP D 261 -10.91 -0.13 -41.69
CA ASP D 261 -9.51 0.26 -41.85
C ASP D 261 -9.28 1.58 -41.13
N VAL D 262 -8.23 1.62 -40.30
CA VAL D 262 -7.94 2.80 -39.48
C VAL D 262 -7.22 3.90 -40.25
N ASN D 263 -6.88 3.67 -41.53
CA ASN D 263 -6.16 4.65 -42.33
C ASN D 263 -6.98 5.22 -43.47
N ARG D 264 -8.30 5.04 -43.47
CA ARG D 264 -9.13 5.55 -44.55
C ARG D 264 -9.45 7.03 -44.34
N LEU D 265 -9.49 7.77 -45.45
CA LEU D 265 -9.87 9.18 -45.47
C LEU D 265 -11.32 9.33 -45.89
N ASP D 266 -11.88 10.52 -45.64
CA ASP D 266 -13.28 10.79 -45.92
C ASP D 266 -13.42 12.20 -46.48
N LYS D 267 -13.45 12.32 -47.81
CA LYS D 267 -13.44 13.62 -48.46
C LYS D 267 -14.72 14.40 -48.23
N SER D 268 -15.86 13.71 -48.09
CA SER D 268 -17.12 14.42 -47.94
C SER D 268 -17.14 15.31 -46.71
N LEU D 269 -16.39 14.96 -45.67
CA LEU D 269 -16.33 15.78 -44.47
C LEU D 269 -15.78 17.18 -44.75
N ASP D 270 -15.13 17.38 -45.90
CA ASP D 270 -14.64 18.70 -46.25
C ASP D 270 -15.75 19.65 -46.70
N THR D 271 -17.00 19.17 -46.80
CA THR D 271 -18.13 20.02 -47.17
C THR D 271 -19.24 20.03 -46.13
N LEU D 272 -19.03 19.43 -44.96
CA LEU D 272 -20.12 19.31 -43.98
C LEU D 272 -20.53 20.67 -43.43
N ILE D 273 -19.55 21.50 -43.05
CA ILE D 273 -19.82 22.79 -42.43
C ILE D 273 -20.31 23.78 -43.50
N PRO D 274 -21.51 24.34 -43.38
CA PRO D 274 -21.99 25.28 -44.40
C PRO D 274 -21.24 26.61 -44.35
N ASP D 275 -21.26 27.30 -45.49
CA ASP D 275 -20.67 28.63 -45.57
C ASP D 275 -21.51 29.67 -44.84
N ASN D 276 -22.82 29.52 -44.85
CA ASN D 276 -23.70 30.45 -44.16
C ASN D 276 -23.61 30.21 -42.65
N PRO D 277 -23.21 31.20 -41.85
CA PRO D 277 -23.04 30.95 -40.41
C PRO D 277 -24.32 30.63 -39.66
N ASN D 278 -25.49 30.86 -40.28
CA ASN D 278 -26.77 30.63 -39.62
C ASN D 278 -27.41 29.30 -39.99
N LYS D 279 -26.74 28.44 -40.74
CA LYS D 279 -27.33 27.18 -41.15
C LYS D 279 -26.73 26.03 -40.34
N PRO D 280 -27.55 25.12 -39.78
CA PRO D 280 -26.98 24.03 -38.99
C PRO D 280 -26.64 22.80 -39.80
N TYR D 281 -26.17 21.76 -39.10
CA TYR D 281 -25.82 20.47 -39.69
C TYR D 281 -25.97 19.40 -38.62
N ASP D 282 -25.91 18.14 -39.03
CA ASP D 282 -26.17 17.00 -38.15
C ASP D 282 -24.85 16.39 -37.69
N MET D 283 -24.54 16.60 -36.40
CA MET D 283 -23.31 16.04 -35.82
C MET D 283 -23.36 14.51 -35.79
N GLY D 284 -24.55 13.92 -35.74
CA GLY D 284 -24.67 12.48 -35.79
C GLY D 284 -24.06 11.87 -37.04
N GLU D 285 -24.17 12.59 -38.16
CA GLU D 285 -23.51 12.15 -39.39
C GLU D 285 -22.02 11.98 -39.19
N LEU D 286 -21.37 12.99 -38.61
CA LEU D 286 -19.94 12.91 -38.32
C LEU D 286 -19.64 11.71 -37.44
N ILE D 287 -20.35 11.59 -36.31
CA ILE D 287 -20.10 10.48 -35.41
C ILE D 287 -20.21 9.15 -36.15
N ARG D 288 -21.28 8.97 -36.92
CA ARG D 288 -21.51 7.69 -37.58
C ARG D 288 -20.55 7.43 -38.72
N ARG D 289 -19.90 8.46 -39.24
CA ARG D 289 -18.83 8.27 -40.22
C ARG D 289 -17.47 8.02 -39.58
N VAL D 290 -17.29 8.37 -38.31
CA VAL D 290 -16.00 8.18 -37.65
C VAL D 290 -15.84 6.81 -36.98
N VAL D 291 -16.94 6.17 -36.56
CA VAL D 291 -16.85 4.91 -35.82
C VAL D 291 -16.66 3.74 -36.78
N ASP D 292 -16.27 2.58 -36.24
CA ASP D 292 -16.14 1.37 -37.03
C ASP D 292 -17.50 0.94 -37.58
N GLU D 293 -17.56 0.74 -38.89
CA GLU D 293 -18.69 0.09 -39.56
C GLU D 293 -19.99 0.88 -39.42
N GLY D 294 -19.92 2.15 -39.02
CA GLY D 294 -21.11 2.94 -38.84
C GLY D 294 -22.01 2.49 -37.70
N ASP D 295 -21.46 1.78 -36.71
CA ASP D 295 -22.24 1.18 -35.64
C ASP D 295 -22.11 2.02 -34.38
N PHE D 296 -23.24 2.48 -33.85
CA PHE D 296 -23.29 3.44 -32.74
C PHE D 296 -24.51 3.15 -31.88
N PHE D 297 -24.30 2.99 -30.58
CA PHE D 297 -25.36 2.72 -29.60
C PHE D 297 -25.56 3.99 -28.77
N GLU D 298 -26.65 4.71 -29.04
CA GLU D 298 -26.93 5.99 -28.41
C GLU D 298 -27.60 5.82 -27.05
N ILE D 299 -27.26 6.74 -26.14
CA ILE D 299 -27.78 6.77 -24.77
C ILE D 299 -28.53 8.08 -24.56
N GLN D 300 -29.71 7.99 -23.96
CA GLN D 300 -30.62 9.14 -23.76
C GLN D 300 -30.86 9.91 -25.05
N ALA D 301 -31.30 9.19 -26.08
CA ALA D 301 -31.55 9.79 -27.38
C ALA D 301 -32.70 10.81 -27.33
N ALA D 302 -33.79 10.48 -26.64
CA ALA D 302 -35.00 11.29 -26.70
C ALA D 302 -34.98 12.48 -25.74
N TYR D 303 -33.96 12.58 -24.88
CA TYR D 303 -33.87 13.61 -23.87
C TYR D 303 -32.69 14.54 -24.14
N ALA D 304 -32.90 15.83 -23.92
CA ALA D 304 -31.88 16.86 -24.05
C ALA D 304 -31.09 16.68 -25.36
N ARG D 305 -31.82 16.82 -26.46
CA ARG D 305 -31.31 16.47 -27.78
C ARG D 305 -30.38 17.53 -28.37
N ASN D 306 -30.12 18.61 -27.64
CA ASN D 306 -29.03 19.53 -27.97
C ASN D 306 -27.64 18.95 -27.65
N ILE D 307 -27.55 17.73 -27.14
CA ILE D 307 -26.28 17.04 -26.93
C ILE D 307 -26.46 15.56 -27.22
N ILE D 308 -25.39 14.93 -27.68
CA ILE D 308 -25.36 13.51 -28.06
C ILE D 308 -24.34 12.78 -27.20
N THR D 309 -24.69 11.56 -26.79
CA THR D 309 -23.84 10.69 -25.99
C THR D 309 -24.05 9.24 -26.44
N GLY D 310 -22.95 8.49 -26.54
CA GLY D 310 -23.12 7.08 -26.89
C GLY D 310 -21.82 6.33 -27.07
N PHE D 311 -21.96 5.03 -27.35
CA PHE D 311 -20.85 4.11 -27.50
C PHE D 311 -20.63 3.73 -28.96
N GLY D 312 -19.37 3.70 -29.39
CA GLY D 312 -18.96 3.09 -30.64
C GLY D 312 -17.70 2.28 -30.46
N ARG D 313 -17.12 1.80 -31.55
CA ARG D 313 -15.82 1.13 -31.53
C ARG D 313 -14.86 1.81 -32.49
N VAL D 314 -13.60 1.92 -32.07
CA VAL D 314 -12.48 2.28 -32.94
C VAL D 314 -11.44 1.18 -32.85
N GLU D 315 -11.03 0.67 -34.00
CA GLU D 315 -10.08 -0.44 -34.09
C GLU D 315 -10.51 -1.61 -33.20
N GLY D 316 -11.81 -1.87 -33.15
CA GLY D 316 -12.37 -2.96 -32.38
C GLY D 316 -12.42 -2.78 -30.89
N ARG D 317 -12.10 -1.60 -30.36
CA ARG D 317 -12.19 -1.32 -28.94
C ARG D 317 -13.26 -0.26 -28.68
N THR D 318 -13.99 -0.41 -27.57
CA THR D 318 -15.09 0.50 -27.24
C THR D 318 -14.57 1.90 -26.92
N VAL D 319 -15.29 2.91 -27.41
CA VAL D 319 -15.00 4.32 -27.16
C VAL D 319 -16.33 5.06 -26.93
N GLY D 320 -16.33 5.97 -25.96
CA GLY D 320 -17.48 6.84 -25.73
C GLY D 320 -17.36 8.16 -26.46
N PHE D 321 -18.52 8.72 -26.83
CA PHE D 321 -18.62 9.94 -27.62
C PHE D 321 -19.59 10.92 -27.00
N VAL D 322 -19.17 12.20 -26.93
CA VAL D 322 -19.98 13.34 -26.49
C VAL D 322 -19.88 14.43 -27.56
N ALA D 323 -21.03 15.00 -27.94
CA ALA D 323 -21.04 15.98 -29.05
C ALA D 323 -22.16 17.01 -28.92
N ASN D 324 -21.85 18.26 -29.29
CA ASN D 324 -22.91 19.26 -29.42
C ASN D 324 -23.68 19.08 -30.73
N GLN D 325 -24.98 19.37 -30.69
CA GLN D 325 -25.89 19.18 -31.83
C GLN D 325 -26.50 20.50 -32.29
N PRO D 326 -26.00 21.09 -33.39
CA PRO D 326 -26.56 22.38 -33.85
C PRO D 326 -28.04 22.35 -34.20
N LEU D 327 -28.59 21.19 -34.58
CA LEU D 327 -29.98 21.13 -35.01
C LEU D 327 -30.98 21.52 -33.92
N VAL D 328 -30.60 21.44 -32.65
CA VAL D 328 -31.54 21.59 -31.53
C VAL D 328 -31.04 22.68 -30.60
N LEU D 329 -31.80 23.76 -30.51
CA LEU D 329 -31.46 24.91 -29.66
C LEU D 329 -30.07 25.47 -30.00
N ALA D 330 -29.70 25.42 -31.27
CA ALA D 330 -28.43 25.95 -31.77
C ALA D 330 -27.22 25.33 -31.07
N GLY D 331 -27.40 24.17 -30.45
CA GLY D 331 -26.30 23.48 -29.79
C GLY D 331 -25.88 24.07 -28.46
N VAL D 332 -26.67 24.98 -27.87
CA VAL D 332 -26.29 25.59 -26.61
C VAL D 332 -26.29 24.54 -25.49
N LEU D 333 -25.51 24.82 -24.45
CA LEU D 333 -25.55 24.05 -23.23
C LEU D 333 -26.60 24.60 -22.27
N ASP D 334 -27.47 23.71 -21.78
CA ASP D 334 -28.41 24.03 -20.71
C ASP D 334 -28.29 23.01 -19.58
N SER D 335 -29.17 23.07 -18.59
CA SER D 335 -29.02 22.21 -17.42
C SER D 335 -29.23 20.74 -17.77
N ASP D 336 -30.27 20.44 -18.55
CA ASP D 336 -30.58 19.06 -18.90
C ASP D 336 -29.41 18.39 -19.64
N ALA D 337 -28.86 19.08 -20.65
CA ALA D 337 -27.75 18.54 -21.42
C ALA D 337 -26.52 18.31 -20.54
N SER D 338 -26.24 19.26 -19.64
CA SER D 338 -25.07 19.14 -18.77
C SER D 338 -25.19 17.93 -17.85
N ARG D 339 -26.39 17.68 -17.32
CA ARG D 339 -26.59 16.48 -16.49
C ARG D 339 -26.43 15.21 -17.32
N LYS D 340 -27.07 15.17 -18.49
CA LYS D 340 -26.97 14.02 -19.38
C LYS D 340 -25.52 13.68 -19.67
N ALA D 341 -24.71 14.69 -19.98
CA ALA D 341 -23.32 14.45 -20.34
C ALA D 341 -22.44 14.12 -19.12
N ALA D 342 -22.72 14.76 -17.98
CA ALA D 342 -21.89 14.52 -16.79
C ALA D 342 -22.00 13.07 -16.33
N ARG D 343 -23.22 12.53 -16.29
CA ARG D 343 -23.37 11.12 -15.89
C ARG D 343 -22.58 10.20 -16.81
N PHE D 344 -22.67 10.44 -18.12
CA PHE D 344 -21.99 9.58 -19.09
C PHE D 344 -20.48 9.64 -18.92
N VAL D 345 -19.94 10.84 -18.74
CA VAL D 345 -18.49 10.99 -18.54
C VAL D 345 -18.05 10.29 -17.28
N ARG D 346 -18.80 10.43 -16.19
CA ARG D 346 -18.44 9.77 -14.93
C ARG D 346 -18.42 8.26 -15.10
N PHE D 347 -19.44 7.69 -15.77
CA PHE D 347 -19.46 6.25 -16.00
C PHE D 347 -18.25 5.80 -16.80
N CYS D 348 -17.97 6.49 -17.91
CA CYS D 348 -16.80 6.15 -18.72
C CYS D 348 -15.52 6.17 -17.91
N ASN D 349 -15.34 7.19 -17.07
CA ASN D 349 -14.10 7.29 -16.32
C ASN D 349 -13.99 6.16 -15.29
N ALA D 350 -15.11 5.76 -14.69
CA ALA D 350 -15.05 4.74 -13.65
C ALA D 350 -14.59 3.40 -14.21
N PHE D 351 -15.03 3.05 -15.42
CA PHE D 351 -14.77 1.73 -16.01
C PHE D 351 -13.71 1.77 -17.10
N SER D 352 -12.90 2.83 -17.14
CA SER D 352 -11.71 2.94 -18.00
C SER D 352 -12.05 2.95 -19.50
N ILE D 353 -13.11 3.64 -19.88
CA ILE D 353 -13.48 3.80 -21.29
C ILE D 353 -12.97 5.16 -21.76
N PRO D 354 -12.24 5.25 -22.88
CA PRO D 354 -11.80 6.55 -23.39
C PRO D 354 -12.95 7.36 -23.99
N ILE D 355 -12.77 8.69 -24.02
CA ILE D 355 -13.82 9.63 -24.43
C ILE D 355 -13.31 10.54 -25.56
N VAL D 356 -14.13 10.64 -26.62
CA VAL D 356 -13.93 11.59 -27.72
C VAL D 356 -15.08 12.60 -27.71
N THR D 357 -14.74 13.90 -27.79
CA THR D 357 -15.70 14.98 -27.77
C THR D 357 -15.63 15.83 -29.05
N PHE D 358 -16.80 16.15 -29.62
CA PHE D 358 -16.94 17.04 -30.77
C PHE D 358 -17.69 18.32 -30.35
N VAL D 359 -17.04 19.46 -30.59
CA VAL D 359 -17.43 20.75 -29.99
C VAL D 359 -17.94 21.70 -31.07
N ASP D 360 -19.17 22.18 -30.90
CA ASP D 360 -19.71 23.32 -31.63
C ASP D 360 -20.75 23.99 -30.72
N VAL D 361 -20.31 24.98 -29.96
CA VAL D 361 -21.09 25.55 -28.86
C VAL D 361 -20.98 27.07 -28.81
N PRO D 362 -22.08 27.81 -28.94
CA PRO D 362 -22.01 29.28 -28.87
C PRO D 362 -22.16 29.87 -27.47
N GLY D 363 -22.47 29.08 -26.46
CA GLY D 363 -22.69 29.59 -25.11
C GLY D 363 -23.77 28.79 -24.41
N PHE D 364 -24.24 29.34 -23.29
CA PHE D 364 -25.32 28.75 -22.51
C PHE D 364 -26.67 29.38 -22.86
N LEU D 365 -27.74 28.75 -22.39
CA LEU D 365 -29.09 29.20 -22.69
C LEU D 365 -29.52 30.29 -21.72
N PRO D 366 -29.91 31.47 -22.19
CA PRO D 366 -30.26 32.56 -21.27
C PRO D 366 -31.69 32.45 -20.75
N GLY D 367 -31.95 33.21 -19.69
CA GLY D 367 -33.30 33.40 -19.20
C GLY D 367 -33.52 33.14 -17.72
N THR D 368 -34.66 33.61 -17.20
CA THR D 368 -35.00 33.38 -15.81
C THR D 368 -35.29 31.91 -15.54
N ALA D 369 -35.90 31.21 -16.51
CA ALA D 369 -36.21 29.80 -16.31
C ALA D 369 -34.95 28.98 -16.05
N GLN D 370 -33.84 29.32 -16.69
CA GLN D 370 -32.60 28.58 -16.51
C GLN D 370 -31.92 28.95 -15.19
N GLU D 371 -31.85 30.24 -14.87
CA GLU D 371 -31.17 30.65 -13.64
C GLU D 371 -31.94 30.22 -12.40
N TYR D 372 -33.26 30.38 -12.40
CA TYR D 372 -34.06 29.92 -11.25
C TYR D 372 -33.97 28.42 -11.08
N GLY D 373 -33.74 27.68 -12.17
CA GLY D 373 -33.60 26.24 -12.12
C GLY D 373 -32.26 25.72 -11.65
N GLY D 374 -31.26 26.60 -11.54
CA GLY D 374 -29.97 26.23 -11.00
C GLY D 374 -28.89 25.91 -12.02
N LEU D 375 -28.89 26.57 -13.18
CA LEU D 375 -27.84 26.35 -14.18
C LEU D 375 -26.43 26.45 -13.59
N ILE D 376 -26.24 27.30 -12.57
CA ILE D 376 -24.89 27.54 -12.06
C ILE D 376 -24.24 26.25 -11.58
N LYS D 377 -25.00 25.39 -10.90
CA LYS D 377 -24.51 24.10 -10.42
C LYS D 377 -24.64 22.98 -11.46
N HIS D 378 -25.75 22.97 -12.20
CA HIS D 378 -25.97 21.91 -13.19
C HIS D 378 -24.89 21.95 -14.28
N GLY D 379 -24.60 23.13 -14.81
CA GLY D 379 -23.52 23.26 -15.78
C GLY D 379 -22.17 22.93 -15.19
N ALA D 380 -22.01 23.13 -13.88
CA ALA D 380 -20.73 22.81 -13.23
C ALA D 380 -20.53 21.31 -13.12
N LYS D 381 -21.61 20.54 -13.05
CA LYS D 381 -21.48 19.08 -13.00
C LYS D 381 -20.57 18.56 -14.14
N LEU D 382 -20.77 19.06 -15.36
CA LEU D 382 -19.99 18.59 -16.51
C LEU D 382 -18.52 19.00 -16.40
N LEU D 383 -18.27 20.25 -16.03
CA LEU D 383 -16.91 20.73 -15.82
C LEU D 383 -16.20 19.87 -14.77
N PHE D 384 -16.89 19.57 -13.67
CA PHE D 384 -16.35 18.71 -12.63
C PHE D 384 -16.01 17.34 -13.18
N ALA D 385 -16.91 16.77 -13.98
CA ALA D 385 -16.71 15.42 -14.50
C ALA D 385 -15.49 15.34 -15.43
N TYR D 386 -15.33 16.31 -16.34
CA TYR D 386 -14.18 16.28 -17.23
C TYR D 386 -12.88 16.56 -16.47
N SER D 387 -12.89 17.50 -15.53
CA SER D 387 -11.65 17.84 -14.82
C SER D 387 -11.14 16.69 -13.98
N GLN D 388 -12.05 15.83 -13.52
CA GLN D 388 -11.73 14.73 -12.61
C GLN D 388 -11.25 13.49 -13.35
N ALA D 389 -11.44 13.42 -14.65
CA ALA D 389 -11.21 12.20 -15.41
C ALA D 389 -9.73 11.92 -15.59
N THR D 390 -9.37 10.64 -15.53
CA THR D 390 -8.01 10.17 -15.77
C THR D 390 -7.88 9.27 -17.00
N VAL D 391 -8.98 9.00 -17.71
CA VAL D 391 -8.95 8.24 -18.96
C VAL D 391 -8.45 9.11 -20.10
N PRO D 392 -8.09 8.52 -21.24
CA PRO D 392 -7.76 9.34 -22.42
C PRO D 392 -8.94 10.21 -22.87
N LEU D 393 -8.66 11.48 -23.12
CA LEU D 393 -9.63 12.44 -23.65
C LEU D 393 -9.10 13.04 -24.94
N VAL D 394 -9.90 13.00 -26.00
CA VAL D 394 -9.54 13.61 -27.29
C VAL D 394 -10.69 14.51 -27.75
N THR D 395 -10.39 15.77 -28.06
CA THR D 395 -11.39 16.79 -28.39
C THR D 395 -11.12 17.38 -29.78
N ILE D 396 -12.21 17.60 -30.53
CA ILE D 396 -12.15 18.19 -31.88
C ILE D 396 -13.17 19.32 -31.95
N ILE D 397 -12.69 20.55 -32.12
CA ILE D 397 -13.55 21.72 -32.33
C ILE D 397 -13.89 21.78 -33.82
N THR D 398 -15.18 21.78 -34.13
CA THR D 398 -15.62 21.83 -35.52
C THR D 398 -15.88 23.26 -36.00
N ARG D 399 -16.80 23.98 -35.34
CA ARG D 399 -17.18 25.30 -35.83
C ARG D 399 -17.00 26.43 -34.82
N LYS D 400 -17.75 26.42 -33.71
CA LYS D 400 -17.73 27.50 -32.74
C LYS D 400 -17.33 26.99 -31.36
N ALA D 401 -16.57 27.81 -30.63
CA ALA D 401 -16.23 27.54 -29.24
C ALA D 401 -16.07 28.90 -28.56
N PHE D 402 -17.15 29.38 -27.93
CA PHE D 402 -17.17 30.68 -27.28
C PHE D 402 -17.21 30.56 -25.76
N GLY D 403 -16.40 31.36 -25.10
CA GLY D 403 -16.50 31.63 -23.68
C GLY D 403 -16.31 30.41 -22.79
N GLY D 404 -16.93 30.48 -21.61
CA GLY D 404 -16.84 29.40 -20.64
C GLY D 404 -17.26 28.05 -21.18
N ALA D 405 -18.19 28.04 -22.15
CA ALA D 405 -18.57 26.79 -22.79
C ALA D 405 -17.36 26.12 -23.43
N TYR D 406 -16.47 26.90 -24.05
CA TYR D 406 -15.23 26.36 -24.58
C TYR D 406 -14.42 25.67 -23.47
N ILE D 407 -14.33 26.30 -22.30
CA ILE D 407 -13.61 25.68 -21.18
C ILE D 407 -14.25 24.35 -20.82
N VAL D 408 -15.57 24.34 -20.65
CA VAL D 408 -16.28 23.17 -20.12
C VAL D 408 -16.15 21.96 -21.05
N MET D 409 -16.09 22.16 -22.37
CA MET D 409 -16.13 21.06 -23.34
C MET D 409 -14.73 20.49 -23.59
N ALA D 410 -14.18 19.87 -22.55
CA ALA D 410 -12.95 19.08 -22.64
C ALA D 410 -11.80 19.91 -23.24
N SER D 411 -11.63 21.12 -22.72
CA SER D 411 -10.50 21.98 -23.09
C SER D 411 -9.20 21.44 -22.52
N LYS D 412 -8.08 21.92 -23.06
CA LYS D 412 -6.78 21.54 -22.53
C LYS D 412 -6.56 22.04 -21.12
N HIS D 413 -7.21 23.15 -20.76
CA HIS D 413 -7.01 23.75 -19.45
C HIS D 413 -7.58 22.90 -18.33
N VAL D 414 -8.61 22.10 -18.63
CA VAL D 414 -9.21 21.22 -17.65
C VAL D 414 -8.64 19.80 -17.67
N GLY D 415 -7.79 19.48 -18.65
CA GLY D 415 -7.00 18.28 -18.60
C GLY D 415 -6.99 17.40 -19.83
N ALA D 416 -7.53 17.88 -20.95
CA ALA D 416 -7.54 17.09 -22.17
C ALA D 416 -6.11 16.81 -22.63
N ASP D 417 -5.92 15.62 -23.23
CA ASP D 417 -4.60 15.20 -23.65
C ASP D 417 -4.25 15.76 -25.03
N LEU D 418 -5.16 15.63 -25.99
CA LEU D 418 -4.96 16.14 -27.34
C LEU D 418 -6.17 16.97 -27.77
N ASN D 419 -5.89 18.10 -28.41
CA ASN D 419 -6.91 19.07 -28.80
C ASN D 419 -6.63 19.52 -30.24
N TYR D 420 -7.49 19.09 -31.16
CA TYR D 420 -7.42 19.44 -32.58
C TYR D 420 -8.52 20.43 -32.94
N ALA D 421 -8.32 21.14 -34.04
CA ALA D 421 -9.30 22.09 -34.57
C ALA D 421 -9.36 22.02 -36.09
N TRP D 422 -10.58 22.04 -36.62
CA TRP D 422 -10.79 22.13 -38.06
C TRP D 422 -10.47 23.54 -38.54
N PRO D 423 -10.36 23.73 -39.87
CA PRO D 423 -10.05 25.09 -40.38
C PRO D 423 -11.15 26.10 -40.15
N THR D 424 -12.39 25.68 -39.94
CA THR D 424 -13.54 26.56 -39.76
C THR D 424 -13.81 26.90 -38.30
N ALA D 425 -12.93 26.48 -37.38
CA ALA D 425 -13.12 26.72 -35.96
C ALA D 425 -13.05 28.22 -35.62
N GLN D 426 -13.88 28.65 -34.67
CA GLN D 426 -13.87 30.00 -34.11
C GLN D 426 -13.75 29.90 -32.59
N ILE D 427 -12.56 30.18 -32.07
CA ILE D 427 -12.25 30.10 -30.65
C ILE D 427 -12.04 31.53 -30.14
N ALA D 428 -12.91 31.99 -29.26
CA ALA D 428 -12.97 33.40 -28.87
C ALA D 428 -13.76 33.56 -27.57
N VAL D 429 -13.65 34.75 -26.98
CA VAL D 429 -14.38 35.06 -25.75
C VAL D 429 -15.86 35.24 -26.04
N MET D 430 -16.20 35.82 -27.18
CA MET D 430 -17.61 36.06 -27.58
C MET D 430 -17.58 36.58 -29.00
N GLY D 431 -18.78 36.71 -29.56
CA GLY D 431 -18.91 37.18 -30.92
C GLY D 431 -18.37 38.59 -31.10
N ALA D 432 -18.05 38.92 -32.34
CA ALA D 432 -17.38 40.19 -32.65
C ALA D 432 -18.27 41.37 -32.30
N LYS D 433 -19.54 41.32 -32.70
CA LYS D 433 -20.47 42.41 -32.43
C LYS D 433 -20.42 42.83 -30.97
N GLY D 434 -20.73 41.90 -30.06
CA GLY D 434 -20.72 42.23 -28.65
C GLY D 434 -19.34 42.64 -28.15
N ALA D 435 -18.30 42.00 -28.68
CA ALA D 435 -16.94 42.32 -28.24
C ALA D 435 -16.63 43.79 -28.47
N VAL D 436 -16.90 44.28 -29.68
CA VAL D 436 -16.56 45.67 -29.99
C VAL D 436 -17.57 46.62 -29.34
N GLU D 437 -18.84 46.22 -29.25
CA GLU D 437 -19.80 47.00 -28.47
C GLU D 437 -19.26 47.29 -27.08
N ILE D 438 -18.65 46.29 -26.44
CA ILE D 438 -18.12 46.49 -25.10
C ILE D 438 -16.82 47.30 -25.14
N ILE D 439 -15.86 46.87 -25.95
CA ILE D 439 -14.55 47.53 -25.97
C ILE D 439 -14.71 48.99 -26.40
N PHE D 440 -15.42 49.22 -27.49
CA PHE D 440 -15.66 50.57 -28.00
C PHE D 440 -17.04 51.06 -27.57
N ARG D 441 -17.21 51.18 -26.25
CA ARG D 441 -18.49 51.64 -25.70
C ARG D 441 -18.68 53.13 -25.86
N ALA D 442 -17.61 53.91 -25.87
CA ALA D 442 -17.68 55.36 -26.00
C ALA D 442 -17.79 55.83 -27.44
N GLU D 443 -18.04 54.92 -28.40
CA GLU D 443 -18.12 55.29 -29.80
C GLU D 443 -19.26 54.58 -30.52
N ILE D 444 -20.26 54.10 -29.77
CA ILE D 444 -21.32 53.30 -30.36
C ILE D 444 -22.24 54.13 -31.25
N GLY D 445 -22.17 55.46 -31.17
CA GLY D 445 -23.10 56.29 -31.92
C GLY D 445 -22.99 56.12 -33.42
N ASP D 446 -21.77 55.99 -33.92
CA ASP D 446 -21.55 55.95 -35.36
C ASP D 446 -22.04 54.62 -35.93
N ALA D 447 -21.91 54.48 -37.25
CA ALA D 447 -22.28 53.24 -37.95
C ALA D 447 -21.21 52.75 -38.92
N ASP D 448 -20.32 53.61 -39.40
CA ASP D 448 -19.22 53.18 -40.25
C ASP D 448 -18.05 52.67 -39.41
N LYS D 449 -17.70 53.43 -38.36
CA LYS D 449 -16.66 53.00 -37.43
C LYS D 449 -17.00 51.65 -36.83
N VAL D 450 -18.27 51.45 -36.46
CA VAL D 450 -18.67 50.21 -35.81
C VAL D 450 -18.47 49.03 -36.76
N ALA D 451 -18.92 49.19 -38.01
CA ALA D 451 -18.78 48.10 -38.97
C ALA D 451 -17.32 47.81 -39.26
N GLU D 452 -16.51 48.86 -39.39
CA GLU D 452 -15.08 48.68 -39.64
C GLU D 452 -14.43 47.91 -38.51
N ARG D 453 -14.72 48.30 -37.26
CA ARG D 453 -14.13 47.64 -36.10
C ARG D 453 -14.62 46.21 -35.98
N THR D 454 -15.89 45.95 -36.31
CA THR D 454 -16.42 44.60 -36.27
C THR D 454 -15.71 43.71 -37.29
N LYS D 455 -15.54 44.22 -38.51
CA LYS D 455 -14.84 43.46 -39.54
C LYS D 455 -13.40 43.16 -39.10
N GLU D 456 -12.71 44.17 -38.54
CA GLU D 456 -11.34 43.96 -38.10
C GLU D 456 -11.27 42.92 -36.99
N TYR D 457 -12.20 42.97 -36.03
CA TYR D 457 -12.21 42.01 -34.94
C TYR D 457 -12.47 40.60 -35.46
N GLU D 458 -13.45 40.45 -36.37
CA GLU D 458 -13.72 39.16 -36.97
C GLU D 458 -12.48 38.62 -37.69
N ASP D 459 -11.77 39.48 -38.41
CA ASP D 459 -10.61 39.03 -39.15
C ASP D 459 -9.49 38.61 -38.21
N ARG D 460 -9.27 39.35 -37.12
CA ARG D 460 -8.16 39.06 -36.23
C ARG D 460 -8.44 37.84 -35.35
N PHE D 461 -9.65 37.69 -34.82
CA PHE D 461 -9.85 36.86 -33.64
C PHE D 461 -10.77 35.66 -33.81
N LEU D 462 -11.72 35.67 -34.74
CA LEU D 462 -12.65 34.54 -34.86
C LEU D 462 -12.06 33.52 -35.84
N SER D 463 -11.06 32.80 -35.33
CA SER D 463 -10.30 31.81 -36.08
C SER D 463 -9.66 30.84 -35.09
N PRO D 464 -8.96 29.81 -35.54
CA PRO D 464 -8.23 28.93 -34.61
C PRO D 464 -6.79 29.33 -34.33
N PHE D 465 -6.33 30.47 -34.82
CA PHE D 465 -4.90 30.76 -34.86
C PHE D 465 -4.37 31.50 -33.63
N VAL D 466 -5.18 32.30 -32.93
CA VAL D 466 -4.69 32.85 -31.66
C VAL D 466 -4.55 31.73 -30.64
N ALA D 467 -5.50 30.79 -30.62
CA ALA D 467 -5.39 29.65 -29.72
C ALA D 467 -4.21 28.77 -30.12
N ALA D 468 -3.97 28.64 -31.43
CA ALA D 468 -2.82 27.87 -31.91
C ALA D 468 -1.50 28.52 -31.52
N GLU D 469 -1.41 29.85 -31.61
CA GLU D 469 -0.19 30.56 -31.29
C GLU D 469 0.16 30.47 -29.80
N ARG D 470 -0.83 30.20 -28.94
CA ARG D 470 -0.60 30.02 -27.51
C ARG D 470 -0.49 28.56 -27.10
N GLY D 471 -0.54 27.63 -28.04
CA GLY D 471 -0.46 26.21 -27.72
C GLY D 471 -1.69 25.59 -27.11
N TYR D 472 -2.83 26.28 -27.10
CA TYR D 472 -4.06 25.68 -26.59
C TYR D 472 -4.62 24.65 -27.55
N ILE D 473 -4.21 24.67 -28.82
CA ILE D 473 -4.58 23.69 -29.83
C ILE D 473 -3.29 23.04 -30.33
N ASP D 474 -3.25 21.71 -30.35
CA ASP D 474 -2.03 21.00 -30.72
C ASP D 474 -1.80 20.96 -32.23
N GLU D 475 -2.86 21.04 -33.04
CA GLU D 475 -2.73 21.06 -34.50
C GLU D 475 -4.07 21.43 -35.13
N VAL D 476 -3.99 22.11 -36.27
CA VAL D 476 -5.14 22.41 -37.13
C VAL D 476 -5.15 21.37 -38.25
N ILE D 477 -6.16 20.50 -38.25
CA ILE D 477 -6.20 19.34 -39.14
C ILE D 477 -7.23 19.55 -40.24
N MET D 478 -7.08 18.76 -41.31
CA MET D 478 -8.06 18.69 -42.40
C MET D 478 -9.20 17.76 -42.00
N PRO D 479 -10.46 18.14 -42.29
CA PRO D 479 -11.58 17.30 -41.82
C PRO D 479 -11.47 15.84 -42.21
N HIS D 480 -11.08 15.55 -43.45
CA HIS D 480 -11.04 14.19 -43.96
C HIS D 480 -10.02 13.30 -43.25
N SER D 481 -9.15 13.87 -42.43
CA SER D 481 -8.17 13.11 -41.66
C SER D 481 -8.67 12.72 -40.27
N THR D 482 -9.88 13.13 -39.90
CA THR D 482 -10.31 13.06 -38.50
C THR D 482 -10.16 11.65 -37.94
N ARG D 483 -10.85 10.67 -38.55
CA ARG D 483 -10.76 9.30 -38.07
C ARG D 483 -9.30 8.86 -37.98
N LYS D 484 -8.54 9.09 -39.05
CA LYS D 484 -7.15 8.64 -39.08
C LYS D 484 -6.37 9.19 -37.90
N ARG D 485 -6.65 10.44 -37.53
CA ARG D 485 -5.94 11.02 -36.39
C ARG D 485 -6.42 10.40 -35.09
N ILE D 486 -7.74 10.28 -34.91
CA ILE D 486 -8.27 9.77 -33.65
C ILE D 486 -7.70 8.39 -33.35
N ALA D 487 -7.90 7.45 -34.28
CA ALA D 487 -7.40 6.09 -34.08
C ALA D 487 -5.94 6.09 -33.68
N ARG D 488 -5.14 6.99 -34.26
CA ARG D 488 -3.72 6.99 -33.92
C ARG D 488 -3.54 7.46 -32.48
N ALA D 489 -4.14 8.60 -32.13
CA ALA D 489 -3.96 9.15 -30.80
C ALA D 489 -4.37 8.14 -29.73
N LEU D 490 -5.56 7.56 -29.87
CA LEU D 490 -6.03 6.58 -28.90
C LEU D 490 -5.00 5.47 -28.73
N GLY D 491 -4.48 4.96 -29.84
CA GLY D 491 -3.48 3.91 -29.76
C GLY D 491 -2.30 4.29 -28.89
N MET D 492 -1.84 5.53 -29.02
CA MET D 492 -0.72 5.99 -28.21
C MET D 492 -1.13 6.19 -26.75
N LEU D 493 -2.36 6.62 -26.50
CA LEU D 493 -2.75 7.02 -25.15
C LEU D 493 -3.18 5.85 -24.27
N ARG D 494 -3.06 4.61 -24.74
CA ARG D 494 -3.51 3.47 -23.96
C ARG D 494 -2.70 3.30 -22.68
N THR D 495 -1.44 3.73 -22.68
CA THR D 495 -0.54 3.57 -21.54
C THR D 495 -0.65 4.72 -20.53
N LYS D 496 -1.62 5.61 -20.68
CA LYS D 496 -1.75 6.76 -19.80
C LYS D 496 -1.90 6.33 -18.34
N GLU D 497 -1.09 6.93 -17.46
CA GLU D 497 -1.14 6.69 -16.02
C GLU D 497 -1.25 8.03 -15.29
N MET D 498 -2.32 8.19 -14.51
CA MET D 498 -2.58 9.41 -13.76
C MET D 498 -3.46 9.07 -12.56
N GLU D 499 -3.28 9.83 -11.46
CA GLU D 499 -4.04 9.63 -10.24
C GLU D 499 -4.48 10.97 -9.66
N GLN D 500 -5.69 11.01 -9.13
CA GLN D 500 -6.21 12.15 -8.39
C GLN D 500 -5.63 12.14 -6.97
N PRO D 501 -5.86 13.19 -6.19
CA PRO D 501 -5.41 13.17 -4.79
C PRO D 501 -6.22 12.21 -3.94
N ARG D 502 -5.60 11.75 -2.85
CA ARG D 502 -6.21 10.74 -1.99
C ARG D 502 -7.34 11.34 -1.16
N LYS D 503 -8.52 10.72 -1.24
CA LYS D 503 -9.72 11.21 -0.58
C LYS D 503 -10.73 10.08 -0.47
N LYS D 504 -11.59 10.17 0.55
CA LYS D 504 -12.72 9.25 0.65
C LYS D 504 -13.60 9.35 -0.58
N HIS D 505 -14.02 10.55 -0.93
CA HIS D 505 -14.73 10.85 -2.18
C HIS D 505 -14.78 12.37 -2.35
N ASP D 506 -15.07 12.79 -3.57
CA ASP D 506 -15.20 14.20 -3.88
C ASP D 506 -16.51 14.75 -3.30
N ASN D 507 -16.73 16.05 -3.47
CA ASN D 507 -17.98 16.70 -3.08
C ASN D 507 -18.62 17.40 -4.27
N ILE D 508 -18.74 16.69 -5.38
CA ILE D 508 -19.37 17.18 -6.60
C ILE D 508 -20.76 17.73 -6.29
N PRO D 509 -21.17 18.86 -6.88
CA PRO D 509 -22.52 19.37 -6.62
C PRO D 509 -23.60 18.39 -7.02
N LEU D 510 -24.77 18.54 -6.40
CA LEU D 510 -25.89 17.64 -6.63
C LEU D 510 -27.19 18.39 -6.88
N LEU E 5 -43.57 7.32 30.20
CA LEU E 5 -44.83 6.60 30.42
C LEU E 5 -44.59 5.39 31.31
N GLU E 6 -45.58 5.07 32.16
CA GLU E 6 -45.44 3.96 33.08
C GLU E 6 -45.57 2.63 32.37
N LYS E 7 -46.23 2.60 31.22
CA LYS E 7 -46.41 1.35 30.48
C LYS E 7 -45.08 0.82 29.96
N LEU E 8 -44.19 1.73 29.54
CA LEU E 8 -42.86 1.32 29.11
C LEU E 8 -42.05 0.77 30.28
N GLU E 9 -42.10 1.43 31.43
CA GLU E 9 -41.48 0.89 32.64
C GLU E 9 -42.01 -0.49 32.95
N GLU E 10 -43.31 -0.71 32.77
CA GLU E 10 -43.90 -2.03 33.00
C GLU E 10 -43.31 -3.06 32.05
N ARG E 11 -43.27 -2.75 30.76
CA ARG E 11 -42.70 -3.69 29.78
C ARG E 11 -41.26 -4.03 30.12
N ARG E 12 -40.48 -3.02 30.52
CA ARG E 12 -39.09 -3.25 30.88
C ARG E 12 -38.98 -4.17 32.11
N ALA E 13 -39.73 -3.84 33.16
CA ALA E 13 -39.72 -4.66 34.36
C ALA E 13 -40.11 -6.11 34.05
N GLN E 14 -41.04 -6.29 33.11
CA GLN E 14 -41.47 -7.64 32.76
C GLN E 14 -40.37 -8.38 32.01
N ALA E 15 -39.73 -7.72 31.05
CA ALA E 15 -38.63 -8.36 30.34
C ALA E 15 -37.49 -8.72 31.28
N ARG E 16 -37.30 -7.95 32.36
CA ARG E 16 -36.20 -8.23 33.27
C ARG E 16 -36.39 -9.49 34.12
N LEU E 17 -37.51 -10.21 33.99
CA LEU E 17 -37.74 -11.40 34.81
C LEU E 17 -37.41 -12.71 34.10
N GLY E 18 -37.11 -12.67 32.81
CA GLY E 18 -36.70 -13.89 32.13
C GLY E 18 -37.80 -14.93 32.12
N GLY E 19 -37.43 -16.16 32.49
CA GLY E 19 -38.33 -17.28 32.51
C GLY E 19 -39.17 -17.45 33.75
N GLY E 20 -39.11 -16.50 34.69
CA GLY E 20 -39.96 -16.55 35.86
C GLY E 20 -39.22 -16.49 37.18
N GLU E 21 -39.87 -15.96 38.22
CA GLU E 21 -39.21 -15.82 39.52
C GLU E 21 -38.86 -17.17 40.13
N LYS E 22 -39.68 -18.19 39.87
CA LYS E 22 -39.39 -19.52 40.40
C LYS E 22 -38.08 -20.05 39.84
N ARG E 23 -37.89 -19.95 38.53
CA ARG E 23 -36.67 -20.45 37.91
C ARG E 23 -35.45 -19.65 38.38
N LEU E 24 -35.64 -18.37 38.70
CA LEU E 24 -34.52 -17.57 39.18
C LEU E 24 -34.15 -17.94 40.61
N GLU E 25 -35.15 -18.23 41.44
CA GLU E 25 -34.86 -18.73 42.78
C GLU E 25 -34.20 -20.10 42.73
N ALA E 26 -34.57 -20.93 41.75
CA ALA E 26 -33.89 -22.20 41.57
C ALA E 26 -32.45 -21.99 41.11
N GLN E 27 -32.21 -21.00 40.25
CA GLN E 27 -30.84 -20.66 39.88
C GLN E 27 -30.03 -20.25 41.10
N HIS E 28 -30.62 -19.43 41.97
CA HIS E 28 -29.90 -18.98 43.16
C HIS E 28 -29.63 -20.14 44.12
N LYS E 29 -30.60 -21.03 44.30
CA LYS E 29 -30.41 -22.16 45.22
C LYS E 29 -29.25 -23.04 44.80
N ARG E 30 -29.00 -23.15 43.49
CA ARG E 30 -27.83 -23.89 43.01
C ARG E 30 -26.51 -23.19 43.32
N GLY E 31 -26.55 -21.98 43.89
CA GLY E 31 -25.34 -21.25 44.19
C GLY E 31 -24.84 -20.39 43.05
N LYS E 32 -25.71 -20.02 42.11
CA LYS E 32 -25.33 -19.31 40.91
C LYS E 32 -26.02 -17.95 40.85
N LEU E 33 -25.39 -17.03 40.13
CA LEU E 33 -25.97 -15.72 39.87
C LEU E 33 -26.82 -15.78 38.61
N THR E 34 -27.61 -14.74 38.40
CA THR E 34 -28.37 -14.57 37.17
C THR E 34 -27.53 -13.80 36.14
N ALA E 35 -27.92 -13.93 34.88
CA ALA E 35 -27.18 -13.30 33.80
C ALA E 35 -27.02 -11.80 34.02
N ARG E 36 -28.11 -11.13 34.41
CA ARG E 36 -28.06 -9.69 34.62
C ARG E 36 -27.22 -9.33 35.84
N GLU E 37 -27.23 -10.15 36.88
CA GLU E 37 -26.34 -9.93 38.02
C GLU E 37 -24.88 -10.06 37.61
N ARG E 38 -24.58 -11.01 36.71
CA ARG E 38 -23.22 -11.17 36.22
C ARG E 38 -22.76 -9.93 35.46
N ILE E 39 -23.60 -9.44 34.53
CA ILE E 39 -23.28 -8.19 33.83
C ILE E 39 -23.05 -7.07 34.82
N GLU E 40 -23.94 -6.92 35.80
CA GLU E 40 -23.82 -5.84 36.77
C GLU E 40 -22.48 -5.90 37.50
N LEU E 41 -22.03 -7.10 37.85
CA LEU E 41 -20.79 -7.23 38.59
C LEU E 41 -19.56 -6.97 37.72
N LEU E 42 -19.60 -7.35 36.45
CA LEU E 42 -18.43 -7.18 35.59
C LEU E 42 -18.17 -5.70 35.28
N LEU E 43 -19.21 -4.94 34.96
CA LEU E 43 -19.05 -3.60 34.40
C LEU E 43 -19.01 -2.52 35.48
N ASP E 44 -18.38 -1.40 35.13
CA ASP E 44 -18.36 -0.22 35.99
C ASP E 44 -19.79 0.24 36.30
N HIS E 45 -19.98 0.79 37.49
CA HIS E 45 -21.30 1.22 37.93
C HIS E 45 -21.93 2.22 36.97
N GLY E 46 -23.13 1.91 36.50
CA GLY E 46 -23.88 2.80 35.64
C GLY E 46 -23.48 2.83 34.19
N SER E 47 -22.60 1.93 33.76
CA SER E 47 -22.03 1.98 32.42
C SER E 47 -22.77 1.12 31.40
N PHE E 48 -23.68 0.25 31.82
CA PHE E 48 -24.27 -0.74 30.91
C PHE E 48 -25.33 -0.11 30.01
N GLU E 49 -25.15 -0.26 28.70
CA GLU E 49 -26.17 0.02 27.70
C GLU E 49 -26.58 -1.31 27.06
N GLU E 50 -27.85 -1.67 27.22
CA GLU E 50 -28.40 -2.92 26.72
C GLU E 50 -29.01 -2.74 25.33
N PHE E 51 -28.77 -3.72 24.46
CA PHE E 51 -29.40 -3.81 23.15
C PHE E 51 -30.46 -4.90 23.12
N ASP E 52 -31.47 -4.70 22.27
CA ASP E 52 -32.38 -5.76 21.83
C ASP E 52 -33.12 -6.41 22.99
N MET E 53 -33.66 -5.59 23.90
CA MET E 53 -34.39 -6.10 25.06
C MET E 53 -35.66 -6.85 24.66
N PHE E 54 -36.36 -6.38 23.63
CA PHE E 54 -37.70 -6.87 23.29
C PHE E 54 -37.72 -7.91 22.16
N VAL E 55 -36.56 -8.38 21.70
CA VAL E 55 -36.54 -9.34 20.60
C VAL E 55 -37.26 -10.64 20.99
N GLN E 56 -38.06 -11.17 20.06
CA GLN E 56 -38.81 -12.42 20.24
C GLN E 56 -38.48 -13.39 19.11
N HIS E 57 -38.84 -14.65 19.33
CA HIS E 57 -38.68 -15.70 18.32
C HIS E 57 -39.93 -15.78 17.44
N ARG E 58 -39.75 -16.38 16.26
CA ARG E 58 -40.78 -16.44 15.22
C ARG E 58 -41.16 -17.86 14.81
N SER E 59 -40.75 -18.87 15.58
CA SER E 59 -41.11 -20.25 15.25
C SER E 59 -42.59 -20.53 15.50
N THR E 60 -43.14 -21.46 14.71
CA THR E 60 -44.55 -21.81 14.77
C THR E 60 -44.75 -23.33 14.83
N ASP E 61 -43.75 -24.09 15.28
CA ASP E 61 -43.85 -25.54 15.34
C ASP E 61 -43.76 -26.03 16.78
N PHE E 62 -44.44 -27.15 17.04
CA PHE E 62 -44.41 -27.82 18.33
C PHE E 62 -44.86 -26.89 19.46
N GLY E 63 -45.90 -26.10 19.20
CA GLY E 63 -46.49 -25.27 20.22
C GLY E 63 -45.57 -24.21 20.79
N MET E 64 -44.62 -23.73 19.99
CA MET E 64 -43.71 -22.69 20.46
C MET E 64 -44.26 -21.28 20.26
N GLU E 65 -45.32 -21.13 19.46
CA GLU E 65 -45.93 -19.82 19.25
C GLU E 65 -46.64 -19.30 20.49
N LYS E 66 -46.99 -20.18 21.43
CA LYS E 66 -47.75 -19.78 22.61
C LYS E 66 -46.88 -19.41 23.80
N GLN E 67 -45.55 -19.52 23.69
CA GLN E 67 -44.62 -19.06 24.72
C GLN E 67 -43.53 -18.22 24.05
N LYS E 68 -43.82 -16.94 23.87
CA LYS E 68 -42.88 -15.98 23.30
C LYS E 68 -42.32 -15.14 24.44
N ILE E 69 -41.06 -15.39 24.80
CA ILE E 69 -40.40 -14.75 25.92
C ILE E 69 -39.49 -13.65 25.38
N PRO E 70 -39.62 -12.40 25.85
CA PRO E 70 -38.76 -11.33 25.32
C PRO E 70 -37.30 -11.48 25.72
N GLY E 71 -36.42 -11.22 24.77
CA GLY E 71 -34.99 -11.42 24.90
C GLY E 71 -34.47 -12.67 24.20
N ASP E 72 -35.27 -13.74 24.18
CA ASP E 72 -34.94 -14.99 23.51
C ASP E 72 -33.71 -15.67 24.12
N GLY E 73 -33.44 -15.40 25.40
CA GLY E 73 -32.46 -16.17 26.14
C GLY E 73 -31.05 -15.64 26.19
N VAL E 74 -30.83 -14.36 25.90
CA VAL E 74 -29.49 -13.78 26.01
C VAL E 74 -29.62 -12.28 26.23
N VAL E 75 -28.74 -11.74 27.07
CA VAL E 75 -28.65 -10.32 27.38
C VAL E 75 -27.38 -9.78 26.72
N THR E 76 -27.50 -8.73 25.92
CA THR E 76 -26.42 -8.22 25.08
C THR E 76 -26.26 -6.72 25.27
N GLY E 77 -25.03 -6.23 25.15
CA GLY E 77 -24.80 -4.79 25.25
C GLY E 77 -23.32 -4.42 25.35
N TRP E 78 -23.09 -3.22 25.88
CA TRP E 78 -21.75 -2.68 26.00
C TRP E 78 -21.64 -1.79 27.25
N GLY E 79 -20.43 -1.65 27.74
CA GLY E 79 -20.14 -0.77 28.86
C GLY E 79 -18.66 -0.47 28.97
N THR E 80 -18.20 -0.19 30.20
CA THR E 80 -16.81 0.09 30.47
C THR E 80 -16.29 -0.74 31.64
N VAL E 81 -15.01 -1.09 31.55
CA VAL E 81 -14.25 -1.74 32.62
C VAL E 81 -13.03 -0.87 32.89
N ASN E 82 -12.94 -0.36 34.12
CA ASN E 82 -11.93 0.62 34.51
C ASN E 82 -11.76 1.71 33.45
N GLY E 83 -12.89 2.20 32.93
CA GLY E 83 -12.90 3.32 32.02
C GLY E 83 -12.73 2.97 30.56
N ARG E 84 -12.47 1.71 30.23
CA ARG E 84 -12.20 1.28 28.86
C ARG E 84 -13.38 0.50 28.30
N THR E 85 -13.72 0.76 27.04
CA THR E 85 -14.92 0.21 26.40
C THR E 85 -14.82 -1.31 26.24
N VAL E 86 -15.92 -2.01 26.56
CA VAL E 86 -16.07 -3.44 26.35
C VAL E 86 -17.47 -3.76 25.84
N PHE E 87 -17.57 -4.84 25.07
CA PHE E 87 -18.83 -5.41 24.58
C PHE E 87 -19.06 -6.78 25.20
N LEU E 88 -20.32 -7.18 25.38
CA LEU E 88 -20.57 -8.45 26.07
C LEU E 88 -21.96 -9.01 25.78
N PHE E 89 -22.05 -10.34 25.93
CA PHE E 89 -23.31 -11.07 25.95
C PHE E 89 -23.29 -12.10 27.08
N SER E 90 -24.48 -12.48 27.54
CA SER E 90 -24.66 -13.36 28.70
C SER E 90 -25.92 -14.21 28.50
N LYS E 91 -25.75 -15.53 28.49
CA LYS E 91 -26.85 -16.45 28.25
C LYS E 91 -27.74 -16.60 29.49
N ASP E 92 -29.04 -16.75 29.26
CA ASP E 92 -30.05 -16.82 30.32
C ASP E 92 -30.58 -18.25 30.38
N PHE E 93 -30.10 -19.02 31.35
CA PHE E 93 -30.44 -20.43 31.47
C PHE E 93 -31.92 -20.66 31.77
N THR E 94 -32.62 -19.66 32.28
CA THR E 94 -34.04 -19.82 32.61
C THR E 94 -34.95 -19.77 31.39
N VAL E 95 -34.45 -19.38 30.22
CA VAL E 95 -35.27 -19.19 29.02
C VAL E 95 -34.89 -20.29 28.04
N PHE E 96 -35.75 -21.30 27.93
CA PHE E 96 -35.53 -22.42 27.03
C PHE E 96 -34.16 -23.05 27.28
N GLY E 97 -33.74 -23.05 28.55
CA GLY E 97 -32.46 -23.62 28.91
C GLY E 97 -31.27 -22.92 28.27
N GLY E 98 -31.36 -21.62 28.04
CA GLY E 98 -30.29 -20.88 27.41
C GLY E 98 -30.01 -21.31 25.98
N SER E 99 -30.93 -22.07 25.40
CA SER E 99 -30.73 -22.64 24.07
C SER E 99 -30.63 -21.56 23.01
N SER E 100 -29.92 -21.88 21.94
CA SER E 100 -29.64 -20.95 20.85
C SER E 100 -30.67 -21.11 19.74
N SER E 101 -31.26 -20.00 19.33
CA SER E 101 -32.21 -19.94 18.24
C SER E 101 -31.76 -18.86 17.24
N GLU E 102 -32.58 -18.67 16.20
CA GLU E 102 -32.27 -17.71 15.15
C GLU E 102 -32.11 -16.30 15.70
N ALA E 103 -33.14 -15.79 16.39
CA ALA E 103 -33.10 -14.43 16.91
C ALA E 103 -31.99 -14.27 17.96
N HIS E 104 -31.88 -15.25 18.86
CA HIS E 104 -30.78 -15.36 19.81
C HIS E 104 -29.42 -15.14 19.13
N ALA E 105 -29.17 -15.95 18.11
CA ALA E 105 -27.91 -15.86 17.37
C ALA E 105 -27.72 -14.50 16.73
N ALA E 106 -28.80 -13.92 16.19
CA ALA E 106 -28.70 -12.61 15.58
C ALA E 106 -28.30 -11.54 16.60
N LYS E 107 -28.86 -11.64 17.81
CA LYS E 107 -28.46 -10.76 18.90
C LYS E 107 -26.96 -10.85 19.14
N ILE E 108 -26.42 -12.08 19.24
CA ILE E 108 -24.99 -12.23 19.48
C ILE E 108 -24.18 -11.64 18.32
N VAL E 109 -24.62 -11.90 17.08
CA VAL E 109 -23.92 -11.43 15.89
C VAL E 109 -23.83 -9.90 15.89
N LYS E 110 -24.89 -9.21 16.29
CA LYS E 110 -24.86 -7.75 16.34
C LYS E 110 -23.67 -7.24 17.14
N VAL E 111 -23.50 -7.74 18.37
CA VAL E 111 -22.44 -7.22 19.23
C VAL E 111 -21.08 -7.70 18.76
N GLN E 112 -20.98 -8.90 18.18
CA GLN E 112 -19.71 -9.30 17.56
C GLN E 112 -19.29 -8.31 16.48
N ASP E 113 -20.22 -7.97 15.58
CA ASP E 113 -19.90 -7.03 14.50
C ASP E 113 -19.48 -5.68 15.06
N MET E 114 -20.21 -5.18 16.06
CA MET E 114 -19.86 -3.89 16.64
C MET E 114 -18.48 -3.92 17.31
N ALA E 115 -18.17 -5.01 18.02
CA ALA E 115 -16.87 -5.10 18.68
C ALA E 115 -15.74 -5.06 17.67
N LEU E 116 -15.88 -5.80 16.56
CA LEU E 116 -14.84 -5.74 15.54
C LEU E 116 -14.76 -4.34 14.93
N LYS E 117 -15.90 -3.72 14.65
CA LYS E 117 -15.90 -2.43 13.96
C LYS E 117 -15.20 -1.36 14.79
N MET E 118 -15.51 -1.30 16.09
CA MET E 118 -14.90 -0.30 16.96
C MET E 118 -13.60 -0.76 17.61
N ARG E 119 -13.13 -1.97 17.31
CA ARG E 119 -11.85 -2.50 17.79
C ARG E 119 -11.76 -2.43 19.32
N ALA E 120 -12.62 -3.20 19.94
CA ALA E 120 -12.68 -3.34 21.39
C ALA E 120 -12.89 -4.79 21.81
N PRO E 121 -12.50 -5.15 23.04
CA PRO E 121 -12.65 -6.53 23.49
C PRO E 121 -14.11 -6.99 23.57
N ILE E 122 -14.29 -8.30 23.56
CA ILE E 122 -15.60 -8.93 23.70
C ILE E 122 -15.53 -10.10 24.69
N ILE E 123 -16.49 -10.14 25.61
CA ILE E 123 -16.58 -11.09 26.71
C ILE E 123 -17.88 -11.87 26.58
N GLY E 124 -17.78 -13.20 26.56
CA GLY E 124 -18.96 -14.05 26.50
C GLY E 124 -19.13 -14.96 27.72
N ILE E 125 -20.30 -14.90 28.34
CA ILE E 125 -20.60 -15.65 29.56
C ILE E 125 -21.62 -16.72 29.23
N PHE E 126 -21.26 -17.99 29.43
CA PHE E 126 -22.00 -19.13 28.92
C PHE E 126 -22.68 -19.92 30.04
N ASP E 127 -23.99 -20.10 29.91
CA ASP E 127 -24.79 -20.97 30.78
C ASP E 127 -26.02 -21.41 29.97
N ALA E 128 -25.92 -22.55 29.30
CA ALA E 128 -26.87 -22.89 28.24
C ALA E 128 -26.71 -24.36 27.85
N GLY E 129 -27.44 -24.76 26.81
CA GLY E 129 -27.47 -26.14 26.37
C GLY E 129 -27.53 -26.38 24.87
N GLY E 130 -27.15 -25.40 24.05
CA GLY E 130 -26.94 -25.62 22.63
C GLY E 130 -28.13 -25.28 21.75
N ALA E 131 -28.14 -25.90 20.58
CA ALA E 131 -29.16 -25.61 19.57
C ALA E 131 -30.55 -25.99 20.06
N ARG E 132 -31.48 -25.03 19.96
CA ARG E 132 -32.86 -25.23 20.37
C ARG E 132 -33.53 -26.22 19.40
N ILE E 133 -33.86 -27.40 19.91
CA ILE E 133 -34.27 -28.52 19.06
C ILE E 133 -35.50 -28.15 18.25
N GLN E 134 -36.49 -27.50 18.87
CA GLN E 134 -37.75 -27.23 18.21
C GLN E 134 -37.58 -26.37 16.96
N GLU E 135 -36.53 -25.56 16.89
CA GLU E 135 -36.31 -24.72 15.72
C GLU E 135 -35.62 -25.44 14.57
N GLY E 136 -35.07 -26.64 14.82
CA GLY E 136 -34.48 -27.41 13.75
C GLY E 136 -33.30 -26.73 13.09
N VAL E 137 -33.17 -26.97 11.78
CA VAL E 137 -31.99 -26.58 11.04
C VAL E 137 -31.68 -25.09 11.20
N ALA E 138 -32.71 -24.25 11.29
CA ALA E 138 -32.48 -22.82 11.42
C ALA E 138 -31.54 -22.52 12.58
N ALA E 139 -31.79 -23.17 13.73
CA ALA E 139 -30.91 -22.99 14.89
C ALA E 139 -29.45 -23.16 14.48
N LEU E 140 -29.13 -24.26 13.82
CA LEU E 140 -27.75 -24.53 13.44
C LEU E 140 -27.18 -23.37 12.63
N GLY E 141 -27.96 -22.89 11.65
CA GLY E 141 -27.54 -21.75 10.86
C GLY E 141 -27.03 -20.62 11.72
N GLY E 142 -27.81 -20.25 12.73
CA GLY E 142 -27.38 -19.20 13.63
C GLY E 142 -26.00 -19.46 14.21
N HIS E 143 -25.79 -20.66 14.75
CA HIS E 143 -24.48 -21.05 15.31
C HIS E 143 -23.40 -20.73 14.31
N GLY E 144 -23.58 -21.12 13.03
CA GLY E 144 -22.55 -20.90 12.04
C GLY E 144 -22.17 -19.45 11.93
N GLU E 145 -23.16 -18.56 11.90
CA GLU E 145 -22.87 -17.13 11.74
C GLU E 145 -22.03 -16.63 12.89
N VAL E 146 -22.23 -17.17 14.10
CA VAL E 146 -21.37 -16.81 15.22
C VAL E 146 -19.96 -17.32 14.98
N PHE E 147 -19.83 -18.59 14.62
CA PHE E 147 -18.50 -19.19 14.44
C PHE E 147 -17.67 -18.34 13.50
N ARG E 148 -18.20 -18.06 12.31
CA ARG E 148 -17.51 -17.25 11.32
C ARG E 148 -16.92 -15.99 11.95
N ARG E 149 -17.74 -15.27 12.71
CA ARG E 149 -17.28 -14.00 13.24
C ARG E 149 -16.16 -14.19 14.27
N ASN E 150 -16.27 -15.23 15.11
CA ASN E 150 -15.15 -15.57 15.98
C ASN E 150 -13.86 -15.60 15.17
N VAL E 151 -13.86 -16.36 14.08
CA VAL E 151 -12.64 -16.54 13.30
C VAL E 151 -12.19 -15.20 12.73
N ALA E 152 -13.14 -14.38 12.26
CA ALA E 152 -12.75 -13.09 11.69
C ALA E 152 -12.02 -12.24 12.72
N ALA E 153 -12.37 -12.35 13.99
CA ALA E 153 -11.83 -11.48 15.03
C ALA E 153 -10.55 -12.01 15.66
N SER E 154 -10.13 -13.23 15.34
CA SER E 154 -8.97 -13.83 15.98
C SER E 154 -7.70 -13.06 15.60
N GLY E 155 -7.00 -12.55 16.61
CA GLY E 155 -5.82 -11.76 16.41
C GLY E 155 -6.07 -10.28 16.16
N VAL E 156 -7.31 -9.82 16.19
CA VAL E 156 -7.65 -8.42 15.98
C VAL E 156 -8.13 -7.76 17.28
N ILE E 157 -9.03 -8.43 18.00
CA ILE E 157 -9.51 -7.97 19.31
C ILE E 157 -9.45 -9.16 20.27
N PRO E 158 -9.15 -8.94 21.55
CA PRO E 158 -9.15 -10.07 22.49
C PRO E 158 -10.57 -10.56 22.78
N GLN E 159 -10.74 -11.87 22.77
CA GLN E 159 -12.02 -12.54 23.03
C GLN E 159 -11.87 -13.43 24.26
N ILE E 160 -12.70 -13.20 25.28
CA ILE E 160 -12.66 -14.01 26.50
C ILE E 160 -13.98 -14.74 26.69
N SER E 161 -13.91 -15.99 27.15
CA SER E 161 -15.06 -16.83 27.46
C SER E 161 -15.05 -17.24 28.93
N VAL E 162 -16.22 -17.20 29.56
CA VAL E 162 -16.41 -17.53 30.97
C VAL E 162 -17.56 -18.54 31.06
N ILE E 163 -17.24 -19.76 31.45
CA ILE E 163 -18.20 -20.86 31.52
C ILE E 163 -18.70 -20.96 32.96
N MET E 164 -19.95 -20.58 33.18
CA MET E 164 -20.54 -20.50 34.51
C MET E 164 -21.75 -21.42 34.66
N GLY E 165 -21.89 -22.38 33.75
CA GLY E 165 -22.90 -23.40 33.84
C GLY E 165 -22.71 -24.46 32.76
N PRO E 166 -23.74 -25.24 32.47
CA PRO E 166 -23.62 -26.24 31.41
C PRO E 166 -23.28 -25.60 30.07
N CYS E 167 -22.54 -26.34 29.25
CA CYS E 167 -22.23 -25.92 27.89
C CYS E 167 -22.00 -27.19 27.07
N ALA E 168 -22.96 -27.52 26.22
CA ALA E 168 -22.99 -28.80 25.54
C ALA E 168 -23.28 -28.62 24.05
N GLY E 169 -22.83 -29.60 23.27
CA GLY E 169 -23.08 -29.61 21.85
C GLY E 169 -22.41 -28.46 21.11
N GLY E 170 -23.07 -28.00 20.05
CA GLY E 170 -22.44 -27.06 19.13
C GLY E 170 -21.94 -25.81 19.82
N ASP E 171 -22.53 -25.46 20.96
CA ASP E 171 -22.09 -24.29 21.70
C ASP E 171 -20.58 -24.31 21.94
N VAL E 172 -20.04 -25.46 22.35
CA VAL E 172 -18.70 -25.49 22.92
C VAL E 172 -17.64 -25.01 21.93
N TYR E 173 -17.94 -25.03 20.63
CA TYR E 173 -16.93 -24.66 19.65
C TYR E 173 -16.71 -23.15 19.58
N SER E 174 -17.68 -22.34 19.98
CA SER E 174 -17.43 -20.90 20.02
C SER E 174 -16.39 -20.53 21.07
N PRO E 175 -16.51 -20.93 22.34
CA PRO E 175 -15.42 -20.65 23.30
C PRO E 175 -14.09 -21.22 22.85
N ALA E 176 -14.10 -22.39 22.22
CA ALA E 176 -12.85 -23.02 21.81
C ALA E 176 -12.02 -22.12 20.91
N MET E 177 -12.67 -21.32 20.07
CA MET E 177 -11.98 -20.44 19.13
C MET E 177 -11.62 -19.08 19.73
N THR E 178 -11.86 -18.89 21.02
CA THR E 178 -11.50 -17.66 21.72
C THR E 178 -10.14 -17.80 22.38
N ASP E 179 -9.65 -16.71 22.97
CA ASP E 179 -8.27 -16.66 23.45
C ASP E 179 -8.10 -17.26 24.84
N PHE E 180 -9.11 -17.17 25.70
CA PHE E 180 -9.02 -17.69 27.06
C PHE E 180 -10.36 -18.25 27.50
N ILE E 181 -10.34 -19.43 28.13
CA ILE E 181 -11.52 -20.09 28.68
C ILE E 181 -11.31 -20.28 30.18
N PHE E 182 -12.20 -19.69 30.99
CA PHE E 182 -12.20 -19.84 32.44
C PHE E 182 -13.49 -20.52 32.90
N MET E 183 -13.38 -21.33 33.95
CA MET E 183 -14.48 -22.16 34.44
C MET E 183 -14.68 -21.98 35.94
N VAL E 184 -15.92 -22.21 36.38
CA VAL E 184 -16.30 -22.16 37.79
C VAL E 184 -16.40 -23.58 38.31
N ARG E 185 -15.70 -23.87 39.41
CA ARG E 185 -15.65 -25.21 39.96
C ARG E 185 -17.02 -25.62 40.53
N ASP E 186 -17.38 -26.88 40.29
CA ASP E 186 -18.52 -27.62 40.84
C ASP E 186 -19.86 -27.25 40.22
N THR E 187 -19.94 -26.23 39.37
CA THR E 187 -21.21 -25.86 38.73
C THR E 187 -21.15 -25.76 37.21
N SER E 188 -19.98 -25.83 36.59
CA SER E 188 -19.86 -25.75 35.14
C SER E 188 -19.27 -27.03 34.56
N TYR E 189 -19.56 -27.28 33.29
CA TYR E 189 -19.00 -28.42 32.56
C TYR E 189 -19.13 -28.19 31.06
N MET E 190 -18.23 -28.83 30.29
CA MET E 190 -18.20 -28.74 28.84
C MET E 190 -17.97 -30.12 28.23
N PHE E 191 -18.78 -30.45 27.21
CA PHE E 191 -18.53 -31.64 26.40
C PHE E 191 -19.33 -31.55 25.10
N VAL E 192 -18.81 -32.21 24.07
CA VAL E 192 -19.47 -32.25 22.76
C VAL E 192 -20.67 -33.19 22.81
N THR E 193 -20.51 -34.36 23.42
CA THR E 193 -21.55 -35.38 23.49
C THR E 193 -21.79 -35.76 24.96
N GLY E 194 -23.05 -35.94 25.31
CA GLY E 194 -23.46 -36.09 26.69
C GLY E 194 -23.48 -37.53 27.19
N PRO E 195 -23.70 -37.71 28.49
CA PRO E 195 -23.59 -39.05 29.08
C PRO E 195 -24.56 -40.08 28.53
N ASP E 196 -25.77 -39.69 28.13
CA ASP E 196 -26.74 -40.67 27.66
C ASP E 196 -26.24 -41.40 26.42
N VAL E 197 -25.73 -40.64 25.45
CA VAL E 197 -25.20 -41.26 24.24
C VAL E 197 -23.92 -42.04 24.56
N VAL E 198 -23.11 -41.53 25.49
CA VAL E 198 -21.94 -42.26 25.93
C VAL E 198 -22.34 -43.65 26.44
N LYS E 199 -23.38 -43.71 27.27
CA LYS E 199 -23.86 -44.98 27.78
C LYS E 199 -24.36 -45.88 26.66
N THR E 200 -25.16 -45.32 25.75
CA THR E 200 -25.72 -46.13 24.67
C THR E 200 -24.62 -46.74 23.80
N VAL E 201 -23.60 -45.95 23.45
CA VAL E 201 -22.63 -46.35 22.44
C VAL E 201 -21.44 -47.09 23.03
N THR E 202 -20.91 -46.65 24.18
CA THR E 202 -19.69 -47.20 24.74
C THR E 202 -19.92 -48.05 25.98
N ASN E 203 -21.11 -48.02 26.56
CA ASN E 203 -21.45 -48.70 27.81
C ASN E 203 -20.81 -48.06 29.03
N GLU E 204 -20.12 -46.93 28.86
CA GLU E 204 -19.57 -46.22 30.01
C GLU E 204 -20.69 -45.49 30.74
N VAL E 205 -20.61 -45.51 32.07
CA VAL E 205 -21.56 -44.83 32.95
C VAL E 205 -20.79 -43.73 33.65
N VAL E 206 -21.08 -42.47 33.30
CA VAL E 206 -20.31 -41.33 33.79
C VAL E 206 -21.22 -40.16 34.07
N THR E 207 -20.85 -39.36 35.07
CA THR E 207 -21.55 -38.13 35.40
C THR E 207 -21.06 -36.99 34.51
N ALA E 208 -21.87 -35.93 34.44
CA ALA E 208 -21.46 -34.72 33.72
C ALA E 208 -20.18 -34.14 34.32
N GLU E 209 -20.08 -34.11 35.65
CA GLU E 209 -18.87 -33.63 36.30
C GLU E 209 -17.67 -34.49 35.95
N GLU E 210 -17.85 -35.80 35.92
CA GLU E 210 -16.75 -36.71 35.60
C GLU E 210 -16.39 -36.69 34.11
N LEU E 211 -17.32 -36.28 33.25
CA LEU E 211 -17.08 -36.26 31.81
C LEU E 211 -16.46 -34.95 31.36
N GLY E 212 -16.99 -33.81 31.82
CA GLY E 212 -16.51 -32.52 31.38
C GLY E 212 -16.38 -31.46 32.45
N GLY E 213 -16.12 -31.85 33.70
CA GLY E 213 -16.01 -30.90 34.78
C GLY E 213 -14.72 -30.09 34.75
N ALA E 214 -14.63 -29.14 35.68
CA ALA E 214 -13.51 -28.20 35.71
C ALA E 214 -12.17 -28.90 35.91
N LYS E 215 -12.14 -29.92 36.78
CA LYS E 215 -10.89 -30.64 37.00
C LYS E 215 -10.37 -31.25 35.70
N VAL E 216 -11.26 -31.89 34.95
CA VAL E 216 -10.90 -32.54 33.69
C VAL E 216 -10.29 -31.52 32.72
N HIS E 217 -10.91 -30.35 32.58
CA HIS E 217 -10.51 -29.39 31.57
C HIS E 217 -9.40 -28.47 32.03
N THR E 218 -9.06 -28.46 33.32
CA THR E 218 -7.95 -27.67 33.83
C THR E 218 -6.70 -28.50 34.12
N SER E 219 -6.80 -29.84 34.15
CA SER E 219 -5.64 -30.66 34.50
C SER E 219 -5.30 -31.75 33.50
N LYS E 220 -6.23 -32.17 32.63
CA LYS E 220 -5.98 -33.29 31.73
C LYS E 220 -6.10 -32.92 30.26
N SER E 221 -7.12 -32.17 29.86
CA SER E 221 -7.49 -32.09 28.44
C SER E 221 -6.87 -30.93 27.69
N SER E 222 -6.35 -29.91 28.37
CA SER E 222 -5.75 -28.71 27.78
C SER E 222 -6.76 -27.65 27.36
N ILE E 223 -8.03 -27.76 27.76
CA ILE E 223 -9.06 -26.88 27.21
C ILE E 223 -9.13 -25.56 28.00
N ALA E 224 -9.09 -25.62 29.33
CA ALA E 224 -9.31 -24.45 30.17
C ALA E 224 -7.99 -23.85 30.64
N ASP E 225 -7.98 -22.51 30.73
CA ASP E 225 -6.84 -21.73 31.20
C ASP E 225 -6.86 -21.48 32.70
N GLY E 226 -7.96 -21.78 33.38
CA GLY E 226 -8.05 -21.60 34.82
C GLY E 226 -9.43 -21.86 35.38
N SER E 227 -9.51 -22.07 36.69
CA SER E 227 -10.77 -22.26 37.39
C SER E 227 -10.81 -21.41 38.65
N PHE E 228 -12.02 -21.25 39.19
CA PHE E 228 -12.28 -20.34 40.30
C PHE E 228 -13.34 -20.95 41.22
N GLU E 229 -13.38 -20.44 42.46
CA GLU E 229 -14.22 -21.03 43.49
C GLU E 229 -15.70 -20.73 43.26
N ASN E 230 -16.03 -19.52 42.79
CA ASN E 230 -17.42 -19.14 42.60
C ASN E 230 -17.52 -18.02 41.57
N ASP E 231 -18.76 -17.68 41.21
CA ASP E 231 -19.02 -16.68 40.18
C ASP E 231 -18.33 -15.35 40.49
N VAL E 232 -18.45 -14.88 41.73
CA VAL E 232 -17.95 -13.54 42.08
C VAL E 232 -16.44 -13.47 41.90
N GLU E 233 -15.72 -14.45 42.43
CA GLU E 233 -14.28 -14.51 42.27
C GLU E 233 -13.89 -14.53 40.79
N ALA E 234 -14.59 -15.33 39.99
CA ALA E 234 -14.29 -15.41 38.57
C ALA E 234 -14.43 -14.04 37.89
N ILE E 235 -15.53 -13.34 38.16
CA ILE E 235 -15.79 -12.09 37.46
C ILE E 235 -14.77 -11.03 37.88
N LEU E 236 -14.43 -10.98 39.17
CA LEU E 236 -13.42 -10.03 39.63
C LEU E 236 -12.06 -10.34 38.98
N GLN E 237 -11.74 -11.62 38.82
CA GLN E 237 -10.48 -11.96 38.17
C GLN E 237 -10.50 -11.62 36.68
N ILE E 238 -11.67 -11.65 36.04
CA ILE E 238 -11.75 -11.23 34.64
C ILE E 238 -11.48 -9.73 34.52
N ARG E 239 -12.03 -8.93 35.44
CA ARG E 239 -11.67 -7.51 35.50
C ARG E 239 -10.14 -7.34 35.59
N ARG E 240 -9.54 -8.03 36.56
CA ARG E 240 -8.10 -7.97 36.73
C ARG E 240 -7.36 -8.28 35.42
N LEU E 241 -7.75 -9.37 34.75
CA LEU E 241 -7.09 -9.76 33.51
C LEU E 241 -7.23 -8.68 32.44
N LEU E 242 -8.44 -8.13 32.30
CA LEU E 242 -8.63 -7.11 31.26
C LEU E 242 -7.71 -5.93 31.49
N ASP E 243 -7.38 -5.63 32.75
CA ASP E 243 -6.45 -4.53 32.98
C ASP E 243 -5.04 -4.80 32.43
N PHE E 244 -4.67 -6.05 32.19
CA PHE E 244 -3.37 -6.36 31.59
C PHE E 244 -3.38 -6.20 30.07
N LEU E 245 -4.50 -6.45 29.42
CA LEU E 245 -4.49 -6.73 27.99
C LEU E 245 -4.66 -5.48 27.15
N PRO E 246 -4.06 -5.44 25.96
CA PRO E 246 -4.39 -4.39 25.00
C PRO E 246 -5.81 -4.50 24.48
N ALA E 247 -6.40 -3.33 24.18
CA ALA E 247 -7.75 -3.30 23.62
C ALA E 247 -7.81 -3.99 22.26
N ASN E 248 -6.78 -3.80 21.44
CA ASN E 248 -6.74 -4.33 20.09
C ASN E 248 -5.29 -4.52 19.68
N ASN E 249 -5.08 -4.92 18.43
CA ASN E 249 -3.76 -5.29 17.91
C ASN E 249 -2.93 -4.10 17.42
N ILE E 250 -3.41 -2.88 17.57
CA ILE E 250 -2.68 -1.69 17.14
C ILE E 250 -2.24 -0.82 18.32
N GLU E 251 -3.05 -0.72 19.37
CA GLU E 251 -2.84 0.30 20.39
C GLU E 251 -1.66 0.04 21.31
N GLY E 252 -1.22 -1.21 21.46
CA GLY E 252 -0.18 -1.56 22.41
C GLY E 252 -0.70 -1.76 23.82
N VAL E 253 0.19 -2.23 24.68
CA VAL E 253 -0.16 -2.62 26.05
C VAL E 253 -0.56 -1.40 26.87
N PRO E 254 -1.49 -1.53 27.83
CA PRO E 254 -1.77 -0.42 28.74
C PRO E 254 -0.60 -0.14 29.67
N GLU E 255 -0.60 1.08 30.22
CA GLU E 255 0.43 1.54 31.14
C GLU E 255 -0.20 2.07 32.41
N ILE E 256 0.40 1.72 33.54
CA ILE E 256 0.03 2.25 34.85
C ILE E 256 1.29 2.78 35.53
N GLU E 257 1.08 3.47 36.65
CA GLU E 257 2.16 4.02 37.45
C GLU E 257 2.62 3.00 38.48
N SER E 258 3.91 2.69 38.48
CA SER E 258 4.46 1.63 39.31
C SER E 258 4.95 2.16 40.65
N PHE E 259 4.81 1.34 41.68
CA PHE E 259 5.34 1.62 43.01
C PHE E 259 6.71 1.01 43.24
N ASP E 260 7.26 0.28 42.27
CA ASP E 260 8.55 -0.38 42.39
C ASP E 260 9.65 0.46 41.73
N ASP E 261 10.90 0.00 41.86
CA ASP E 261 12.07 0.69 41.34
C ASP E 261 12.82 -0.22 40.38
N VAL E 262 13.22 0.33 39.23
CA VAL E 262 13.87 -0.46 38.19
C VAL E 262 15.36 -0.65 38.41
N ASN E 263 15.94 -0.01 39.42
CA ASN E 263 17.39 -0.09 39.66
C ASN E 263 17.73 -0.82 40.97
N ARG E 264 16.82 -1.61 41.51
CA ARG E 264 17.09 -2.34 42.74
C ARG E 264 17.73 -3.70 42.44
N LEU E 265 18.68 -4.08 43.28
CA LEU E 265 19.37 -5.34 43.19
C LEU E 265 18.77 -6.35 44.16
N ASP E 266 18.88 -7.63 43.82
CA ASP E 266 18.30 -8.72 44.60
C ASP E 266 19.40 -9.72 44.95
N LYS E 267 19.98 -9.57 46.15
CA LYS E 267 21.08 -10.46 46.56
C LYS E 267 20.63 -11.90 46.72
N SER E 268 19.37 -12.11 47.12
CA SER E 268 18.87 -13.47 47.33
C SER E 268 19.15 -14.36 46.13
N LEU E 269 18.97 -13.84 44.92
CA LEU E 269 19.12 -14.64 43.72
C LEU E 269 20.52 -15.23 43.58
N ASP E 270 21.51 -14.68 44.28
CA ASP E 270 22.86 -15.22 44.21
C ASP E 270 22.95 -16.61 44.84
N THR E 271 22.02 -16.96 45.73
CA THR E 271 22.02 -18.26 46.39
C THR E 271 20.85 -19.14 45.97
N LEU E 272 20.14 -18.81 44.89
CA LEU E 272 18.95 -19.56 44.52
C LEU E 272 19.31 -20.94 43.99
N ILE E 273 20.32 -21.02 43.12
CA ILE E 273 20.70 -22.28 42.48
C ILE E 273 21.50 -23.12 43.47
N PRO E 274 21.08 -24.35 43.77
CA PRO E 274 21.84 -25.17 44.72
C PRO E 274 23.16 -25.67 44.15
N ASP E 275 24.12 -25.90 45.05
CA ASP E 275 25.39 -26.48 44.66
C ASP E 275 25.23 -27.88 44.08
N ASN E 276 24.35 -28.68 44.67
CA ASN E 276 24.13 -30.03 44.19
C ASN E 276 23.28 -30.00 42.93
N PRO E 277 23.78 -30.50 41.80
CA PRO E 277 23.00 -30.39 40.55
C PRO E 277 21.77 -31.26 40.51
N ASN E 278 21.67 -32.27 41.37
CA ASN E 278 20.50 -33.14 41.42
C ASN E 278 19.41 -32.62 42.35
N LYS E 279 19.46 -31.35 42.73
CA LYS E 279 18.46 -30.74 43.60
C LYS E 279 17.76 -29.60 42.89
N PRO E 280 16.42 -29.50 42.98
CA PRO E 280 15.70 -28.45 42.25
C PRO E 280 15.47 -27.16 43.03
N TYR E 281 14.91 -26.18 42.34
CA TYR E 281 14.48 -24.93 42.93
C TYR E 281 13.19 -24.49 42.24
N ASP E 282 12.46 -23.58 42.89
CA ASP E 282 11.17 -23.11 42.38
C ASP E 282 11.40 -21.90 41.47
N MET E 283 11.14 -22.07 40.18
CA MET E 283 11.29 -21.00 39.20
C MET E 283 10.25 -19.89 39.38
N GLY E 284 9.09 -20.24 39.92
CA GLY E 284 8.06 -19.24 40.15
C GLY E 284 8.48 -18.18 41.15
N GLU E 285 9.36 -18.53 42.09
CA GLU E 285 9.91 -17.54 43.00
C GLU E 285 10.76 -16.51 42.26
N LEU E 286 11.59 -16.96 41.32
CA LEU E 286 12.35 -16.01 40.52
C LEU E 286 11.42 -15.12 39.72
N ILE E 287 10.39 -15.71 39.10
CA ILE E 287 9.42 -14.90 38.36
C ILE E 287 8.82 -13.83 39.28
N ARG E 288 8.36 -14.24 40.46
CA ARG E 288 7.66 -13.33 41.36
C ARG E 288 8.59 -12.32 42.02
N ARG E 289 9.91 -12.55 41.98
CA ARG E 289 10.86 -11.55 42.43
C ARG E 289 11.30 -10.59 41.34
N VAL E 290 11.12 -10.95 40.07
CA VAL E 290 11.52 -10.05 38.99
C VAL E 290 10.41 -9.06 38.59
N VAL E 291 9.14 -9.41 38.76
CA VAL E 291 8.06 -8.56 38.30
C VAL E 291 7.79 -7.43 39.31
N ASP E 292 7.10 -6.39 38.83
CA ASP E 292 6.68 -5.30 39.71
C ASP E 292 5.79 -5.81 40.82
N GLU E 293 6.14 -5.46 42.06
CA GLU E 293 5.27 -5.63 43.23
C GLU E 293 4.89 -7.09 43.47
N GLY E 294 5.60 -8.04 42.87
CA GLY E 294 5.30 -9.44 43.06
C GLY E 294 3.98 -9.90 42.50
N ASP E 295 3.41 -9.17 41.54
CA ASP E 295 2.09 -9.46 40.99
C ASP E 295 2.23 -10.24 39.69
N PHE E 296 1.59 -11.41 39.64
CA PHE E 296 1.72 -12.32 38.51
C PHE E 296 0.40 -13.04 38.26
N PHE E 297 -0.10 -12.97 37.04
CA PHE E 297 -1.35 -13.62 36.62
C PHE E 297 -0.98 -14.85 35.79
N GLU E 298 -1.12 -16.03 36.37
CA GLU E 298 -0.68 -17.27 35.75
C GLU E 298 -1.77 -17.86 34.86
N ILE E 299 -1.35 -18.38 33.71
CA ILE E 299 -2.24 -18.99 32.71
C ILE E 299 -1.95 -20.48 32.64
N GLN E 300 -3.01 -21.29 32.66
CA GLN E 300 -2.93 -22.76 32.60
C GLN E 300 -2.03 -23.32 33.70
N ALA E 301 -2.26 -22.84 34.92
CA ALA E 301 -1.40 -23.21 36.06
C ALA E 301 -1.42 -24.70 36.35
N ALA E 302 -2.58 -25.35 36.22
CA ALA E 302 -2.77 -26.73 36.63
C ALA E 302 -2.40 -27.75 35.56
N TYR E 303 -2.07 -27.31 34.35
CA TYR E 303 -1.78 -28.19 33.23
C TYR E 303 -0.33 -28.02 32.80
N ALA E 304 0.35 -29.14 32.56
CA ALA E 304 1.74 -29.17 32.13
C ALA E 304 2.61 -28.28 33.02
N ARG E 305 2.68 -28.67 34.28
CA ARG E 305 3.33 -27.87 35.32
C ARG E 305 4.85 -27.89 35.22
N ASN E 306 5.42 -28.65 34.28
CA ASN E 306 6.83 -28.55 33.94
C ASN E 306 7.18 -27.25 33.24
N ILE E 307 6.19 -26.44 32.85
CA ILE E 307 6.43 -25.14 32.24
C ILE E 307 5.45 -24.12 32.83
N ILE E 308 5.90 -22.87 32.90
CA ILE E 308 5.14 -21.75 33.46
C ILE E 308 4.94 -20.70 32.38
N THR E 309 3.70 -20.18 32.28
CA THR E 309 3.32 -19.12 31.35
C THR E 309 2.43 -18.12 32.07
N GLY E 310 2.67 -16.82 31.89
CA GLY E 310 1.80 -15.84 32.54
C GLY E 310 2.17 -14.39 32.23
N PHE E 311 1.40 -13.48 32.86
CA PHE E 311 1.53 -12.03 32.67
C PHE E 311 2.03 -11.35 33.94
N GLY E 312 2.99 -10.44 33.78
CA GLY E 312 3.38 -9.51 34.82
C GLY E 312 3.55 -8.10 34.28
N ARG E 313 4.07 -7.18 35.09
CA ARG E 313 4.42 -5.84 34.64
C ARG E 313 5.87 -5.51 34.98
N VAL E 314 6.52 -4.80 34.07
CA VAL E 314 7.82 -4.18 34.30
C VAL E 314 7.70 -2.71 33.92
N GLU E 315 8.13 -1.84 34.83
CA GLU E 315 8.03 -0.39 34.64
C GLU E 315 6.62 0.01 34.20
N GLY E 316 5.62 -0.62 34.81
CA GLY E 316 4.23 -0.27 34.57
C GLY E 316 3.65 -0.76 33.26
N ARG E 317 4.38 -1.56 32.50
CA ARG E 317 3.89 -2.09 31.23
C ARG E 317 3.85 -3.62 31.27
N THR E 318 2.85 -4.17 30.59
CA THR E 318 2.61 -5.62 30.58
C THR E 318 3.71 -6.37 29.85
N VAL E 319 4.13 -7.50 30.42
CA VAL E 319 5.13 -8.39 29.85
C VAL E 319 4.70 -9.83 30.06
N GLY E 320 4.87 -10.66 29.03
CA GLY E 320 4.63 -12.08 29.16
C GLY E 320 5.88 -12.83 29.57
N PHE E 321 5.67 -13.92 30.32
CA PHE E 321 6.76 -14.73 30.85
C PHE E 321 6.55 -16.21 30.53
N VAL E 322 7.63 -16.86 30.08
CA VAL E 322 7.71 -18.30 29.86
C VAL E 322 8.93 -18.84 30.61
N ALA E 323 8.79 -20.00 31.25
CA ALA E 323 9.91 -20.51 32.04
C ALA E 323 9.81 -22.03 32.25
N ASN E 324 10.98 -22.67 32.32
CA ASN E 324 11.02 -24.10 32.67
C ASN E 324 11.01 -24.27 34.19
N GLN E 325 10.33 -25.31 34.67
CA GLN E 325 10.09 -25.52 36.10
C GLN E 325 10.78 -26.80 36.57
N PRO E 326 11.97 -26.72 37.18
CA PRO E 326 12.67 -27.96 37.59
C PRO E 326 11.91 -28.82 38.59
N LEU E 327 10.94 -28.27 39.32
CA LEU E 327 10.25 -29.04 40.35
C LEU E 327 9.33 -30.12 39.78
N VAL E 328 9.08 -30.13 38.47
CA VAL E 328 8.16 -31.08 37.85
C VAL E 328 8.83 -31.67 36.62
N LEU E 329 8.94 -33.00 36.57
CA LEU E 329 9.56 -33.74 35.46
C LEU E 329 10.96 -33.21 35.13
N ALA E 330 11.69 -32.76 36.15
CA ALA E 330 13.05 -32.23 35.99
C ALA E 330 13.11 -31.07 35.00
N GLY E 331 11.96 -30.47 34.68
CA GLY E 331 11.93 -29.36 33.76
C GLY E 331 12.04 -29.72 32.30
N VAL E 332 11.82 -30.99 31.95
CA VAL E 332 11.93 -31.39 30.55
C VAL E 332 10.79 -30.79 29.73
N LEU E 333 11.01 -30.74 28.42
CA LEU E 333 9.96 -30.40 27.47
C LEU E 333 9.22 -31.66 27.02
N ASP E 334 7.91 -31.55 26.92
CA ASP E 334 7.06 -32.61 26.41
C ASP E 334 5.97 -31.98 25.55
N SER E 335 5.12 -32.82 24.95
CA SER E 335 4.12 -32.34 24.00
C SER E 335 3.16 -31.33 24.64
N ASP E 336 2.64 -31.67 25.83
CA ASP E 336 1.67 -30.80 26.50
C ASP E 336 2.28 -29.43 26.80
N ALA E 337 3.48 -29.41 27.40
CA ALA E 337 4.16 -28.16 27.68
C ALA E 337 4.44 -27.38 26.41
N SER E 338 4.81 -28.09 25.33
CA SER E 338 5.08 -27.43 24.06
C SER E 338 3.86 -26.68 23.57
N ARG E 339 2.70 -27.35 23.53
CA ARG E 339 1.48 -26.69 23.06
C ARG E 339 1.08 -25.53 23.97
N LYS E 340 1.15 -25.74 25.28
CA LYS E 340 0.85 -24.70 26.25
C LYS E 340 1.65 -23.43 25.98
N ALA E 341 2.97 -23.57 25.88
CA ALA E 341 3.83 -22.40 25.63
C ALA E 341 3.58 -21.81 24.24
N ALA E 342 3.27 -22.65 23.26
CA ALA E 342 3.14 -22.16 21.89
C ALA E 342 1.95 -21.22 21.72
N ARG E 343 0.79 -21.61 22.26
CA ARG E 343 -0.37 -20.73 22.13
C ARG E 343 -0.13 -19.38 22.79
N PHE E 344 0.55 -19.39 23.94
CA PHE E 344 0.82 -18.16 24.67
C PHE E 344 1.75 -17.24 23.88
N VAL E 345 2.84 -17.80 23.33
CA VAL E 345 3.74 -17.00 22.51
C VAL E 345 2.99 -16.41 21.31
N ARG E 346 2.13 -17.21 20.66
CA ARG E 346 1.37 -16.73 19.51
C ARG E 346 0.48 -15.55 19.90
N PHE E 347 -0.24 -15.66 21.02
CA PHE E 347 -1.11 -14.57 21.46
C PHE E 347 -0.32 -13.30 21.72
N CYS E 348 0.72 -13.41 22.56
CA CYS E 348 1.60 -12.28 22.84
C CYS E 348 2.03 -11.59 21.55
N ASN E 349 2.60 -12.34 20.61
CA ASN E 349 3.09 -11.72 19.38
C ASN E 349 1.97 -11.04 18.61
N ALA E 350 0.81 -11.68 18.53
CA ALA E 350 -0.31 -11.09 17.80
C ALA E 350 -0.69 -9.74 18.36
N PHE E 351 -0.61 -9.57 19.69
CA PHE E 351 -1.07 -8.34 20.33
C PHE E 351 0.08 -7.46 20.84
N SER E 352 1.30 -7.65 20.34
CA SER E 352 2.43 -6.74 20.56
C SER E 352 2.85 -6.67 22.04
N ILE E 353 2.85 -7.81 22.72
CA ILE E 353 3.29 -7.90 24.10
C ILE E 353 4.69 -8.52 24.13
N PRO E 354 5.68 -7.88 24.76
CA PRO E 354 7.02 -8.47 24.83
C PRO E 354 7.08 -9.72 25.70
N ILE E 355 8.07 -10.57 25.42
CA ILE E 355 8.21 -11.88 26.05
C ILE E 355 9.60 -12.06 26.69
N VAL E 356 9.61 -12.46 27.96
CA VAL E 356 10.83 -12.84 28.69
C VAL E 356 10.76 -14.33 29.01
N THR E 357 11.87 -15.03 28.73
CA THR E 357 11.96 -16.48 28.87
C THR E 357 13.12 -16.88 29.79
N PHE E 358 12.83 -17.77 30.75
CA PHE E 358 13.81 -18.32 31.69
C PHE E 358 14.03 -19.82 31.41
N VAL E 359 15.30 -20.18 31.18
CA VAL E 359 15.67 -21.47 30.60
C VAL E 359 16.45 -22.29 31.61
N ASP E 360 15.93 -23.49 31.91
CA ASP E 360 16.65 -24.53 32.65
C ASP E 360 16.08 -25.86 32.16
N VAL E 361 16.73 -26.45 31.16
CA VAL E 361 16.14 -27.58 30.42
C VAL E 361 17.18 -28.63 30.05
N PRO E 362 17.00 -29.89 30.47
CA PRO E 362 18.00 -30.94 30.18
C PRO E 362 17.76 -31.67 28.86
N GLY E 363 16.58 -31.54 28.29
CA GLY E 363 16.24 -32.20 27.03
C GLY E 363 14.75 -32.44 26.92
N PHE E 364 14.39 -33.47 26.15
CA PHE E 364 13.01 -33.89 25.95
C PHE E 364 12.72 -35.19 26.70
N LEU E 365 11.43 -35.42 26.94
CA LEU E 365 11.00 -36.62 27.67
C LEU E 365 11.04 -37.84 26.76
N PRO E 366 11.73 -38.91 27.13
CA PRO E 366 11.79 -40.10 26.27
C PRO E 366 10.65 -41.08 26.53
N GLY E 367 10.44 -41.95 25.57
CA GLY E 367 9.46 -43.02 25.68
C GLY E 367 8.58 -43.20 24.47
N THR E 368 8.08 -44.43 24.30
CA THR E 368 7.15 -44.73 23.21
C THR E 368 5.88 -43.89 23.29
N ALA E 369 5.42 -43.57 24.50
CA ALA E 369 4.19 -42.81 24.65
C ALA E 369 4.32 -41.41 24.04
N GLN E 370 5.47 -40.77 24.22
CA GLN E 370 5.70 -39.46 23.61
C GLN E 370 5.82 -39.57 22.09
N GLU E 371 6.53 -40.58 21.59
CA GLU E 371 6.77 -40.68 20.15
C GLU E 371 5.49 -41.05 19.40
N TYR E 372 4.74 -42.02 19.90
CA TYR E 372 3.49 -42.42 19.25
C TYR E 372 2.46 -41.31 19.30
N GLY E 373 2.55 -40.42 20.28
CA GLY E 373 1.66 -39.29 20.42
C GLY E 373 2.01 -38.06 19.61
N GLY E 374 3.12 -38.09 18.86
CA GLY E 374 3.43 -37.03 17.94
C GLY E 374 4.32 -35.93 18.48
N LEU E 375 5.27 -36.28 19.35
CA LEU E 375 6.13 -35.27 19.96
C LEU E 375 6.91 -34.47 18.91
N ILE E 376 7.24 -35.08 17.77
CA ILE E 376 7.96 -34.36 16.72
C ILE E 376 7.21 -33.08 16.37
N LYS E 377 5.93 -33.20 16.03
CA LYS E 377 5.15 -32.04 15.60
C LYS E 377 4.78 -31.13 16.77
N HIS E 378 4.27 -31.72 17.85
CA HIS E 378 3.89 -30.93 19.02
C HIS E 378 5.06 -30.07 19.49
N GLY E 379 6.27 -30.63 19.46
CA GLY E 379 7.45 -29.87 19.84
C GLY E 379 7.84 -28.85 18.81
N ALA E 380 7.63 -29.15 17.52
CA ALA E 380 7.91 -28.15 16.50
C ALA E 380 7.03 -26.91 16.66
N LYS E 381 5.85 -27.06 17.26
CA LYS E 381 4.94 -25.93 17.42
C LYS E 381 5.60 -24.75 18.15
N LEU E 382 6.33 -25.02 19.23
CA LEU E 382 6.93 -23.93 20.01
C LEU E 382 8.08 -23.28 19.25
N LEU E 383 8.93 -24.10 18.63
CA LEU E 383 9.99 -23.59 17.77
C LEU E 383 9.42 -22.65 16.72
N PHE E 384 8.34 -23.08 16.07
CA PHE E 384 7.66 -22.26 15.05
C PHE E 384 7.19 -20.93 15.64
N ALA E 385 6.47 -20.98 16.77
CA ALA E 385 5.92 -19.76 17.36
C ALA E 385 7.02 -18.76 17.69
N TYR E 386 8.14 -19.24 18.27
CA TYR E 386 9.23 -18.33 18.59
C TYR E 386 9.89 -17.77 17.33
N SER E 387 10.16 -18.64 16.35
CA SER E 387 10.87 -18.22 15.14
C SER E 387 10.06 -17.23 14.31
N GLN E 388 8.73 -17.24 14.46
CA GLN E 388 7.85 -16.32 13.74
C GLN E 388 7.73 -14.97 14.41
N ALA E 389 8.03 -14.88 15.71
CA ALA E 389 7.72 -13.68 16.48
C ALA E 389 8.53 -12.47 16.02
N THR E 390 7.90 -11.30 16.12
CA THR E 390 8.53 -10.02 15.83
C THR E 390 8.52 -9.05 17.01
N VAL E 391 7.89 -9.40 18.11
CA VAL E 391 7.91 -8.59 19.34
C VAL E 391 9.28 -8.73 19.99
N PRO E 392 9.64 -7.89 20.96
CA PRO E 392 10.89 -8.08 21.68
C PRO E 392 10.93 -9.42 22.43
N LEU E 393 12.07 -10.10 22.32
CA LEU E 393 12.34 -11.34 23.05
C LEU E 393 13.60 -11.18 23.89
N VAL E 394 13.49 -11.43 25.19
CA VAL E 394 14.65 -11.41 26.10
C VAL E 394 14.72 -12.76 26.83
N THR E 395 15.91 -13.35 26.85
CA THR E 395 16.13 -14.71 27.37
C THR E 395 17.24 -14.73 28.42
N ILE E 396 17.03 -15.52 29.47
CA ILE E 396 18.01 -15.70 30.56
C ILE E 396 18.14 -17.21 30.84
N ILE E 397 19.35 -17.72 30.72
CA ILE E 397 19.67 -19.11 31.06
C ILE E 397 20.21 -19.15 32.47
N THR E 398 19.47 -19.80 33.36
CA THR E 398 19.82 -19.92 34.77
C THR E 398 20.76 -21.09 35.04
N ARG E 399 20.54 -22.19 34.34
CA ARG E 399 21.22 -23.46 34.59
C ARG E 399 21.24 -24.22 33.26
N LYS E 400 21.29 -25.54 33.31
CA LYS E 400 21.35 -26.41 32.14
C LYS E 400 20.61 -25.87 30.92
N ALA E 401 21.24 -26.02 29.75
CA ALA E 401 20.59 -25.79 28.46
C ALA E 401 21.28 -26.72 27.45
N PHE E 402 20.70 -27.89 27.24
CA PHE E 402 21.29 -28.92 26.40
C PHE E 402 20.49 -29.13 25.12
N GLY E 403 21.22 -29.41 24.03
CA GLY E 403 20.69 -29.92 22.79
C GLY E 403 19.62 -29.06 22.13
N GLY E 404 18.79 -29.73 21.34
CA GLY E 404 17.71 -29.06 20.63
C GLY E 404 16.83 -28.23 21.53
N ALA E 405 16.65 -28.66 22.78
CA ALA E 405 15.86 -27.89 23.73
C ALA E 405 16.43 -26.49 23.93
N TYR E 406 17.76 -26.38 23.94
CA TYR E 406 18.40 -25.06 24.00
C TYR E 406 17.98 -24.19 22.83
N ILE E 407 17.97 -24.76 21.62
CA ILE E 407 17.57 -24.00 20.44
C ILE E 407 16.12 -23.55 20.56
N VAL E 408 15.24 -24.46 20.99
CA VAL E 408 13.80 -24.17 21.00
C VAL E 408 13.48 -23.01 21.94
N MET E 409 14.21 -22.89 23.05
CA MET E 409 13.87 -21.92 24.11
C MET E 409 14.50 -20.56 23.83
N ALA E 410 13.95 -19.90 22.81
CA ALA E 410 14.25 -18.50 22.48
C ALA E 410 15.76 -18.24 22.41
N SER E 411 16.45 -19.04 21.61
CA SER E 411 17.87 -18.89 21.36
C SER E 411 18.13 -17.76 20.36
N LYS E 412 19.35 -17.22 20.41
CA LYS E 412 19.77 -16.23 19.42
C LYS E 412 19.54 -16.75 18.01
N HIS E 413 19.73 -18.04 17.79
CA HIS E 413 19.62 -18.63 16.46
C HIS E 413 18.20 -18.53 15.90
N VAL E 414 17.19 -18.47 16.77
CA VAL E 414 15.80 -18.40 16.33
C VAL E 414 15.25 -16.97 16.39
N GLY E 415 16.11 -15.98 16.64
CA GLY E 415 15.74 -14.58 16.51
C GLY E 415 15.61 -13.78 17.79
N ALA E 416 16.08 -14.31 18.92
CA ALA E 416 16.02 -13.54 20.16
C ALA E 416 16.92 -12.32 20.07
N ASP E 417 16.44 -11.21 20.63
CA ASP E 417 17.18 -9.95 20.56
C ASP E 417 18.36 -9.95 21.52
N LEU E 418 18.13 -10.28 22.79
CA LEU E 418 19.17 -10.28 23.81
C LEU E 418 19.14 -11.58 24.59
N ASN E 419 20.32 -12.20 24.73
CA ASN E 419 20.47 -13.48 25.42
C ASN E 419 21.52 -13.35 26.52
N TYR E 420 21.10 -13.52 27.77
CA TYR E 420 21.95 -13.46 28.94
C TYR E 420 22.18 -14.85 29.53
N ALA E 421 23.19 -14.95 30.39
CA ALA E 421 23.48 -16.19 31.12
C ALA E 421 24.04 -15.89 32.50
N TRP E 422 23.56 -16.63 33.49
CA TRP E 422 24.14 -16.62 34.82
C TRP E 422 25.43 -17.44 34.85
N PRO E 423 26.29 -17.23 35.85
CA PRO E 423 27.56 -17.98 35.92
C PRO E 423 27.39 -19.48 35.98
N THR E 424 26.26 -19.97 36.47
CA THR E 424 25.97 -21.39 36.63
C THR E 424 25.47 -22.05 35.36
N ALA E 425 25.40 -21.34 34.24
CA ALA E 425 24.83 -21.90 33.03
C ALA E 425 25.73 -22.97 32.43
N GLN E 426 25.14 -24.11 32.08
CA GLN E 426 25.81 -25.20 31.39
C GLN E 426 25.19 -25.33 29.99
N ILE E 427 25.86 -24.76 29.00
CA ILE E 427 25.39 -24.77 27.61
C ILE E 427 26.26 -25.75 26.85
N ALA E 428 25.67 -26.88 26.43
CA ALA E 428 26.42 -27.96 25.82
C ALA E 428 25.50 -28.83 24.97
N VAL E 429 26.11 -29.62 24.09
CA VAL E 429 25.37 -30.53 23.23
C VAL E 429 24.68 -31.62 24.04
N MET E 430 25.24 -32.08 25.15
CA MET E 430 24.70 -33.18 25.98
C MET E 430 25.60 -33.18 27.24
N GLY E 431 25.27 -34.12 28.11
CA GLY E 431 26.03 -34.32 29.32
C GLY E 431 27.41 -34.89 29.04
N ALA E 432 28.30 -34.74 30.02
CA ALA E 432 29.69 -35.14 29.84
C ALA E 432 29.79 -36.66 29.67
N LYS E 433 29.10 -37.42 30.51
CA LYS E 433 29.17 -38.88 30.45
C LYS E 433 28.79 -39.39 29.06
N GLY E 434 27.61 -39.00 28.58
CA GLY E 434 27.17 -39.46 27.27
C GLY E 434 28.08 -38.98 26.14
N ALA E 435 28.53 -37.74 26.23
CA ALA E 435 29.43 -37.21 25.21
C ALA E 435 30.70 -38.04 25.12
N VAL E 436 31.29 -38.39 26.26
CA VAL E 436 32.53 -39.17 26.22
C VAL E 436 32.25 -40.59 25.76
N GLU E 437 31.14 -41.19 26.21
CA GLU E 437 30.82 -42.55 25.78
C GLU E 437 30.63 -42.62 24.27
N ILE E 438 30.11 -41.56 23.66
CA ILE E 438 29.97 -41.55 22.21
C ILE E 438 31.30 -41.24 21.53
N ILE E 439 32.04 -40.26 22.04
CA ILE E 439 33.30 -39.88 21.41
C ILE E 439 34.35 -40.96 21.63
N PHE E 440 34.59 -41.32 22.88
CA PHE E 440 35.60 -42.33 23.23
C PHE E 440 34.93 -43.68 23.45
N ARG E 441 34.36 -44.21 22.37
CA ARG E 441 33.71 -45.53 22.44
C ARG E 441 34.69 -46.67 22.25
N ALA E 442 35.78 -46.45 21.51
CA ALA E 442 36.76 -47.50 21.28
C ALA E 442 37.64 -47.78 22.48
N GLU E 443 37.48 -47.06 23.59
CA GLU E 443 38.26 -47.27 24.80
C GLU E 443 37.37 -47.29 26.03
N ILE E 444 36.10 -47.64 25.86
CA ILE E 444 35.15 -47.62 26.97
C ILE E 444 35.37 -48.74 27.97
N GLY E 445 36.28 -49.68 27.67
CA GLY E 445 36.53 -50.77 28.60
C GLY E 445 37.08 -50.28 29.93
N ASP E 446 38.08 -49.39 29.89
CA ASP E 446 38.71 -48.90 31.09
C ASP E 446 37.71 -48.09 31.92
N ALA E 447 38.15 -47.70 33.12
CA ALA E 447 37.32 -46.93 34.04
C ALA E 447 38.02 -45.67 34.52
N ASP E 448 39.35 -45.73 34.62
CA ASP E 448 40.12 -44.58 35.09
C ASP E 448 40.24 -43.53 33.99
N LYS E 449 40.70 -43.94 32.80
CA LYS E 449 40.72 -43.03 31.67
C LYS E 449 39.34 -42.47 31.38
N VAL E 450 38.29 -43.28 31.62
CA VAL E 450 36.92 -42.81 31.43
C VAL E 450 36.66 -41.60 32.34
N ALA E 451 36.97 -41.73 33.63
CA ALA E 451 36.74 -40.63 34.56
C ALA E 451 37.60 -39.41 34.21
N GLU E 452 38.84 -39.65 33.79
CA GLU E 452 39.70 -38.55 33.39
C GLU E 452 39.08 -37.77 32.23
N ARG E 453 38.71 -38.48 31.15
CA ARG E 453 38.08 -37.84 30.01
C ARG E 453 36.80 -37.12 30.42
N THR E 454 36.01 -37.73 31.30
CA THR E 454 34.78 -37.12 31.76
C THR E 454 35.06 -35.79 32.44
N LYS E 455 36.04 -35.77 33.34
CA LYS E 455 36.36 -34.56 34.07
C LYS E 455 36.85 -33.46 33.12
N GLU E 456 37.70 -33.81 32.16
CA GLU E 456 38.21 -32.78 31.26
C GLU E 456 37.09 -32.22 30.37
N TYR E 457 36.19 -33.08 29.88
CA TYR E 457 35.05 -32.58 29.12
C TYR E 457 34.19 -31.66 29.98
N GLU E 458 33.87 -32.11 31.20
CA GLU E 458 33.13 -31.27 32.15
C GLU E 458 33.76 -29.89 32.28
N ASP E 459 35.08 -29.85 32.51
CA ASP E 459 35.74 -28.58 32.78
C ASP E 459 35.76 -27.70 31.54
N ARG E 460 35.96 -28.27 30.36
CA ARG E 460 36.09 -27.44 29.17
C ARG E 460 34.75 -26.93 28.66
N PHE E 461 33.72 -27.77 28.64
CA PHE E 461 32.55 -27.50 27.82
C PHE E 461 31.26 -27.24 28.58
N LEU E 462 31.12 -27.71 29.83
CA LEU E 462 29.88 -27.49 30.57
C LEU E 462 30.01 -26.20 31.38
N SER E 463 29.89 -25.09 30.67
CA SER E 463 30.03 -23.74 31.19
C SER E 463 29.38 -22.78 30.20
N PRO E 464 29.31 -21.48 30.50
CA PRO E 464 28.79 -20.52 29.52
C PRO E 464 29.81 -19.94 28.56
N PHE E 465 31.08 -20.32 28.67
CA PHE E 465 32.14 -19.52 28.06
C PHE E 465 32.40 -19.85 26.59
N VAL E 466 32.16 -21.08 26.15
CA VAL E 466 32.29 -21.36 24.72
C VAL E 466 31.21 -20.62 23.93
N ALA E 467 29.98 -20.64 24.42
CA ALA E 467 28.90 -19.88 23.80
C ALA E 467 29.21 -18.38 23.81
N ALA E 468 29.86 -17.90 24.88
CA ALA E 468 30.25 -16.50 24.92
C ALA E 468 31.34 -16.20 23.90
N GLU E 469 32.30 -17.12 23.75
CA GLU E 469 33.39 -16.93 22.79
C GLU E 469 32.88 -16.90 21.36
N ARG E 470 31.78 -17.62 21.07
CA ARG E 470 31.21 -17.60 19.72
C ARG E 470 30.21 -16.47 19.49
N GLY E 471 29.85 -15.70 20.51
CA GLY E 471 28.87 -14.65 20.37
C GLY E 471 27.41 -15.06 20.47
N TYR E 472 27.13 -16.30 20.87
CA TYR E 472 25.75 -16.74 21.06
C TYR E 472 25.14 -16.19 22.35
N ILE E 473 25.96 -15.73 23.28
CA ILE E 473 25.55 -15.15 24.55
C ILE E 473 26.07 -13.73 24.59
N ASP E 474 25.16 -12.76 24.78
CA ASP E 474 25.56 -11.36 24.76
C ASP E 474 26.37 -10.99 26.00
N GLU E 475 26.04 -11.54 27.17
CA GLU E 475 26.75 -11.20 28.40
C GLU E 475 26.44 -12.22 29.49
N VAL E 476 27.47 -12.57 30.26
CA VAL E 476 27.33 -13.38 31.47
C VAL E 476 27.15 -12.42 32.63
N ILE E 477 25.95 -12.40 33.21
CA ILE E 477 25.59 -11.42 34.23
C ILE E 477 25.58 -12.08 35.61
N MET E 478 25.58 -11.24 36.65
CA MET E 478 25.39 -11.66 38.03
C MET E 478 23.90 -11.79 38.33
N PRO E 479 23.49 -12.77 39.14
CA PRO E 479 22.05 -12.97 39.38
C PRO E 479 21.35 -11.73 39.93
N HIS E 480 21.95 -11.05 40.91
CA HIS E 480 21.28 -9.96 41.60
C HIS E 480 20.97 -8.78 40.68
N SER E 481 21.47 -8.78 39.45
CA SER E 481 21.21 -7.71 38.49
C SER E 481 20.07 -8.02 37.52
N THR E 482 19.46 -9.20 37.62
CA THR E 482 18.56 -9.66 36.56
C THR E 482 17.49 -8.62 36.22
N ARG E 483 16.64 -8.28 37.19
CA ARG E 483 15.60 -7.28 36.95
C ARG E 483 16.20 -6.03 36.31
N LYS E 484 17.26 -5.51 36.90
CA LYS E 484 17.84 -4.26 36.42
C LYS E 484 18.21 -4.35 34.96
N ARG E 485 18.74 -5.50 34.52
CA ARG E 485 19.06 -5.65 33.11
C ARG E 485 17.79 -5.72 32.26
N ILE E 486 16.83 -6.57 32.66
CA ILE E 486 15.62 -6.76 31.87
C ILE E 486 14.95 -5.42 31.61
N ALA E 487 14.66 -4.68 32.67
CA ALA E 487 13.95 -3.42 32.54
C ALA E 487 14.67 -2.48 31.57
N ARG E 488 16.00 -2.46 31.60
CA ARG E 488 16.71 -1.58 30.68
C ARG E 488 16.53 -2.06 29.25
N ALA E 489 16.74 -3.35 29.01
CA ALA E 489 16.67 -3.88 27.65
C ALA E 489 15.30 -3.63 27.04
N LEU E 490 14.23 -3.99 27.76
CA LEU E 490 12.89 -3.77 27.25
C LEU E 490 12.70 -2.32 26.84
N GLY E 491 13.18 -1.39 27.67
CA GLY E 491 13.02 0.01 27.35
C GLY E 491 13.66 0.36 26.02
N MET E 492 14.84 -0.21 25.75
CA MET E 492 15.52 0.05 24.49
C MET E 492 14.81 -0.62 23.33
N LEU E 493 14.15 -1.76 23.55
CA LEU E 493 13.60 -2.56 22.46
C LEU E 493 12.18 -2.15 22.07
N ARG E 494 11.60 -1.13 22.70
CA ARG E 494 10.25 -0.71 22.36
C ARG E 494 10.13 -0.27 20.90
N THR E 495 11.21 0.21 20.29
CA THR E 495 11.21 0.73 18.93
C THR E 495 11.43 -0.34 17.86
N LYS E 496 11.49 -1.61 18.24
CA LYS E 496 11.76 -2.69 17.30
C LYS E 496 10.77 -2.70 16.14
N GLU E 497 11.27 -2.93 14.94
CA GLU E 497 10.49 -2.89 13.70
C GLU E 497 10.96 -4.03 12.79
N MET E 498 10.16 -5.09 12.69
CA MET E 498 10.47 -6.24 11.83
C MET E 498 9.17 -6.74 11.19
N GLU E 499 9.32 -7.40 10.04
CA GLU E 499 8.19 -7.95 9.28
C GLU E 499 8.55 -9.31 8.70
N GLN E 500 7.63 -10.27 8.81
CA GLN E 500 7.73 -11.55 8.14
C GLN E 500 7.35 -11.41 6.66
N PRO E 501 7.73 -12.37 5.82
CA PRO E 501 7.40 -12.26 4.39
C PRO E 501 5.90 -12.27 4.13
N ARG E 502 5.53 -11.78 2.94
CA ARG E 502 4.13 -11.62 2.57
C ARG E 502 3.48 -12.99 2.29
N LYS E 503 2.34 -13.24 2.91
CA LYS E 503 1.59 -14.48 2.72
C LYS E 503 0.16 -14.28 3.22
N LYS E 504 -0.75 -15.12 2.72
CA LYS E 504 -2.07 -15.23 3.33
C LYS E 504 -1.96 -15.59 4.80
N HIS E 505 -1.24 -16.67 5.08
CA HIS E 505 -0.98 -17.16 6.44
C HIS E 505 0.03 -18.29 6.35
N ASP E 506 0.65 -18.59 7.48
CA ASP E 506 1.62 -19.67 7.57
C ASP E 506 0.91 -21.03 7.51
N ASN E 507 1.70 -22.10 7.56
CA ASN E 507 1.21 -23.47 7.56
C ASN E 507 1.78 -24.24 8.76
N ILE E 508 1.65 -23.62 9.93
CA ILE E 508 2.16 -24.21 11.18
C ILE E 508 1.53 -25.58 11.38
N PRO E 509 2.27 -26.58 11.86
CA PRO E 509 1.67 -27.91 12.03
C PRO E 509 0.61 -27.93 13.12
N LEU E 510 -0.32 -28.87 12.97
CA LEU E 510 -1.50 -28.92 13.83
C LEU E 510 -1.59 -30.22 14.63
N LEU F 5 42.08 -28.01 -17.07
CA LEU F 5 43.12 -28.87 -16.52
C LEU F 5 42.55 -30.19 -16.03
N GLU F 6 43.19 -31.28 -16.41
CA GLU F 6 42.80 -32.60 -15.93
C GLU F 6 42.85 -32.69 -14.42
N LYS F 7 43.66 -31.86 -13.77
CA LYS F 7 43.79 -31.91 -12.32
C LYS F 7 42.49 -31.50 -11.63
N LEU F 8 41.76 -30.53 -12.20
CA LEU F 8 40.46 -30.18 -11.64
C LEU F 8 39.47 -31.33 -11.81
N GLU F 9 39.53 -32.05 -12.93
CA GLU F 9 38.71 -33.24 -13.09
C GLU F 9 39.04 -34.28 -12.03
N GLU F 10 40.34 -34.45 -11.72
CA GLU F 10 40.72 -35.35 -10.64
C GLU F 10 40.12 -34.92 -9.31
N ARG F 11 40.24 -33.62 -8.98
CA ARG F 11 39.70 -33.11 -7.73
C ARG F 11 38.19 -33.36 -7.65
N ARG F 12 37.49 -33.17 -8.77
CA ARG F 12 36.04 -33.39 -8.79
C ARG F 12 35.71 -34.87 -8.60
N ALA F 13 36.40 -35.75 -9.33
CA ALA F 13 36.14 -37.18 -9.20
C ALA F 13 36.47 -37.68 -7.79
N GLN F 14 37.37 -37.00 -7.09
CA GLN F 14 37.69 -37.39 -5.72
C GLN F 14 36.66 -36.85 -4.74
N ALA F 15 36.08 -35.69 -5.03
CA ALA F 15 34.97 -35.21 -4.21
C ALA F 15 33.74 -36.09 -4.38
N ARG F 16 33.55 -36.66 -5.57
CA ARG F 16 32.37 -37.48 -5.84
C ARG F 16 32.41 -38.86 -5.17
N LEU F 17 33.36 -39.22 -4.31
CA LEU F 17 33.37 -40.55 -3.69
C LEU F 17 33.01 -40.52 -2.22
N GLY F 18 32.69 -39.36 -1.67
CA GLY F 18 32.18 -39.30 -0.31
C GLY F 18 33.18 -39.83 0.70
N GLY F 19 32.77 -40.87 1.41
CA GLY F 19 33.56 -41.39 2.52
C GLY F 19 34.15 -42.76 2.29
N GLY F 20 34.32 -43.15 1.02
CA GLY F 20 34.98 -44.39 0.70
C GLY F 20 34.18 -45.36 -0.16
N GLU F 21 34.88 -46.20 -0.91
CA GLU F 21 34.22 -47.20 -1.74
C GLU F 21 33.45 -48.21 -0.89
N LYS F 22 34.05 -48.63 0.23
CA LYS F 22 33.44 -49.70 1.01
C LYS F 22 32.18 -49.22 1.73
N ARG F 23 32.15 -47.97 2.18
CA ARG F 23 30.93 -47.43 2.77
C ARG F 23 29.82 -47.30 1.73
N LEU F 24 30.20 -46.93 0.49
CA LEU F 24 29.21 -46.88 -0.59
C LEU F 24 28.65 -48.27 -0.89
N GLU F 25 29.51 -49.28 -0.91
CA GLU F 25 29.03 -50.65 -1.14
C GLU F 25 28.16 -51.12 0.02
N ALA F 26 28.51 -50.76 1.25
CA ALA F 26 27.66 -51.09 2.39
C ALA F 26 26.31 -50.41 2.29
N GLN F 27 26.26 -49.21 1.71
CA GLN F 27 24.97 -48.54 1.48
C GLN F 27 24.17 -49.30 0.44
N HIS F 28 24.80 -49.70 -0.66
CA HIS F 28 24.10 -50.46 -1.69
C HIS F 28 23.63 -51.82 -1.14
N LYS F 29 24.33 -52.36 -0.13
CA LYS F 29 23.97 -53.66 0.41
C LYS F 29 22.71 -53.58 1.28
N ARG F 30 22.49 -52.45 1.95
CA ARG F 30 21.23 -52.24 2.67
C ARG F 30 20.05 -52.03 1.75
N GLY F 31 20.26 -51.97 0.44
CA GLY F 31 19.21 -51.67 -0.51
C GLY F 31 19.03 -50.19 -0.80
N LYS F 32 19.93 -49.34 -0.33
CA LYS F 32 19.79 -47.90 -0.43
C LYS F 32 20.65 -47.34 -1.55
N LEU F 33 20.13 -46.31 -2.22
CA LEU F 33 20.92 -45.55 -3.16
C LEU F 33 21.77 -44.52 -2.43
N THR F 34 22.68 -43.89 -3.17
CA THR F 34 23.51 -42.82 -2.63
C THR F 34 22.86 -41.46 -2.86
N ALA F 35 23.37 -40.46 -2.14
CA ALA F 35 22.86 -39.09 -2.25
C ALA F 35 22.81 -38.62 -3.71
N ARG F 36 23.91 -38.82 -4.43
CA ARG F 36 24.02 -38.32 -5.79
C ARG F 36 23.12 -39.10 -6.75
N GLU F 37 22.97 -40.41 -6.52
CA GLU F 37 22.04 -41.19 -7.33
C GLU F 37 20.59 -40.73 -7.11
N ARG F 38 20.25 -40.40 -5.87
CA ARG F 38 18.92 -39.88 -5.56
C ARG F 38 18.67 -38.57 -6.31
N ILE F 39 19.63 -37.64 -6.25
CA ILE F 39 19.50 -36.40 -7.03
C ILE F 39 19.34 -36.72 -8.51
N GLU F 40 20.16 -37.64 -9.02
CA GLU F 40 20.12 -37.94 -10.45
C GLU F 40 18.74 -38.45 -10.87
N LEU F 41 18.09 -39.23 -10.01
CA LEU F 41 16.77 -39.74 -10.36
C LEU F 41 15.68 -38.69 -10.21
N LEU F 42 15.80 -37.77 -9.25
CA LEU F 42 14.74 -36.78 -9.06
C LEU F 42 14.66 -35.79 -10.22
N LEU F 43 15.80 -35.30 -10.70
CA LEU F 43 15.85 -34.18 -11.63
C LEU F 43 15.82 -34.64 -13.08
N ASP F 44 15.49 -33.71 -13.98
CA ASP F 44 15.55 -33.96 -15.41
C ASP F 44 16.99 -34.20 -15.87
N HIS F 45 17.13 -34.98 -16.92
CA HIS F 45 18.44 -35.39 -17.42
C HIS F 45 19.28 -34.18 -17.81
N GLY F 46 20.44 -34.04 -17.18
CA GLY F 46 21.40 -33.00 -17.52
C GLY F 46 21.13 -31.64 -16.92
N SER F 47 20.16 -31.52 -16.01
CA SER F 47 19.75 -30.21 -15.50
C SER F 47 20.42 -29.80 -14.20
N PHE F 48 21.08 -30.73 -13.50
CA PHE F 48 21.59 -30.45 -12.15
C PHE F 48 22.81 -29.55 -12.18
N GLU F 49 22.71 -28.41 -11.49
CA GLU F 49 23.86 -27.56 -11.15
C GLU F 49 24.12 -27.63 -9.66
N GLU F 50 25.34 -28.03 -9.28
CA GLU F 50 25.75 -28.24 -7.91
C GLU F 50 26.45 -27.02 -7.33
N PHE F 51 26.25 -26.80 -6.04
CA PHE F 51 26.93 -25.76 -5.27
C PHE F 51 27.88 -26.36 -4.23
N ASP F 52 28.98 -25.65 -3.98
CA ASP F 52 29.82 -25.88 -2.81
C ASP F 52 30.33 -27.31 -2.73
N MET F 53 30.91 -27.79 -3.83
CA MET F 53 31.44 -29.16 -3.86
C MET F 53 32.69 -29.31 -3.00
N PHE F 54 33.47 -28.23 -2.82
CA PHE F 54 34.78 -28.31 -2.18
C PHE F 54 34.78 -27.78 -0.74
N VAL F 55 33.63 -27.46 -0.17
CA VAL F 55 33.60 -26.93 1.20
C VAL F 55 34.12 -27.98 2.18
N GLN F 56 34.82 -27.51 3.22
CA GLN F 56 35.35 -28.38 4.26
C GLN F 56 35.13 -27.77 5.63
N HIS F 57 35.19 -28.63 6.64
CA HIS F 57 35.01 -28.23 8.03
C HIS F 57 36.31 -27.64 8.58
N ARG F 58 36.17 -26.88 9.67
CA ARG F 58 37.27 -26.11 10.25
C ARG F 58 37.45 -26.39 11.74
N SER F 59 36.90 -27.49 12.24
CA SER F 59 37.11 -27.88 13.63
C SER F 59 38.46 -28.53 13.83
N THR F 60 39.03 -28.32 15.03
CA THR F 60 40.34 -28.85 15.38
C THR F 60 40.31 -29.70 16.64
N ASP F 61 39.13 -30.01 17.18
CA ASP F 61 39.02 -30.77 18.41
C ASP F 61 38.88 -32.26 18.13
N PHE F 62 39.31 -33.07 19.10
CA PHE F 62 39.13 -34.51 19.09
C PHE F 62 39.63 -35.14 17.79
N GLY F 63 40.73 -34.59 17.25
CA GLY F 63 41.36 -35.18 16.09
C GLY F 63 40.62 -35.01 14.80
N MET F 64 39.64 -34.10 14.74
CA MET F 64 38.89 -33.88 13.51
C MET F 64 39.74 -33.25 12.42
N GLU F 65 40.83 -32.57 12.79
CA GLU F 65 41.67 -31.88 11.82
C GLU F 65 42.39 -32.84 10.86
N LYS F 66 42.32 -34.15 11.10
CA LYS F 66 43.05 -35.11 10.28
C LYS F 66 42.20 -35.78 9.21
N GLN F 67 40.88 -35.54 9.21
CA GLN F 67 39.98 -36.10 8.21
C GLN F 67 39.09 -35.00 7.68
N LYS F 68 39.52 -34.36 6.59
CA LYS F 68 38.77 -33.30 5.92
C LYS F 68 38.23 -33.87 4.61
N ILE F 69 36.92 -34.10 4.55
CA ILE F 69 36.28 -34.71 3.40
C ILE F 69 35.58 -33.61 2.60
N PRO F 70 35.80 -33.52 1.30
CA PRO F 70 35.13 -32.47 0.52
C PRO F 70 33.62 -32.63 0.50
N GLY F 71 32.93 -31.52 0.68
CA GLY F 71 31.48 -31.46 0.68
C GLY F 71 30.86 -31.51 2.06
N ASP F 72 31.60 -32.00 3.05
CA ASP F 72 31.18 -32.01 4.45
C ASP F 72 29.87 -32.73 4.69
N GLY F 73 29.52 -33.68 3.82
CA GLY F 73 28.42 -34.58 4.10
C GLY F 73 27.07 -34.19 3.56
N VAL F 74 27.01 -33.24 2.62
CA VAL F 74 25.74 -32.86 2.00
C VAL F 74 26.00 -32.44 0.55
N VAL F 75 25.06 -32.76 -0.32
CA VAL F 75 25.08 -32.36 -1.72
C VAL F 75 23.94 -31.37 -1.96
N THR F 76 24.23 -30.23 -2.57
CA THR F 76 23.29 -29.13 -2.70
C THR F 76 23.28 -28.57 -4.11
N GLY F 77 22.13 -28.06 -4.55
CA GLY F 77 22.07 -27.42 -5.84
C GLY F 77 20.65 -27.17 -6.32
N TRP F 78 20.52 -27.03 -7.65
CA TRP F 78 19.23 -26.75 -8.28
C TRP F 78 19.17 -27.41 -9.65
N GLY F 79 17.94 -27.68 -10.10
CA GLY F 79 17.69 -28.20 -11.43
C GLY F 79 16.24 -27.99 -11.85
N THR F 80 15.77 -28.83 -12.76
CA THR F 80 14.40 -28.77 -13.25
C THR F 80 13.71 -30.13 -13.12
N VAL F 81 12.40 -30.08 -12.83
CA VAL F 81 11.51 -31.23 -12.86
C VAL F 81 10.42 -30.90 -13.87
N ASN F 82 10.32 -31.72 -14.92
CA ASN F 82 9.43 -31.46 -16.04
C ASN F 82 9.50 -30.00 -16.48
N GLY F 83 10.70 -29.45 -16.55
CA GLY F 83 10.93 -28.12 -17.06
C GLY F 83 10.79 -26.99 -16.06
N ARG F 84 10.28 -27.26 -14.87
CA ARG F 84 10.06 -26.25 -13.84
C ARG F 84 11.19 -26.27 -12.81
N THR F 85 11.63 -25.08 -12.39
CA THR F 85 12.80 -24.93 -11.52
C THR F 85 12.53 -25.46 -10.10
N VAL F 86 13.50 -26.18 -9.55
CA VAL F 86 13.47 -26.67 -8.18
C VAL F 86 14.88 -26.58 -7.58
N PHE F 87 14.92 -26.40 -6.27
CA PHE F 87 16.14 -26.42 -5.46
C PHE F 87 16.13 -27.64 -4.54
N LEU F 88 17.31 -28.16 -4.18
CA LEU F 88 17.36 -29.41 -3.42
C LEU F 88 18.68 -29.59 -2.68
N PHE F 89 18.61 -30.36 -1.58
CA PHE F 89 19.76 -30.86 -0.84
C PHE F 89 19.54 -32.33 -0.45
N SER F 90 20.64 -33.08 -0.39
CA SER F 90 20.65 -34.53 -0.18
C SER F 90 21.82 -34.90 0.71
N LYS F 91 21.53 -35.47 1.87
CA LYS F 91 22.55 -35.76 2.87
C LYS F 91 23.23 -37.10 2.61
N ASP F 92 24.50 -37.19 2.99
CA ASP F 92 25.38 -38.31 2.68
C ASP F 92 25.71 -39.07 3.96
N PHE F 93 25.10 -40.25 4.13
CA PHE F 93 25.28 -41.04 5.34
C PHE F 93 26.71 -41.53 5.50
N THR F 94 27.47 -41.66 4.41
CA THR F 94 28.83 -42.17 4.46
C THR F 94 29.85 -41.15 4.97
N VAL F 95 29.46 -39.92 5.23
CA VAL F 95 30.36 -38.85 5.67
C VAL F 95 29.94 -38.45 7.07
N PHE F 96 30.69 -38.94 8.06
CA PHE F 96 30.39 -38.72 9.48
C PHE F 96 28.93 -38.99 9.78
N GLY F 97 28.42 -40.09 9.25
CA GLY F 97 27.05 -40.50 9.51
C GLY F 97 26.00 -39.49 9.08
N GLY F 98 26.33 -38.64 8.11
CA GLY F 98 25.43 -37.59 7.69
C GLY F 98 25.23 -36.47 8.68
N SER F 99 26.05 -36.40 9.74
CA SER F 99 25.82 -35.43 10.79
C SER F 99 26.05 -34.00 10.31
N SER F 100 25.38 -33.06 10.97
CA SER F 100 25.37 -31.66 10.56
C SER F 100 26.44 -30.87 11.30
N SER F 101 27.37 -30.29 10.54
CA SER F 101 28.38 -29.38 11.04
C SER F 101 28.00 -27.94 10.71
N GLU F 102 28.86 -27.00 11.15
CA GLU F 102 28.67 -25.59 10.82
C GLU F 102 28.60 -25.37 9.31
N ALA F 103 29.58 -25.89 8.58
CA ALA F 103 29.63 -25.69 7.13
C ALA F 103 28.50 -26.42 6.41
N HIS F 104 28.18 -27.63 6.88
CA HIS F 104 27.01 -28.38 6.44
C HIS F 104 25.76 -27.49 6.45
N ALA F 105 25.48 -26.91 7.61
CA ALA F 105 24.30 -26.06 7.77
C ALA F 105 24.40 -24.81 6.91
N ALA F 106 25.63 -24.28 6.73
CA ALA F 106 25.78 -23.10 5.87
C ALA F 106 25.38 -23.41 4.43
N LYS F 107 25.76 -24.59 3.93
CA LYS F 107 25.34 -25.01 2.59
C LYS F 107 23.82 -25.07 2.48
N ILE F 108 23.19 -25.76 3.44
CA ILE F 108 21.73 -25.86 3.43
C ILE F 108 21.10 -24.47 3.46
N VAL F 109 21.67 -23.57 4.28
CA VAL F 109 21.13 -22.21 4.41
C VAL F 109 21.25 -21.45 3.08
N LYS F 110 22.35 -21.66 2.35
CA LYS F 110 22.51 -21.01 1.07
C LYS F 110 21.37 -21.41 0.13
N VAL F 111 21.06 -22.70 0.08
CA VAL F 111 20.03 -23.12 -0.89
C VAL F 111 18.63 -22.71 -0.41
N GLN F 112 18.38 -22.68 0.90
CA GLN F 112 17.09 -22.18 1.40
C GLN F 112 16.90 -20.72 1.02
N ASP F 113 17.91 -19.88 1.27
CA ASP F 113 17.84 -18.47 0.89
C ASP F 113 17.54 -18.31 -0.60
N MET F 114 18.26 -19.06 -1.44
CA MET F 114 18.07 -18.90 -2.89
C MET F 114 16.66 -19.32 -3.30
N ALA F 115 16.13 -20.38 -2.68
CA ALA F 115 14.80 -20.85 -3.05
C ALA F 115 13.74 -19.82 -2.69
N LEU F 116 13.87 -19.19 -1.52
CA LEU F 116 12.91 -18.16 -1.15
C LEU F 116 13.04 -16.94 -2.05
N LYS F 117 14.27 -16.59 -2.44
CA LYS F 117 14.47 -15.40 -3.25
C LYS F 117 13.87 -15.55 -4.64
N MET F 118 14.08 -16.70 -5.29
CA MET F 118 13.52 -16.90 -6.63
C MET F 118 12.11 -17.49 -6.61
N ARG F 119 11.53 -17.69 -5.44
CA ARG F 119 10.16 -18.18 -5.28
C ARG F 119 9.94 -19.49 -6.05
N ALA F 120 10.66 -20.52 -5.64
CA ALA F 120 10.56 -21.85 -6.22
C ALA F 120 10.59 -22.91 -5.12
N PRO F 121 10.09 -24.12 -5.40
CA PRO F 121 10.02 -25.17 -4.37
C PRO F 121 11.39 -25.64 -3.90
N ILE F 122 11.40 -26.32 -2.74
CA ILE F 122 12.61 -26.88 -2.15
C ILE F 122 12.32 -28.28 -1.59
N ILE F 123 13.17 -29.24 -1.95
CA ILE F 123 13.07 -30.64 -1.56
C ILE F 123 14.28 -31.01 -0.72
N GLY F 124 14.04 -31.56 0.47
CA GLY F 124 15.07 -32.11 1.32
C GLY F 124 15.00 -33.63 1.37
N ILE F 125 16.16 -34.28 1.28
CA ILE F 125 16.29 -35.73 1.35
C ILE F 125 17.19 -36.08 2.53
N PHE F 126 16.66 -36.84 3.48
CA PHE F 126 17.29 -37.03 4.79
C PHE F 126 17.77 -38.47 4.98
N ASP F 127 19.03 -38.60 5.42
CA ASP F 127 19.59 -39.89 5.82
C ASP F 127 20.79 -39.58 6.74
N ALA F 128 20.56 -39.54 8.05
CA ALA F 128 21.55 -38.96 8.95
C ALA F 128 21.21 -39.02 10.44
N GLY F 129 22.14 -38.57 11.29
CA GLY F 129 22.04 -38.73 12.72
C GLY F 129 22.20 -37.49 13.59
N GLY F 130 21.92 -36.30 13.06
CA GLY F 130 21.82 -35.11 13.88
C GLY F 130 23.11 -34.33 14.03
N ALA F 131 23.19 -33.58 15.13
CA ALA F 131 24.30 -32.67 15.36
C ALA F 131 25.60 -33.43 15.62
N ARG F 132 26.67 -33.00 14.96
CA ARG F 132 27.98 -33.63 15.09
C ARG F 132 28.55 -33.30 16.47
N ILE F 133 28.66 -34.32 17.31
CA ILE F 133 28.97 -34.10 18.73
C ILE F 133 30.33 -33.41 18.88
N GLN F 134 31.30 -33.81 18.06
CA GLN F 134 32.64 -33.24 18.16
C GLN F 134 32.66 -31.72 18.03
N GLU F 135 31.75 -31.15 17.24
CA GLU F 135 31.67 -29.70 17.01
C GLU F 135 30.82 -28.98 18.06
N GLY F 136 30.46 -29.67 19.14
CA GLY F 136 29.78 -29.05 20.26
C GLY F 136 28.71 -28.05 19.90
N VAL F 137 28.59 -27.02 20.73
CA VAL F 137 27.52 -26.04 20.56
C VAL F 137 27.51 -25.46 19.16
N ALA F 138 28.66 -25.42 18.49
CA ALA F 138 28.70 -24.83 17.16
C ALA F 138 27.65 -25.50 16.28
N ALA F 139 27.64 -26.84 16.28
CA ALA F 139 26.68 -27.59 15.48
C ALA F 139 25.27 -27.11 15.73
N LEU F 140 24.91 -26.94 17.01
CA LEU F 140 23.54 -26.57 17.34
C LEU F 140 23.16 -25.27 16.66
N GLY F 141 24.02 -24.26 16.74
CA GLY F 141 23.75 -22.99 16.09
C GLY F 141 23.30 -23.20 14.66
N GLY F 142 24.02 -24.07 13.94
CA GLY F 142 23.66 -24.32 12.55
C GLY F 142 22.23 -24.73 12.41
N HIS F 143 21.88 -25.84 13.04
CA HIS F 143 20.47 -26.27 13.12
C HIS F 143 19.51 -25.05 13.29
N GLY F 144 19.76 -24.17 14.26
CA GLY F 144 18.86 -23.05 14.51
C GLY F 144 18.62 -22.22 13.28
N GLU F 145 19.70 -21.87 12.56
CA GLU F 145 19.54 -21.01 11.40
C GLU F 145 18.66 -21.69 10.37
N VAL F 146 18.91 -22.97 10.09
CA VAL F 146 18.06 -23.72 9.17
C VAL F 146 16.61 -23.63 9.61
N PHE F 147 16.34 -23.89 10.89
CA PHE F 147 14.97 -23.83 11.40
C PHE F 147 14.34 -22.49 11.04
N ARG F 148 15.06 -21.40 11.29
CA ARG F 148 14.52 -20.07 11.04
C ARG F 148 13.99 -19.99 9.62
N ARG F 149 14.80 -20.44 8.65
CA ARG F 149 14.42 -20.31 7.25
C ARG F 149 13.16 -21.11 6.94
N ASN F 150 13.06 -22.33 7.49
CA ASN F 150 11.84 -23.10 7.30
C ASN F 150 10.63 -22.24 7.61
N VAL F 151 10.63 -21.59 8.78
CA VAL F 151 9.46 -20.86 9.21
C VAL F 151 9.21 -19.68 8.28
N ALA F 152 10.28 -19.05 7.79
CA ALA F 152 10.11 -17.93 6.88
C ALA F 152 9.41 -18.35 5.60
N ALA F 153 9.67 -19.58 5.13
CA ALA F 153 9.14 -20.03 3.86
C ALA F 153 7.74 -20.64 3.97
N SER F 154 7.21 -20.82 5.18
CA SER F 154 5.94 -21.51 5.37
C SER F 154 4.82 -20.66 4.76
N GLY F 155 4.20 -21.19 3.72
CA GLY F 155 3.13 -20.51 3.01
C GLY F 155 3.56 -19.67 1.83
N VAL F 156 4.86 -19.60 1.55
CA VAL F 156 5.39 -18.85 0.40
C VAL F 156 5.82 -19.78 -0.72
N ILE F 157 6.60 -20.82 -0.41
CA ILE F 157 7.02 -21.83 -1.37
C ILE F 157 6.73 -23.21 -0.78
N PRO F 158 6.33 -24.20 -1.59
CA PRO F 158 6.16 -25.55 -1.04
C PRO F 158 7.48 -26.17 -0.64
N GLN F 159 7.46 -26.87 0.50
CA GLN F 159 8.64 -27.53 1.05
C GLN F 159 8.32 -29.00 1.25
N ILE F 160 9.08 -29.89 0.60
CA ILE F 160 8.85 -31.33 0.69
C ILE F 160 10.05 -32.01 1.31
N SER F 161 9.79 -33.01 2.15
CA SER F 161 10.81 -33.78 2.84
C SER F 161 10.64 -35.26 2.54
N VAL F 162 11.77 -35.96 2.36
CA VAL F 162 11.80 -37.37 1.99
C VAL F 162 12.80 -38.08 2.91
N ILE F 163 12.28 -38.92 3.80
CA ILE F 163 13.11 -39.63 4.79
C ILE F 163 13.49 -40.98 4.21
N MET F 164 14.77 -41.17 3.96
CA MET F 164 15.29 -42.35 3.28
C MET F 164 16.36 -43.04 4.11
N GLY F 165 16.42 -42.73 5.41
CA GLY F 165 17.27 -43.41 6.34
C GLY F 165 17.01 -42.93 7.76
N PRO F 166 17.99 -43.13 8.65
CA PRO F 166 17.86 -42.60 10.00
C PRO F 166 17.70 -41.08 10.00
N CYS F 167 16.80 -40.61 10.86
CA CYS F 167 16.65 -39.18 11.15
C CYS F 167 16.38 -39.08 12.65
N ALA F 168 17.40 -38.70 13.42
CA ALA F 168 17.31 -38.69 14.87
C ALA F 168 17.80 -37.36 15.43
N GLY F 169 17.34 -37.05 16.63
CA GLY F 169 17.78 -35.84 17.30
C GLY F 169 17.12 -34.60 16.74
N GLY F 170 17.91 -33.53 16.64
CA GLY F 170 17.37 -32.26 16.18
C GLY F 170 16.91 -32.29 14.74
N ASP F 171 17.56 -33.09 13.90
CA ASP F 171 17.19 -33.16 12.48
C ASP F 171 15.68 -33.20 12.31
N VAL F 172 15.00 -33.98 13.16
CA VAL F 172 13.58 -34.28 12.92
C VAL F 172 12.74 -33.01 12.89
N TYR F 173 13.14 -31.98 13.63
CA TYR F 173 12.29 -30.79 13.70
C TYR F 173 12.28 -30.01 12.39
N SER F 174 13.30 -30.17 11.53
CA SER F 174 13.25 -29.48 10.23
C SER F 174 12.13 -30.05 9.36
N PRO F 175 12.09 -31.36 9.05
CA PRO F 175 10.94 -31.90 8.31
C PRO F 175 9.59 -31.59 8.94
N ALA F 176 9.53 -31.57 10.27
CA ALA F 176 8.27 -31.38 10.96
C ALA F 176 7.59 -30.08 10.56
N MET F 177 8.38 -29.06 10.22
CA MET F 177 7.86 -27.75 9.88
C MET F 177 7.65 -27.57 8.38
N THR F 178 7.78 -28.64 7.60
CA THR F 178 7.55 -28.60 6.16
C THR F 178 6.13 -29.09 5.86
N ASP F 179 5.75 -28.97 4.58
CA ASP F 179 4.36 -29.21 4.20
C ASP F 179 4.04 -30.69 4.04
N PHE F 180 5.00 -31.51 3.61
CA PHE F 180 4.79 -32.95 3.43
C PHE F 180 6.05 -33.74 3.78
N ILE F 181 5.85 -34.84 4.52
CA ILE F 181 6.91 -35.80 4.85
C ILE F 181 6.52 -37.16 4.28
N PHE F 182 7.43 -37.76 3.51
CA PHE F 182 7.27 -39.12 3.00
C PHE F 182 8.42 -40.01 3.47
N MET F 183 8.15 -41.31 3.57
CA MET F 183 9.07 -42.26 4.20
C MET F 183 9.20 -43.53 3.36
N VAL F 184 10.35 -44.18 3.46
CA VAL F 184 10.62 -45.46 2.80
C VAL F 184 10.48 -46.58 3.82
N ARG F 185 9.77 -47.64 3.45
CA ARG F 185 9.52 -48.74 4.36
C ARG F 185 10.78 -49.58 4.58
N ASP F 186 11.00 -49.94 5.83
CA ASP F 186 12.00 -50.88 6.36
C ASP F 186 13.42 -50.33 6.43
N THR F 187 13.70 -49.14 5.91
CA THR F 187 15.03 -48.56 5.98
C THR F 187 15.10 -47.19 6.62
N SER F 188 13.98 -46.62 7.05
CA SER F 188 13.93 -45.28 7.62
C SER F 188 13.20 -45.30 8.96
N TYR F 189 13.49 -44.30 9.79
CA TYR F 189 12.84 -44.13 11.08
C TYR F 189 13.14 -42.72 11.62
N MET F 190 12.22 -42.21 12.45
CA MET F 190 12.33 -40.90 13.07
C MET F 190 12.01 -40.98 14.55
N PHE F 191 12.83 -40.35 15.39
CA PHE F 191 12.49 -40.15 16.80
C PHE F 191 13.36 -39.03 17.37
N VAL F 192 12.87 -38.46 18.48
CA VAL F 192 13.59 -37.40 19.17
C VAL F 192 14.68 -37.97 20.07
N THR F 193 14.33 -38.98 20.87
CA THR F 193 15.28 -39.67 21.74
C THR F 193 15.35 -41.13 21.33
N GLY F 194 16.54 -41.71 21.46
CA GLY F 194 16.81 -43.02 20.92
C GLY F 194 16.58 -44.17 21.88
N PRO F 195 16.73 -45.40 21.37
CA PRO F 195 16.40 -46.59 22.18
C PRO F 195 17.21 -46.73 23.46
N ASP F 196 18.50 -46.40 23.44
CA ASP F 196 19.32 -46.56 24.65
C ASP F 196 18.83 -45.66 25.78
N VAL F 197 18.51 -44.40 25.47
CA VAL F 197 17.98 -43.51 26.49
C VAL F 197 16.60 -43.97 26.93
N VAL F 198 15.80 -44.48 25.99
CA VAL F 198 14.50 -45.03 26.34
C VAL F 198 14.66 -46.15 27.35
N LYS F 199 15.68 -46.99 27.18
CA LYS F 199 15.91 -48.09 28.11
C LYS F 199 16.36 -47.56 29.47
N THR F 200 17.39 -46.72 29.49
CA THR F 200 17.91 -46.25 30.77
C THR F 200 16.90 -45.44 31.56
N VAL F 201 15.91 -44.84 30.92
CA VAL F 201 14.94 -44.00 31.62
C VAL F 201 13.64 -44.75 31.93
N THR F 202 13.10 -45.48 30.96
CA THR F 202 11.76 -46.05 31.08
C THR F 202 11.75 -47.57 31.13
N ASN F 203 12.90 -48.22 31.02
CA ASN F 203 13.04 -49.67 31.09
C ASN F 203 12.38 -50.40 29.93
N GLU F 204 11.95 -49.70 28.89
CA GLU F 204 11.35 -50.34 27.72
C GLU F 204 12.44 -50.73 26.73
N VAL F 205 12.34 -51.95 26.22
CA VAL F 205 13.26 -52.46 25.21
C VAL F 205 12.53 -52.39 23.86
N VAL F 206 13.04 -51.56 22.96
CA VAL F 206 12.43 -51.35 21.65
C VAL F 206 13.53 -51.18 20.61
N THR F 207 13.27 -51.71 19.42
CA THR F 207 14.15 -51.47 18.29
C THR F 207 13.83 -50.14 17.63
N ALA F 208 14.71 -49.72 16.72
CA ALA F 208 14.50 -48.46 16.00
C ALA F 208 13.23 -48.52 15.15
N GLU F 209 12.99 -49.64 14.50
CA GLU F 209 11.77 -49.78 13.70
C GLU F 209 10.53 -49.73 14.59
N GLU F 210 10.58 -50.39 15.74
CA GLU F 210 9.42 -50.40 16.64
C GLU F 210 9.16 -49.03 17.24
N LEU F 211 10.23 -48.25 17.47
CA LEU F 211 10.08 -46.92 18.06
C LEU F 211 9.62 -45.90 17.02
N GLY F 212 10.20 -45.91 15.82
CA GLY F 212 10.01 -44.83 14.87
C GLY F 212 9.91 -45.18 13.40
N GLY F 213 9.47 -46.39 13.06
CA GLY F 213 9.41 -46.81 11.68
C GLY F 213 8.23 -46.23 10.91
N ALA F 214 8.18 -46.59 9.62
CA ALA F 214 7.20 -46.01 8.71
C ALA F 214 5.77 -46.36 9.11
N LYS F 215 5.53 -47.60 9.57
CA LYS F 215 4.19 -47.99 9.99
C LYS F 215 3.69 -47.09 11.12
N VAL F 216 4.52 -46.89 12.14
CA VAL F 216 4.15 -46.07 13.29
C VAL F 216 3.79 -44.66 12.84
N HIS F 217 4.58 -44.07 11.95
CA HIS F 217 4.43 -42.67 11.58
C HIS F 217 3.41 -42.45 10.47
N THR F 218 2.98 -43.50 9.78
CA THR F 218 1.92 -43.40 8.78
C THR F 218 0.56 -43.86 9.30
N SER F 219 0.51 -44.56 10.44
CA SER F 219 -0.76 -45.09 10.95
C SER F 219 -1.13 -44.66 12.36
N LYS F 220 -0.20 -44.17 13.18
CA LYS F 220 -0.51 -43.93 14.58
C LYS F 220 -0.18 -42.53 15.08
N SER F 221 0.89 -41.89 14.58
CA SER F 221 1.44 -40.71 15.25
C SER F 221 1.05 -39.39 14.60
N SER F 222 0.48 -39.39 13.39
CA SER F 222 0.08 -38.22 12.61
C SER F 222 1.24 -37.56 11.86
N ILE F 223 2.46 -38.07 11.94
CA ILE F 223 3.62 -37.33 11.46
C ILE F 223 3.74 -37.41 9.94
N ALA F 224 3.64 -38.61 9.36
CA ALA F 224 3.97 -38.81 7.95
C ALA F 224 2.74 -38.77 7.05
N ASP F 225 2.98 -38.37 5.79
CA ASP F 225 1.93 -38.28 4.77
C ASP F 225 1.85 -39.49 3.85
N GLY F 226 2.80 -40.42 3.93
CA GLY F 226 2.78 -41.61 3.10
C GLY F 226 4.08 -42.39 3.13
N SER F 227 4.02 -43.67 2.78
CA SER F 227 5.19 -44.54 2.70
C SER F 227 5.27 -45.18 1.32
N PHE F 228 6.45 -45.71 0.99
CA PHE F 228 6.69 -46.34 -0.30
C PHE F 228 7.60 -47.55 -0.13
N GLU F 229 7.59 -48.41 -1.16
CA GLU F 229 8.27 -49.71 -1.06
C GLU F 229 9.78 -49.58 -1.13
N ASN F 230 10.30 -48.61 -1.88
CA ASN F 230 11.75 -48.43 -1.99
C ASN F 230 12.05 -47.04 -2.53
N ASP F 231 13.36 -46.75 -2.69
CA ASP F 231 13.81 -45.40 -3.00
C ASP F 231 13.30 -44.93 -4.36
N VAL F 232 13.43 -45.79 -5.38
CA VAL F 232 13.06 -45.43 -6.74
C VAL F 232 11.59 -45.05 -6.81
N GLU F 233 10.72 -45.91 -6.26
CA GLU F 233 9.29 -45.62 -6.23
C GLU F 233 9.01 -44.28 -5.57
N ALA F 234 9.63 -44.03 -4.42
CA ALA F 234 9.42 -42.79 -3.70
C ALA F 234 9.76 -41.58 -4.57
N ILE F 235 10.92 -41.60 -5.22
CA ILE F 235 11.37 -40.44 -5.98
C ILE F 235 10.46 -40.21 -7.19
N LEU F 236 10.09 -41.30 -7.88
CA LEU F 236 9.15 -41.15 -8.99
C LEU F 236 7.83 -40.55 -8.53
N GLN F 237 7.36 -40.93 -7.33
CA GLN F 237 6.13 -40.34 -6.82
C GLN F 237 6.30 -38.88 -6.41
N ILE F 238 7.49 -38.48 -5.98
CA ILE F 238 7.73 -37.06 -5.70
C ILE F 238 7.67 -36.26 -6.99
N ARG F 239 8.26 -36.79 -8.06
CA ARG F 239 8.11 -36.17 -9.38
C ARG F 239 6.63 -36.02 -9.74
N ARG F 240 5.84 -37.07 -9.50
CA ARG F 240 4.41 -37.01 -9.75
C ARG F 240 3.74 -35.89 -8.93
N LEU F 241 4.07 -35.78 -7.65
CA LEU F 241 3.42 -34.80 -6.79
C LEU F 241 3.74 -33.37 -7.22
N LEU F 242 4.99 -33.12 -7.61
CA LEU F 242 5.37 -31.75 -7.93
C LEU F 242 4.55 -31.18 -9.07
N ASP F 243 4.11 -32.02 -10.01
CA ASP F 243 3.32 -31.57 -11.15
C ASP F 243 1.91 -31.12 -10.77
N PHE F 244 1.43 -31.47 -9.57
CA PHE F 244 0.15 -30.94 -9.10
C PHE F 244 0.28 -29.55 -8.50
N LEU F 245 1.41 -29.25 -7.86
CA LEU F 245 1.53 -28.16 -6.90
C LEU F 245 1.93 -26.84 -7.58
N PRO F 246 1.40 -25.72 -7.11
CA PRO F 246 1.93 -24.42 -7.52
C PRO F 246 3.38 -24.25 -7.09
N ALA F 247 4.09 -23.38 -7.81
CA ALA F 247 5.49 -23.10 -7.50
C ALA F 247 5.63 -22.16 -6.31
N ASN F 248 4.64 -21.33 -6.06
CA ASN F 248 4.65 -20.33 -4.98
C ASN F 248 3.22 -19.88 -4.76
N ASN F 249 3.04 -18.94 -3.83
CA ASN F 249 1.72 -18.43 -3.48
C ASN F 249 1.25 -17.29 -4.40
N ILE F 250 1.89 -17.09 -5.56
CA ILE F 250 1.51 -16.06 -6.52
C ILE F 250 0.89 -16.67 -7.77
N GLU F 251 1.57 -17.65 -8.39
CA GLU F 251 1.32 -17.99 -9.78
C GLU F 251 0.04 -18.81 -10.00
N GLY F 252 -0.45 -19.51 -8.99
CA GLY F 252 -1.60 -20.39 -9.15
C GLY F 252 -1.21 -21.80 -9.55
N VAL F 253 -2.24 -22.62 -9.78
CA VAL F 253 -2.06 -24.05 -10.04
C VAL F 253 -1.48 -24.26 -11.44
N PRO F 254 -0.74 -25.33 -11.67
CA PRO F 254 -0.34 -25.67 -13.05
C PRO F 254 -1.52 -26.19 -13.84
N GLU F 255 -1.42 -26.06 -15.16
CA GLU F 255 -2.46 -26.46 -16.09
C GLU F 255 -1.89 -27.39 -17.15
N ILE F 256 -2.59 -28.51 -17.42
CA ILE F 256 -2.24 -29.43 -18.49
C ILE F 256 -3.48 -29.71 -19.33
N GLU F 257 -3.25 -30.16 -20.56
CA GLU F 257 -4.35 -30.53 -21.45
C GLU F 257 -4.96 -31.86 -21.00
N SER F 258 -6.27 -31.87 -20.84
CA SER F 258 -7.01 -33.04 -20.36
C SER F 258 -7.54 -33.87 -21.51
N PHE F 259 -7.59 -35.19 -21.28
CA PHE F 259 -8.22 -36.13 -22.20
C PHE F 259 -9.68 -36.41 -21.88
N ASP F 260 -10.22 -35.83 -20.81
CA ASP F 260 -11.57 -36.11 -20.34
C ASP F 260 -12.53 -35.01 -20.79
N ASP F 261 -13.82 -35.34 -20.75
CA ASP F 261 -14.89 -34.43 -21.13
C ASP F 261 -15.61 -33.90 -19.90
N VAL F 262 -15.86 -32.59 -19.88
CA VAL F 262 -16.46 -31.94 -18.73
C VAL F 262 -17.98 -31.92 -18.82
N ASN F 263 -18.54 -32.57 -19.84
CA ASN F 263 -19.99 -32.66 -20.01
C ASN F 263 -20.53 -34.08 -19.93
N ARG F 264 -19.74 -35.04 -19.46
CA ARG F 264 -20.19 -36.42 -19.41
C ARG F 264 -21.01 -36.69 -18.15
N LEU F 265 -22.04 -37.52 -18.30
CA LEU F 265 -22.86 -37.96 -17.19
C LEU F 265 -22.49 -39.37 -16.78
N ASP F 266 -22.86 -39.73 -15.55
CA ASP F 266 -22.50 -41.03 -14.96
C ASP F 266 -23.75 -41.62 -14.29
N LYS F 267 -24.47 -42.46 -15.04
CA LYS F 267 -25.71 -43.04 -14.53
C LYS F 267 -25.46 -43.88 -13.28
N SER F 268 -24.30 -44.52 -13.17
CA SER F 268 -24.05 -45.43 -12.06
C SER F 268 -24.25 -44.75 -10.71
N LEU F 269 -23.87 -43.48 -10.59
CA LEU F 269 -24.00 -42.78 -9.32
C LEU F 269 -25.43 -42.76 -8.81
N ASP F 270 -26.41 -42.91 -9.69
CA ASP F 270 -27.80 -42.90 -9.26
C ASP F 270 -28.15 -44.12 -8.40
N THR F 271 -27.29 -45.14 -8.35
CA THR F 271 -27.52 -46.32 -7.52
C THR F 271 -26.53 -46.45 -6.37
N LEU F 272 -25.56 -45.54 -6.24
CA LEU F 272 -24.50 -45.71 -5.26
C LEU F 272 -25.05 -45.81 -3.83
N ILE F 273 -25.93 -44.90 -3.45
CA ILE F 273 -26.44 -44.90 -2.07
C ILE F 273 -27.40 -46.07 -1.88
N PRO F 274 -27.22 -46.91 -0.87
CA PRO F 274 -28.15 -48.03 -0.67
C PRO F 274 -29.47 -47.61 -0.05
N ASP F 275 -30.47 -48.47 -0.24
CA ASP F 275 -31.79 -48.20 0.33
C ASP F 275 -31.81 -48.42 1.84
N ASN F 276 -30.95 -49.28 2.35
CA ASN F 276 -30.86 -49.52 3.79
C ASN F 276 -30.00 -48.45 4.43
N PRO F 277 -30.50 -47.70 5.43
CA PRO F 277 -29.69 -46.64 6.03
C PRO F 277 -28.49 -47.13 6.81
N ASN F 278 -28.38 -48.42 7.09
CA ASN F 278 -27.28 -48.97 7.86
C ASN F 278 -26.26 -49.72 7.01
N LYS F 279 -26.39 -49.67 5.69
CA LYS F 279 -25.34 -50.25 4.85
C LYS F 279 -24.41 -49.15 4.33
N PRO F 280 -23.09 -49.39 4.34
CA PRO F 280 -22.15 -48.36 3.87
C PRO F 280 -21.86 -48.41 2.38
N TYR F 281 -21.10 -47.44 1.90
CA TYR F 281 -20.58 -47.43 0.54
C TYR F 281 -19.20 -46.77 0.56
N ASP F 282 -18.49 -46.87 -0.56
CA ASP F 282 -17.12 -46.38 -0.68
C ASP F 282 -17.11 -45.01 -1.34
N MET F 283 -16.88 -43.96 -0.54
CA MET F 283 -16.77 -42.60 -1.06
C MET F 283 -15.65 -42.48 -2.11
N GLY F 284 -14.57 -43.23 -1.93
CA GLY F 284 -13.48 -43.19 -2.90
C GLY F 284 -13.93 -43.49 -4.32
N GLU F 285 -14.89 -44.40 -4.47
CA GLU F 285 -15.46 -44.66 -5.79
C GLU F 285 -15.97 -43.37 -6.43
N LEU F 286 -16.72 -42.57 -5.67
CA LEU F 286 -17.24 -41.31 -6.19
C LEU F 286 -16.12 -40.35 -6.52
N ILE F 287 -15.13 -40.22 -5.63
CA ILE F 287 -14.02 -39.31 -5.92
C ILE F 287 -13.35 -39.69 -7.23
N ARG F 288 -13.13 -41.00 -7.44
CA ARG F 288 -12.40 -41.46 -8.62
C ARG F 288 -13.24 -41.44 -9.88
N ARG F 289 -14.57 -41.41 -9.76
CA ARG F 289 -15.42 -41.22 -10.93
C ARG F 289 -15.62 -39.74 -11.27
N VAL F 290 -15.36 -38.84 -10.33
CA VAL F 290 -15.50 -37.41 -10.60
C VAL F 290 -14.23 -36.80 -11.20
N VAL F 291 -13.04 -37.14 -10.68
CA VAL F 291 -11.81 -36.48 -11.14
C VAL F 291 -11.50 -36.88 -12.58
N ASP F 292 -10.64 -36.08 -13.22
CA ASP F 292 -10.21 -36.36 -14.59
C ASP F 292 -9.45 -37.68 -14.65
N GLU F 293 -9.87 -38.56 -15.55
CA GLU F 293 -9.14 -39.76 -15.94
C GLU F 293 -8.94 -40.75 -14.81
N GLY F 294 -9.67 -40.62 -13.70
CA GLY F 294 -9.50 -41.48 -12.55
C GLY F 294 -8.27 -41.23 -11.71
N ASP F 295 -7.49 -40.19 -12.02
CA ASP F 295 -6.19 -39.97 -11.37
C ASP F 295 -6.39 -39.22 -10.06
N PHE F 296 -5.98 -39.84 -8.95
CA PHE F 296 -6.12 -39.26 -7.61
C PHE F 296 -4.88 -39.55 -6.78
N PHE F 297 -4.32 -38.51 -6.17
CA PHE F 297 -3.14 -38.59 -5.30
C PHE F 297 -3.59 -38.42 -3.86
N GLU F 298 -3.64 -39.53 -3.12
CA GLU F 298 -4.12 -39.50 -1.74
C GLU F 298 -3.03 -39.08 -0.76
N ILE F 299 -3.44 -38.33 0.26
CA ILE F 299 -2.57 -37.84 1.33
C ILE F 299 -3.06 -38.44 2.64
N GLN F 300 -2.10 -38.91 3.45
CA GLN F 300 -2.37 -39.60 4.73
C GLN F 300 -3.43 -40.70 4.59
N ALA F 301 -3.19 -41.60 3.64
CA ALA F 301 -4.14 -42.67 3.36
C ALA F 301 -4.28 -43.64 4.53
N ALA F 302 -3.20 -43.90 5.25
CA ALA F 302 -3.17 -44.92 6.29
C ALA F 302 -3.59 -44.39 7.65
N TYR F 303 -3.83 -43.09 7.78
CA TYR F 303 -4.12 -42.43 9.05
C TYR F 303 -5.52 -41.84 9.00
N ALA F 304 -6.28 -42.05 10.07
CA ALA F 304 -7.61 -41.46 10.25
C ALA F 304 -8.48 -41.72 9.02
N ARG F 305 -8.72 -43.00 8.76
CA ARG F 305 -9.33 -43.46 7.52
C ARG F 305 -10.83 -43.22 7.47
N ASN F 306 -11.42 -42.66 8.53
CA ASN F 306 -12.78 -42.15 8.48
C ASN F 306 -12.91 -40.86 7.67
N ILE F 307 -11.81 -40.29 7.17
CA ILE F 307 -11.85 -39.11 6.31
C ILE F 307 -10.79 -39.24 5.21
N ILE F 308 -11.13 -38.77 4.02
CA ILE F 308 -10.28 -38.84 2.83
C ILE F 308 -9.83 -37.43 2.45
N THR F 309 -8.55 -37.29 2.11
CA THR F 309 -7.97 -36.04 1.60
C THR F 309 -7.04 -36.34 0.43
N GLY F 310 -7.06 -35.49 -0.59
CA GLY F 310 -6.08 -35.64 -1.66
C GLY F 310 -6.25 -34.66 -2.80
N PHE F 311 -5.44 -34.85 -3.84
CA PHE F 311 -5.41 -34.00 -5.04
C PHE F 311 -5.90 -34.76 -6.27
N GLY F 312 -6.72 -34.08 -7.08
CA GLY F 312 -7.10 -34.51 -8.41
C GLY F 312 -7.07 -33.36 -9.40
N ARG F 313 -7.53 -33.59 -10.63
CA ARG F 313 -7.65 -32.52 -11.62
C ARG F 313 -9.06 -32.46 -12.19
N VAL F 314 -9.54 -31.24 -12.41
CA VAL F 314 -10.77 -30.97 -13.15
C VAL F 314 -10.45 -29.94 -14.23
N GLU F 315 -10.80 -30.27 -15.47
CA GLU F 315 -10.51 -29.42 -16.63
C GLU F 315 -9.02 -29.07 -16.72
N GLY F 316 -8.18 -30.02 -16.31
CA GLY F 316 -6.74 -29.84 -16.37
C GLY F 316 -6.14 -29.01 -15.26
N ARG F 317 -6.92 -28.61 -14.26
CA ARG F 317 -6.43 -27.81 -13.15
C ARG F 317 -6.53 -28.58 -11.85
N THR F 318 -5.55 -28.38 -10.98
CA THR F 318 -5.48 -29.09 -9.70
C THR F 318 -6.62 -28.64 -8.79
N VAL F 319 -7.29 -29.62 -8.17
CA VAL F 319 -8.33 -29.40 -7.19
C VAL F 319 -8.07 -30.32 -5.99
N GLY F 320 -8.36 -29.84 -4.79
CA GLY F 320 -8.26 -30.63 -3.58
C GLY F 320 -9.61 -31.18 -3.15
N PHE F 321 -9.58 -32.33 -2.50
CA PHE F 321 -10.79 -33.05 -2.11
C PHE F 321 -10.72 -33.50 -0.65
N VAL F 322 -11.83 -33.25 0.07
CA VAL F 322 -12.07 -33.76 1.42
C VAL F 322 -13.41 -34.48 1.44
N ALA F 323 -13.46 -35.67 2.05
CA ALA F 323 -14.69 -36.44 2.04
C ALA F 323 -14.83 -37.32 3.29
N ASN F 324 -16.06 -37.45 3.79
CA ASN F 324 -16.33 -38.45 4.82
C ASN F 324 -16.41 -39.85 4.22
N GLN F 325 -15.91 -40.84 4.96
CA GLN F 325 -15.87 -42.24 4.49
C GLN F 325 -16.73 -43.13 5.38
N PRO F 326 -17.91 -43.55 4.92
CA PRO F 326 -18.79 -44.39 5.76
C PRO F 326 -18.20 -45.75 6.14
N LEU F 327 -17.26 -46.29 5.34
CA LEU F 327 -16.71 -47.61 5.63
C LEU F 327 -15.98 -47.69 6.96
N VAL F 328 -15.55 -46.57 7.54
CA VAL F 328 -14.70 -46.55 8.73
C VAL F 328 -15.34 -45.68 9.79
N LEU F 329 -15.65 -46.28 10.94
CA LEU F 329 -16.25 -45.59 12.09
C LEU F 329 -17.53 -44.85 11.72
N ALA F 330 -18.27 -45.38 10.74
CA ALA F 330 -19.53 -44.81 10.29
C ALA F 330 -19.38 -43.38 9.79
N GLY F 331 -18.17 -42.97 9.41
CA GLY F 331 -17.94 -41.65 8.91
C GLY F 331 -17.94 -40.55 9.95
N VAL F 332 -17.82 -40.89 11.24
CA VAL F 332 -17.85 -39.88 12.28
C VAL F 332 -16.59 -39.03 12.23
N LEU F 333 -16.73 -37.78 12.63
CA LEU F 333 -15.59 -36.89 12.83
C LEU F 333 -15.00 -37.14 14.22
N ASP F 334 -13.68 -37.36 14.27
CA ASP F 334 -12.97 -37.40 15.54
C ASP F 334 -11.76 -36.48 15.50
N SER F 335 -10.95 -36.49 16.56
CA SER F 335 -9.86 -35.52 16.67
C SER F 335 -8.79 -35.75 15.60
N ASP F 336 -8.41 -37.02 15.39
CA ASP F 336 -7.41 -37.35 14.37
C ASP F 336 -7.85 -36.88 12.98
N ALA F 337 -9.07 -37.25 12.59
CA ALA F 337 -9.61 -36.84 11.28
C ALA F 337 -9.66 -35.32 11.16
N SER F 338 -10.09 -34.64 12.22
CA SER F 338 -10.19 -33.18 12.19
C SER F 338 -8.83 -32.55 11.94
N ARG F 339 -7.79 -33.02 12.64
CA ARG F 339 -6.45 -32.50 12.42
C ARG F 339 -5.99 -32.77 10.98
N LYS F 340 -6.18 -34.01 10.50
CA LYS F 340 -5.79 -34.38 9.14
C LYS F 340 -6.40 -33.45 8.11
N ALA F 341 -7.71 -33.19 8.22
CA ALA F 341 -8.39 -32.34 7.26
C ALA F 341 -7.99 -30.88 7.42
N ALA F 342 -7.81 -30.42 8.66
CA ALA F 342 -7.53 -29.00 8.90
C ALA F 342 -6.21 -28.59 8.24
N ARG F 343 -5.16 -29.41 8.38
CA ARG F 343 -3.88 -28.98 7.80
C ARG F 343 -3.94 -28.97 6.27
N PHE F 344 -4.66 -29.93 5.67
CA PHE F 344 -4.81 -29.97 4.22
C PHE F 344 -5.55 -28.73 3.71
N VAL F 345 -6.66 -28.38 4.37
CA VAL F 345 -7.41 -27.18 3.99
C VAL F 345 -6.52 -25.94 4.09
N ARG F 346 -5.73 -25.84 5.17
CA ARG F 346 -4.86 -24.68 5.35
C ARG F 346 -3.83 -24.57 4.23
N PHE F 347 -3.21 -25.70 3.85
CA PHE F 347 -2.23 -25.67 2.76
C PHE F 347 -2.87 -25.20 1.46
N CYS F 348 -4.00 -25.82 1.09
CA CYS F 348 -4.66 -25.45 -0.15
C CYS F 348 -5.05 -23.98 -0.17
N ASN F 349 -5.54 -23.45 0.96
CA ASN F 349 -5.87 -22.03 1.01
C ASN F 349 -4.62 -21.17 0.85
N ALA F 350 -3.52 -21.57 1.48
CA ALA F 350 -2.29 -20.79 1.37
C ALA F 350 -1.81 -20.68 -0.07
N PHE F 351 -1.94 -21.76 -0.85
CA PHE F 351 -1.41 -21.78 -2.21
C PHE F 351 -2.48 -21.68 -3.31
N SER F 352 -3.67 -21.17 -2.98
CA SER F 352 -4.71 -20.84 -3.96
C SER F 352 -5.20 -22.07 -4.74
N ILE F 353 -5.41 -23.18 -4.05
CA ILE F 353 -5.98 -24.40 -4.62
C ILE F 353 -7.45 -24.49 -4.21
N PRO F 354 -8.40 -24.61 -5.16
CA PRO F 354 -9.81 -24.79 -4.78
C PRO F 354 -10.09 -26.12 -4.09
N ILE F 355 -11.15 -26.15 -3.28
CA ILE F 355 -11.51 -27.29 -2.45
C ILE F 355 -12.94 -27.76 -2.73
N VAL F 356 -13.11 -29.07 -2.94
CA VAL F 356 -14.40 -29.74 -3.02
C VAL F 356 -14.55 -30.70 -1.83
N THR F 357 -15.72 -30.68 -1.20
CA THR F 357 -16.01 -31.47 0.00
C THR F 357 -17.27 -32.32 -0.20
N PHE F 358 -17.14 -33.63 0.04
CA PHE F 358 -18.27 -34.57 0.01
C PHE F 358 -18.65 -34.98 1.45
N VAL F 359 -19.91 -34.76 1.79
CA VAL F 359 -20.38 -34.80 3.18
C VAL F 359 -21.33 -35.98 3.36
N ASP F 360 -20.97 -36.87 4.31
CA ASP F 360 -21.89 -37.88 4.84
C ASP F 360 -21.45 -38.15 6.28
N VAL F 361 -22.04 -37.41 7.21
CA VAL F 361 -21.57 -37.41 8.60
C VAL F 361 -22.75 -37.47 9.57
N PRO F 362 -22.76 -38.43 10.51
CA PRO F 362 -23.84 -38.50 11.50
C PRO F 362 -23.59 -37.76 12.81
N GLY F 363 -22.36 -37.37 13.09
CA GLY F 363 -22.01 -36.67 14.30
C GLY F 363 -20.54 -36.86 14.63
N PHE F 364 -20.21 -36.59 15.88
CA PHE F 364 -18.87 -36.78 16.41
C PHE F 364 -18.78 -38.11 17.17
N LEU F 365 -17.55 -38.53 17.44
CA LEU F 365 -17.32 -39.80 18.14
C LEU F 365 -17.49 -39.60 19.65
N PRO F 366 -18.39 -40.34 20.30
CA PRO F 366 -18.62 -40.15 21.73
C PRO F 366 -17.63 -40.94 22.60
N GLY F 367 -17.44 -40.43 23.81
CA GLY F 367 -16.73 -41.16 24.84
C GLY F 367 -15.74 -40.35 25.66
N THR F 368 -15.29 -40.92 26.77
CA THR F 368 -14.33 -40.24 27.63
C THR F 368 -12.98 -40.05 26.95
N ALA F 369 -12.59 -40.97 26.07
CA ALA F 369 -11.29 -40.88 25.43
C ALA F 369 -11.21 -39.66 24.52
N GLN F 370 -12.29 -39.36 23.80
CA GLN F 370 -12.31 -38.17 22.96
C GLN F 370 -12.30 -36.89 23.78
N GLU F 371 -13.06 -36.87 24.88
CA GLU F 371 -13.19 -35.64 25.66
C GLU F 371 -11.92 -35.35 26.45
N TYR F 372 -11.35 -36.37 27.10
CA TYR F 372 -10.10 -36.18 27.83
C TYR F 372 -8.92 -35.86 26.90
N GLY F 373 -9.02 -36.24 25.62
CA GLY F 373 -8.00 -35.96 24.64
C GLY F 373 -8.13 -34.62 23.94
N GLY F 374 -9.19 -33.86 24.21
CA GLY F 374 -9.30 -32.49 23.72
C GLY F 374 -10.04 -32.34 22.40
N LEU F 375 -11.09 -33.14 22.18
CA LEU F 375 -11.83 -33.08 20.92
C LEU F 375 -12.43 -31.70 20.67
N ILE F 376 -12.82 -30.98 21.71
CA ILE F 376 -13.39 -29.65 21.53
C ILE F 376 -12.49 -28.80 20.63
N LYS F 377 -11.23 -28.64 21.03
CA LYS F 377 -10.29 -27.81 20.26
C LYS F 377 -9.87 -28.47 18.95
N HIS F 378 -9.67 -29.79 18.95
CA HIS F 378 -9.23 -30.48 17.74
C HIS F 378 -10.28 -30.33 16.63
N GLY F 379 -11.55 -30.52 16.97
CA GLY F 379 -12.61 -30.30 16.00
C GLY F 379 -12.82 -28.85 15.67
N ALA F 380 -12.48 -27.95 16.60
CA ALA F 380 -12.52 -26.53 16.27
C ALA F 380 -11.50 -26.16 15.20
N LYS F 381 -10.39 -26.89 15.12
CA LYS F 381 -9.36 -26.61 14.11
C LYS F 381 -9.92 -26.61 12.68
N LEU F 382 -10.69 -27.64 12.33
CA LEU F 382 -11.22 -27.74 10.97
C LEU F 382 -12.23 -26.64 10.68
N LEU F 383 -13.08 -26.33 11.66
CA LEU F 383 -14.02 -25.22 11.54
C LEU F 383 -13.27 -23.91 11.28
N PHE F 384 -12.22 -23.67 12.06
CA PHE F 384 -11.38 -22.50 11.86
C PHE F 384 -10.83 -22.46 10.44
N ALA F 385 -10.25 -23.58 9.99
CA ALA F 385 -9.66 -23.64 8.66
C ALA F 385 -10.67 -23.23 7.58
N TYR F 386 -11.82 -23.91 7.55
CA TYR F 386 -12.82 -23.58 6.53
C TYR F 386 -13.29 -22.13 6.64
N SER F 387 -13.56 -21.65 7.84
CA SER F 387 -14.12 -20.30 7.98
C SER F 387 -13.11 -19.22 7.63
N GLN F 388 -11.81 -19.53 7.72
CA GLN F 388 -10.75 -18.63 7.33
C GLN F 388 -10.50 -18.58 5.82
N ALA F 389 -10.98 -19.57 5.09
CA ALA F 389 -10.58 -19.77 3.71
C ALA F 389 -11.21 -18.74 2.77
N THR F 390 -10.43 -18.33 1.76
CA THR F 390 -10.87 -17.41 0.74
C THR F 390 -10.79 -17.97 -0.68
N VAL F 391 -10.26 -19.18 -0.88
CA VAL F 391 -10.28 -19.89 -2.16
C VAL F 391 -11.71 -20.40 -2.43
N PRO F 392 -12.05 -20.78 -3.66
CA PRO F 392 -13.39 -21.33 -3.90
C PRO F 392 -13.66 -22.60 -3.08
N LEU F 393 -14.89 -22.72 -2.60
CA LEU F 393 -15.33 -23.88 -1.83
C LEU F 393 -16.63 -24.42 -2.42
N VAL F 394 -16.63 -25.69 -2.84
CA VAL F 394 -17.84 -26.34 -3.36
C VAL F 394 -18.11 -27.60 -2.53
N THR F 395 -19.35 -27.74 -2.04
CA THR F 395 -19.75 -28.80 -1.12
C THR F 395 -20.95 -29.57 -1.67
N ILE F 396 -20.95 -30.89 -1.44
CA ILE F 396 -22.02 -31.78 -1.90
C ILE F 396 -22.39 -32.73 -0.76
N ILE F 397 -23.65 -32.68 -0.32
CA ILE F 397 -24.20 -33.58 0.68
C ILE F 397 -24.85 -34.75 -0.05
N THR F 398 -24.29 -35.94 0.09
CA THR F 398 -24.87 -37.15 -0.47
C THR F 398 -25.90 -37.81 0.44
N ARG F 399 -25.70 -37.71 1.74
CA ARG F 399 -26.43 -38.46 2.75
C ARG F 399 -26.46 -37.65 4.04
N LYS F 400 -26.52 -38.33 5.18
CA LYS F 400 -26.70 -37.67 6.46
C LYS F 400 -25.84 -36.42 6.62
N ALA F 401 -26.42 -35.41 7.26
CA ALA F 401 -25.70 -34.22 7.71
C ALA F 401 -26.41 -33.73 8.96
N PHE F 402 -25.91 -34.17 10.12
CA PHE F 402 -26.56 -33.95 11.40
C PHE F 402 -25.74 -33.04 12.29
N GLY F 403 -26.40 -32.05 12.91
CA GLY F 403 -25.84 -31.32 14.02
C GLY F 403 -24.67 -30.42 13.65
N GLY F 404 -23.82 -30.17 14.65
CA GLY F 404 -22.65 -29.32 14.43
C GLY F 404 -21.72 -29.83 13.35
N ALA F 405 -21.68 -31.16 13.14
CA ALA F 405 -20.89 -31.73 12.07
C ALA F 405 -21.29 -31.14 10.71
N TYR F 406 -22.58 -30.91 10.51
CA TYR F 406 -23.05 -30.28 9.28
C TYR F 406 -22.47 -28.87 9.12
N ILE F 407 -22.40 -28.11 10.21
CA ILE F 407 -21.81 -26.77 10.15
C ILE F 407 -20.34 -26.87 9.77
N VAL F 408 -19.62 -27.80 10.40
CA VAL F 408 -18.17 -27.88 10.25
C VAL F 408 -17.79 -28.20 8.81
N MET F 409 -18.55 -29.07 8.13
CA MET F 409 -18.15 -29.60 6.82
C MET F 409 -18.56 -28.65 5.69
N ALA F 410 -17.93 -27.46 5.70
CA ALA F 410 -18.00 -26.52 4.57
C ALA F 410 -19.45 -26.12 4.26
N SER F 411 -20.17 -25.70 5.29
CA SER F 411 -21.54 -25.23 5.17
C SER F 411 -21.59 -23.79 4.66
N LYS F 412 -22.75 -23.43 4.09
CA LYS F 412 -23.02 -22.06 3.67
C LYS F 412 -22.72 -21.05 4.78
N HIS F 413 -22.97 -21.43 6.04
CA HIS F 413 -22.89 -20.49 7.14
C HIS F 413 -21.46 -20.13 7.52
N VAL F 414 -20.48 -20.97 7.18
CA VAL F 414 -19.08 -20.66 7.47
C VAL F 414 -18.34 -20.11 6.26
N GLY F 415 -18.98 -20.03 5.10
CA GLY F 415 -18.45 -19.28 3.97
C GLY F 415 -18.32 -20.00 2.65
N ALA F 416 -19.00 -21.14 2.49
CA ALA F 416 -18.93 -21.86 1.23
C ALA F 416 -19.70 -21.13 0.14
N ASP F 417 -19.18 -21.22 -1.09
CA ASP F 417 -19.75 -20.48 -2.21
C ASP F 417 -20.97 -21.18 -2.78
N LEU F 418 -20.88 -22.47 -3.07
CA LEU F 418 -21.95 -23.25 -3.66
C LEU F 418 -22.17 -24.51 -2.84
N ASN F 419 -23.43 -24.79 -2.50
CA ASN F 419 -23.81 -25.93 -1.67
C ASN F 419 -24.95 -26.70 -2.35
N TYR F 420 -24.65 -27.91 -2.82
CA TYR F 420 -25.61 -28.81 -3.46
C TYR F 420 -26.00 -29.94 -2.53
N ALA F 421 -27.06 -30.65 -2.92
CA ALA F 421 -27.53 -31.82 -2.20
C ALA F 421 -28.14 -32.83 -3.17
N TRP F 422 -27.80 -34.10 -2.98
CA TRP F 422 -28.47 -35.19 -3.69
C TRP F 422 -29.87 -35.41 -3.12
N PRO F 423 -30.73 -36.13 -3.84
CA PRO F 423 -32.11 -36.36 -3.35
C PRO F 423 -32.16 -37.19 -2.08
N THR F 424 -31.15 -37.99 -1.80
CA THR F 424 -31.06 -38.83 -0.61
C THR F 424 -30.54 -38.09 0.62
N ALA F 425 -30.39 -36.77 0.57
CA ALA F 425 -29.80 -36.04 1.69
C ALA F 425 -30.77 -35.94 2.86
N GLN F 426 -30.21 -35.98 4.07
CA GLN F 426 -30.96 -35.84 5.33
C GLN F 426 -30.26 -34.80 6.20
N ILE F 427 -30.78 -33.58 6.17
CA ILE F 427 -30.19 -32.43 6.84
C ILE F 427 -31.08 -32.07 8.02
N ALA F 428 -30.58 -32.24 9.24
CA ALA F 428 -31.41 -32.13 10.44
C ALA F 428 -30.51 -31.94 11.66
N VAL F 429 -31.13 -31.53 12.77
CA VAL F 429 -30.40 -31.31 14.02
C VAL F 429 -29.97 -32.64 14.64
N MET F 430 -30.73 -33.71 14.39
CA MET F 430 -30.38 -35.07 14.90
C MET F 430 -31.38 -36.04 14.33
N GLY F 431 -31.09 -37.31 14.56
CA GLY F 431 -31.99 -38.36 14.14
C GLY F 431 -33.38 -38.20 14.73
N ALA F 432 -34.34 -38.87 14.11
CA ALA F 432 -35.76 -38.65 14.43
C ALA F 432 -36.10 -39.10 15.84
N LYS F 433 -35.69 -40.32 16.21
CA LYS F 433 -36.13 -40.87 17.49
C LYS F 433 -35.62 -40.05 18.66
N GLY F 434 -34.35 -39.63 18.63
CA GLY F 434 -33.82 -38.79 19.69
C GLY F 434 -34.54 -37.45 19.77
N ALA F 435 -34.78 -36.84 18.62
CA ALA F 435 -35.49 -35.56 18.59
C ALA F 435 -36.87 -35.69 19.22
N VAL F 436 -37.60 -36.74 18.85
CA VAL F 436 -38.93 -36.94 19.40
C VAL F 436 -38.86 -37.21 20.90
N GLU F 437 -37.91 -38.05 21.33
CA GLU F 437 -37.73 -38.28 22.76
C GLU F 437 -37.54 -36.98 23.52
N ILE F 438 -36.75 -36.06 22.96
CA ILE F 438 -36.52 -34.80 23.66
C ILE F 438 -37.75 -33.91 23.62
N ILE F 439 -38.40 -33.80 22.45
CA ILE F 439 -39.55 -32.94 22.32
C ILE F 439 -40.72 -33.47 23.14
N PHE F 440 -41.08 -34.73 22.92
CA PHE F 440 -42.17 -35.37 23.66
C PHE F 440 -41.60 -36.21 24.81
N ARG F 441 -40.99 -35.52 25.76
CA ARG F 441 -40.38 -36.19 26.90
C ARG F 441 -41.43 -36.62 27.91
N ALA F 442 -42.46 -35.80 28.11
CA ALA F 442 -43.51 -36.10 29.07
C ALA F 442 -44.41 -37.25 28.67
N GLU F 443 -44.23 -37.81 27.46
CA GLU F 443 -45.13 -38.85 26.96
C GLU F 443 -44.33 -39.96 26.29
N ILE F 444 -43.25 -40.41 26.94
CA ILE F 444 -42.40 -41.45 26.39
C ILE F 444 -42.84 -42.81 26.92
N GLY F 445 -44.06 -42.88 27.46
CA GLY F 445 -44.59 -44.11 27.99
C GLY F 445 -45.22 -45.00 26.93
N ASP F 446 -46.17 -44.45 26.18
CA ASP F 446 -46.83 -45.21 25.14
C ASP F 446 -45.83 -45.64 24.08
N ALA F 447 -46.24 -46.58 23.24
CA ALA F 447 -45.38 -47.17 22.22
C ALA F 447 -45.82 -46.85 20.81
N ASP F 448 -47.07 -47.13 20.46
CA ASP F 448 -47.56 -46.82 19.11
C ASP F 448 -47.50 -45.33 18.84
N LYS F 449 -47.81 -44.52 19.86
CA LYS F 449 -47.74 -43.07 19.70
C LYS F 449 -46.33 -42.61 19.38
N VAL F 450 -45.33 -43.25 20.00
CA VAL F 450 -43.94 -42.90 19.73
C VAL F 450 -43.59 -43.22 18.29
N ALA F 451 -43.99 -44.40 17.81
CA ALA F 451 -43.75 -44.76 16.42
C ALA F 451 -44.41 -43.78 15.47
N GLU F 452 -45.63 -43.35 15.79
CA GLU F 452 -46.33 -42.41 14.92
C GLU F 452 -45.62 -41.06 14.88
N ARG F 453 -45.25 -40.53 16.05
CA ARG F 453 -44.53 -39.26 16.10
C ARG F 453 -43.21 -39.36 15.34
N THR F 454 -42.49 -40.47 15.49
CA THR F 454 -41.23 -40.64 14.79
C THR F 454 -41.44 -40.68 13.27
N LYS F 455 -42.45 -41.42 12.81
CA LYS F 455 -42.77 -41.45 11.39
C LYS F 455 -43.03 -40.04 10.87
N GLU F 456 -43.84 -39.27 11.60
CA GLU F 456 -44.16 -37.91 11.18
C GLU F 456 -42.91 -37.03 11.10
N TYR F 457 -42.07 -37.10 12.14
CA TYR F 457 -40.85 -36.30 12.15
C TYR F 457 -39.94 -36.67 11.00
N GLU F 458 -39.80 -37.96 10.72
CA GLU F 458 -38.95 -38.40 9.62
C GLU F 458 -39.51 -37.93 8.28
N ASP F 459 -40.83 -37.96 8.13
CA ASP F 459 -41.43 -37.58 6.86
C ASP F 459 -41.33 -36.08 6.62
N ARG F 460 -41.33 -35.28 7.69
CA ARG F 460 -41.24 -33.84 7.51
C ARG F 460 -39.81 -33.31 7.45
N PHE F 461 -38.90 -33.85 8.26
CA PHE F 461 -37.65 -33.18 8.57
C PHE F 461 -36.39 -33.93 8.14
N LEU F 462 -36.45 -35.21 7.83
CA LEU F 462 -35.26 -35.97 7.44
C LEU F 462 -35.21 -36.01 5.91
N SER F 463 -34.83 -34.87 5.33
CA SER F 463 -34.87 -34.66 3.90
C SER F 463 -34.04 -33.42 3.56
N PRO F 464 -33.87 -33.08 2.27
CA PRO F 464 -33.16 -31.84 1.92
C PRO F 464 -34.03 -30.60 1.83
N PHE F 465 -35.36 -30.74 1.92
CA PHE F 465 -36.25 -29.68 1.46
C PHE F 465 -36.44 -28.56 2.47
N VAL F 466 -36.38 -28.83 3.78
CA VAL F 466 -36.42 -27.74 4.75
C VAL F 466 -35.21 -26.82 4.56
N ALA F 467 -34.03 -27.42 4.30
CA ALA F 467 -32.85 -26.61 4.05
C ALA F 467 -33.00 -25.79 2.77
N ALA F 468 -33.54 -26.42 1.72
CA ALA F 468 -33.76 -25.70 0.46
C ALA F 468 -34.73 -24.54 0.64
N GLU F 469 -35.81 -24.76 1.40
CA GLU F 469 -36.82 -23.73 1.60
C GLU F 469 -36.24 -22.48 2.23
N ARG F 470 -35.19 -22.63 3.04
CA ARG F 470 -34.52 -21.51 3.69
C ARG F 470 -33.33 -20.98 2.91
N GLY F 471 -33.02 -21.56 1.75
CA GLY F 471 -31.89 -21.14 0.96
C GLY F 471 -30.52 -21.58 1.44
N TYR F 472 -30.45 -22.47 2.43
CA TYR F 472 -29.17 -23.00 2.88
C TYR F 472 -28.55 -23.95 1.87
N ILE F 473 -29.34 -24.49 0.95
CA ILE F 473 -28.87 -25.33 -0.15
C ILE F 473 -29.26 -24.64 -1.45
N ASP F 474 -28.28 -24.45 -2.35
CA ASP F 474 -28.53 -23.74 -3.59
C ASP F 474 -29.38 -24.56 -4.56
N GLU F 475 -29.18 -25.87 -4.60
CA GLU F 475 -29.92 -26.71 -5.55
C GLU F 475 -29.84 -28.17 -5.13
N VAL F 476 -30.93 -28.89 -5.39
CA VAL F 476 -31.00 -30.34 -5.27
C VAL F 476 -30.75 -30.94 -6.65
N ILE F 477 -29.69 -31.74 -6.79
CA ILE F 477 -29.22 -32.20 -8.09
C ILE F 477 -29.31 -33.72 -8.18
N MET F 478 -29.42 -34.22 -9.41
CA MET F 478 -29.38 -35.65 -9.65
C MET F 478 -27.93 -36.13 -9.56
N PRO F 479 -27.68 -37.32 -9.01
CA PRO F 479 -26.29 -37.77 -8.84
C PRO F 479 -25.49 -37.76 -10.14
N HIS F 480 -26.09 -38.23 -11.24
CA HIS F 480 -25.37 -38.42 -12.49
C HIS F 480 -24.85 -37.13 -13.10
N SER F 481 -25.26 -35.96 -12.58
CA SER F 481 -24.79 -34.67 -13.08
C SER F 481 -23.65 -34.09 -12.25
N THR F 482 -23.19 -34.78 -11.20
CA THR F 482 -22.31 -34.16 -10.23
C THR F 482 -21.08 -33.53 -10.90
N ARG F 483 -20.31 -34.34 -11.64
CA ARG F 483 -19.14 -33.81 -12.32
C ARG F 483 -19.50 -32.57 -13.15
N LYS F 484 -20.54 -32.70 -13.99
CA LYS F 484 -20.91 -31.60 -14.87
C LYS F 484 -21.13 -30.32 -14.07
N ARG F 485 -21.78 -30.42 -12.92
CA ARG F 485 -22.03 -29.22 -12.14
C ARG F 485 -20.72 -28.70 -11.54
N ILE F 486 -19.93 -29.59 -10.94
CA ILE F 486 -18.67 -29.16 -10.30
C ILE F 486 -17.83 -28.38 -11.30
N ALA F 487 -17.55 -28.99 -12.45
CA ALA F 487 -16.66 -28.38 -13.41
C ALA F 487 -17.15 -27.01 -13.82
N ARG F 488 -18.47 -26.82 -13.94
CA ARG F 488 -18.97 -25.51 -14.31
C ARG F 488 -18.72 -24.51 -13.19
N ALA F 489 -19.12 -24.88 -11.97
CA ALA F 489 -18.96 -23.99 -10.83
C ALA F 489 -17.53 -23.48 -10.73
N LEU F 490 -16.57 -24.40 -10.70
CA LEU F 490 -15.18 -24.01 -10.49
C LEU F 490 -14.76 -22.98 -11.53
N GLY F 491 -15.15 -23.18 -12.78
CA GLY F 491 -14.79 -22.23 -13.82
C GLY F 491 -15.24 -20.84 -13.43
N MET F 492 -16.54 -20.73 -13.16
CA MET F 492 -17.12 -19.45 -12.79
C MET F 492 -16.43 -18.86 -11.57
N LEU F 493 -15.96 -19.71 -10.65
CA LEU F 493 -15.43 -19.21 -9.40
C LEU F 493 -13.96 -18.79 -9.50
N ARG F 494 -13.34 -18.93 -10.67
CA ARG F 494 -11.92 -18.64 -10.77
C ARG F 494 -11.58 -17.18 -10.49
N THR F 495 -12.56 -16.28 -10.56
CA THR F 495 -12.35 -14.85 -10.37
C THR F 495 -12.64 -14.37 -8.94
N LYS F 496 -12.89 -15.27 -8.00
CA LYS F 496 -13.24 -14.89 -6.63
C LYS F 496 -12.17 -14.00 -6.00
N GLU F 497 -12.59 -12.89 -5.42
CA GLU F 497 -11.72 -11.94 -4.72
C GLU F 497 -12.26 -11.70 -3.32
N MET F 498 -11.50 -12.10 -2.30
CA MET F 498 -11.90 -11.96 -0.91
C MET F 498 -10.67 -11.94 -0.01
N GLU F 499 -10.77 -11.26 1.12
CA GLU F 499 -9.66 -11.10 2.05
C GLU F 499 -10.15 -11.07 3.49
N GLN F 500 -9.35 -11.61 4.40
CA GLN F 500 -9.62 -11.54 5.83
C GLN F 500 -9.16 -10.18 6.36
N PRO F 501 -9.53 -9.83 7.60
CA PRO F 501 -9.08 -8.56 8.17
C PRO F 501 -7.57 -8.54 8.44
N ARG F 502 -7.05 -7.32 8.57
CA ARG F 502 -5.62 -7.09 8.73
C ARG F 502 -5.12 -7.52 10.10
N LYS F 503 -4.10 -8.39 10.12
CA LYS F 503 -3.54 -8.94 11.35
C LYS F 503 -2.17 -9.53 11.05
N LYS F 504 -1.30 -9.53 12.07
CA LYS F 504 -0.05 -10.27 11.99
C LYS F 504 -0.30 -11.74 11.65
N HIS F 505 -1.13 -12.39 12.45
CA HIS F 505 -1.56 -13.76 12.23
C HIS F 505 -2.73 -14.04 13.17
N ASP F 506 -3.50 -15.07 12.83
CA ASP F 506 -4.59 -15.54 13.67
C ASP F 506 -4.04 -16.26 14.90
N ASN F 507 -4.94 -16.64 15.79
CA ASN F 507 -4.58 -17.38 17.00
C ASN F 507 -5.28 -18.74 17.06
N ILE F 508 -5.23 -19.49 15.96
CA ILE F 508 -5.87 -20.81 15.84
C ILE F 508 -5.47 -21.71 17.00
N PRO F 509 -6.36 -22.57 17.49
CA PRO F 509 -5.96 -23.52 18.54
C PRO F 509 -4.93 -24.52 18.04
N LEU F 510 -4.12 -25.01 18.96
CA LEU F 510 -2.99 -25.87 18.65
C LEU F 510 -3.06 -27.17 19.44
N PRO G 459 43.97 37.22 35.99
CA PRO G 459 43.01 37.11 37.10
C PRO G 459 43.64 36.53 38.35
N GLU G 460 43.44 37.20 39.49
CA GLU G 460 44.05 36.79 40.75
C GLU G 460 43.01 36.84 41.86
N GLY G 461 43.04 35.84 42.73
CA GLY G 461 42.21 35.81 43.91
C GLY G 461 40.74 36.07 43.63
N PRO G 462 40.23 37.23 44.10
CA PRO G 462 38.78 37.47 43.97
C PRO G 462 38.30 37.51 42.54
N VAL G 463 39.10 38.08 41.63
CA VAL G 463 38.72 38.13 40.22
C VAL G 463 38.56 36.71 39.68
N ALA G 464 39.56 35.86 39.93
CA ALA G 464 39.51 34.48 39.45
C ALA G 464 38.31 33.75 40.03
N HIS G 465 38.04 33.95 41.33
CA HIS G 465 36.91 33.27 41.96
C HIS G 465 35.59 33.72 41.36
N ARG G 466 35.42 35.02 41.15
CA ARG G 466 34.21 35.52 40.52
C ARG G 466 34.02 34.91 39.12
N LEU G 467 35.08 34.94 38.31
CA LEU G 467 34.98 34.41 36.96
C LEU G 467 34.65 32.92 36.97
N ALA G 468 35.25 32.17 37.90
CA ALA G 468 34.98 30.74 37.99
C ALA G 468 33.53 30.47 38.37
N ALA G 469 33.02 31.20 39.37
CA ALA G 469 31.62 31.04 39.74
C ALA G 469 30.70 31.35 38.57
N VAL G 470 31.04 32.37 37.79
CA VAL G 470 30.18 32.76 36.68
C VAL G 470 30.18 31.69 35.60
N ALA G 471 31.36 31.15 35.27
CA ALA G 471 31.43 30.05 34.32
C ALA G 471 30.61 28.86 34.79
N ALA G 472 30.69 28.54 36.09
CA ALA G 472 29.92 27.43 36.63
C ALA G 472 28.42 27.69 36.44
N ALA G 473 27.96 28.90 36.75
CA ALA G 473 26.54 29.21 36.60
C ALA G 473 26.08 29.09 35.15
N ILE G 474 26.91 29.55 34.22
CA ILE G 474 26.55 29.48 32.80
C ILE G 474 26.43 28.01 32.37
N ASP G 475 27.45 27.21 32.69
CA ASP G 475 27.40 25.79 32.38
C ASP G 475 26.15 25.14 32.96
N HIS G 476 25.77 25.54 34.18
CA HIS G 476 24.60 24.96 34.84
C HIS G 476 23.32 25.29 34.08
N LYS G 477 23.14 26.57 33.73
CA LYS G 477 21.96 26.96 32.96
C LYS G 477 21.87 26.16 31.66
N LEU G 478 22.99 26.07 30.93
CA LEU G 478 22.95 25.38 29.65
C LEU G 478 22.69 23.88 29.82
N ASN G 479 23.23 23.27 30.87
CA ASN G 479 22.98 21.85 31.11
C ASN G 479 21.50 21.60 31.39
N ILE G 480 20.92 22.41 32.28
CA ILE G 480 19.50 22.25 32.58
C ILE G 480 18.67 22.36 31.32
N ARG G 481 18.97 23.35 30.46
CA ARG G 481 18.21 23.47 29.22
C ARG G 481 18.42 22.26 28.32
N LYS G 482 19.67 21.80 28.18
CA LYS G 482 19.97 20.63 27.37
C LYS G 482 19.12 19.44 27.78
N ARG G 483 18.93 19.24 29.08
CA ARG G 483 18.28 18.02 29.55
C ARG G 483 16.79 17.96 29.23
N GLY G 484 16.22 18.95 28.55
CA GLY G 484 14.84 18.93 28.13
C GLY G 484 14.56 18.51 26.70
N ILE G 485 15.56 17.97 26.00
CA ILE G 485 15.38 17.57 24.61
C ILE G 485 14.32 16.47 24.49
N SER G 486 13.57 16.51 23.40
CA SER G 486 12.56 15.52 23.07
C SER G 486 13.19 14.21 22.62
N GLY G 487 12.40 13.14 22.68
CA GLY G 487 12.78 11.84 22.16
C GLY G 487 13.57 10.96 23.10
N GLN G 488 13.59 11.25 24.39
CA GLN G 488 14.37 10.47 25.33
C GLN G 488 13.68 9.14 25.64
N MET G 489 14.51 8.12 25.88
CA MET G 489 13.98 6.78 26.10
C MET G 489 13.03 6.74 27.28
N ARG G 490 13.36 7.45 28.37
CA ARG G 490 12.47 7.56 29.50
C ARG G 490 12.53 8.97 30.06
N ASP G 491 11.49 9.34 30.81
CA ASP G 491 11.32 10.67 31.35
C ASP G 491 12.61 11.19 31.96
N PRO G 492 13.02 12.43 31.68
CA PRO G 492 14.27 12.93 32.25
C PRO G 492 14.23 13.11 33.76
N SER G 493 13.04 13.36 34.33
CA SER G 493 12.92 13.57 35.77
C SER G 493 13.55 12.44 36.57
N LEU G 494 13.67 11.25 35.99
CA LEU G 494 14.20 10.07 36.68
C LEU G 494 15.72 9.98 36.52
N LEU G 495 16.41 11.04 36.94
CA LEU G 495 17.86 11.07 36.79
C LEU G 495 18.44 12.19 37.62
N THR G 496 19.75 12.09 37.90
CA THR G 496 20.46 12.98 38.80
C THR G 496 21.46 13.83 38.03
N PHE G 497 21.95 14.87 38.71
CA PHE G 497 22.96 15.78 38.16
C PHE G 497 24.13 15.86 39.14
N GLN G 498 25.34 15.75 38.62
CA GLN G 498 26.52 15.72 39.47
C GLN G 498 26.83 17.09 40.03
N ARG G 499 27.06 17.15 41.34
CA ARG G 499 27.34 18.43 42.01
C ARG G 499 28.79 18.85 41.84
N GLU G 500 29.72 17.90 41.92
CA GLU G 500 31.14 18.22 41.87
C GLU G 500 31.54 18.61 40.46
N ARG G 501 32.22 19.75 40.32
CA ARG G 501 32.70 20.21 39.03
C ARG G 501 34.12 20.75 39.16
N VAL G 502 34.82 20.78 38.04
CA VAL G 502 36.16 21.32 37.95
C VAL G 502 36.13 22.45 36.93
N VAL G 503 36.49 23.65 37.36
CA VAL G 503 36.60 24.81 36.48
C VAL G 503 38.07 25.00 36.17
N VAL G 504 38.40 25.03 34.88
CA VAL G 504 39.75 25.25 34.40
C VAL G 504 39.77 26.58 33.70
N LEU G 505 40.58 27.50 34.23
CA LEU G 505 40.61 28.91 33.84
C LEU G 505 42.02 29.26 33.41
N SER G 506 42.30 29.07 32.12
CA SER G 506 43.61 29.36 31.54
C SER G 506 44.73 28.70 32.37
N GLY G 507 44.69 27.37 32.41
CA GLY G 507 45.71 26.63 33.12
C GLY G 507 45.71 26.86 34.61
N GLN G 508 44.51 26.94 35.21
CA GLN G 508 44.38 27.12 36.65
C GLN G 508 43.09 26.44 37.08
N ARG G 509 43.17 25.57 38.09
CA ARG G 509 42.09 24.67 38.43
C ARG G 509 41.36 25.13 39.69
N PHE G 510 40.06 24.88 39.71
CA PHE G 510 39.21 25.15 40.86
C PHE G 510 38.23 24.00 41.00
N ASN G 511 38.23 23.35 42.16
CA ASN G 511 37.23 22.34 42.48
C ASN G 511 36.05 23.03 43.16
N VAL G 512 34.86 22.87 42.60
CA VAL G 512 33.68 23.58 43.07
C VAL G 512 32.51 22.62 43.19
N THR G 513 31.53 23.04 43.99
CA THR G 513 30.25 22.36 44.07
C THR G 513 29.15 23.40 43.85
N VAL G 514 28.18 23.06 43.01
CA VAL G 514 27.11 23.97 42.62
C VAL G 514 25.81 23.47 43.20
N ASP G 515 25.07 24.37 43.86
CA ASP G 515 23.79 24.02 44.45
C ASP G 515 22.77 25.11 44.13
N PRO G 516 21.60 24.77 43.59
CA PRO G 516 20.62 25.81 43.26
C PRO G 516 19.85 26.27 44.49
N ASP G 517 19.91 27.57 44.78
CA ASP G 517 19.11 28.19 45.82
C ASP G 517 17.94 28.88 45.13
N GLY G 518 16.91 28.09 44.83
CA GLY G 518 15.73 28.62 44.15
C GLY G 518 16.07 29.28 42.84
N ASP G 519 15.96 30.61 42.79
CA ASP G 519 16.23 31.35 41.57
C ASP G 519 17.73 31.54 41.31
N ASP G 520 18.56 31.46 42.34
CA ASP G 520 19.98 31.78 42.24
C ASP G 520 20.81 30.50 42.36
N LEU G 521 22.12 30.64 42.21
CA LEU G 521 23.03 29.51 42.37
C LEU G 521 24.03 29.79 43.48
N LEU G 522 24.56 28.74 44.07
CA LEU G 522 25.59 28.84 45.10
C LEU G 522 26.77 27.98 44.69
N VAL G 523 27.95 28.60 44.62
CA VAL G 523 29.18 27.93 44.24
C VAL G 523 30.07 27.88 45.47
N THR G 524 30.42 26.67 45.90
CA THR G 524 31.27 26.46 47.06
C THR G 524 32.63 25.94 46.60
N PHE G 525 33.69 26.61 47.05
CA PHE G 525 35.04 26.27 46.67
C PHE G 525 35.63 25.29 47.69
N ASP G 526 36.91 24.97 47.53
CA ASP G 526 37.57 24.03 48.44
C ASP G 526 37.90 24.68 49.78
N ASP G 527 38.31 25.94 49.76
CA ASP G 527 38.73 26.65 50.97
C ASP G 527 37.56 27.10 51.82
N GLY G 528 36.35 26.62 51.56
CA GLY G 528 35.19 26.98 52.33
C GLY G 528 34.46 28.22 51.88
N THR G 529 35.07 29.03 51.02
CA THR G 529 34.42 30.23 50.53
C THR G 529 33.23 29.87 49.66
N THR G 530 32.13 30.60 49.83
CA THR G 530 30.91 30.40 49.07
C THR G 530 30.57 31.70 48.34
N ALA G 531 29.99 31.56 47.15
CA ALA G 531 29.59 32.70 46.34
C ALA G 531 28.18 32.46 45.81
N PRO G 532 27.21 33.29 46.17
CA PRO G 532 25.92 33.27 45.48
C PRO G 532 25.98 34.05 44.17
N VAL G 533 25.42 33.46 43.13
CA VAL G 533 25.42 34.04 41.79
C VAL G 533 23.98 34.28 41.37
N ARG G 534 23.73 35.48 40.85
CA ARG G 534 22.39 35.89 40.44
C ARG G 534 22.49 36.76 39.20
N SER G 535 21.71 36.44 38.17
CA SER G 535 21.69 37.25 36.96
C SER G 535 20.53 36.79 36.08
N ALA G 536 20.12 37.68 35.17
CA ALA G 536 19.10 37.39 34.17
C ALA G 536 19.70 37.22 32.78
N TRP G 537 20.96 36.82 32.72
CA TRP G 537 21.65 36.65 31.45
C TRP G 537 20.99 35.56 30.62
N ARG G 538 20.99 35.74 29.30
CA ARG G 538 20.47 34.76 28.38
C ARG G 538 21.53 34.46 27.31
N PRO G 539 21.70 33.19 26.94
CA PRO G 539 22.60 32.86 25.84
C PRO G 539 22.37 33.76 24.62
N GLY G 540 23.48 34.17 23.99
CA GLY G 540 23.46 35.12 22.92
C GLY G 540 23.84 36.53 23.35
N ALA G 541 23.60 36.87 24.61
CA ALA G 541 23.95 38.20 25.10
C ALA G 541 25.46 38.31 25.30
N PRO G 542 26.07 39.43 24.88
CA PRO G 542 27.53 39.56 25.02
C PRO G 542 28.00 39.97 26.41
N VAL G 543 27.10 40.41 27.29
CA VAL G 543 27.48 40.92 28.60
C VAL G 543 26.68 40.17 29.66
N TRP G 544 27.39 39.53 30.58
CA TRP G 544 26.80 38.91 31.76
C TRP G 544 26.83 39.95 32.88
N SER G 545 25.67 40.49 33.22
CA SER G 545 25.54 41.52 34.25
C SER G 545 24.75 40.94 35.41
N GLY G 546 25.29 41.06 36.62
CA GLY G 546 24.64 40.46 37.76
C GLY G 546 25.40 40.66 39.04
N THR G 547 25.13 39.80 40.01
CA THR G 547 25.73 39.85 41.33
C THR G 547 26.42 38.53 41.65
N VAL G 548 27.66 38.63 42.11
CA VAL G 548 28.46 37.49 42.57
C VAL G 548 28.89 37.81 43.99
N GLY G 549 28.24 37.19 44.97
CA GLY G 549 28.70 37.29 46.35
C GLY G 549 28.83 38.71 46.86
N ASP G 550 27.69 39.35 47.13
CA ASP G 550 27.64 40.68 47.74
C ASP G 550 28.49 41.68 46.93
N GLN G 551 28.25 41.69 45.62
CA GLN G 551 28.91 42.63 44.73
C GLN G 551 28.29 42.52 43.35
N SER G 552 28.27 43.64 42.64
CA SER G 552 27.69 43.74 41.31
C SER G 552 28.80 43.85 40.28
N VAL G 553 28.65 43.11 39.17
CA VAL G 553 29.70 43.04 38.15
C VAL G 553 29.08 42.86 36.78
N ALA G 554 29.90 43.12 35.76
CA ALA G 554 29.58 42.90 34.36
C ALA G 554 30.80 42.27 33.69
N ILE G 555 30.57 41.21 32.92
CA ILE G 555 31.63 40.42 32.31
C ILE G 555 31.35 40.28 30.82
N GLN G 556 32.39 40.34 30.00
CA GLN G 556 32.24 40.12 28.57
C GLN G 556 32.41 38.64 28.26
N VAL G 557 31.41 38.07 27.60
CA VAL G 557 31.36 36.65 27.27
C VAL G 557 31.52 36.47 25.77
N ARG G 558 32.42 35.59 25.36
CA ARG G 558 32.52 35.19 23.97
C ARG G 558 32.70 33.68 23.88
N PRO G 559 31.83 32.95 23.18
CA PRO G 559 31.88 31.48 23.23
C PRO G 559 33.10 30.93 22.49
N LEU G 560 33.40 29.67 22.79
CA LEU G 560 34.43 28.91 22.08
C LEU G 560 34.13 27.43 22.26
N LEU G 561 34.85 26.61 21.48
CA LEU G 561 34.60 25.18 21.47
C LEU G 561 34.72 24.58 22.86
N ASN G 562 33.60 24.13 23.42
CA ASN G 562 33.52 23.47 24.71
C ASN G 562 33.73 24.42 25.88
N GLY G 563 33.57 25.72 25.68
CA GLY G 563 33.73 26.65 26.78
C GLY G 563 33.48 28.08 26.38
N VAL G 564 33.97 29.01 27.22
CA VAL G 564 33.74 30.43 27.01
C VAL G 564 35.05 31.19 27.20
N PHE G 565 35.01 32.47 26.85
CA PHE G 565 36.11 33.40 27.02
C PHE G 565 35.56 34.61 27.75
N LEU G 566 36.10 34.88 28.94
CA LEU G 566 35.54 35.86 29.86
C LEU G 566 36.54 36.99 30.06
N GLN G 567 36.08 38.22 29.89
CA GLN G 567 36.86 39.41 30.19
C GLN G 567 36.22 40.17 31.35
N HIS G 568 37.04 40.58 32.31
CA HIS G 568 36.58 41.26 33.52
C HIS G 568 37.72 41.93 34.26
N ALA G 569 37.55 43.20 34.60
CA ALA G 569 38.52 43.94 35.40
C ALA G 569 39.93 43.80 34.84
N GLY G 570 40.06 44.07 33.54
CA GLY G 570 41.34 44.01 32.87
C GLY G 570 41.91 42.64 32.64
N ALA G 571 41.35 41.60 33.27
CA ALA G 571 41.80 40.24 33.08
C ALA G 571 40.96 39.54 32.00
N ALA G 572 41.57 38.56 31.36
CA ALA G 572 40.91 37.75 30.35
C ALA G 572 41.28 36.29 30.57
N ALA G 573 40.32 35.39 30.33
CA ALA G 573 40.58 33.98 30.59
C ALA G 573 39.65 33.09 29.78
N GLU G 574 40.22 32.04 29.20
CA GLU G 574 39.42 30.95 28.64
C GLU G 574 38.99 30.02 29.76
N ALA G 575 37.70 29.66 29.78
CA ALA G 575 37.10 28.92 30.87
C ALA G 575 36.40 27.68 30.34
N ARG G 576 36.65 26.55 30.99
CA ARG G 576 36.03 25.28 30.66
C ARG G 576 35.59 24.59 31.95
N VAL G 577 34.44 23.93 31.90
CA VAL G 577 33.87 23.26 33.07
C VAL G 577 33.72 21.78 32.76
N PHE G 578 34.29 20.94 33.62
CA PHE G 578 34.32 19.50 33.45
C PHE G 578 33.75 18.81 34.68
N THR G 579 33.34 17.55 34.49
CA THR G 579 33.26 16.63 35.61
C THR G 579 34.67 16.19 36.01
N ARG G 580 34.78 15.61 37.20
CA ARG G 580 36.07 15.15 37.69
C ARG G 580 36.73 14.19 36.71
N ARG G 581 35.96 13.19 36.24
CA ARG G 581 36.51 12.21 35.31
C ARG G 581 36.92 12.86 33.99
N GLU G 582 36.08 13.75 33.47
CA GLU G 582 36.43 14.46 32.24
C GLU G 582 37.71 15.28 32.42
N ALA G 583 37.91 15.85 33.62
CA ALA G 583 39.15 16.59 33.87
C ALA G 583 40.35 15.66 33.91
N GLU G 584 40.20 14.51 34.57
CA GLU G 584 41.26 13.51 34.58
C GLU G 584 41.67 13.18 33.14
N LEU G 585 40.69 12.94 32.28
CA LEU G 585 41.00 12.54 30.91
C LEU G 585 41.61 13.69 30.12
N ALA G 586 41.06 14.90 30.25
CA ALA G 586 41.61 16.06 29.58
C ALA G 586 43.09 16.25 29.95
N ASP G 587 43.43 16.00 31.21
CA ASP G 587 44.82 16.17 31.64
C ASP G 587 45.78 15.27 30.89
N LEU G 588 45.32 14.15 30.33
CA LEU G 588 46.16 13.31 29.50
C LEU G 588 46.46 13.95 28.15
N MET G 589 45.72 14.96 27.73
CA MET G 589 45.93 15.55 26.42
C MET G 589 47.16 16.46 26.44
N PRO G 590 47.97 16.47 25.40
CA PRO G 590 49.20 17.26 25.42
C PRO G 590 48.99 18.68 24.95
N VAL G 591 49.96 19.53 25.29
CA VAL G 591 49.99 20.91 24.85
C VAL G 591 50.71 20.95 23.51
N LYS G 592 50.04 21.46 22.49
CA LYS G 592 50.59 21.53 21.15
C LYS G 592 51.06 22.94 20.84
N GLU G 593 52.13 23.03 20.05
CA GLU G 593 52.70 24.31 19.65
C GLU G 593 52.38 24.58 18.18
N ASN G 594 52.01 25.81 17.89
CA ASN G 594 51.79 26.21 16.50
C ASN G 594 53.12 26.43 15.80
N ALA G 595 53.16 26.07 14.52
CA ALA G 595 54.38 26.15 13.74
C ALA G 595 54.66 27.54 13.19
N GLY G 596 53.91 28.55 13.64
CA GLY G 596 54.13 29.89 13.14
C GLY G 596 53.82 29.98 11.66
N SER G 597 54.54 30.85 10.97
CA SER G 597 54.36 31.04 9.55
C SER G 597 55.63 31.64 8.95
N GLY G 598 55.88 31.32 7.69
CA GLY G 598 57.06 31.84 7.02
C GLY G 598 57.06 33.35 6.95
N LYS G 599 58.23 33.89 6.62
CA LYS G 599 58.42 35.34 6.51
C LYS G 599 58.03 35.88 5.15
N GLN G 600 57.24 35.13 4.38
CA GLN G 600 56.78 35.55 3.07
C GLN G 600 55.27 35.75 3.09
N LEU G 601 54.83 36.87 2.52
CA LEU G 601 53.41 37.12 2.23
C LEU G 601 53.25 36.94 0.72
N LEU G 602 52.59 35.86 0.35
CA LEU G 602 52.37 35.49 -1.04
C LEU G 602 50.98 35.92 -1.48
N CYS G 603 50.63 35.57 -2.71
CA CYS G 603 49.32 35.91 -3.27
C CYS G 603 48.49 34.63 -3.42
N PRO G 604 47.45 34.43 -2.62
CA PRO G 604 46.71 33.17 -2.69
C PRO G 604 45.77 33.09 -3.89
N MET G 605 45.29 34.24 -4.37
CA MET G 605 44.41 34.26 -5.52
C MET G 605 45.04 35.07 -6.65
N PRO G 606 44.86 34.65 -7.89
CA PRO G 606 45.38 35.46 -9.01
C PRO G 606 44.52 36.69 -9.24
N GLY G 607 45.19 37.82 -9.49
CA GLY G 607 44.47 39.06 -9.75
C GLY G 607 45.44 40.22 -9.85
N LEU G 608 44.90 41.42 -9.67
CA LEU G 608 45.66 42.66 -9.86
C LEU G 608 45.78 43.41 -8.54
N VAL G 609 46.96 43.94 -8.26
CA VAL G 609 47.21 44.70 -7.05
C VAL G 609 46.62 46.09 -7.21
N LYS G 610 45.86 46.55 -6.22
CA LYS G 610 45.25 47.87 -6.27
C LYS G 610 45.72 48.82 -5.18
N GLN G 611 46.36 48.33 -4.13
CA GLN G 611 46.79 49.20 -3.06
C GLN G 611 47.74 48.45 -2.14
N ILE G 612 48.71 49.18 -1.58
CA ILE G 612 49.60 48.67 -0.55
C ILE G 612 49.66 49.72 0.55
N MET G 613 49.36 49.31 1.78
CA MET G 613 49.15 50.24 2.87
C MET G 613 50.39 50.48 3.72
N VAL G 614 51.34 49.55 3.73
CA VAL G 614 52.47 49.62 4.64
C VAL G 614 53.66 50.23 3.93
N SER G 615 54.66 50.60 4.73
CA SER G 615 55.88 51.23 4.24
C SER G 615 57.07 50.33 4.54
N GLU G 616 58.07 50.41 3.67
CA GLU G 616 59.28 49.62 3.88
C GLU G 616 59.94 50.02 5.19
N GLY G 617 60.32 49.01 5.99
CA GLY G 617 60.88 49.27 7.30
C GLY G 617 59.83 49.64 8.32
N GLN G 618 58.77 48.85 8.40
CA GLN G 618 57.70 49.04 9.36
C GLN G 618 57.41 47.73 10.06
N GLU G 619 56.95 47.82 11.30
CA GLU G 619 56.56 46.66 12.10
C GLU G 619 55.04 46.62 12.21
N VAL G 620 54.49 45.41 12.19
CA VAL G 620 53.05 45.22 12.16
C VAL G 620 52.68 44.05 13.06
N LYS G 621 51.51 44.16 13.68
CA LYS G 621 50.96 43.10 14.52
C LYS G 621 49.89 42.32 13.76
N ASN G 622 49.56 41.15 14.28
CA ASN G 622 48.68 40.23 13.56
C ASN G 622 47.37 40.91 13.18
N GLY G 623 46.77 40.40 12.10
CA GLY G 623 45.46 40.87 11.66
C GLY G 623 45.44 42.31 11.19
N GLU G 624 46.49 42.73 10.47
CA GLU G 624 46.56 44.08 9.95
C GLU G 624 46.62 44.05 8.42
N PRO G 625 45.87 44.92 7.73
CA PRO G 625 45.91 44.89 6.26
C PRO G 625 47.27 45.24 5.71
N LEU G 626 47.60 44.62 4.58
CA LEU G 626 48.87 44.86 3.89
C LEU G 626 48.74 45.11 2.40
N ALA G 627 47.65 44.69 1.77
CA ALA G 627 47.49 44.86 0.33
C ALA G 627 46.06 44.49 -0.06
N ILE G 628 45.70 44.86 -1.29
CA ILE G 628 44.38 44.55 -1.86
C ILE G 628 44.57 44.01 -3.26
N VAL G 629 43.97 42.86 -3.53
CA VAL G 629 44.05 42.19 -4.83
C VAL G 629 42.65 42.02 -5.37
N GLU G 630 42.45 42.42 -6.62
CA GLU G 630 41.17 42.43 -7.29
C GLU G 630 41.11 41.30 -8.31
N ALA G 631 40.05 40.50 -8.24
CA ALA G 631 39.80 39.47 -9.24
C ALA G 631 38.30 39.27 -9.37
N MET G 632 37.84 39.11 -10.62
CA MET G 632 36.43 38.92 -10.92
C MET G 632 35.56 39.97 -10.23
N LYS G 633 35.98 41.22 -10.30
CA LYS G 633 35.30 42.44 -9.76
C LYS G 633 34.96 42.33 -8.27
N MET G 634 35.88 41.82 -7.50
CA MET G 634 35.75 41.82 -6.05
C MET G 634 37.11 42.02 -5.42
N GLU G 635 37.16 42.82 -4.37
CA GLU G 635 38.40 43.06 -3.65
C GLU G 635 38.70 41.91 -2.70
N ASN G 636 39.97 41.85 -2.27
CA ASN G 636 40.46 40.83 -1.37
C ASN G 636 41.50 41.47 -0.46
N VAL G 637 41.16 41.68 0.80
CA VAL G 637 42.10 42.23 1.76
C VAL G 637 43.03 41.11 2.23
N LEU G 638 44.32 41.38 2.20
CA LEU G 638 45.34 40.47 2.69
C LEU G 638 45.86 40.98 4.02
N ARG G 639 46.01 40.07 4.98
CA ARG G 639 46.35 40.44 6.35
C ARG G 639 47.57 39.67 6.83
N ALA G 640 48.25 40.24 7.82
CA ALA G 640 49.45 39.61 8.37
C ALA G 640 49.09 38.40 9.21
N GLU G 641 49.75 37.28 8.96
CA GLU G 641 49.58 36.07 9.75
C GLU G 641 50.57 35.97 10.90
N ARG G 642 51.54 36.89 10.97
CA ARG G 642 52.52 36.91 12.04
C ARG G 642 52.95 38.36 12.27
N ASP G 643 54.01 38.54 13.06
CA ASP G 643 54.54 39.86 13.34
C ASP G 643 56.00 39.91 12.94
N GLY G 644 56.41 41.02 12.33
CA GLY G 644 57.77 41.18 11.86
C GLY G 644 57.93 42.42 11.00
N THR G 645 59.14 42.97 10.97
CA THR G 645 59.37 44.20 10.22
C THR G 645 59.37 43.94 8.73
N ILE G 646 58.89 44.93 7.97
CA ILE G 646 58.90 44.84 6.53
C ILE G 646 60.33 44.99 6.03
N SER G 647 60.79 44.02 5.23
CA SER G 647 62.17 43.99 4.77
C SER G 647 62.33 44.31 3.30
N LYS G 648 61.35 43.98 2.46
CA LYS G 648 61.43 44.28 1.04
C LYS G 648 60.04 44.19 0.45
N ILE G 649 59.80 44.98 -0.60
CA ILE G 649 58.52 45.04 -1.28
C ILE G 649 58.78 44.69 -2.74
N ALA G 650 58.33 43.49 -3.16
CA ALA G 650 58.56 43.06 -4.53
C ALA G 650 57.57 43.70 -5.49
N ALA G 651 56.30 43.72 -5.14
CA ALA G 651 55.23 44.17 -6.02
C ALA G 651 54.70 45.53 -5.60
N LYS G 652 54.06 46.20 -6.55
CA LYS G 652 53.39 47.48 -6.31
C LYS G 652 52.15 47.53 -7.20
N GLU G 653 51.40 48.62 -7.08
CA GLU G 653 50.16 48.77 -7.82
C GLU G 653 50.36 48.48 -9.30
N GLY G 654 49.29 48.01 -9.95
CA GLY G 654 49.30 47.75 -11.37
C GLY G 654 49.88 46.41 -11.78
N ASP G 655 50.53 45.69 -10.88
CA ASP G 655 51.20 44.43 -11.24
C ASP G 655 50.19 43.29 -11.20
N SER G 656 50.06 42.59 -12.32
CA SER G 656 49.23 41.39 -12.39
C SER G 656 50.05 40.19 -11.92
N LEU G 657 49.51 39.45 -10.95
CA LEU G 657 50.24 38.38 -10.29
C LEU G 657 49.56 37.04 -10.53
N ALA G 658 50.38 35.99 -10.52
CA ALA G 658 49.88 34.63 -10.52
C ALA G 658 49.67 34.16 -9.08
N VAL G 659 49.30 32.91 -8.92
CA VAL G 659 49.00 32.37 -7.61
C VAL G 659 50.31 32.04 -6.89
N ASP G 660 50.35 32.35 -5.60
CA ASP G 660 51.49 32.10 -4.71
C ASP G 660 52.71 32.96 -5.06
N ALA G 661 52.55 33.98 -5.89
CA ALA G 661 53.64 34.89 -6.15
C ALA G 661 53.99 35.69 -4.90
N VAL G 662 55.23 36.14 -4.83
CA VAL G 662 55.71 36.86 -3.64
C VAL G 662 55.23 38.29 -3.69
N ILE G 663 54.67 38.76 -2.58
CA ILE G 663 54.27 40.15 -2.41
C ILE G 663 55.16 40.85 -1.39
N LEU G 664 55.35 40.25 -0.22
CA LEU G 664 56.08 40.90 0.85
C LEU G 664 57.03 39.92 1.53
N GLU G 665 58.09 40.48 2.11
CA GLU G 665 59.04 39.74 2.93
C GLU G 665 59.14 40.39 4.30
N PHE G 666 59.25 39.57 5.33
CA PHE G 666 59.41 40.07 6.70
C PHE G 666 60.87 40.02 7.12
N PRO H 457 -37.91 51.21 25.51
CA PRO H 457 -37.05 52.34 25.87
C PRO H 457 -35.59 51.94 26.01
N GLU H 458 -34.68 52.75 25.44
CA GLU H 458 -33.28 52.46 25.57
C GLU H 458 -32.74 52.96 26.90
N PRO H 459 -31.77 52.27 27.49
CA PRO H 459 -31.35 52.57 28.86
C PRO H 459 -30.69 53.94 28.96
N GLU H 460 -30.44 54.35 30.20
CA GLU H 460 -29.83 55.63 30.49
C GLU H 460 -29.04 55.55 31.79
N GLY H 461 -27.92 56.26 31.82
CA GLY H 461 -27.13 56.39 33.02
C GLY H 461 -26.65 55.08 33.59
N PRO H 462 -26.72 54.93 34.92
CA PRO H 462 -26.18 53.72 35.55
C PRO H 462 -26.70 52.42 34.96
N VAL H 463 -27.96 52.40 34.52
CA VAL H 463 -28.50 51.20 33.89
C VAL H 463 -27.72 50.86 32.63
N ALA H 464 -27.56 51.84 31.74
CA ALA H 464 -26.83 51.63 30.51
C ALA H 464 -25.39 51.23 30.80
N HIS H 465 -24.77 51.84 31.79
CA HIS H 465 -23.38 51.50 32.12
C HIS H 465 -23.28 50.06 32.61
N ARG H 466 -24.21 49.63 33.46
CA ARG H 466 -24.21 48.26 33.95
C ARG H 466 -24.40 47.27 32.80
N LEU H 467 -25.29 47.61 31.86
CA LEU H 467 -25.51 46.74 30.71
C LEU H 467 -24.24 46.62 29.86
N ALA H 468 -23.58 47.75 29.61
CA ALA H 468 -22.36 47.71 28.81
C ALA H 468 -21.28 46.90 29.50
N ALA H 469 -21.18 47.02 30.83
CA ALA H 469 -20.18 46.26 31.56
C ALA H 469 -20.46 44.76 31.49
N VAL H 470 -21.72 44.36 31.65
CA VAL H 470 -22.07 42.94 31.53
C VAL H 470 -21.77 42.44 30.13
N ALA H 471 -22.05 43.25 29.11
CA ALA H 471 -21.76 42.85 27.73
C ALA H 471 -20.26 42.61 27.55
N ALA H 472 -19.44 43.53 28.04
CA ALA H 472 -17.99 43.35 27.94
C ALA H 472 -17.53 42.08 28.66
N ALA H 473 -18.12 41.81 29.83
CA ALA H 473 -17.73 40.63 30.59
C ALA H 473 -18.04 39.35 29.83
N ILE H 474 -19.26 39.27 29.27
CA ILE H 474 -19.65 38.10 28.48
C ILE H 474 -18.69 37.92 27.31
N ASP H 475 -18.42 39.00 26.58
CA ASP H 475 -17.52 38.91 25.43
C ASP H 475 -16.14 38.40 25.86
N HIS H 476 -15.66 38.85 27.01
CA HIS H 476 -14.33 38.45 27.46
C HIS H 476 -14.29 36.96 27.77
N LYS H 477 -15.29 36.48 28.51
CA LYS H 477 -15.37 35.05 28.81
C LYS H 477 -15.35 34.23 27.53
N LEU H 478 -16.17 34.63 26.55
CA LEU H 478 -16.26 33.86 25.31
C LEU H 478 -14.94 33.89 24.53
N ASN H 479 -14.25 35.04 24.50
CA ASN H 479 -12.97 35.09 23.82
C ASN H 479 -11.95 34.18 24.48
N ILE H 480 -11.90 34.22 25.82
CA ILE H 480 -10.99 33.34 26.56
C ILE H 480 -11.22 31.89 26.15
N ARG H 481 -12.48 31.45 26.17
CA ARG H 481 -12.75 30.07 25.80
C ARG H 481 -12.36 29.78 24.36
N LYS H 482 -12.71 30.70 23.45
CA LYS H 482 -12.39 30.53 22.04
C LYS H 482 -10.91 30.27 21.82
N ARG H 483 -10.05 31.01 22.54
CA ARG H 483 -8.62 30.96 22.26
C ARG H 483 -7.96 29.64 22.65
N GLY H 484 -8.71 28.65 23.14
CA GLY H 484 -8.18 27.35 23.48
C GLY H 484 -8.38 26.27 22.43
N ILE H 485 -8.85 26.62 21.23
CA ILE H 485 -9.12 25.64 20.20
C ILE H 485 -7.86 24.84 19.88
N SER H 486 -8.06 23.55 19.60
CA SER H 486 -6.97 22.68 19.17
C SER H 486 -6.50 23.02 17.77
N GLY H 487 -5.30 22.56 17.43
CA GLY H 487 -4.79 22.63 16.08
C GLY H 487 -4.17 23.94 15.66
N GLN H 488 -3.69 24.74 16.61
CA GLN H 488 -3.13 26.05 16.28
C GLN H 488 -1.67 25.94 15.85
N MET H 489 -1.22 26.93 15.09
CA MET H 489 0.13 26.91 14.54
C MET H 489 1.18 26.92 15.63
N ARG H 490 1.01 27.76 16.64
CA ARG H 490 1.89 27.76 17.81
C ARG H 490 1.06 28.00 19.07
N ASP H 491 1.73 27.95 20.21
CA ASP H 491 1.04 28.00 21.48
C ASP H 491 0.30 29.32 21.64
N PRO H 492 -0.96 29.31 22.11
CA PRO H 492 -1.68 30.56 22.30
C PRO H 492 -1.18 31.39 23.48
N SER H 493 -0.47 30.78 24.42
CA SER H 493 0.07 31.54 25.55
C SER H 493 0.98 32.67 25.12
N LEU H 494 1.41 32.70 23.86
CA LEU H 494 2.34 33.71 23.36
C LEU H 494 1.63 34.83 22.62
N LEU H 495 0.30 34.83 22.57
CA LEU H 495 -0.47 35.86 21.90
C LEU H 495 -1.05 36.82 22.92
N THR H 496 -1.57 37.94 22.42
CA THR H 496 -2.02 39.04 23.26
C THR H 496 -3.51 39.35 23.00
N PHE H 497 -4.17 39.81 24.05
CA PHE H 497 -5.57 40.22 24.00
C PHE H 497 -5.64 41.74 24.11
N GLN H 498 -6.34 42.38 23.19
CA GLN H 498 -6.44 43.83 23.16
C GLN H 498 -7.37 44.30 24.28
N ARG H 499 -6.92 45.32 25.02
CA ARG H 499 -7.62 45.76 26.22
C ARG H 499 -8.69 46.80 25.94
N GLU H 500 -8.60 47.54 24.83
CA GLU H 500 -9.56 48.59 24.53
C GLU H 500 -10.70 48.03 23.68
N ARG H 501 -11.93 48.28 24.11
CA ARG H 501 -13.12 47.74 23.47
C ARG H 501 -14.14 48.86 23.27
N VAL H 502 -15.03 48.62 22.31
CA VAL H 502 -16.13 49.53 22.01
C VAL H 502 -17.42 48.73 22.13
N VAL H 503 -18.24 49.08 23.11
CA VAL H 503 -19.55 48.48 23.30
C VAL H 503 -20.58 49.36 22.61
N VAL H 504 -21.31 48.79 21.66
CA VAL H 504 -22.37 49.47 20.93
C VAL H 504 -23.68 48.92 21.44
N LEU H 505 -24.53 49.81 21.94
CA LEU H 505 -25.77 49.48 22.64
C LEU H 505 -26.90 50.24 21.96
N SER H 506 -27.48 49.64 20.93
CA SER H 506 -28.53 50.25 20.12
C SER H 506 -28.22 51.70 19.80
N GLY H 507 -27.01 51.92 19.30
CA GLY H 507 -26.59 53.24 18.89
C GLY H 507 -26.21 54.15 20.05
N GLN H 508 -25.34 53.65 20.92
CA GLN H 508 -24.79 54.46 22.01
C GLN H 508 -23.43 53.86 22.35
N ARG H 509 -22.37 54.48 21.83
CA ARG H 509 -21.04 53.91 21.92
C ARG H 509 -20.43 54.17 23.29
N PHE H 510 -19.82 53.14 23.86
CA PHE H 510 -19.07 53.25 25.10
C PHE H 510 -17.67 52.70 24.87
N ASN H 511 -16.66 53.54 25.02
CA ASN H 511 -15.27 53.11 24.96
C ASN H 511 -14.83 52.66 26.34
N VAL H 512 -14.40 51.40 26.45
CA VAL H 512 -14.12 50.78 27.73
C VAL H 512 -12.80 50.03 27.67
N THR H 513 -12.29 49.69 28.84
CA THR H 513 -11.10 48.87 28.99
C THR H 513 -11.42 47.75 29.97
N VAL H 514 -10.96 46.54 29.66
CA VAL H 514 -11.27 45.34 30.45
C VAL H 514 -9.98 44.80 31.03
N ASP H 515 -9.98 44.51 32.33
CA ASP H 515 -8.81 43.97 33.01
C ASP H 515 -9.25 42.89 33.99
N PRO H 516 -8.63 41.71 33.97
CA PRO H 516 -8.96 40.69 34.97
C PRO H 516 -8.33 41.01 36.31
N ASP H 517 -9.12 40.93 37.37
CA ASP H 517 -8.64 41.09 38.74
C ASP H 517 -9.13 39.90 39.55
N GLY H 518 -8.21 39.25 40.25
CA GLY H 518 -8.54 38.00 40.91
C GLY H 518 -9.10 37.00 39.92
N ASP H 519 -10.36 36.62 40.13
CA ASP H 519 -11.09 35.79 39.18
C ASP H 519 -12.27 36.52 38.53
N ASP H 520 -12.51 37.77 38.90
CA ASP H 520 -13.59 38.58 38.36
C ASP H 520 -12.99 39.66 37.46
N LEU H 521 -13.83 40.54 36.92
CA LEU H 521 -13.39 41.47 35.90
C LEU H 521 -13.55 42.91 36.36
N LEU H 522 -12.82 43.82 35.71
CA LEU H 522 -12.90 45.24 35.98
C LEU H 522 -13.03 45.98 34.65
N VAL H 523 -14.07 46.79 34.53
CA VAL H 523 -14.36 47.53 33.31
C VAL H 523 -14.26 49.02 33.63
N THR H 524 -13.41 49.72 32.89
CA THR H 524 -13.15 51.14 33.10
C THR H 524 -13.68 51.93 31.90
N PHE H 525 -14.39 53.02 32.19
CA PHE H 525 -14.98 53.87 31.18
C PHE H 525 -14.13 55.12 30.96
N ASP H 526 -14.62 56.03 30.13
CA ASP H 526 -13.88 57.24 29.81
C ASP H 526 -13.93 58.24 30.96
N ASP H 527 -14.98 58.21 31.76
CA ASP H 527 -15.14 59.15 32.87
C ASP H 527 -14.23 58.83 34.05
N GLY H 528 -13.31 57.88 33.89
CA GLY H 528 -12.56 57.36 35.01
C GLY H 528 -13.34 56.42 35.90
N THR H 529 -14.67 56.40 35.77
CA THR H 529 -15.50 55.45 36.50
C THR H 529 -15.00 54.03 36.28
N THR H 530 -15.14 53.20 37.31
CA THR H 530 -14.77 51.80 37.25
C THR H 530 -15.93 50.95 37.75
N ALA H 531 -16.04 49.75 37.21
CA ALA H 531 -17.05 48.80 37.64
C ALA H 531 -16.46 47.40 37.71
N PRO H 532 -16.40 46.79 38.88
CA PRO H 532 -16.09 45.37 38.95
C PRO H 532 -17.31 44.52 38.66
N VAL H 533 -17.07 43.37 38.02
CA VAL H 533 -18.12 42.50 37.53
C VAL H 533 -17.82 41.08 37.99
N ARG H 534 -18.82 40.44 38.60
CA ARG H 534 -18.66 39.11 39.18
C ARG H 534 -19.93 38.31 38.99
N SER H 535 -19.81 37.12 38.42
CA SER H 535 -20.94 36.23 38.26
C SER H 535 -20.44 34.83 37.91
N ALA H 536 -21.31 33.84 38.13
CA ALA H 536 -21.05 32.46 37.77
C ALA H 536 -21.89 32.05 36.56
N TRP H 537 -22.24 33.01 35.71
CA TRP H 537 -23.04 32.74 34.53
C TRP H 537 -22.25 31.95 33.50
N ARG H 538 -22.91 30.99 32.86
CA ARG H 538 -22.33 30.19 31.79
C ARG H 538 -23.18 30.27 30.55
N PRO H 539 -22.58 30.21 29.36
CA PRO H 539 -23.36 30.17 28.12
C PRO H 539 -24.47 29.14 28.19
N GLY H 540 -25.63 29.51 27.65
CA GLY H 540 -26.81 28.69 27.66
C GLY H 540 -27.85 29.11 28.69
N ALA H 541 -27.41 29.67 29.81
CA ALA H 541 -28.33 30.08 30.85
C ALA H 541 -29.06 31.36 30.43
N PRO H 542 -30.35 31.48 30.70
CA PRO H 542 -31.10 32.66 30.26
C PRO H 542 -31.08 33.85 31.20
N VAL H 543 -30.34 33.80 32.30
CA VAL H 543 -30.32 34.89 33.28
C VAL H 543 -28.90 35.09 33.77
N TRP H 544 -28.42 36.33 33.67
CA TRP H 544 -27.12 36.74 34.21
C TRP H 544 -27.39 37.39 35.56
N SER H 545 -27.03 36.70 36.64
CA SER H 545 -27.23 37.17 38.00
C SER H 545 -25.87 37.33 38.66
N GLY H 546 -25.58 38.54 39.12
CA GLY H 546 -24.27 38.80 39.67
C GLY H 546 -24.18 40.18 40.30
N THR H 547 -22.94 40.63 40.45
CA THR H 547 -22.64 41.94 41.05
C THR H 547 -21.90 42.80 40.05
N VAL H 548 -22.44 44.00 39.83
CA VAL H 548 -21.80 45.06 39.08
C VAL H 548 -21.75 46.29 39.96
N GLY H 549 -20.56 46.64 40.44
CA GLY H 549 -20.38 47.87 41.18
C GLY H 549 -21.31 48.03 42.37
N ASP H 550 -21.10 47.22 43.41
CA ASP H 550 -21.86 47.28 44.66
C ASP H 550 -23.36 47.37 44.41
N GLN H 551 -23.85 46.55 43.48
CA GLN H 551 -25.29 46.43 43.27
C GLN H 551 -25.56 45.11 42.57
N SER H 552 -26.26 44.21 43.26
CA SER H 552 -26.63 42.92 42.70
C SER H 552 -27.69 43.12 41.61
N VAL H 553 -27.53 42.43 40.49
CA VAL H 553 -28.37 42.63 39.32
C VAL H 553 -28.70 41.29 38.68
N ALA H 554 -29.86 41.25 38.02
CA ALA H 554 -30.30 40.15 37.19
C ALA H 554 -30.70 40.70 35.83
N ILE H 555 -30.20 40.07 34.76
CA ILE H 555 -30.37 40.56 33.41
C ILE H 555 -30.77 39.40 32.51
N GLN H 556 -31.75 39.64 31.63
CA GLN H 556 -32.17 38.62 30.68
C GLN H 556 -31.29 38.69 29.43
N VAL H 557 -30.74 37.53 29.05
CA VAL H 557 -29.77 37.41 27.97
C VAL H 557 -30.37 36.50 26.89
N ARG H 558 -30.34 36.98 25.65
CA ARG H 558 -30.69 36.18 24.49
C ARG H 558 -29.61 36.36 23.43
N PRO H 559 -29.42 35.38 22.55
CA PRO H 559 -28.36 35.49 21.54
C PRO H 559 -28.83 36.14 20.24
N LEU H 560 -27.86 36.68 19.50
CA LEU H 560 -28.10 37.15 18.14
C LEU H 560 -26.77 37.22 17.43
N LEU H 561 -26.83 37.29 16.10
CA LEU H 561 -25.63 37.26 15.27
C LEU H 561 -24.63 38.31 15.72
N ASN H 562 -23.48 37.86 16.22
CA ASN H 562 -22.38 38.72 16.62
C ASN H 562 -22.69 39.56 17.85
N GLY H 563 -23.60 39.11 18.71
CA GLY H 563 -23.89 39.85 19.91
C GLY H 563 -25.06 39.26 20.69
N VAL H 564 -25.56 40.06 21.62
CA VAL H 564 -26.62 39.62 22.52
C VAL H 564 -27.74 40.65 22.57
N PHE H 565 -28.89 40.20 23.06
CA PHE H 565 -30.02 41.06 23.42
C PHE H 565 -30.17 41.00 24.94
N LEU H 566 -30.20 42.17 25.57
CA LEU H 566 -30.19 42.27 27.02
C LEU H 566 -31.41 43.05 27.50
N GLN H 567 -32.03 42.56 28.56
CA GLN H 567 -33.14 43.24 29.22
C GLN H 567 -32.83 43.44 30.70
N HIS H 568 -33.13 44.65 31.18
CA HIS H 568 -32.82 45.03 32.55
C HIS H 568 -33.55 46.32 32.96
N ALA H 569 -34.22 46.30 34.10
CA ALA H 569 -34.90 47.48 34.65
C ALA H 569 -35.86 48.09 33.64
N GLY H 570 -36.60 47.24 32.94
CA GLY H 570 -37.56 47.70 31.97
C GLY H 570 -36.98 48.21 30.67
N ALA H 571 -35.66 48.26 30.55
CA ALA H 571 -35.00 48.67 29.32
C ALA H 571 -34.52 47.45 28.56
N ALA H 572 -34.47 47.56 27.24
CA ALA H 572 -34.06 46.49 26.35
C ALA H 572 -33.09 47.05 25.32
N ALA H 573 -32.07 46.25 24.97
CA ALA H 573 -31.09 46.75 24.02
C ALA H 573 -30.30 45.61 23.39
N GLU H 574 -30.03 45.75 22.10
CA GLU H 574 -29.03 44.93 21.43
C GLU H 574 -27.64 45.43 21.80
N ALA H 575 -26.70 44.49 21.88
CA ALA H 575 -25.36 44.80 22.35
C ALA H 575 -24.34 44.05 21.51
N ARG H 576 -23.35 44.80 21.00
CA ARG H 576 -22.26 44.27 20.20
C ARG H 576 -20.95 44.84 20.70
N VAL H 577 -19.90 44.02 20.73
CA VAL H 577 -18.62 44.42 21.30
C VAL H 577 -17.54 44.28 20.22
N PHE H 578 -16.88 45.40 19.90
CA PHE H 578 -15.88 45.45 18.85
C PHE H 578 -14.53 45.90 19.39
N THR H 579 -13.49 45.67 18.60
CA THR H 579 -12.25 46.45 18.72
C THR H 579 -12.43 47.80 18.02
N ARG H 580 -11.47 48.70 18.26
CA ARG H 580 -11.57 50.04 17.68
C ARG H 580 -11.65 49.97 16.16
N ARG H 581 -10.77 49.18 15.52
CA ARG H 581 -10.78 49.08 14.07
C ARG H 581 -12.05 48.43 13.55
N GLU H 582 -12.49 47.35 14.21
CA GLU H 582 -13.77 46.74 13.84
C GLU H 582 -14.90 47.74 13.93
N ALA H 583 -14.87 48.63 14.93
CA ALA H 583 -15.93 49.63 15.07
C ALA H 583 -15.84 50.69 13.97
N GLU H 584 -14.62 51.12 13.63
CA GLU H 584 -14.45 52.05 12.51
C GLU H 584 -15.02 51.46 11.23
N LEU H 585 -14.73 50.18 10.98
CA LEU H 585 -15.21 49.56 9.74
C LEU H 585 -16.71 49.30 9.79
N ALA H 586 -17.26 49.01 10.98
CA ALA H 586 -18.70 48.82 11.10
C ALA H 586 -19.46 50.11 10.91
N ASP H 587 -18.86 51.25 11.25
CA ASP H 587 -19.52 52.54 11.03
C ASP H 587 -19.62 52.91 9.56
N LEU H 588 -18.98 52.16 8.65
CA LEU H 588 -19.16 52.37 7.22
C LEU H 588 -20.39 51.66 6.68
N MET H 589 -21.11 50.90 7.50
CA MET H 589 -22.22 50.12 7.00
C MET H 589 -23.51 50.93 7.08
N PRO H 590 -24.36 50.89 6.07
CA PRO H 590 -25.57 51.71 6.08
C PRO H 590 -26.64 51.09 6.97
N VAL H 591 -27.67 51.88 7.24
CA VAL H 591 -28.87 51.43 7.93
C VAL H 591 -29.95 51.18 6.89
N LYS H 592 -30.39 49.93 6.78
CA LYS H 592 -31.29 49.51 5.72
C LYS H 592 -32.73 49.51 6.20
N GLU H 593 -33.63 49.87 5.30
CA GLU H 593 -35.05 49.96 5.58
C GLU H 593 -35.76 48.66 5.20
N ASN H 594 -36.84 48.38 5.91
CA ASN H 594 -37.68 47.23 5.61
C ASN H 594 -38.79 47.63 4.65
N ALA H 595 -39.12 46.74 3.72
CA ALA H 595 -40.10 47.05 2.69
C ALA H 595 -41.52 46.97 3.26
N GLY H 596 -41.85 45.87 3.93
CA GLY H 596 -43.19 45.66 4.44
C GLY H 596 -44.01 44.75 3.54
N SER H 597 -45.06 44.19 4.12
CA SER H 597 -45.92 43.26 3.42
C SER H 597 -46.90 44.00 2.51
N GLY H 598 -47.74 43.23 1.82
CA GLY H 598 -48.48 43.76 0.69
C GLY H 598 -49.99 43.82 0.83
N LYS H 599 -50.49 44.27 1.99
CA LYS H 599 -51.88 44.67 2.19
C LYS H 599 -52.85 43.50 2.31
N GLN H 600 -52.40 42.27 2.06
CA GLN H 600 -53.35 41.15 2.03
C GLN H 600 -52.63 39.87 2.43
N LEU H 601 -53.42 38.90 2.89
CA LEU H 601 -52.93 37.61 3.33
C LEU H 601 -53.17 36.59 2.23
N LEU H 602 -52.09 36.03 1.69
CA LEU H 602 -52.17 35.06 0.62
C LEU H 602 -51.83 33.67 1.18
N CYS H 603 -52.54 32.65 0.71
CA CYS H 603 -52.34 31.30 1.19
C CYS H 603 -51.06 30.72 0.59
N PRO H 604 -50.07 30.36 1.40
CA PRO H 604 -48.80 29.88 0.83
C PRO H 604 -48.78 28.39 0.50
N MET H 605 -49.81 27.64 0.87
CA MET H 605 -49.89 26.22 0.55
C MET H 605 -51.32 25.87 0.16
N PRO H 606 -51.51 24.92 -0.76
CA PRO H 606 -52.86 24.47 -1.07
C PRO H 606 -53.43 23.58 0.04
N GLY H 607 -54.68 23.84 0.40
CA GLY H 607 -55.29 23.07 1.47
C GLY H 607 -56.71 23.51 1.72
N LEU H 608 -57.22 23.13 2.89
CA LEU H 608 -58.61 23.38 3.27
C LEU H 608 -58.63 24.28 4.49
N VAL H 609 -59.48 25.30 4.44
CA VAL H 609 -59.60 26.27 5.53
C VAL H 609 -60.35 25.62 6.68
N LYS H 610 -59.71 25.55 7.85
CA LYS H 610 -60.26 24.86 9.01
C LYS H 610 -60.85 25.78 10.05
N GLN H 611 -60.31 27.00 10.19
CA GLN H 611 -60.80 27.92 11.21
C GLN H 611 -60.29 29.32 10.90
N ILE H 612 -61.20 30.29 10.92
CA ILE H 612 -60.86 31.70 10.78
C ILE H 612 -61.26 32.39 12.07
N MET H 613 -60.30 33.02 12.73
CA MET H 613 -60.51 33.56 14.07
C MET H 613 -60.93 35.02 14.05
N VAL H 614 -60.11 35.88 13.44
CA VAL H 614 -60.32 37.32 13.55
C VAL H 614 -61.60 37.71 12.81
N SER H 615 -62.08 38.91 13.11
CA SER H 615 -63.28 39.47 12.52
C SER H 615 -62.94 40.75 11.77
N GLU H 616 -63.86 41.17 10.90
CA GLU H 616 -63.69 42.42 10.20
C GLU H 616 -63.70 43.59 11.19
N GLY H 617 -62.97 44.64 10.84
CA GLY H 617 -62.82 45.76 11.75
C GLY H 617 -62.10 45.32 13.01
N GLN H 618 -60.84 44.93 12.87
CA GLN H 618 -60.07 44.39 13.98
C GLN H 618 -58.60 44.69 13.72
N GLU H 619 -58.00 45.55 14.54
CA GLU H 619 -56.59 45.86 14.38
C GLU H 619 -55.75 44.72 14.95
N VAL H 620 -54.61 44.48 14.30
CA VAL H 620 -53.81 43.30 14.57
C VAL H 620 -52.34 43.70 14.75
N LYS H 621 -51.66 42.98 15.61
CA LYS H 621 -50.21 43.08 15.77
C LYS H 621 -49.54 41.89 15.09
N ASN H 622 -48.22 41.91 15.08
CA ASN H 622 -47.48 40.81 14.48
C ASN H 622 -47.59 39.56 15.35
N GLY H 623 -47.34 38.41 14.72
CA GLY H 623 -47.50 37.14 15.40
C GLY H 623 -48.93 36.79 15.72
N GLU H 624 -49.89 37.53 15.17
CA GLU H 624 -51.30 37.28 15.45
C GLU H 624 -51.78 36.07 14.65
N PRO H 625 -52.35 35.06 15.29
CA PRO H 625 -52.95 33.95 14.52
C PRO H 625 -54.20 34.42 13.79
N LEU H 626 -54.26 34.15 12.49
CA LEU H 626 -55.36 34.60 11.64
C LEU H 626 -56.23 33.47 11.12
N ALA H 627 -55.62 32.39 10.64
CA ALA H 627 -56.37 31.29 10.08
C ALA H 627 -55.56 30.01 10.19
N ILE H 628 -56.25 28.88 9.98
CA ILE H 628 -55.63 27.56 9.97
C ILE H 628 -55.99 26.89 8.65
N VAL H 629 -54.99 26.35 7.97
CA VAL H 629 -55.16 25.68 6.69
C VAL H 629 -54.56 24.28 6.82
N GLU H 630 -55.40 23.27 6.67
CA GLU H 630 -54.98 21.88 6.80
C GLU H 630 -54.62 21.30 5.42
N ALA H 631 -53.50 20.59 5.36
CA ALA H 631 -53.06 19.94 4.14
C ALA H 631 -52.26 18.70 4.52
N MET H 632 -52.52 17.60 3.83
CA MET H 632 -51.82 16.34 4.04
C MET H 632 -51.89 15.92 5.51
N LYS H 633 -53.10 16.00 6.07
CA LYS H 633 -53.32 15.62 7.48
C LYS H 633 -52.35 16.38 8.41
N MET H 634 -52.21 17.68 8.22
CA MET H 634 -51.41 18.50 9.13
C MET H 634 -51.91 19.94 9.09
N GLU H 635 -52.20 20.48 10.27
CA GLU H 635 -52.63 21.86 10.39
C GLU H 635 -51.46 22.82 10.15
N ASN H 636 -51.79 24.00 9.64
CA ASN H 636 -50.82 25.08 9.43
C ASN H 636 -51.44 26.39 9.89
N VAL H 637 -50.81 27.04 10.85
CA VAL H 637 -51.29 28.31 11.38
C VAL H 637 -50.66 29.45 10.60
N LEU H 638 -51.50 30.36 10.12
CA LEU H 638 -51.05 31.55 9.43
C LEU H 638 -51.07 32.73 10.39
N ARG H 639 -50.07 33.60 10.27
CA ARG H 639 -49.87 34.69 11.22
C ARG H 639 -49.70 36.01 10.50
N ALA H 640 -49.89 37.09 11.25
CA ALA H 640 -49.76 38.44 10.70
C ALA H 640 -48.30 38.86 10.67
N GLU H 641 -47.86 39.36 9.52
CA GLU H 641 -46.51 39.88 9.34
C GLU H 641 -46.47 41.40 9.33
N ARG H 642 -47.55 42.06 9.73
CA ARG H 642 -47.63 43.51 9.81
C ARG H 642 -48.66 43.87 10.87
N ASP H 643 -49.03 45.15 10.91
CA ASP H 643 -50.11 45.63 11.76
C ASP H 643 -51.14 46.36 10.91
N GLY H 644 -52.40 46.27 11.32
CA GLY H 644 -53.47 46.90 10.58
C GLY H 644 -54.79 46.27 10.93
N THR H 645 -55.83 46.78 10.26
CA THR H 645 -57.20 46.35 10.50
C THR H 645 -57.65 45.38 9.42
N ILE H 646 -58.58 44.50 9.80
CA ILE H 646 -59.15 43.53 8.87
C ILE H 646 -60.33 44.21 8.18
N SER H 647 -60.17 44.49 6.88
CA SER H 647 -61.21 45.17 6.13
C SER H 647 -62.32 44.20 5.73
N LYS H 648 -61.97 43.18 4.95
CA LYS H 648 -62.94 42.21 4.45
C LYS H 648 -62.34 40.82 4.48
N ILE H 649 -63.22 39.82 4.61
CA ILE H 649 -62.83 38.42 4.62
C ILE H 649 -63.33 37.79 3.32
N ALA H 650 -62.41 37.16 2.58
CA ALA H 650 -62.74 36.53 1.30
C ALA H 650 -62.89 35.02 1.40
N ALA H 651 -62.51 34.41 2.52
CA ALA H 651 -62.54 32.96 2.67
C ALA H 651 -63.48 32.55 3.79
N LYS H 652 -64.15 31.42 3.59
CA LYS H 652 -65.11 30.88 4.54
C LYS H 652 -64.58 29.57 5.11
N GLU H 653 -64.89 29.31 6.38
CA GLU H 653 -64.52 28.05 6.99
C GLU H 653 -65.11 26.89 6.19
N GLY H 654 -64.24 25.94 5.84
CA GLY H 654 -64.62 24.81 5.01
C GLY H 654 -64.27 24.97 3.55
N ASP H 655 -63.77 26.13 3.14
CA ASP H 655 -63.42 26.37 1.75
C ASP H 655 -62.19 25.56 1.36
N SER H 656 -61.79 25.70 0.10
CA SER H 656 -60.63 25.02 -0.45
C SER H 656 -59.91 25.98 -1.39
N LEU H 657 -58.61 26.17 -1.16
CA LEU H 657 -57.84 27.23 -1.80
C LEU H 657 -56.68 26.66 -2.59
N ALA H 658 -56.17 27.47 -3.51
CA ALA H 658 -54.97 27.19 -4.27
C ALA H 658 -53.85 28.10 -3.80
N VAL H 659 -52.66 27.90 -4.37
CA VAL H 659 -51.52 28.72 -4.01
C VAL H 659 -51.77 30.17 -4.43
N ASP H 660 -51.38 31.11 -3.57
CA ASP H 660 -51.47 32.54 -3.86
C ASP H 660 -52.93 32.98 -3.99
N ALA H 661 -53.81 32.34 -3.23
CA ALA H 661 -55.20 32.78 -3.13
C ALA H 661 -55.36 33.73 -1.95
N VAL H 662 -56.37 34.59 -2.04
CA VAL H 662 -56.59 35.64 -1.05
C VAL H 662 -57.49 35.11 0.05
N ILE H 663 -57.09 35.34 1.29
CA ILE H 663 -57.87 34.95 2.46
C ILE H 663 -58.51 36.17 3.12
N LEU H 664 -57.73 37.21 3.35
CA LEU H 664 -58.24 38.44 3.94
C LEU H 664 -57.40 39.62 3.47
N GLU H 665 -57.93 40.81 3.71
CA GLU H 665 -57.32 42.06 3.27
C GLU H 665 -57.05 42.95 4.46
N PHE H 666 -55.98 43.74 4.37
CA PHE H 666 -55.63 44.68 5.43
C PHE H 666 -56.10 46.09 5.06
N GLY I 461 -11.54 -7.47 69.27
CA GLY I 461 -12.28 -6.22 69.27
C GLY I 461 -11.53 -5.10 68.58
N PRO I 462 -10.73 -4.33 69.33
CA PRO I 462 -9.92 -3.28 68.68
C PRO I 462 -8.98 -3.83 67.63
N VAL I 463 -8.45 -5.03 67.83
CA VAL I 463 -7.59 -5.65 66.82
C VAL I 463 -8.33 -5.76 65.49
N ALA I 464 -9.58 -6.22 65.54
CA ALA I 464 -10.36 -6.39 64.32
C ALA I 464 -10.61 -5.05 63.64
N HIS I 465 -10.96 -4.03 64.44
CA HIS I 465 -11.16 -2.70 63.88
C HIS I 465 -9.90 -2.21 63.18
N ARG I 466 -8.74 -2.42 63.80
CA ARG I 466 -7.49 -1.95 63.21
C ARG I 466 -7.18 -2.67 61.91
N LEU I 467 -7.32 -4.00 61.91
CA LEU I 467 -7.07 -4.76 60.68
C LEU I 467 -8.03 -4.33 59.57
N ALA I 468 -9.30 -4.11 59.90
CA ALA I 468 -10.26 -3.67 58.89
C ALA I 468 -9.89 -2.31 58.33
N ALA I 469 -9.48 -1.39 59.20
CA ALA I 469 -9.06 -0.07 58.73
C ALA I 469 -7.85 -0.17 57.81
N VAL I 470 -6.89 -1.03 58.16
CA VAL I 470 -5.70 -1.18 57.33
C VAL I 470 -6.07 -1.75 55.96
N ALA I 471 -6.97 -2.74 55.95
CA ALA I 471 -7.43 -3.30 54.68
C ALA I 471 -8.12 -2.24 53.83
N ALA I 472 -8.98 -1.43 54.44
CA ALA I 472 -9.64 -0.35 53.71
C ALA I 472 -8.62 0.62 53.12
N ALA I 473 -7.60 0.97 53.89
CA ALA I 473 -6.55 1.86 53.40
C ALA I 473 -5.86 1.27 52.17
N ILE I 474 -5.45 0.00 52.26
CA ILE I 474 -4.80 -0.67 51.14
C ILE I 474 -5.70 -0.63 49.91
N ASP I 475 -6.98 -0.97 50.09
CA ASP I 475 -7.92 -0.98 48.98
C ASP I 475 -8.01 0.40 48.32
N HIS I 476 -8.14 1.45 49.14
CA HIS I 476 -8.23 2.80 48.61
C HIS I 476 -7.00 3.15 47.78
N LYS I 477 -5.81 2.83 48.29
CA LYS I 477 -4.58 3.16 47.59
C LYS I 477 -4.52 2.45 46.24
N LEU I 478 -4.80 1.15 46.23
CA LEU I 478 -4.72 0.40 44.98
C LEU I 478 -5.77 0.87 43.98
N ASN I 479 -6.95 1.27 44.46
CA ASN I 479 -7.98 1.75 43.56
C ASN I 479 -7.59 3.10 42.95
N ILE I 480 -7.03 4.00 43.76
CA ILE I 480 -6.54 5.26 43.22
C ILE I 480 -5.54 5.01 42.11
N ARG I 481 -4.57 4.11 42.35
CA ARG I 481 -3.60 3.82 41.30
C ARG I 481 -4.27 3.25 40.07
N LYS I 482 -5.19 2.30 40.25
CA LYS I 482 -5.85 1.63 39.14
C LYS I 482 -6.62 2.60 38.25
N ARG I 483 -7.15 3.68 38.83
CA ARG I 483 -7.95 4.61 38.04
C ARG I 483 -7.11 5.50 37.11
N GLY I 484 -5.78 5.35 37.09
CA GLY I 484 -4.91 6.08 36.19
C GLY I 484 -4.53 5.36 34.91
N ILE I 485 -5.18 4.23 34.59
CA ILE I 485 -4.82 3.46 33.41
C ILE I 485 -5.02 4.29 32.15
N SER I 486 -4.16 4.09 31.16
CA SER I 486 -4.28 4.72 29.86
C SER I 486 -5.38 4.06 29.04
N GLY I 487 -5.80 4.76 27.99
CA GLY I 487 -6.76 4.24 27.03
C GLY I 487 -8.22 4.42 27.38
N GLN I 488 -8.56 5.25 28.36
CA GLN I 488 -9.94 5.42 28.77
C GLN I 488 -10.74 6.25 27.77
N MET I 489 -12.03 5.93 27.67
CA MET I 489 -12.92 6.64 26.74
C MET I 489 -12.99 8.13 27.06
N ARG I 490 -13.02 8.47 28.35
CA ARG I 490 -12.98 9.87 28.75
C ARG I 490 -12.21 9.98 30.06
N ASP I 491 -11.96 11.22 30.47
CA ASP I 491 -11.05 11.48 31.58
C ASP I 491 -11.61 10.92 32.89
N PRO I 492 -10.80 10.23 33.70
CA PRO I 492 -11.32 9.70 34.96
C PRO I 492 -11.59 10.77 35.99
N SER I 493 -10.90 11.91 35.92
CA SER I 493 -11.17 13.01 36.85
C SER I 493 -12.66 13.31 36.95
N LEU I 494 -13.42 13.01 35.90
CA LEU I 494 -14.86 13.19 35.90
C LEU I 494 -15.59 12.08 36.66
N LEU I 495 -14.91 11.01 37.03
CA LEU I 495 -15.53 9.92 37.76
C LEU I 495 -15.65 10.24 39.23
N THR I 496 -16.39 9.39 39.95
CA THR I 496 -16.64 9.56 41.37
C THR I 496 -16.42 8.25 42.09
N PHE I 497 -15.96 8.34 43.33
CA PHE I 497 -15.69 7.18 44.17
C PHE I 497 -16.85 6.98 45.15
N GLN I 498 -17.08 5.71 45.52
CA GLN I 498 -18.15 5.35 46.44
C GLN I 498 -17.56 5.25 47.85
N ARG I 499 -18.00 6.14 48.73
CA ARG I 499 -17.40 6.23 50.06
C ARG I 499 -17.75 5.01 50.92
N GLU I 500 -18.97 4.48 50.77
CA GLU I 500 -19.41 3.38 51.61
C GLU I 500 -18.72 2.08 51.19
N ARG I 501 -18.22 1.35 52.18
CA ARG I 501 -17.49 0.11 51.92
C ARG I 501 -17.86 -0.93 52.96
N VAL I 502 -17.63 -2.19 52.62
CA VAL I 502 -17.89 -3.32 53.49
C VAL I 502 -16.62 -4.16 53.57
N VAL I 503 -16.05 -4.26 54.76
CA VAL I 503 -14.88 -5.10 54.99
C VAL I 503 -15.36 -6.43 55.55
N VAL I 504 -14.92 -7.52 54.92
CA VAL I 504 -15.22 -8.88 55.37
C VAL I 504 -13.92 -9.47 55.87
N LEU I 505 -13.88 -9.75 57.17
CA LEU I 505 -12.69 -10.22 57.88
C LEU I 505 -13.02 -11.58 58.50
N SER I 506 -12.47 -12.63 57.92
CA SER I 506 -12.65 -14.00 58.43
C SER I 506 -14.10 -14.25 58.82
N GLY I 507 -14.99 -14.12 57.85
CA GLY I 507 -16.40 -14.30 58.07
C GLY I 507 -16.93 -13.39 59.16
N GLN I 508 -16.83 -12.09 58.95
CA GLN I 508 -17.32 -11.09 59.87
C GLN I 508 -17.29 -9.74 59.16
N ARG I 509 -18.34 -8.95 59.33
CA ARG I 509 -18.57 -7.80 58.48
C ARG I 509 -18.39 -6.50 59.25
N PHE I 510 -17.93 -5.48 58.53
CA PHE I 510 -17.75 -4.13 59.07
C PHE I 510 -18.16 -3.14 58.00
N ASN I 511 -19.20 -2.35 58.28
CA ASN I 511 -19.57 -1.25 57.40
C ASN I 511 -18.70 -0.04 57.74
N VAL I 512 -18.06 0.54 56.72
CA VAL I 512 -17.11 1.61 56.95
C VAL I 512 -17.29 2.69 55.89
N THR I 513 -16.72 3.85 56.17
CA THR I 513 -16.71 4.99 55.26
C THR I 513 -15.30 5.57 55.25
N VAL I 514 -14.74 5.73 54.06
CA VAL I 514 -13.36 6.21 53.89
C VAL I 514 -13.42 7.65 53.40
N ASP I 515 -12.49 8.47 53.89
CA ASP I 515 -12.39 9.86 53.47
C ASP I 515 -10.92 10.26 53.42
N PRO I 516 -10.46 10.90 52.33
CA PRO I 516 -9.08 11.39 52.30
C PRO I 516 -8.95 12.69 53.09
N ASP I 517 -8.04 12.71 54.05
CA ASP I 517 -7.76 13.90 54.86
C ASP I 517 -6.31 14.30 54.61
N GLY I 518 -6.12 15.39 53.88
CA GLY I 518 -4.77 15.84 53.56
C GLY I 518 -3.97 14.78 52.84
N ASP I 519 -3.04 14.14 53.57
CA ASP I 519 -2.14 13.15 53.01
C ASP I 519 -2.42 11.74 53.53
N ASP I 520 -3.51 11.56 54.27
CA ASP I 520 -3.74 10.35 55.03
C ASP I 520 -5.20 9.97 54.87
N LEU I 521 -5.64 8.90 55.53
CA LEU I 521 -7.03 8.46 55.38
C LEU I 521 -7.76 8.50 56.72
N LEU I 522 -9.08 8.60 56.64
CA LEU I 522 -9.97 8.52 57.79
C LEU I 522 -10.99 7.42 57.53
N VAL I 523 -11.14 6.52 58.50
CA VAL I 523 -12.06 5.40 58.39
C VAL I 523 -13.07 5.51 59.53
N THR I 524 -14.34 5.60 59.18
CA THR I 524 -15.43 5.77 60.13
C THR I 524 -16.31 4.53 60.13
N PHE I 525 -16.65 4.05 61.32
CA PHE I 525 -17.46 2.85 61.49
C PHE I 525 -18.90 3.24 61.82
N ASP I 526 -19.76 2.22 61.92
CA ASP I 526 -21.17 2.46 62.21
C ASP I 526 -21.38 3.00 63.61
N ASP I 527 -20.54 2.60 64.57
CA ASP I 527 -20.66 3.02 65.95
C ASP I 527 -20.08 4.40 66.20
N GLY I 528 -19.86 5.19 65.16
CA GLY I 528 -19.27 6.51 65.30
C GLY I 528 -17.79 6.53 65.57
N THR I 529 -17.19 5.39 65.92
CA THR I 529 -15.75 5.35 66.14
C THR I 529 -15.01 5.69 64.86
N THR I 530 -13.94 6.47 64.99
CA THR I 530 -13.17 6.94 63.85
C THR I 530 -11.71 6.55 64.03
N ALA I 531 -11.01 6.40 62.91
CA ALA I 531 -9.61 6.02 62.95
C ALA I 531 -8.85 6.67 61.79
N PRO I 532 -7.86 7.52 62.07
CA PRO I 532 -6.98 7.98 61.00
C PRO I 532 -5.85 6.98 60.75
N VAL I 533 -5.53 6.81 59.47
CA VAL I 533 -4.58 5.81 59.02
C VAL I 533 -3.46 6.50 58.26
N ARG I 534 -2.23 6.12 58.59
CA ARG I 534 -1.03 6.71 58.00
C ARG I 534 0.04 5.63 57.85
N SER I 535 0.64 5.54 56.67
CA SER I 535 1.81 4.70 56.45
C SER I 535 2.45 5.07 55.13
N ALA I 536 3.73 4.71 55.01
CA ALA I 536 4.46 4.80 53.75
C ALA I 536 4.60 3.44 53.07
N TRP I 537 3.68 2.53 53.36
CA TRP I 537 3.75 1.19 52.80
C TRP I 537 3.59 1.21 51.30
N ARG I 538 4.28 0.29 50.63
CA ARG I 538 4.22 0.19 49.18
C ARG I 538 3.95 -1.26 48.78
N PRO I 539 3.06 -1.48 47.82
CA PRO I 539 2.82 -2.85 47.34
C PRO I 539 4.13 -3.56 46.99
N GLY I 540 4.28 -4.77 47.54
CA GLY I 540 5.52 -5.52 47.48
C GLY I 540 6.19 -5.66 48.83
N ALA I 541 6.03 -4.67 49.69
CA ALA I 541 6.61 -4.75 51.03
C ALA I 541 5.85 -5.78 51.86
N PRO I 542 6.53 -6.76 52.47
CA PRO I 542 5.82 -7.79 53.24
C PRO I 542 5.34 -7.33 54.60
N VAL I 543 5.54 -6.06 54.97
CA VAL I 543 5.19 -5.56 56.28
C VAL I 543 4.63 -4.14 56.13
N TRP I 544 3.47 -3.92 56.72
CA TRP I 544 2.81 -2.62 56.74
C TRP I 544 3.02 -2.00 58.11
N SER I 545 3.74 -0.89 58.16
CA SER I 545 4.08 -0.23 59.41
C SER I 545 3.55 1.20 59.38
N GLY I 546 2.87 1.61 60.44
CA GLY I 546 2.30 2.94 60.45
C GLY I 546 1.49 3.20 61.70
N THR I 547 0.61 4.20 61.60
CA THR I 547 -0.23 4.63 62.70
C THR I 547 -1.69 4.42 62.34
N VAL I 548 -2.39 3.68 63.19
CA VAL I 548 -3.83 3.47 63.08
C VAL I 548 -4.46 4.00 64.36
N GLY I 549 -4.90 5.27 64.33
CA GLY I 549 -5.67 5.82 65.43
C GLY I 549 -4.98 5.79 66.78
N ASP I 550 -3.95 6.60 66.97
CA ASP I 550 -3.27 6.86 68.23
C ASP I 550 -2.26 5.78 68.60
N GLN I 551 -2.07 4.74 67.79
CA GLN I 551 -1.12 3.70 68.11
C GLN I 551 -0.35 3.30 66.86
N SER I 552 0.90 2.89 67.06
CA SER I 552 1.77 2.45 65.98
C SER I 552 1.74 0.93 65.90
N VAL I 553 1.66 0.41 64.66
CA VAL I 553 1.48 -1.01 64.44
C VAL I 553 2.29 -1.47 63.23
N ALA I 554 2.55 -2.77 63.22
CA ALA I 554 3.23 -3.47 62.14
C ALA I 554 2.49 -4.76 61.86
N ILE I 555 2.11 -4.97 60.60
CA ILE I 555 1.20 -6.04 60.20
C ILE I 555 1.81 -6.78 59.03
N GLN I 556 1.82 -8.11 59.09
CA GLN I 556 2.29 -8.91 57.98
C GLN I 556 1.19 -9.03 56.93
N VAL I 557 1.54 -8.72 55.69
CA VAL I 557 0.59 -8.65 54.57
C VAL I 557 0.99 -9.68 53.52
N ARG I 558 0.04 -10.55 53.16
CA ARG I 558 0.25 -11.54 52.12
C ARG I 558 -0.92 -11.50 51.14
N PRO I 559 -0.73 -11.09 49.89
CA PRO I 559 -1.87 -10.93 49.00
C PRO I 559 -2.53 -12.27 48.66
N LEU I 560 -3.80 -12.21 48.30
CA LEU I 560 -4.52 -13.37 47.79
C LEU I 560 -5.62 -12.88 46.86
N LEU I 561 -6.29 -13.83 46.21
CA LEU I 561 -7.26 -13.50 45.17
C LEU I 561 -8.33 -12.54 45.70
N ASN I 562 -8.35 -11.32 45.17
CA ASN I 562 -9.34 -10.31 45.51
C ASN I 562 -9.26 -9.88 46.98
N GLY I 563 -8.11 -9.98 47.60
CA GLY I 563 -7.96 -9.51 48.97
C GLY I 563 -6.58 -9.75 49.52
N VAL I 564 -6.47 -9.69 50.85
CA VAL I 564 -5.19 -9.87 51.51
C VAL I 564 -5.35 -10.74 52.75
N PHE I 565 -4.23 -11.24 53.23
CA PHE I 565 -4.12 -12.01 54.46
C PHE I 565 -3.26 -11.19 55.42
N LEU I 566 -3.84 -10.84 56.57
CA LEU I 566 -3.21 -9.95 57.53
C LEU I 566 -2.91 -10.72 58.82
N GLN I 567 -1.67 -10.63 59.27
CA GLN I 567 -1.23 -11.24 60.53
C GLN I 567 -0.76 -10.13 61.46
N HIS I 568 -1.25 -10.16 62.69
CA HIS I 568 -0.97 -9.09 63.64
C HIS I 568 -1.38 -9.47 65.06
N ALA I 569 -0.48 -9.28 66.03
CA ALA I 569 -0.77 -9.53 67.44
C ALA I 569 -1.31 -10.95 67.65
N GLY I 570 -0.65 -11.91 67.01
CA GLY I 570 -1.04 -13.30 67.12
C GLY I 570 -2.29 -13.68 66.33
N ALA I 571 -3.06 -12.71 65.87
CA ALA I 571 -4.26 -12.98 65.10
C ALA I 571 -3.96 -13.01 63.61
N ALA I 572 -4.84 -13.66 62.86
CA ALA I 572 -4.71 -13.77 61.42
C ALA I 572 -6.09 -13.71 60.78
N ALA I 573 -6.18 -13.10 59.60
CA ALA I 573 -7.49 -12.92 58.99
C ALA I 573 -7.37 -12.65 57.50
N GLU I 574 -8.29 -13.24 56.74
CA GLU I 574 -8.49 -12.89 55.34
C GLU I 574 -9.40 -11.67 55.28
N ALA I 575 -8.94 -10.60 54.63
CA ALA I 575 -9.69 -9.37 54.46
C ALA I 575 -10.03 -9.18 52.99
N ARG I 576 -11.32 -8.94 52.73
CA ARG I 576 -11.81 -8.57 51.40
C ARG I 576 -12.71 -7.35 51.54
N VAL I 577 -12.50 -6.35 50.68
CA VAL I 577 -13.24 -5.10 50.71
C VAL I 577 -14.19 -5.08 49.52
N PHE I 578 -15.45 -4.77 49.78
CA PHE I 578 -16.52 -4.79 48.78
C PHE I 578 -17.29 -3.48 48.79
N THR I 579 -17.99 -3.22 47.69
CA THR I 579 -19.12 -2.31 47.71
C THR I 579 -20.33 -3.01 48.31
N ARG I 580 -21.34 -2.22 48.66
CA ARG I 580 -22.53 -2.78 49.29
C ARG I 580 -23.21 -3.79 48.38
N ARG I 581 -23.35 -3.46 47.10
CA ARG I 581 -23.99 -4.36 46.14
C ARG I 581 -23.13 -5.60 45.90
N GLU I 582 -21.81 -5.41 45.74
CA GLU I 582 -20.92 -6.55 45.58
C GLU I 582 -20.99 -7.48 46.79
N ALA I 583 -21.14 -6.91 47.99
CA ALA I 583 -21.26 -7.74 49.19
C ALA I 583 -22.59 -8.48 49.24
N GLU I 584 -23.68 -7.79 48.90
CA GLU I 584 -24.97 -8.48 48.79
C GLU I 584 -24.87 -9.68 47.85
N LEU I 585 -24.14 -9.52 46.75
CA LEU I 585 -24.01 -10.63 45.81
C LEU I 585 -23.09 -11.72 46.34
N ALA I 586 -21.98 -11.34 46.97
CA ALA I 586 -21.09 -12.33 47.58
C ALA I 586 -21.83 -13.19 48.61
N ASP I 587 -22.80 -12.59 49.31
CA ASP I 587 -23.58 -13.35 50.28
C ASP I 587 -24.40 -14.45 49.63
N LEU I 588 -24.60 -14.42 48.31
CA LEU I 588 -25.33 -15.47 47.62
C LEU I 588 -24.47 -16.69 47.30
N MET I 589 -23.15 -16.58 47.41
CA MET I 589 -22.28 -17.70 47.10
C MET I 589 -22.20 -18.66 48.30
N PRO I 590 -22.29 -19.96 48.07
CA PRO I 590 -22.34 -20.90 49.19
C PRO I 590 -20.95 -21.23 49.73
N VAL I 591 -20.94 -21.82 50.92
CA VAL I 591 -19.71 -22.28 51.56
C VAL I 591 -19.46 -23.71 51.10
N LYS I 592 -18.28 -23.94 50.53
CA LYS I 592 -17.93 -25.24 49.97
C LYS I 592 -16.96 -25.96 50.88
N GLU I 593 -17.08 -27.28 50.93
CA GLU I 593 -16.21 -28.14 51.73
C GLU I 593 -15.14 -28.79 50.86
N ASN I 594 -13.97 -29.01 51.45
CA ASN I 594 -12.90 -29.72 50.78
C ASN I 594 -13.00 -31.22 51.07
N ALA I 595 -12.45 -32.02 50.16
CA ALA I 595 -12.54 -33.47 50.29
C ALA I 595 -11.52 -34.02 51.28
N GLY I 596 -10.23 -33.81 51.00
CA GLY I 596 -9.18 -34.37 51.82
C GLY I 596 -8.75 -35.75 51.36
N SER I 597 -7.45 -35.93 51.17
CA SER I 597 -6.94 -37.21 50.70
C SER I 597 -6.99 -38.24 51.82
N GLY I 598 -7.18 -39.50 51.43
CA GLY I 598 -7.45 -40.55 52.40
C GLY I 598 -6.39 -41.62 52.57
N LYS I 599 -5.68 -41.58 53.69
CA LYS I 599 -5.02 -42.71 54.32
C LYS I 599 -3.77 -43.20 53.61
N GLN I 600 -3.42 -42.66 52.44
CA GLN I 600 -2.34 -43.23 51.64
C GLN I 600 -1.43 -42.11 51.12
N LEU I 601 -0.16 -42.45 50.95
CA LEU I 601 0.79 -41.61 50.23
C LEU I 601 1.18 -42.33 48.95
N LEU I 602 0.67 -41.84 47.82
CA LEU I 602 0.94 -42.45 46.52
C LEU I 602 2.11 -41.75 45.84
N CYS I 603 2.82 -42.49 45.00
CA CYS I 603 3.94 -41.94 44.25
C CYS I 603 3.42 -41.24 43.00
N PRO I 604 3.53 -39.91 42.92
CA PRO I 604 2.96 -39.21 41.75
C PRO I 604 3.75 -39.41 40.47
N MET I 605 5.01 -39.82 40.55
CA MET I 605 5.84 -40.04 39.37
C MET I 605 6.63 -41.33 39.57
N PRO I 606 7.09 -41.95 38.50
CA PRO I 606 7.98 -43.10 38.64
C PRO I 606 9.40 -42.67 38.95
N GLY I 607 10.11 -43.51 39.69
CA GLY I 607 11.48 -43.19 40.06
C GLY I 607 11.98 -44.12 41.15
N LEU I 608 13.05 -43.67 41.81
CA LEU I 608 13.78 -44.48 42.78
C LEU I 608 13.76 -43.80 44.14
N VAL I 609 13.39 -44.56 45.16
CA VAL I 609 13.32 -44.04 46.52
C VAL I 609 14.73 -43.87 47.07
N LYS I 610 15.01 -42.68 47.61
CA LYS I 610 16.33 -42.38 48.16
C LYS I 610 16.34 -42.19 49.67
N GLN I 611 15.25 -41.68 50.25
CA GLN I 611 15.21 -41.46 51.69
C GLN I 611 13.77 -41.58 52.18
N ILE I 612 13.62 -42.08 53.40
CA ILE I 612 12.34 -42.08 54.10
C ILE I 612 12.61 -41.48 55.47
N MET I 613 12.08 -40.28 55.71
CA MET I 613 12.47 -39.46 56.85
C MET I 613 11.58 -39.68 58.08
N VAL I 614 10.54 -40.49 57.98
CA VAL I 614 9.60 -40.69 59.08
C VAL I 614 9.62 -42.15 59.49
N SER I 615 8.92 -42.45 60.58
CA SER I 615 8.87 -43.78 61.16
C SER I 615 7.43 -44.13 61.51
N GLU I 616 7.17 -45.44 61.62
CA GLU I 616 5.85 -45.90 62.00
C GLU I 616 5.54 -45.45 63.42
N GLY I 617 4.33 -44.94 63.62
CA GLY I 617 3.94 -44.36 64.89
C GLY I 617 4.30 -42.91 65.05
N GLN I 618 4.88 -42.28 64.03
CA GLN I 618 5.24 -40.88 64.09
C GLN I 618 4.06 -40.00 63.72
N GLU I 619 3.96 -38.87 64.40
CA GLU I 619 2.89 -37.89 64.15
C GLU I 619 3.46 -36.75 63.33
N VAL I 620 2.72 -36.35 62.29
CA VAL I 620 3.15 -35.34 61.35
C VAL I 620 1.98 -34.43 61.04
N LYS I 621 2.28 -33.17 60.74
CA LYS I 621 1.28 -32.19 60.34
C LYS I 621 1.51 -31.77 58.89
N ASN I 622 0.55 -31.02 58.36
CA ASN I 622 0.57 -30.65 56.95
C ASN I 622 1.90 -30.01 56.58
N GLY I 623 2.31 -30.23 55.33
CA GLY I 623 3.51 -29.62 54.81
C GLY I 623 4.81 -30.20 55.33
N GLU I 624 4.78 -31.47 55.76
CA GLU I 624 5.99 -32.09 56.29
C GLU I 624 6.61 -33.03 55.25
N PRO I 625 7.91 -33.01 55.03
CA PRO I 625 8.51 -33.96 54.08
C PRO I 625 8.49 -35.37 54.62
N LEU I 626 8.27 -36.34 53.72
CA LEU I 626 8.16 -37.73 54.13
C LEU I 626 9.10 -38.64 53.34
N ALA I 627 9.34 -38.33 52.08
CA ALA I 627 10.14 -39.21 51.24
C ALA I 627 10.74 -38.41 50.09
N ILE I 628 11.76 -39.00 49.46
CA ILE I 628 12.45 -38.41 48.33
C ILE I 628 12.52 -39.46 47.22
N VAL I 629 12.03 -39.11 46.04
CA VAL I 629 12.06 -39.97 44.88
C VAL I 629 12.82 -39.25 43.77
N GLU I 630 13.84 -39.90 43.23
CA GLU I 630 14.66 -39.36 42.16
C GLU I 630 14.23 -39.94 40.83
N ALA I 631 14.09 -39.06 39.82
CA ALA I 631 13.79 -39.46 38.46
C ALA I 631 14.46 -38.48 37.51
N MET I 632 15.17 -39.02 36.52
CA MET I 632 15.85 -38.21 35.51
C MET I 632 16.89 -37.28 36.17
N LYS I 633 17.64 -37.84 37.13
CA LYS I 633 18.71 -37.10 37.86
C LYS I 633 18.17 -35.85 38.56
N MET I 634 16.99 -35.93 39.16
CA MET I 634 16.45 -34.83 39.95
C MET I 634 15.63 -35.40 41.09
N GLU I 635 15.84 -34.84 42.29
CA GLU I 635 15.12 -35.29 43.46
C GLU I 635 13.75 -34.63 43.55
N ASN I 636 12.76 -35.41 43.95
CA ASN I 636 11.40 -34.92 44.17
C ASN I 636 11.00 -35.20 45.61
N VAL I 637 10.71 -34.14 46.36
CA VAL I 637 10.34 -34.25 47.77
C VAL I 637 8.83 -34.39 47.87
N LEU I 638 8.37 -35.47 48.50
CA LEU I 638 6.96 -35.67 48.77
C LEU I 638 6.63 -35.18 50.17
N ARG I 639 5.48 -34.52 50.29
CA ARG I 639 5.09 -33.85 51.52
C ARG I 639 3.71 -34.33 51.96
N ALA I 640 3.43 -34.14 53.24
CA ALA I 640 2.15 -34.54 53.81
C ALA I 640 1.06 -33.55 53.40
N GLU I 641 -0.02 -34.09 52.82
CA GLU I 641 -1.19 -33.30 52.47
C GLU I 641 -2.25 -33.35 53.57
N ARG I 642 -1.85 -33.59 54.81
CA ARG I 642 -2.77 -33.83 55.91
C ARG I 642 -1.96 -33.92 57.20
N ASP I 643 -2.67 -34.09 58.30
CA ASP I 643 -2.07 -34.35 59.59
C ASP I 643 -2.49 -35.73 60.07
N GLY I 644 -1.64 -36.35 60.89
CA GLY I 644 -1.92 -37.70 61.35
C GLY I 644 -0.63 -38.42 61.73
N THR I 645 -0.73 -39.74 61.78
CA THR I 645 0.38 -40.59 62.17
C THR I 645 0.63 -41.64 61.08
N ILE I 646 1.85 -42.17 61.09
CA ILE I 646 2.25 -43.20 60.13
C ILE I 646 1.97 -44.56 60.75
N SER I 647 1.17 -45.37 60.07
CA SER I 647 0.81 -46.69 60.55
C SER I 647 1.75 -47.75 59.97
N LYS I 648 1.82 -47.85 58.65
CA LYS I 648 2.64 -48.84 57.97
C LYS I 648 3.40 -48.19 56.83
N ILE I 649 4.65 -48.62 56.64
CA ILE I 649 5.49 -48.19 55.54
C ILE I 649 5.63 -49.35 54.57
N ALA I 650 5.22 -49.14 53.32
CA ALA I 650 5.16 -50.21 52.33
C ALA I 650 6.27 -50.13 51.29
N ALA I 651 7.30 -49.32 51.53
CA ALA I 651 8.40 -49.18 50.58
C ALA I 651 9.72 -49.09 51.34
N LYS I 652 10.80 -49.34 50.62
CA LYS I 652 12.14 -49.39 51.19
C LYS I 652 13.07 -48.46 50.41
N GLU I 653 14.10 -47.97 51.10
CA GLU I 653 15.13 -47.15 50.46
C GLU I 653 15.93 -48.02 49.50
N GLY I 654 15.74 -47.80 48.20
CA GLY I 654 16.41 -48.58 47.18
C GLY I 654 15.44 -49.12 46.14
N ASP I 655 14.16 -49.12 46.47
CA ASP I 655 13.16 -49.67 45.57
C ASP I 655 12.92 -48.73 44.39
N SER I 656 12.28 -49.27 43.35
CA SER I 656 11.93 -48.53 42.14
C SER I 656 10.42 -48.63 41.97
N LEU I 657 9.72 -47.53 42.25
CA LEU I 657 8.26 -47.53 42.30
C LEU I 657 7.67 -47.06 40.97
N ALA I 658 6.48 -47.57 40.68
CA ALA I 658 5.71 -47.14 39.53
C ALA I 658 4.71 -46.06 39.95
N VAL I 659 4.11 -45.41 38.95
CA VAL I 659 3.19 -44.32 39.22
C VAL I 659 1.96 -44.87 39.93
N ASP I 660 1.41 -44.07 40.84
CA ASP I 660 0.21 -44.43 41.60
C ASP I 660 0.46 -45.65 42.48
N ALA I 661 1.67 -45.74 43.02
CA ALA I 661 2.06 -46.83 43.90
C ALA I 661 2.05 -46.38 45.35
N VAL I 662 1.83 -47.33 46.25
CA VAL I 662 1.68 -47.02 47.67
C VAL I 662 3.07 -46.92 48.30
N ILE I 663 3.29 -45.86 49.07
CA ILE I 663 4.54 -45.67 49.80
C ILE I 663 4.33 -45.86 51.30
N LEU I 664 3.21 -45.36 51.84
CA LEU I 664 2.92 -45.53 53.26
C LEU I 664 1.46 -45.25 53.52
N GLU I 665 1.01 -45.69 54.70
CA GLU I 665 -0.36 -45.55 55.13
C GLU I 665 -0.42 -44.65 56.35
N PHE I 666 -1.50 -43.90 56.48
CA PHE I 666 -1.69 -43.04 57.64
C PHE I 666 -2.48 -43.76 58.73
N PRO J 457 42.14 -3.54 -54.08
CA PRO J 457 41.39 -3.07 -55.24
C PRO J 457 39.87 -3.16 -55.02
N GLU J 458 39.12 -2.30 -55.71
CA GLU J 458 37.67 -2.32 -55.60
C GLU J 458 37.07 -3.32 -56.57
N PRO J 459 35.84 -3.76 -56.33
CA PRO J 459 35.24 -4.76 -57.22
C PRO J 459 34.85 -4.17 -58.56
N GLU J 460 34.76 -5.04 -59.55
CA GLU J 460 34.35 -4.67 -60.91
C GLU J 460 33.55 -5.79 -61.52
N GLY J 461 32.59 -5.43 -62.36
CA GLY J 461 31.82 -6.39 -63.10
C GLY J 461 30.97 -7.30 -62.24
N PRO J 462 30.88 -8.57 -62.61
CA PRO J 462 30.02 -9.50 -61.84
C PRO J 462 30.35 -9.56 -60.36
N VAL J 463 31.61 -9.32 -59.98
CA VAL J 463 31.98 -9.40 -58.57
C VAL J 463 31.23 -8.35 -57.76
N ALA J 464 31.22 -7.11 -58.24
CA ALA J 464 30.50 -6.05 -57.55
C ALA J 464 29.01 -6.36 -57.46
N HIS J 465 28.42 -6.87 -58.54
CA HIS J 465 26.99 -7.19 -58.51
C HIS J 465 26.70 -8.27 -57.47
N ARG J 466 27.53 -9.32 -57.42
CA ARG J 466 27.31 -10.37 -56.45
C ARG J 466 27.44 -9.85 -55.03
N LEU J 467 28.45 -9.01 -54.77
CA LEU J 467 28.62 -8.46 -53.43
C LEU J 467 27.43 -7.58 -53.05
N ALA J 468 26.97 -6.73 -53.97
CA ALA J 468 25.81 -5.89 -53.71
C ALA J 468 24.60 -6.74 -53.35
N ALA J 469 24.36 -7.82 -54.10
CA ALA J 469 23.19 -8.65 -53.84
C ALA J 469 23.30 -9.34 -52.48
N VAL J 470 24.49 -9.82 -52.12
CA VAL J 470 24.67 -10.45 -50.82
C VAL J 470 24.46 -9.45 -49.70
N ALA J 471 24.92 -8.22 -49.88
CA ALA J 471 24.68 -7.18 -48.88
C ALA J 471 23.20 -6.89 -48.72
N ALA J 472 22.47 -6.79 -49.84
CA ALA J 472 21.04 -6.59 -49.76
C ALA J 472 20.35 -7.72 -49.02
N ALA J 473 20.78 -8.97 -49.27
CA ALA J 473 20.16 -10.10 -48.60
C ALA J 473 20.43 -10.10 -47.10
N ILE J 474 21.67 -9.79 -46.70
CA ILE J 474 21.98 -9.70 -45.27
C ILE J 474 21.10 -8.63 -44.61
N ASP J 475 21.01 -7.46 -45.24
CA ASP J 475 20.18 -6.39 -44.70
C ASP J 475 18.73 -6.85 -44.56
N HIS J 476 18.21 -7.56 -45.56
CA HIS J 476 16.82 -8.02 -45.53
C HIS J 476 16.57 -8.98 -44.36
N LYS J 477 17.46 -9.96 -44.20
CA LYS J 477 17.32 -10.89 -43.08
C LYS J 477 17.31 -10.15 -41.75
N LEU J 478 18.27 -9.24 -41.57
CA LEU J 478 18.37 -8.54 -40.29
C LEU J 478 17.13 -7.69 -40.03
N ASN J 479 16.59 -7.05 -41.07
CA ASN J 479 15.41 -6.22 -40.88
C ASN J 479 14.19 -7.04 -40.52
N ILE J 480 14.00 -8.19 -41.19
CA ILE J 480 12.87 -9.05 -40.83
C ILE J 480 12.97 -9.46 -39.38
N ARG J 481 14.18 -9.83 -38.92
CA ARG J 481 14.33 -10.18 -37.52
C ARG J 481 14.02 -8.99 -36.61
N LYS J 482 14.54 -7.81 -36.96
CA LYS J 482 14.29 -6.60 -36.18
C LYS J 482 12.80 -6.38 -35.96
N ARG J 483 12.00 -6.55 -37.02
CA ARG J 483 10.58 -6.20 -36.92
C ARG J 483 9.80 -7.09 -35.96
N GLY J 484 10.39 -8.18 -35.47
CA GLY J 484 9.75 -9.05 -34.51
C GLY J 484 9.86 -8.63 -33.06
N ILE J 485 10.30 -7.41 -32.77
CA ILE J 485 10.57 -6.99 -31.40
C ILE J 485 9.27 -6.84 -30.61
N SER J 486 9.36 -7.12 -29.31
CA SER J 486 8.23 -7.05 -28.40
C SER J 486 7.93 -5.61 -28.01
N GLY J 487 6.70 -5.40 -27.53
CA GLY J 487 6.29 -4.12 -26.99
C GLY J 487 5.90 -3.09 -28.01
N GLN J 488 5.46 -3.50 -29.19
CA GLN J 488 5.09 -2.55 -30.23
C GLN J 488 3.69 -2.00 -30.00
N MET J 489 3.46 -0.78 -30.49
CA MET J 489 2.19 -0.12 -30.24
C MET J 489 1.03 -0.91 -30.83
N ARG J 490 1.21 -1.47 -32.03
CA ARG J 490 0.23 -2.37 -32.62
C ARG J 490 0.97 -3.47 -33.37
N ASP J 491 0.23 -4.31 -34.07
CA ASP J 491 0.80 -5.49 -34.70
C ASP J 491 1.64 -5.11 -35.91
N PRO J 492 2.84 -5.68 -36.08
CA PRO J 492 3.63 -5.38 -37.27
C PRO J 492 3.12 -6.07 -38.53
N SER J 493 2.29 -7.11 -38.38
CA SER J 493 1.63 -7.70 -39.55
C SER J 493 0.91 -6.65 -40.39
N LEU J 494 0.63 -5.48 -39.82
CA LEU J 494 -0.09 -4.41 -40.50
C LEU J 494 0.86 -3.35 -41.05
N LEU J 495 2.03 -3.75 -41.53
CA LEU J 495 3.01 -2.81 -42.05
C LEU J 495 3.66 -3.38 -43.31
N THR J 496 4.45 -2.54 -43.97
CA THR J 496 4.98 -2.83 -45.29
C THR J 496 6.49 -2.60 -45.32
N PHE J 497 7.13 -3.25 -46.30
CA PHE J 497 8.55 -3.10 -46.56
C PHE J 497 8.74 -2.33 -47.87
N GLN J 498 9.72 -1.42 -47.89
CA GLN J 498 10.01 -0.64 -49.09
C GLN J 498 10.89 -1.46 -50.03
N ARG J 499 10.35 -1.79 -51.20
CA ARG J 499 11.06 -2.64 -52.14
C ARG J 499 12.35 -1.99 -52.62
N GLU J 500 12.34 -0.68 -52.82
CA GLU J 500 13.46 0.01 -53.45
C GLU J 500 14.55 0.29 -52.42
N ARG J 501 15.80 -0.02 -52.78
CA ARG J 501 16.94 0.15 -51.90
C ARG J 501 18.14 0.64 -52.71
N VAL J 502 19.10 1.23 -52.00
CA VAL J 502 20.33 1.74 -52.60
C VAL J 502 21.51 1.12 -51.86
N VAL J 503 22.38 0.44 -52.59
CA VAL J 503 23.59 -0.17 -52.04
C VAL J 503 24.79 0.68 -52.40
N VAL J 504 25.56 1.08 -51.40
CA VAL J 504 26.79 1.84 -51.59
C VAL J 504 27.95 0.92 -51.23
N LEU J 505 28.85 0.73 -52.19
CA LEU J 505 30.01 -0.15 -52.09
C LEU J 505 31.28 0.68 -52.28
N SER J 506 31.80 1.22 -51.19
CA SER J 506 33.05 1.97 -51.17
C SER J 506 33.18 2.87 -52.42
N GLY J 507 32.20 3.76 -52.57
CA GLY J 507 32.20 4.68 -53.69
C GLY J 507 31.67 4.08 -54.97
N GLN J 508 30.52 3.42 -54.89
CA GLN J 508 29.85 2.87 -56.06
C GLN J 508 28.43 2.49 -55.68
N ARG J 509 27.46 2.95 -56.46
CA ARG J 509 26.05 2.87 -56.11
C ARG J 509 25.33 1.87 -56.99
N PHE J 510 24.32 1.22 -56.40
CA PHE J 510 23.44 0.31 -57.12
C PHE J 510 22.03 0.50 -56.60
N ASN J 511 21.12 0.91 -57.48
CA ASN J 511 19.70 1.00 -57.14
C ASN J 511 19.04 -0.32 -57.45
N VAL J 512 18.51 -0.98 -56.42
CA VAL J 512 18.01 -2.33 -56.53
C VAL J 512 16.61 -2.42 -55.94
N THR J 513 15.94 -3.54 -56.23
CA THR J 513 14.66 -3.89 -55.63
C THR J 513 14.74 -5.34 -55.17
N VAL J 514 14.24 -5.60 -53.97
CA VAL J 514 14.34 -6.91 -53.35
C VAL J 514 12.94 -7.51 -53.25
N ASP J 515 12.85 -8.83 -53.42
CA ASP J 515 11.57 -9.51 -53.38
C ASP J 515 11.74 -10.92 -52.82
N PRO J 516 10.92 -11.34 -51.86
CA PRO J 516 11.03 -12.71 -51.35
C PRO J 516 10.43 -13.72 -52.31
N ASP J 517 11.03 -14.93 -52.33
CA ASP J 517 10.48 -16.07 -53.05
C ASP J 517 10.63 -17.26 -52.11
N GLY J 518 9.58 -17.55 -51.35
CA GLY J 518 9.65 -18.59 -50.36
C GLY J 518 10.81 -18.36 -49.40
N ASP J 519 11.88 -19.12 -49.58
CA ASP J 519 13.08 -18.97 -48.77
C ASP J 519 14.09 -18.02 -49.40
N ASP J 520 14.27 -18.10 -50.71
CA ASP J 520 15.31 -17.34 -51.38
C ASP J 520 14.90 -15.88 -51.57
N LEU J 521 15.87 -15.05 -51.92
CA LEU J 521 15.61 -13.66 -52.28
C LEU J 521 15.81 -13.49 -53.77
N LEU J 522 15.17 -12.46 -54.32
CA LEU J 522 15.38 -12.05 -55.70
C LEU J 522 15.76 -10.57 -55.70
N VAL J 523 16.94 -10.26 -56.21
CA VAL J 523 17.46 -8.91 -56.24
C VAL J 523 17.52 -8.47 -57.69
N THR J 524 16.82 -7.40 -58.02
CA THR J 524 16.76 -6.87 -59.38
C THR J 524 17.50 -5.54 -59.42
N PHE J 525 18.34 -5.38 -60.44
CA PHE J 525 19.10 -4.16 -60.63
C PHE J 525 18.39 -3.26 -61.64
N ASP J 526 18.99 -2.09 -61.88
CA ASP J 526 18.38 -1.13 -62.80
C ASP J 526 18.29 -1.69 -64.21
N ASP J 527 19.38 -2.28 -64.70
CA ASP J 527 19.45 -2.74 -66.07
C ASP J 527 18.82 -4.12 -66.25
N GLY J 528 17.61 -4.32 -65.71
CA GLY J 528 16.82 -5.49 -66.01
C GLY J 528 17.32 -6.80 -65.44
N THR J 529 18.59 -6.87 -65.06
CA THR J 529 19.17 -8.13 -64.63
C THR J 529 18.70 -8.48 -63.21
N THR J 530 18.41 -9.76 -63.01
CA THR J 530 17.95 -10.28 -61.73
C THR J 530 18.93 -11.30 -61.20
N ALA J 531 18.81 -11.59 -59.91
CA ALA J 531 19.66 -12.57 -59.26
C ALA J 531 18.96 -13.20 -58.07
N PRO J 532 18.72 -14.51 -58.09
CA PRO J 532 18.29 -15.18 -56.85
C PRO J 532 19.45 -15.47 -55.91
N VAL J 533 19.22 -15.21 -54.64
CA VAL J 533 20.21 -15.41 -53.59
C VAL J 533 19.67 -16.45 -52.61
N ARG J 534 20.50 -17.46 -52.33
CA ARG J 534 20.16 -18.49 -51.35
C ARG J 534 21.36 -18.80 -50.48
N SER J 535 21.13 -18.87 -49.16
CA SER J 535 22.15 -19.28 -48.22
C SER J 535 21.51 -19.59 -46.89
N ALA J 536 22.20 -20.38 -46.08
CA ALA J 536 21.83 -20.68 -44.70
C ALA J 536 22.69 -19.92 -43.70
N TRP J 537 23.26 -18.80 -44.11
CA TRP J 537 24.15 -18.02 -43.25
C TRP J 537 23.39 -17.46 -42.07
N ARG J 538 24.09 -17.32 -40.94
CA ARG J 538 23.51 -16.78 -39.72
C ARG J 538 24.41 -15.68 -39.18
N PRO J 539 23.83 -14.59 -38.67
CA PRO J 539 24.65 -13.55 -38.03
C PRO J 539 25.58 -14.13 -36.98
N GLY J 540 26.83 -13.67 -36.99
CA GLY J 540 27.88 -14.19 -36.16
C GLY J 540 28.90 -15.03 -36.91
N ALA J 541 28.47 -15.72 -37.95
CA ALA J 541 29.39 -16.56 -38.71
C ALA J 541 30.31 -15.69 -39.57
N PRO J 542 31.58 -16.09 -39.72
CA PRO J 542 32.51 -15.27 -40.50
C PRO J 542 32.47 -15.50 -42.01
N VAL J 543 31.67 -16.45 -42.50
CA VAL J 543 31.67 -16.81 -43.91
C VAL J 543 30.22 -16.96 -44.39
N TRP J 544 29.90 -16.29 -45.49
CA TRP J 544 28.62 -16.43 -46.17
C TRP J 544 28.82 -17.34 -47.36
N SER J 545 28.30 -18.55 -47.26
CA SER J 545 28.41 -19.55 -48.33
C SER J 545 27.02 -19.79 -48.91
N GLY J 546 26.92 -19.76 -50.23
CA GLY J 546 25.64 -19.96 -50.86
C GLY J 546 25.68 -19.81 -52.36
N THR J 547 24.56 -19.43 -52.96
CA THR J 547 24.48 -19.29 -54.41
C THR J 547 23.81 -17.98 -54.79
N VAL J 548 24.46 -17.25 -55.69
CA VAL J 548 23.89 -16.07 -56.34
C VAL J 548 23.65 -16.44 -57.80
N GLY J 549 22.41 -16.27 -58.25
CA GLY J 549 22.05 -16.71 -59.58
C GLY J 549 22.26 -18.19 -59.76
N ASP J 550 23.21 -18.56 -60.62
CA ASP J 550 23.57 -19.94 -60.84
C ASP J 550 25.03 -20.22 -60.46
N GLN J 551 25.60 -19.40 -59.58
CA GLN J 551 27.00 -19.53 -59.20
C GLN J 551 27.12 -19.66 -57.70
N SER J 552 27.87 -20.66 -57.25
CA SER J 552 28.12 -20.87 -55.83
C SER J 552 29.34 -20.07 -55.40
N VAL J 553 29.22 -19.40 -54.25
CA VAL J 553 30.22 -18.46 -53.78
C VAL J 553 30.35 -18.54 -52.27
N ALA J 554 31.52 -18.09 -51.79
CA ALA J 554 31.77 -17.86 -50.38
C ALA J 554 32.37 -16.47 -50.21
N ILE J 555 31.97 -15.77 -49.15
CA ILE J 555 32.33 -14.37 -48.95
C ILE J 555 32.68 -14.16 -47.48
N GLN J 556 33.79 -13.46 -47.23
CA GLN J 556 34.16 -13.11 -45.86
C GLN J 556 33.38 -11.87 -45.42
N VAL J 557 32.76 -11.96 -44.25
CA VAL J 557 31.93 -10.91 -43.68
C VAL J 557 32.51 -10.50 -42.34
N ARG J 558 32.65 -9.19 -42.12
CA ARG J 558 33.00 -8.63 -40.83
C ARG J 558 32.11 -7.43 -40.54
N PRO J 559 31.80 -7.17 -39.28
CA PRO J 559 30.84 -6.10 -38.97
C PRO J 559 31.44 -4.72 -39.18
N LEU J 560 30.55 -3.72 -39.22
CA LEU J 560 30.95 -2.34 -39.35
C LEU J 560 29.77 -1.47 -38.96
N LEU J 561 30.07 -0.27 -38.44
CA LEU J 561 29.02 0.63 -38.00
C LEU J 561 28.05 0.92 -39.14
N ASN J 562 26.82 0.42 -39.01
CA ASN J 562 25.77 0.60 -40.00
C ASN J 562 26.08 -0.11 -41.33
N GLY J 563 26.83 -1.19 -41.29
CA GLY J 563 27.14 -1.91 -42.53
C GLY J 563 28.09 -3.07 -42.30
N VAL J 564 28.64 -3.58 -43.40
CA VAL J 564 29.52 -4.75 -43.34
C VAL J 564 30.72 -4.58 -44.26
N PHE J 565 31.84 -5.16 -43.85
CA PHE J 565 33.02 -5.29 -44.68
C PHE J 565 33.00 -6.67 -45.32
N LEU J 566 33.06 -6.71 -46.66
CA LEU J 566 32.95 -7.93 -47.43
C LEU J 566 34.24 -8.16 -48.20
N GLN J 567 34.57 -9.44 -48.40
CA GLN J 567 35.72 -9.83 -49.21
C GLN J 567 35.35 -11.03 -50.08
N HIS J 568 35.73 -10.96 -51.35
CA HIS J 568 35.39 -11.98 -52.34
C HIS J 568 36.31 -11.82 -53.54
N ALA J 569 36.87 -12.94 -54.00
CA ALA J 569 37.64 -12.98 -55.24
C ALA J 569 38.74 -11.92 -55.24
N GLY J 570 39.48 -11.85 -54.14
CA GLY J 570 40.59 -10.93 -54.04
C GLY J 570 40.21 -9.46 -53.91
N ALA J 571 38.92 -9.14 -53.91
CA ALA J 571 38.46 -7.77 -53.75
C ALA J 571 37.80 -7.61 -52.39
N ALA J 572 37.82 -6.38 -51.88
CA ALA J 572 37.25 -6.05 -50.59
C ALA J 572 36.48 -4.76 -50.70
N ALA J 573 35.47 -4.60 -49.85
CA ALA J 573 34.68 -3.38 -49.91
C ALA J 573 33.81 -3.24 -48.68
N GLU J 574 33.59 -1.99 -48.27
CA GLU J 574 32.60 -1.64 -47.27
C GLU J 574 31.25 -1.46 -47.95
N ALA J 575 30.21 -2.01 -47.35
CA ALA J 575 28.87 -2.03 -47.95
C ALA J 575 27.88 -1.47 -46.94
N ARG J 576 27.16 -0.44 -47.37
CA ARG J 576 26.02 0.10 -46.64
C ARG J 576 24.77 0.02 -47.53
N VAL J 577 23.61 -0.20 -46.89
CA VAL J 577 22.34 -0.31 -47.59
C VAL J 577 21.38 0.72 -47.01
N PHE J 578 20.80 1.54 -47.88
CA PHE J 578 19.92 2.64 -47.50
C PHE J 578 18.60 2.54 -48.24
N THR J 579 17.59 3.24 -47.72
CA THR J 579 16.48 3.66 -48.56
C THR J 579 16.91 4.85 -49.41
N ARG J 580 16.09 5.17 -50.41
CA ARG J 580 16.42 6.27 -51.31
C ARG J 580 16.56 7.59 -50.57
N ARG J 581 15.63 7.88 -49.65
CA ARG J 581 15.71 9.13 -48.89
C ARG J 581 16.93 9.15 -47.97
N GLU J 582 17.20 8.04 -47.29
CA GLU J 582 18.40 7.95 -46.46
C GLU J 582 19.64 8.19 -47.29
N ALA J 583 19.68 7.68 -48.52
CA ALA J 583 20.82 7.91 -49.39
C ALA J 583 20.94 9.38 -49.77
N GLU J 584 19.82 10.02 -50.12
CA GLU J 584 19.84 11.45 -50.39
C GLU J 584 20.47 12.21 -49.22
N LEU J 585 20.06 11.88 -48.00
CA LEU J 585 20.59 12.60 -46.84
C LEU J 585 22.05 12.24 -46.57
N ALA J 586 22.44 10.98 -46.81
CA ALA J 586 23.84 10.59 -46.63
C ALA J 586 24.75 11.33 -47.59
N ASP J 587 24.27 11.62 -48.80
CA ASP J 587 25.08 12.35 -49.78
C ASP J 587 25.42 13.77 -49.32
N LEU J 588 24.76 14.28 -48.27
CA LEU J 588 25.04 15.62 -47.77
C LEU J 588 26.20 15.66 -46.78
N MET J 589 26.63 14.52 -46.26
CA MET J 589 27.64 14.50 -45.19
C MET J 589 29.03 14.76 -45.78
N PRO J 590 29.89 15.45 -45.05
CA PRO J 590 31.20 15.81 -45.60
C PRO J 590 32.20 14.67 -45.52
N VAL J 591 33.05 14.61 -46.54
CA VAL J 591 34.24 13.75 -46.51
C VAL J 591 35.29 14.43 -45.64
N LYS J 592 35.86 13.68 -44.70
CA LYS J 592 36.76 14.23 -43.69
C LYS J 592 38.13 13.60 -43.83
N GLU J 593 39.16 14.45 -43.78
CA GLU J 593 40.55 14.01 -43.87
C GLU J 593 41.14 13.87 -42.48
N ASN J 594 41.80 12.74 -42.23
CA ASN J 594 42.49 12.53 -40.97
C ASN J 594 43.80 13.32 -40.95
N ALA J 595 44.25 13.68 -39.75
CA ALA J 595 45.39 14.57 -39.61
C ALA J 595 46.71 13.81 -39.70
N GLY J 596 46.95 12.89 -38.78
CA GLY J 596 48.21 12.18 -38.68
C GLY J 596 49.02 12.63 -37.47
N SER J 597 50.01 11.81 -37.13
CA SER J 597 50.83 12.05 -35.96
C SER J 597 52.12 12.78 -36.32
N GLY J 598 52.76 13.35 -35.31
CA GLY J 598 53.91 14.21 -35.52
C GLY J 598 55.26 13.53 -35.46
N LYS J 599 55.41 12.41 -36.16
CA LYS J 599 56.70 11.76 -36.39
C LYS J 599 57.49 11.52 -35.09
N GLN J 600 56.80 11.43 -33.95
CA GLN J 600 57.46 11.13 -32.68
C GLN J 600 56.68 10.06 -31.94
N LEU J 601 57.40 9.11 -31.37
CA LEU J 601 56.80 8.06 -30.53
C LEU J 601 56.96 8.47 -29.08
N LEU J 602 55.87 8.92 -28.46
CA LEU J 602 55.88 9.32 -27.08
C LEU J 602 55.44 8.16 -26.19
N CYS J 603 55.87 8.21 -24.93
CA CYS J 603 55.54 7.14 -23.99
C CYS J 603 54.25 7.51 -23.26
N PRO J 604 53.16 6.75 -23.43
CA PRO J 604 51.89 7.12 -22.80
C PRO J 604 51.76 6.68 -21.35
N MET J 605 52.74 5.96 -20.80
CA MET J 605 52.66 5.51 -19.42
C MET J 605 54.07 5.39 -18.86
N PRO J 606 54.29 5.79 -17.61
CA PRO J 606 55.62 5.61 -17.00
C PRO J 606 55.92 4.13 -16.80
N GLY J 607 57.21 3.81 -16.82
CA GLY J 607 57.64 2.44 -16.64
C GLY J 607 59.08 2.25 -17.07
N LEU J 608 59.41 1.01 -17.38
CA LEU J 608 60.77 0.60 -17.69
C LEU J 608 60.80 -0.04 -19.07
N VAL J 609 61.79 0.35 -19.88
CA VAL J 609 61.90 -0.17 -21.24
C VAL J 609 62.42 -1.60 -21.20
N LYS J 610 61.63 -2.53 -21.71
CA LYS J 610 62.03 -3.93 -21.73
C LYS J 610 62.73 -4.32 -23.03
N GLN J 611 62.27 -3.80 -24.17
CA GLN J 611 62.77 -4.27 -25.45
C GLN J 611 62.50 -3.22 -26.52
N ILE J 612 63.34 -3.23 -27.55
CA ILE J 612 63.18 -2.37 -28.72
C ILE J 612 63.44 -3.22 -29.95
N MET J 613 62.42 -3.41 -30.77
CA MET J 613 62.46 -4.36 -31.89
C MET J 613 62.70 -3.68 -33.23
N VAL J 614 63.27 -2.47 -33.23
CA VAL J 614 63.48 -1.72 -34.45
C VAL J 614 64.91 -1.18 -34.47
N SER J 615 65.29 -0.64 -35.62
CA SER J 615 66.60 -0.05 -35.83
C SER J 615 66.44 1.27 -36.55
N GLU J 616 67.41 2.16 -36.34
CA GLU J 616 67.42 3.42 -37.08
C GLU J 616 67.72 3.14 -38.54
N GLY J 617 67.03 3.87 -39.43
CA GLY J 617 67.04 3.54 -40.83
C GLY J 617 66.29 2.25 -41.09
N GLN J 618 65.01 2.26 -40.74
CA GLN J 618 64.13 1.11 -40.90
C GLN J 618 62.74 1.61 -41.21
N GLU J 619 62.01 0.86 -42.04
CA GLU J 619 60.69 1.24 -42.50
C GLU J 619 59.64 0.36 -41.82
N VAL J 620 58.58 0.98 -41.33
CA VAL J 620 57.55 0.30 -40.55
C VAL J 620 56.19 0.71 -41.09
N LYS J 621 55.29 -0.26 -41.20
CA LYS J 621 53.92 0.02 -41.58
C LYS J 621 53.06 0.18 -40.33
N ASN J 622 51.91 0.83 -40.50
CA ASN J 622 51.03 1.11 -39.37
C ASN J 622 50.68 -0.17 -38.64
N GLY J 623 50.76 -0.13 -37.31
CA GLY J 623 50.43 -1.27 -36.49
C GLY J 623 51.56 -2.21 -36.20
N GLU J 624 52.81 -1.77 -36.32
CA GLU J 624 53.94 -2.64 -36.05
C GLU J 624 54.47 -2.42 -34.63
N PRO J 625 54.81 -3.49 -33.90
CA PRO J 625 55.29 -3.31 -32.53
C PRO J 625 56.70 -2.73 -32.52
N LEU J 626 56.86 -1.60 -31.85
CA LEU J 626 58.14 -0.90 -31.79
C LEU J 626 58.90 -1.15 -30.49
N ALA J 627 58.22 -1.14 -29.35
CA ALA J 627 58.90 -1.28 -28.06
C ALA J 627 57.92 -1.78 -27.02
N ILE J 628 58.46 -2.16 -25.86
CA ILE J 628 57.68 -2.68 -24.75
C ILE J 628 58.07 -1.92 -23.49
N VAL J 629 57.06 -1.47 -22.74
CA VAL J 629 57.24 -0.75 -21.49
C VAL J 629 56.53 -1.52 -20.38
N GLU J 630 57.19 -1.61 -19.24
CA GLU J 630 56.73 -2.41 -18.10
C GLU J 630 56.35 -1.49 -16.96
N ALA J 631 55.18 -1.74 -16.37
CA ALA J 631 54.69 -0.93 -15.25
C ALA J 631 53.73 -1.78 -14.42
N MET J 632 53.87 -1.72 -13.10
CA MET J 632 53.03 -2.47 -12.18
C MET J 632 52.97 -3.95 -12.58
N LYS J 633 54.15 -4.54 -12.81
CA LYS J 633 54.28 -5.97 -13.16
C LYS J 633 53.37 -6.37 -14.32
N MET J 634 53.29 -5.55 -15.37
CA MET J 634 52.51 -5.89 -16.55
C MET J 634 53.11 -5.18 -17.76
N GLU J 635 53.35 -5.93 -18.82
CA GLU J 635 53.96 -5.40 -20.03
C GLU J 635 52.94 -4.65 -20.88
N ASN J 636 53.43 -3.64 -21.58
CA ASN J 636 52.64 -2.88 -22.56
C ASN J 636 53.40 -2.83 -23.87
N VAL J 637 52.68 -3.06 -24.97
CA VAL J 637 53.26 -3.04 -26.31
C VAL J 637 52.86 -1.72 -26.98
N LEU J 638 53.85 -1.02 -27.51
CA LEU J 638 53.63 0.23 -28.23
C LEU J 638 53.79 -0.03 -29.73
N ARG J 639 52.92 0.59 -30.52
CA ARG J 639 52.82 0.30 -31.93
C ARG J 639 52.89 1.58 -32.76
N ALA J 640 53.32 1.43 -34.00
CA ALA J 640 53.40 2.53 -34.93
C ALA J 640 52.01 2.93 -35.40
N GLU J 641 51.75 4.24 -35.44
CA GLU J 641 50.47 4.78 -35.88
C GLU J 641 50.56 5.45 -37.24
N ARG J 642 51.60 5.14 -38.02
CA ARG J 642 51.79 5.75 -39.33
C ARG J 642 52.84 4.93 -40.08
N ASP J 643 53.18 5.39 -41.27
CA ASP J 643 54.22 4.79 -42.09
C ASP J 643 55.39 5.76 -42.21
N GLY J 644 56.60 5.22 -42.23
CA GLY J 644 57.77 6.07 -42.35
C GLY J 644 59.04 5.29 -42.06
N THR J 645 60.11 6.04 -41.80
CA THR J 645 61.42 5.49 -41.51
C THR J 645 61.86 5.89 -40.11
N ILE J 646 62.68 5.04 -39.49
CA ILE J 646 63.19 5.29 -38.15
C ILE J 646 64.44 6.14 -38.27
N SER J 647 64.36 7.39 -37.81
CA SER J 647 65.50 8.29 -37.90
C SER J 647 66.52 8.00 -36.81
N LYS J 648 66.12 8.09 -35.55
CA LYS J 648 67.02 7.88 -34.42
C LYS J 648 66.26 7.21 -33.29
N ILE J 649 67.02 6.62 -32.36
CA ILE J 649 66.48 5.94 -31.19
C ILE J 649 67.04 6.64 -29.97
N ALA J 650 66.17 7.36 -29.25
CA ALA J 650 66.60 8.12 -28.08
C ALA J 650 66.74 7.23 -26.86
N ALA J 651 65.72 6.41 -26.57
CA ALA J 651 65.70 5.61 -25.36
C ALA J 651 66.43 4.30 -25.56
N LYS J 652 66.93 3.75 -24.46
CA LYS J 652 67.66 2.49 -24.46
C LYS J 652 66.96 1.50 -23.53
N GLU J 653 67.23 0.22 -23.75
CA GLU J 653 66.63 -0.85 -22.95
C GLU J 653 67.26 -0.85 -21.56
N GLY J 654 66.45 -0.50 -20.55
CA GLY J 654 66.93 -0.45 -19.18
C GLY J 654 66.59 0.88 -18.51
N ASP J 655 66.12 1.83 -19.30
CA ASP J 655 65.77 3.15 -18.77
C ASP J 655 64.44 3.10 -18.03
N SER J 656 64.14 4.19 -17.32
CA SER J 656 62.87 4.34 -16.59
C SER J 656 62.28 5.67 -17.02
N LEU J 657 61.40 5.62 -18.03
CA LEU J 657 60.86 6.82 -18.64
C LEU J 657 59.73 7.41 -17.80
N ALA J 658 59.33 8.62 -18.16
CA ALA J 658 58.20 9.33 -17.57
C ALA J 658 57.17 9.60 -18.66
N VAL J 659 56.08 10.27 -18.28
CA VAL J 659 55.00 10.51 -19.22
C VAL J 659 55.49 11.43 -20.33
N ASP J 660 55.17 11.06 -21.57
CA ASP J 660 55.53 11.87 -22.75
C ASP J 660 57.03 12.04 -22.86
N ALA J 661 57.77 10.95 -22.69
CA ALA J 661 59.20 10.93 -22.92
C ALA J 661 59.48 10.38 -24.31
N VAL J 662 60.55 10.88 -24.93
CA VAL J 662 60.87 10.53 -26.30
C VAL J 662 61.52 9.16 -26.35
N ILE J 663 61.00 8.29 -27.21
CA ILE J 663 61.58 6.98 -27.46
C ILE J 663 62.22 6.91 -28.84
N LEU J 664 61.61 7.55 -29.84
CA LEU J 664 62.18 7.60 -31.18
C LEU J 664 61.43 8.63 -32.01
N GLU J 665 62.08 9.08 -33.08
CA GLU J 665 61.48 9.96 -34.07
C GLU J 665 61.45 9.24 -35.41
N PHE J 666 60.48 9.60 -36.24
CA PHE J 666 60.38 9.05 -37.58
C PHE J 666 61.12 9.92 -38.57
N GLU K 458 2.02 -66.40 -16.90
CA GLU K 458 2.68 -65.23 -17.48
C GLU K 458 2.72 -65.32 -19.01
N PRO K 459 2.97 -64.20 -19.67
CA PRO K 459 3.01 -64.20 -21.13
C PRO K 459 4.34 -64.67 -21.67
N GLU K 460 4.30 -65.22 -22.89
CA GLU K 460 5.48 -65.67 -23.59
C GLU K 460 5.22 -65.57 -25.09
N GLY K 461 6.30 -65.49 -25.85
CA GLY K 461 6.21 -65.47 -27.29
C GLY K 461 5.53 -64.22 -27.82
N PRO K 462 4.94 -64.32 -29.02
CA PRO K 462 4.40 -63.12 -29.68
C PRO K 462 3.45 -62.33 -28.81
N VAL K 463 2.81 -63.01 -27.85
CA VAL K 463 1.92 -62.31 -26.92
C VAL K 463 2.70 -61.26 -26.15
N ALA K 464 3.70 -61.69 -25.38
CA ALA K 464 4.48 -60.77 -24.56
C ALA K 464 4.91 -59.56 -25.37
N HIS K 465 5.59 -59.81 -26.49
CA HIS K 465 6.02 -58.73 -27.38
C HIS K 465 4.92 -57.70 -27.55
N ARG K 466 3.76 -58.15 -28.03
CA ARG K 466 2.64 -57.23 -28.25
C ARG K 466 2.41 -56.36 -27.01
N LEU K 467 2.20 -57.01 -25.86
CA LEU K 467 1.98 -56.26 -24.63
C LEU K 467 3.07 -55.22 -24.43
N ALA K 468 4.34 -55.64 -24.53
CA ALA K 468 5.43 -54.71 -24.34
C ALA K 468 5.25 -53.49 -25.23
N ALA K 469 5.03 -53.71 -26.52
CA ALA K 469 4.84 -52.60 -27.44
C ALA K 469 3.76 -51.66 -26.92
N VAL K 470 2.59 -52.21 -26.58
CA VAL K 470 1.50 -51.37 -26.11
C VAL K 470 1.96 -50.54 -24.93
N ALA K 471 2.63 -51.18 -23.96
CA ALA K 471 3.13 -50.43 -22.81
C ALA K 471 3.90 -49.20 -23.28
N ALA K 472 4.90 -49.42 -24.13
CA ALA K 472 5.69 -48.31 -24.63
C ALA K 472 4.77 -47.20 -25.14
N ALA K 473 3.86 -47.56 -26.04
CA ALA K 473 2.97 -46.55 -26.62
C ALA K 473 2.30 -45.74 -25.54
N ILE K 474 1.66 -46.41 -24.58
CA ILE K 474 0.96 -45.69 -23.51
C ILE K 474 1.92 -44.69 -22.88
N ASP K 475 3.07 -45.17 -22.41
CA ASP K 475 4.07 -44.29 -21.81
C ASP K 475 4.28 -43.07 -22.69
N HIS K 476 4.65 -43.31 -23.96
CA HIS K 476 4.94 -42.22 -24.87
C HIS K 476 3.84 -41.17 -24.81
N LYS K 477 2.59 -41.61 -25.05
CA LYS K 477 1.47 -40.68 -25.07
C LYS K 477 1.50 -39.81 -23.82
N LEU K 478 1.50 -40.44 -22.66
CA LEU K 478 1.46 -39.68 -21.42
C LEU K 478 2.61 -38.68 -21.36
N ASN K 479 3.82 -39.14 -21.64
CA ASN K 479 4.98 -38.26 -21.59
C ASN K 479 4.75 -37.02 -22.45
N ILE K 480 4.26 -37.22 -23.67
CA ILE K 480 4.02 -36.08 -24.55
C ILE K 480 3.15 -35.05 -23.83
N ARG K 481 2.00 -35.50 -23.33
CA ARG K 481 1.09 -34.58 -22.66
C ARG K 481 1.80 -33.90 -21.50
N LYS K 482 2.57 -34.67 -20.73
CA LYS K 482 3.21 -34.14 -19.54
C LYS K 482 4.18 -33.03 -19.87
N ARG K 483 4.75 -33.02 -21.07
CA ARG K 483 5.74 -32.01 -21.40
C ARG K 483 5.10 -30.69 -21.82
N GLY K 484 3.78 -30.61 -21.85
CA GLY K 484 3.10 -29.36 -22.12
C GLY K 484 2.64 -28.59 -20.89
N ILE K 485 3.19 -28.91 -19.72
CA ILE K 485 2.79 -28.25 -18.49
C ILE K 485 3.19 -26.77 -18.54
N SER K 486 2.36 -25.94 -17.91
CA SER K 486 2.59 -24.51 -17.86
C SER K 486 3.67 -24.16 -16.82
N GLY K 487 4.27 -22.99 -17.01
CA GLY K 487 5.19 -22.43 -16.03
C GLY K 487 6.64 -22.85 -16.17
N GLN K 488 7.06 -23.34 -17.32
CA GLN K 488 8.42 -23.85 -17.47
C GLN K 488 9.40 -22.70 -17.71
N MET K 489 10.66 -22.95 -17.36
CA MET K 489 11.67 -21.90 -17.39
C MET K 489 11.93 -21.44 -18.82
N ARG K 490 12.15 -22.37 -19.74
CA ARG K 490 12.21 -22.05 -21.16
C ARG K 490 11.31 -22.98 -21.96
N ASP K 491 11.36 -22.88 -23.28
CA ASP K 491 10.37 -23.56 -24.12
C ASP K 491 10.67 -25.06 -24.19
N PRO K 492 9.64 -25.91 -24.18
CA PRO K 492 9.92 -27.36 -24.20
C PRO K 492 10.45 -27.86 -25.52
N SER K 493 10.10 -27.20 -26.63
CA SER K 493 10.66 -27.58 -27.93
C SER K 493 12.18 -27.65 -27.90
N LEU K 494 12.81 -27.00 -26.93
CA LEU K 494 14.25 -27.01 -26.74
C LEU K 494 14.74 -28.24 -25.97
N LEU K 495 13.83 -29.16 -25.60
CA LEU K 495 14.20 -30.34 -24.85
C LEU K 495 14.43 -31.51 -25.80
N THR K 496 14.67 -32.68 -25.22
CA THR K 496 14.98 -33.88 -25.98
C THR K 496 14.29 -35.10 -25.37
N PHE K 497 13.87 -36.01 -26.23
CA PHE K 497 13.27 -37.27 -25.81
C PHE K 497 14.21 -38.42 -26.17
N GLN K 498 14.56 -39.23 -25.17
CA GLN K 498 15.41 -40.38 -25.41
C GLN K 498 14.64 -41.46 -26.15
N ARG K 499 15.28 -42.08 -27.14
CA ARG K 499 14.64 -43.09 -27.95
C ARG K 499 14.70 -44.46 -27.31
N GLU K 500 15.80 -44.77 -26.61
CA GLU K 500 16.00 -46.10 -26.06
C GLU K 500 15.25 -46.24 -24.75
N ARG K 501 14.45 -47.30 -24.63
CA ARG K 501 13.65 -47.56 -23.45
C ARG K 501 13.78 -49.01 -23.05
N VAL K 502 13.46 -49.28 -21.79
CA VAL K 502 13.48 -50.63 -21.23
C VAL K 502 12.12 -50.91 -20.62
N VAL K 503 11.44 -51.92 -21.14
CA VAL K 503 10.13 -52.35 -20.65
C VAL K 503 10.33 -53.58 -19.79
N VAL K 504 9.99 -53.46 -18.50
CA VAL K 504 10.03 -54.57 -17.57
C VAL K 504 8.61 -55.10 -17.42
N LEU K 505 8.45 -56.40 -17.68
CA LEU K 505 7.15 -57.06 -17.80
C LEU K 505 7.16 -58.27 -16.88
N SER K 506 6.81 -58.06 -15.61
CA SER K 506 6.74 -59.12 -14.60
C SER K 506 7.98 -60.00 -14.64
N GLY K 507 9.14 -59.36 -14.44
CA GLY K 507 10.40 -60.06 -14.41
C GLY K 507 10.82 -60.56 -15.78
N GLN K 508 10.78 -59.69 -16.78
CA GLN K 508 11.23 -60.01 -18.12
C GLN K 508 11.48 -58.71 -18.85
N ARG K 509 12.73 -58.48 -19.24
CA ARG K 509 13.15 -57.19 -19.78
C ARG K 509 13.13 -57.19 -21.30
N PHE K 510 12.70 -56.06 -21.87
CA PHE K 510 12.71 -55.84 -23.31
C PHE K 510 13.36 -54.49 -23.58
N ASN K 511 14.50 -54.52 -24.27
CA ASN K 511 15.11 -53.29 -24.76
C ASN K 511 14.44 -52.89 -26.07
N VAL K 512 13.98 -51.64 -26.14
CA VAL K 512 13.17 -51.20 -27.28
C VAL K 512 13.59 -49.80 -27.70
N THR K 513 13.18 -49.43 -28.91
CA THR K 513 13.36 -48.11 -29.47
C THR K 513 12.02 -47.64 -29.99
N VAL K 514 11.66 -46.40 -29.68
CA VAL K 514 10.35 -45.86 -30.02
C VAL K 514 10.54 -44.66 -30.93
N ASP K 515 9.74 -44.60 -32.01
CA ASP K 515 9.82 -43.50 -32.96
C ASP K 515 8.41 -43.13 -33.43
N PRO K 516 8.04 -41.84 -33.40
CA PRO K 516 6.70 -41.44 -33.84
C PRO K 516 6.62 -41.44 -35.36
N ASP K 517 5.73 -42.27 -35.91
CA ASP K 517 5.49 -42.32 -37.35
C ASP K 517 4.30 -41.40 -37.65
N GLY K 518 4.58 -40.11 -37.67
CA GLY K 518 3.60 -39.14 -38.09
C GLY K 518 2.48 -38.98 -37.09
N ASP K 519 1.67 -40.04 -36.97
CA ASP K 519 0.55 -40.05 -36.04
C ASP K 519 0.60 -41.30 -35.17
N ASP K 520 1.13 -42.39 -35.71
CA ASP K 520 1.20 -43.67 -35.02
C ASP K 520 2.57 -43.83 -34.37
N LEU K 521 2.85 -45.01 -33.81
CA LEU K 521 4.15 -45.24 -33.20
C LEU K 521 4.81 -46.46 -33.83
N LEU K 522 6.15 -46.48 -33.78
CA LEU K 522 6.93 -47.60 -34.29
C LEU K 522 7.86 -48.06 -33.17
N VAL K 523 7.77 -49.34 -32.82
CA VAL K 523 8.52 -49.92 -31.72
C VAL K 523 9.45 -50.99 -32.30
N THR K 524 10.74 -50.82 -32.10
CA THR K 524 11.75 -51.74 -32.61
C THR K 524 12.42 -52.47 -31.46
N PHE K 525 12.61 -53.77 -31.65
CA PHE K 525 13.22 -54.63 -30.64
C PHE K 525 14.66 -54.95 -31.01
N ASP K 526 15.33 -55.66 -30.10
CA ASP K 526 16.73 -56.02 -30.34
C ASP K 526 16.87 -57.03 -31.47
N ASP K 527 15.83 -57.85 -31.69
CA ASP K 527 15.85 -58.83 -32.76
C ASP K 527 15.70 -58.21 -34.14
N GLY K 528 15.62 -56.89 -34.24
CA GLY K 528 15.37 -56.22 -35.49
C GLY K 528 13.92 -56.21 -35.94
N THR K 529 13.06 -56.97 -35.27
CA THR K 529 11.65 -57.01 -35.62
C THR K 529 10.96 -55.74 -35.13
N THR K 530 10.14 -55.16 -36.00
CA THR K 530 9.42 -53.93 -35.70
C THR K 530 7.96 -54.23 -35.39
N ALA K 531 7.28 -53.20 -34.89
CA ALA K 531 5.85 -53.26 -34.64
C ALA K 531 5.26 -51.86 -34.69
N PRO K 532 4.41 -51.56 -35.67
CA PRO K 532 3.65 -50.31 -35.61
C PRO K 532 2.44 -50.44 -34.69
N VAL K 533 2.16 -49.37 -33.97
CA VAL K 533 1.09 -49.34 -32.99
C VAL K 533 0.16 -48.19 -33.34
N ARG K 534 -1.15 -48.48 -33.36
CA ARG K 534 -2.19 -47.51 -33.65
C ARG K 534 -3.38 -47.75 -32.74
N SER K 535 -3.95 -46.68 -32.20
CA SER K 535 -5.16 -46.77 -31.39
C SER K 535 -5.67 -45.36 -31.14
N ALA K 536 -6.90 -45.28 -30.64
CA ALA K 536 -7.49 -44.03 -30.19
C ALA K 536 -7.77 -44.07 -28.69
N TRP K 537 -7.04 -44.90 -27.96
CA TRP K 537 -7.22 -45.02 -26.52
C TRP K 537 -6.98 -43.68 -25.84
N ARG K 538 -7.71 -43.45 -24.75
CA ARG K 538 -7.55 -42.25 -23.96
C ARG K 538 -7.39 -42.63 -22.49
N PRO K 539 -6.45 -41.99 -21.78
CA PRO K 539 -6.30 -42.27 -20.36
C PRO K 539 -7.63 -42.20 -19.62
N GLY K 540 -7.95 -43.26 -18.89
CA GLY K 540 -9.21 -43.42 -18.20
C GLY K 540 -10.06 -44.57 -18.74
N ALA K 541 -9.96 -44.83 -20.04
CA ALA K 541 -10.72 -45.92 -20.61
C ALA K 541 -10.13 -47.26 -20.17
N PRO K 542 -10.96 -48.25 -19.83
CA PRO K 542 -10.44 -49.52 -19.32
C PRO K 542 -10.06 -50.55 -20.38
N VAL K 543 -10.17 -50.22 -21.67
CA VAL K 543 -9.84 -51.16 -22.74
C VAL K 543 -9.05 -50.43 -23.81
N TRP K 544 -7.85 -50.94 -24.10
CA TRP K 544 -7.01 -50.42 -25.17
C TRP K 544 -7.25 -51.28 -26.41
N SER K 545 -7.93 -50.72 -27.39
CA SER K 545 -8.25 -51.42 -28.63
C SER K 545 -7.48 -50.77 -29.77
N GLY K 546 -6.90 -51.60 -30.64
CA GLY K 546 -6.14 -51.05 -31.75
C GLY K 546 -5.40 -52.12 -32.51
N THR K 547 -4.33 -51.70 -33.17
CA THR K 547 -3.55 -52.57 -34.05
C THR K 547 -2.08 -52.51 -33.68
N VAL K 548 -1.46 -53.69 -33.61
CA VAL K 548 -0.04 -53.85 -33.32
C VAL K 548 0.53 -54.73 -34.42
N GLY K 549 1.07 -54.11 -35.47
CA GLY K 549 1.72 -54.86 -36.53
C GLY K 549 0.81 -55.83 -37.26
N ASP K 550 -0.17 -55.29 -38.00
CA ASP K 550 -1.07 -56.10 -38.83
C ASP K 550 -1.80 -57.14 -37.99
N GLN K 551 -2.43 -56.69 -36.92
CA GLN K 551 -3.23 -57.56 -36.08
C GLN K 551 -4.03 -56.70 -35.12
N SER K 552 -5.31 -57.03 -34.96
CA SER K 552 -6.22 -56.27 -34.12
C SER K 552 -6.28 -56.89 -32.73
N VAL K 553 -6.14 -56.05 -31.70
CA VAL K 553 -6.11 -56.53 -30.32
C VAL K 553 -6.86 -55.59 -29.41
N ALA K 554 -7.31 -56.15 -28.29
CA ALA K 554 -7.91 -55.41 -27.18
C ALA K 554 -7.28 -55.91 -25.90
N ILE K 555 -6.69 -54.99 -25.13
CA ILE K 555 -6.03 -55.30 -23.87
C ILE K 555 -6.81 -54.62 -22.75
N GLN K 556 -6.94 -55.30 -21.62
CA GLN K 556 -7.53 -54.71 -20.44
C GLN K 556 -6.43 -54.00 -19.65
N VAL K 557 -6.61 -52.69 -19.44
CA VAL K 557 -5.63 -51.83 -18.79
C VAL K 557 -6.16 -51.41 -17.43
N ARG K 558 -5.32 -51.49 -16.41
CA ARG K 558 -5.61 -50.90 -15.12
C ARG K 558 -4.39 -50.13 -14.63
N PRO K 559 -4.59 -49.10 -13.81
CA PRO K 559 -3.46 -48.28 -13.36
C PRO K 559 -2.68 -48.97 -12.26
N LEU K 560 -1.41 -48.60 -12.14
CA LEU K 560 -0.52 -49.18 -11.15
C LEU K 560 0.51 -48.13 -10.78
N LEU K 561 1.04 -48.26 -9.57
CA LEU K 561 2.00 -47.28 -9.06
C LEU K 561 3.24 -47.26 -9.94
N ASN K 562 3.43 -46.16 -10.67
CA ASN K 562 4.51 -46.01 -11.65
C ASN K 562 4.42 -47.01 -12.80
N GLY K 563 3.21 -47.45 -13.16
CA GLY K 563 3.08 -48.37 -14.27
C GLY K 563 1.65 -48.75 -14.57
N VAL K 564 1.49 -49.84 -15.32
CA VAL K 564 0.16 -50.34 -15.67
C VAL K 564 0.11 -51.84 -15.42
N PHE K 565 -1.12 -52.35 -15.35
CA PHE K 565 -1.39 -53.78 -15.29
C PHE K 565 -2.23 -54.15 -16.50
N LEU K 566 -1.76 -55.14 -17.25
CA LEU K 566 -2.29 -55.45 -18.57
C LEU K 566 -2.75 -56.89 -18.63
N GLN K 567 -3.86 -57.12 -19.34
CA GLN K 567 -4.38 -58.46 -19.56
C GLN K 567 -4.71 -58.64 -21.03
N HIS K 568 -4.26 -59.76 -21.60
CA HIS K 568 -4.44 -60.05 -23.01
C HIS K 568 -4.17 -61.53 -23.26
N ALA K 569 -5.04 -62.15 -24.05
CA ALA K 569 -4.90 -63.55 -24.45
C ALA K 569 -4.66 -64.45 -23.24
N GLY K 570 -5.48 -64.25 -22.21
CA GLY K 570 -5.39 -65.09 -21.03
C GLY K 570 -4.11 -64.94 -20.23
N ALA K 571 -3.33 -63.90 -20.51
CA ALA K 571 -2.11 -63.62 -19.77
C ALA K 571 -2.23 -62.26 -19.10
N ALA K 572 -1.55 -62.12 -17.97
CA ALA K 572 -1.58 -60.88 -17.19
C ALA K 572 -0.16 -60.51 -16.78
N ALA K 573 0.14 -59.22 -16.83
CA ALA K 573 1.48 -58.76 -16.51
C ALA K 573 1.46 -57.33 -15.97
N GLU K 574 2.32 -57.08 -15.00
CA GLU K 574 2.63 -55.72 -14.59
C GLU K 574 3.72 -55.17 -15.49
N ALA K 575 3.54 -53.93 -15.94
CA ALA K 575 4.40 -53.33 -16.95
C ALA K 575 4.90 -51.98 -16.47
N ARG K 576 6.22 -51.81 -16.50
CA ARG K 576 6.89 -50.57 -16.15
C ARG K 576 7.88 -50.22 -17.25
N VAL K 577 8.02 -48.94 -17.54
CA VAL K 577 8.87 -48.47 -18.62
C VAL K 577 9.87 -47.48 -18.04
N PHE K 578 11.16 -47.77 -18.23
CA PHE K 578 12.25 -46.92 -17.74
C PHE K 578 13.14 -46.50 -18.90
N THR K 579 14.03 -45.55 -18.60
CA THR K 579 15.24 -45.34 -19.39
C THR K 579 16.34 -46.28 -18.90
N ARG K 580 17.44 -46.31 -19.64
CA ARG K 580 18.54 -47.23 -19.31
C ARG K 580 19.05 -46.98 -17.89
N ARG K 581 19.38 -45.74 -17.57
CA ARG K 581 19.94 -45.42 -16.26
C ARG K 581 18.92 -45.68 -15.15
N GLU K 582 17.68 -45.28 -15.35
CA GLU K 582 16.65 -45.55 -14.35
C GLU K 582 16.48 -47.04 -14.14
N ALA K 583 16.58 -47.82 -15.22
CA ALA K 583 16.46 -49.27 -15.10
C ALA K 583 17.61 -49.86 -14.30
N GLU K 584 18.84 -49.42 -14.57
CA GLU K 584 19.96 -49.98 -13.83
C GLU K 584 19.93 -49.56 -12.38
N LEU K 585 19.35 -48.40 -12.07
CA LEU K 585 19.17 -48.03 -10.66
C LEU K 585 18.05 -48.85 -10.02
N ALA K 586 17.00 -49.17 -10.79
CA ALA K 586 15.94 -50.02 -10.27
C ALA K 586 16.44 -51.43 -9.98
N ASP K 587 17.41 -51.90 -10.74
CA ASP K 587 17.99 -53.22 -10.50
C ASP K 587 18.76 -53.29 -9.18
N LEU K 588 19.02 -52.15 -8.54
CA LEU K 588 19.68 -52.16 -7.23
C LEU K 588 18.71 -52.36 -6.08
N MET K 589 17.41 -52.29 -6.33
CA MET K 589 16.44 -52.43 -5.25
C MET K 589 16.16 -53.90 -4.99
N PRO K 590 16.06 -54.32 -3.72
CA PRO K 590 15.85 -55.74 -3.44
C PRO K 590 14.37 -56.12 -3.44
N VAL K 591 14.15 -57.41 -3.71
CA VAL K 591 12.81 -57.98 -3.61
C VAL K 591 12.50 -58.26 -2.15
N LYS K 592 11.34 -57.79 -1.69
CA LYS K 592 10.92 -57.97 -0.32
C LYS K 592 9.77 -58.98 -0.26
N GLU K 593 9.72 -59.74 0.84
CA GLU K 593 8.68 -60.71 1.07
C GLU K 593 7.76 -60.24 2.17
N ASN K 594 6.46 -60.47 2.00
CA ASN K 594 5.49 -60.07 3.00
C ASN K 594 5.56 -60.99 4.22
N ALA K 595 5.28 -60.42 5.39
CA ALA K 595 5.35 -61.21 6.62
C ALA K 595 4.32 -62.33 6.60
N GLY K 596 3.06 -62.00 6.38
CA GLY K 596 2.00 -62.99 6.31
C GLY K 596 1.18 -63.08 7.57
N SER K 597 -0.12 -62.77 7.45
CA SER K 597 -1.02 -62.89 8.59
C SER K 597 -0.99 -64.30 9.14
N GLY K 598 -1.45 -64.45 10.39
CA GLY K 598 -1.42 -65.77 11.00
C GLY K 598 -2.46 -66.08 12.07
N LYS K 599 -3.21 -67.16 11.84
CA LYS K 599 -3.82 -67.94 12.91
C LYS K 599 -5.04 -67.29 13.57
N GLN K 600 -5.34 -66.04 13.25
CA GLN K 600 -6.36 -65.31 14.01
C GLN K 600 -7.17 -64.42 13.10
N LEU K 601 -8.39 -64.09 13.57
CA LEU K 601 -9.21 -63.03 12.98
C LEU K 601 -9.70 -62.16 14.15
N LEU K 602 -8.98 -61.08 14.42
CA LEU K 602 -9.33 -60.20 15.52
C LEU K 602 -10.35 -59.17 15.07
N CYS K 603 -11.25 -58.80 15.98
CA CYS K 603 -12.25 -57.79 15.69
C CYS K 603 -11.63 -56.41 15.83
N PRO K 604 -11.54 -55.61 14.75
CA PRO K 604 -10.87 -54.31 14.86
C PRO K 604 -11.73 -53.20 15.44
N MET K 605 -13.06 -53.39 15.51
CA MET K 605 -13.96 -52.39 16.05
C MET K 605 -14.89 -53.01 17.07
N PRO K 606 -15.23 -52.29 18.14
CA PRO K 606 -16.21 -52.84 19.10
C PRO K 606 -17.63 -52.73 18.57
N GLY K 607 -18.36 -53.83 18.65
CA GLY K 607 -19.73 -53.83 18.17
C GLY K 607 -20.36 -55.20 18.32
N LEU K 608 -21.52 -55.35 17.69
CA LEU K 608 -22.30 -56.58 17.76
C LEU K 608 -22.03 -57.45 16.53
N VAL K 609 -22.08 -58.75 16.73
CA VAL K 609 -21.91 -59.72 15.64
C VAL K 609 -23.29 -60.00 15.05
N LYS K 610 -23.49 -59.63 13.79
CA LYS K 610 -24.80 -59.75 13.17
C LYS K 610 -24.92 -60.95 12.23
N GLN K 611 -23.81 -61.48 11.74
CA GLN K 611 -23.88 -62.62 10.84
C GLN K 611 -22.49 -63.24 10.71
N ILE K 612 -22.47 -64.56 10.52
CA ILE K 612 -21.26 -65.31 10.23
C ILE K 612 -21.55 -66.21 9.05
N MET K 613 -20.75 -66.08 7.98
CA MET K 613 -21.03 -66.72 6.72
C MET K 613 -20.24 -68.02 6.49
N VAL K 614 -19.33 -68.35 7.39
CA VAL K 614 -18.49 -69.54 7.23
C VAL K 614 -18.86 -70.56 8.31
N SER K 615 -18.33 -71.77 8.16
CA SER K 615 -18.50 -72.83 9.12
C SER K 615 -17.16 -73.49 9.39
N GLU K 616 -17.07 -74.20 10.51
CA GLU K 616 -15.83 -74.90 10.85
C GLU K 616 -15.52 -75.94 9.79
N GLY K 617 -14.22 -76.14 9.54
CA GLY K 617 -13.80 -77.09 8.55
C GLY K 617 -14.00 -76.66 7.12
N GLN K 618 -14.10 -75.35 6.88
CA GLN K 618 -14.28 -74.81 5.53
C GLN K 618 -13.02 -74.07 5.10
N GLU K 619 -12.74 -74.10 3.80
CA GLU K 619 -11.59 -73.44 3.22
C GLU K 619 -12.01 -72.12 2.59
N VAL K 620 -11.16 -71.11 2.70
CA VAL K 620 -11.45 -69.77 2.19
C VAL K 620 -10.23 -69.26 1.44
N LYS K 621 -10.47 -68.32 0.52
CA LYS K 621 -9.43 -67.68 -0.25
C LYS K 621 -9.36 -66.19 0.11
N ASN K 622 -8.16 -65.63 -0.02
CA ASN K 622 -7.93 -64.24 0.37
C ASN K 622 -9.03 -63.33 -0.17
N GLY K 623 -9.48 -62.41 0.68
CA GLY K 623 -10.50 -61.46 0.30
C GLY K 623 -11.92 -61.93 0.47
N GLU K 624 -12.13 -63.09 1.10
CA GLU K 624 -13.49 -63.61 1.23
C GLU K 624 -14.14 -63.11 2.52
N PRO K 625 -15.41 -62.74 2.49
CA PRO K 625 -16.07 -62.28 3.72
C PRO K 625 -16.21 -63.42 4.73
N LEU K 626 -16.11 -63.05 6.00
CA LEU K 626 -16.22 -64.01 7.09
C LEU K 626 -17.25 -63.64 8.14
N ALA K 627 -17.49 -62.36 8.39
CA ALA K 627 -18.43 -61.95 9.42
C ALA K 627 -18.86 -60.51 9.16
N ILE K 628 -19.86 -60.08 9.92
CA ILE K 628 -20.39 -58.72 9.85
C ILE K 628 -20.56 -58.21 11.28
N VAL K 629 -19.97 -57.04 11.55
CA VAL K 629 -20.04 -56.41 12.86
C VAL K 629 -20.68 -55.04 12.71
N GLU K 630 -21.60 -54.74 13.63
CA GLU K 630 -22.39 -53.52 13.62
C GLU K 630 -21.95 -52.61 14.76
N ALA K 631 -21.82 -51.32 14.46
CA ALA K 631 -21.44 -50.33 15.45
C ALA K 631 -21.87 -48.95 14.97
N MET K 632 -22.51 -48.19 15.87
CA MET K 632 -22.99 -46.84 15.55
C MET K 632 -23.92 -46.86 14.35
N LYS K 633 -24.80 -47.87 14.29
CA LYS K 633 -25.79 -48.07 13.18
C LYS K 633 -25.13 -48.13 11.79
N MET K 634 -24.04 -48.87 11.67
CA MET K 634 -23.42 -49.10 10.37
C MET K 634 -22.71 -50.45 10.39
N GLU K 635 -23.03 -51.29 9.41
CA GLU K 635 -22.40 -52.61 9.30
C GLU K 635 -20.93 -52.46 8.90
N ASN K 636 -20.18 -53.55 9.11
CA ASN K 636 -18.76 -53.60 8.78
C ASN K 636 -18.41 -55.03 8.41
N VAL K 637 -18.03 -55.26 7.16
CA VAL K 637 -17.71 -56.59 6.66
C VAL K 637 -16.23 -56.87 6.91
N LEU K 638 -15.95 -57.94 7.64
CA LEU K 638 -14.59 -58.42 7.83
C LEU K 638 -14.29 -59.48 6.78
N ARG K 639 -13.16 -59.33 6.09
CA ARG K 639 -12.79 -60.22 5.00
C ARG K 639 -11.51 -60.97 5.37
N ALA K 640 -11.34 -62.14 4.76
CA ALA K 640 -10.17 -62.96 5.02
C ALA K 640 -8.94 -62.31 4.39
N GLU K 641 -7.87 -62.21 5.16
CA GLU K 641 -6.62 -61.64 4.69
C GLU K 641 -5.66 -62.68 4.15
N ARG K 642 -5.90 -63.97 4.43
CA ARG K 642 -5.06 -65.05 3.96
C ARG K 642 -5.94 -66.23 3.56
N ASP K 643 -5.34 -67.19 2.88
CA ASP K 643 -6.03 -68.43 2.52
C ASP K 643 -5.77 -69.49 3.58
N GLY K 644 -6.77 -70.32 3.84
CA GLY K 644 -6.64 -71.35 4.85
C GLY K 644 -7.95 -72.06 5.07
N THR K 645 -8.02 -72.78 6.19
CA THR K 645 -9.21 -73.53 6.56
C THR K 645 -9.68 -73.08 7.94
N ILE K 646 -11.00 -73.07 8.14
CA ILE K 646 -11.58 -72.64 9.40
C ILE K 646 -11.46 -73.79 10.39
N SER K 647 -10.81 -73.53 11.52
CA SER K 647 -10.62 -74.51 12.59
C SER K 647 -11.62 -74.33 13.73
N LYS K 648 -11.74 -73.11 14.25
CA LYS K 648 -12.54 -72.84 15.44
C LYS K 648 -13.31 -71.55 15.25
N ILE K 649 -14.42 -71.44 15.98
CA ILE K 649 -15.23 -70.23 16.02
C ILE K 649 -15.48 -69.90 17.49
N ALA K 650 -15.00 -68.74 17.93
CA ALA K 650 -15.14 -68.35 19.33
C ALA K 650 -16.48 -67.67 19.59
N ALA K 651 -16.76 -66.60 18.85
CA ALA K 651 -17.98 -65.83 19.01
C ALA K 651 -18.93 -66.09 17.86
N LYS K 652 -20.23 -65.94 18.12
CA LYS K 652 -21.25 -66.12 17.10
C LYS K 652 -22.36 -65.10 17.32
N GLU K 653 -23.34 -65.12 16.40
CA GLU K 653 -24.36 -64.09 16.35
C GLU K 653 -24.95 -63.78 17.72
N GLY K 654 -25.05 -62.49 18.02
CA GLY K 654 -25.77 -62.01 19.18
C GLY K 654 -24.91 -61.40 20.27
N ASP K 655 -23.60 -61.65 20.26
CA ASP K 655 -22.73 -61.26 21.35
C ASP K 655 -21.92 -60.03 20.99
N SER K 656 -21.70 -59.17 21.99
CA SER K 656 -20.91 -57.96 21.82
C SER K 656 -19.44 -58.26 22.04
N LEU K 657 -18.59 -57.64 21.22
CA LEU K 657 -17.16 -57.89 21.24
C LEU K 657 -16.42 -56.57 21.47
N ALA K 658 -15.34 -56.64 22.24
CA ALA K 658 -14.47 -55.51 22.46
C ALA K 658 -13.38 -55.49 21.38
N VAL K 659 -12.62 -54.39 21.36
CA VAL K 659 -11.58 -54.25 20.36
C VAL K 659 -10.53 -55.34 20.55
N ASP K 660 -10.05 -55.87 19.43
CA ASP K 660 -9.05 -56.94 19.42
C ASP K 660 -9.55 -58.16 20.20
N ALA K 661 -10.75 -58.61 19.83
CA ALA K 661 -11.33 -59.84 20.36
C ALA K 661 -11.26 -60.94 19.31
N VAL K 662 -11.26 -62.18 19.78
CA VAL K 662 -11.09 -63.34 18.89
C VAL K 662 -12.44 -63.75 18.34
N ILE K 663 -12.55 -63.77 17.01
CA ILE K 663 -13.74 -64.27 16.33
C ILE K 663 -13.52 -65.70 15.84
N LEU K 664 -12.39 -65.97 15.21
CA LEU K 664 -12.07 -67.32 14.74
C LEU K 664 -10.58 -67.42 14.49
N GLU K 665 -10.15 -68.65 14.19
CA GLU K 665 -8.74 -68.98 14.00
C GLU K 665 -8.63 -69.96 12.85
N PHE K 666 -7.68 -69.71 11.95
CA PHE K 666 -7.48 -70.57 10.79
C PHE K 666 -6.78 -71.87 11.18
N PRO L 457 -43.65 -3.11 -53.40
CA PRO L 457 -44.19 -4.46 -53.27
C PRO L 457 -43.28 -5.39 -52.48
N GLU L 458 -43.86 -6.38 -51.83
CA GLU L 458 -43.07 -7.37 -51.12
C GLU L 458 -42.48 -8.37 -52.10
N PRO L 459 -41.43 -9.09 -51.69
CA PRO L 459 -40.80 -10.05 -52.59
C PRO L 459 -41.71 -11.23 -52.89
N GLU L 460 -41.40 -11.92 -53.98
CA GLU L 460 -42.14 -13.11 -54.38
C GLU L 460 -41.20 -14.10 -55.06
N GLY L 461 -41.36 -15.38 -54.72
CA GLY L 461 -40.68 -16.45 -55.38
C GLY L 461 -39.17 -16.38 -55.29
N PRO L 462 -38.48 -16.52 -56.43
CA PRO L 462 -37.01 -16.55 -56.38
C PRO L 462 -36.40 -15.29 -55.80
N VAL L 463 -37.03 -14.14 -55.97
CA VAL L 463 -36.52 -12.91 -55.36
C VAL L 463 -36.51 -13.06 -53.84
N ALA L 464 -37.61 -13.54 -53.28
CA ALA L 464 -37.70 -13.74 -51.84
C ALA L 464 -36.68 -14.79 -51.38
N HIS L 465 -36.50 -15.84 -52.17
CA HIS L 465 -35.53 -16.88 -51.80
C HIS L 465 -34.11 -16.31 -51.75
N ARG L 466 -33.74 -15.52 -52.77
CA ARG L 466 -32.41 -14.92 -52.79
C ARG L 466 -32.22 -13.97 -51.62
N LEU L 467 -33.23 -13.14 -51.32
CA LEU L 467 -33.12 -12.20 -50.21
C LEU L 467 -32.96 -12.95 -48.88
N ALA L 468 -33.72 -14.03 -48.69
CA ALA L 468 -33.61 -14.81 -47.46
C ALA L 468 -32.22 -15.43 -47.33
N ALA L 469 -31.70 -15.98 -48.44
CA ALA L 469 -30.36 -16.55 -48.39
C ALA L 469 -29.31 -15.50 -48.01
N VAL L 470 -29.44 -14.30 -48.57
CA VAL L 470 -28.47 -13.25 -48.26
C VAL L 470 -28.58 -12.84 -46.79
N ALA L 471 -29.80 -12.71 -46.28
CA ALA L 471 -29.98 -12.39 -44.87
C ALA L 471 -29.29 -13.43 -43.99
N ALA L 472 -29.52 -14.71 -44.30
CA ALA L 472 -28.90 -15.78 -43.52
C ALA L 472 -27.37 -15.68 -43.57
N ALA L 473 -26.81 -15.43 -44.75
CA ALA L 473 -25.35 -15.35 -44.87
C ALA L 473 -24.79 -14.19 -44.05
N ILE L 474 -25.44 -13.02 -44.13
CA ILE L 474 -24.99 -11.87 -43.36
C ILE L 474 -25.02 -12.18 -41.87
N ASP L 475 -26.13 -12.76 -41.40
CA ASP L 475 -26.25 -13.11 -39.98
C ASP L 475 -25.15 -14.07 -39.56
N HIS L 476 -24.82 -15.04 -40.42
CA HIS L 476 -23.79 -16.01 -40.09
C HIS L 476 -22.43 -15.34 -39.92
N LYS L 477 -22.06 -14.48 -40.87
CA LYS L 477 -20.80 -13.74 -40.78
C LYS L 477 -20.74 -12.95 -39.47
N LEU L 478 -21.81 -12.23 -39.16
CA LEU L 478 -21.80 -11.38 -37.98
C LEU L 478 -21.68 -12.20 -36.70
N ASN L 479 -22.38 -13.34 -36.62
CA ASN L 479 -22.29 -14.15 -35.41
C ASN L 479 -20.91 -14.78 -35.26
N ILE L 480 -20.31 -15.22 -36.37
CA ILE L 480 -18.98 -15.79 -36.31
C ILE L 480 -17.98 -14.76 -35.79
N ARG L 481 -18.12 -13.50 -36.22
CA ARG L 481 -17.23 -12.48 -35.67
C ARG L 481 -17.54 -12.22 -34.20
N LYS L 482 -18.83 -12.18 -33.84
CA LYS L 482 -19.24 -11.95 -32.45
C LYS L 482 -18.57 -12.95 -31.51
N ARG L 483 -18.48 -14.21 -31.91
CA ARG L 483 -18.03 -15.25 -31.00
C ARG L 483 -16.54 -15.19 -30.68
N GLY L 484 -15.79 -14.23 -31.21
CA GLY L 484 -14.37 -14.10 -30.91
C GLY L 484 -14.04 -13.04 -29.87
N ILE L 485 -15.03 -12.65 -29.08
CA ILE L 485 -14.84 -11.60 -28.08
C ILE L 485 -13.88 -12.09 -27.00
N SER L 486 -13.06 -11.16 -26.49
CA SER L 486 -12.17 -11.43 -25.39
C SER L 486 -12.94 -11.56 -24.08
N GLY L 487 -12.31 -12.22 -23.11
CA GLY L 487 -12.84 -12.29 -21.76
C GLY L 487 -13.76 -13.44 -21.46
N GLN L 488 -13.76 -14.49 -22.29
CA GLN L 488 -14.74 -15.56 -22.16
C GLN L 488 -14.29 -16.59 -21.12
N MET L 489 -15.28 -17.20 -20.46
CA MET L 489 -15.00 -18.16 -19.40
C MET L 489 -14.22 -19.36 -19.92
N ARG L 490 -14.61 -19.88 -21.09
CA ARG L 490 -13.97 -21.04 -21.69
C ARG L 490 -13.62 -20.70 -23.14
N ASP L 491 -12.67 -21.45 -23.69
CA ASP L 491 -12.25 -21.20 -25.06
C ASP L 491 -13.43 -21.41 -26.00
N PRO L 492 -13.76 -20.43 -26.85
CA PRO L 492 -14.96 -20.57 -27.68
C PRO L 492 -14.93 -21.76 -28.63
N SER L 493 -13.74 -22.27 -28.97
CA SER L 493 -13.66 -23.44 -29.84
C SER L 493 -14.55 -24.57 -29.36
N LEU L 494 -14.85 -24.63 -28.06
CA LEU L 494 -15.64 -25.72 -27.47
C LEU L 494 -17.12 -25.36 -27.42
N LEU L 495 -17.70 -25.00 -28.57
CA LEU L 495 -19.10 -24.63 -28.63
C LEU L 495 -19.70 -25.08 -29.95
N THR L 496 -21.01 -24.92 -30.07
CA THR L 496 -21.76 -25.42 -31.21
C THR L 496 -22.67 -24.33 -31.75
N PHE L 497 -22.77 -24.28 -33.09
CA PHE L 497 -23.66 -23.36 -33.79
C PHE L 497 -24.91 -24.12 -34.22
N GLN L 498 -26.07 -23.52 -33.96
CA GLN L 498 -27.34 -24.16 -34.30
C GLN L 498 -27.60 -24.02 -35.79
N ARG L 499 -27.68 -25.15 -36.49
CA ARG L 499 -27.75 -25.14 -37.94
C ARG L 499 -29.11 -24.69 -38.45
N GLU L 500 -30.16 -24.89 -37.66
CA GLU L 500 -31.51 -24.54 -38.09
C GLU L 500 -31.80 -23.08 -37.77
N ARG L 501 -32.42 -22.38 -38.71
CA ARG L 501 -32.72 -20.97 -38.56
C ARG L 501 -34.06 -20.66 -39.22
N VAL L 502 -34.70 -19.60 -38.74
CA VAL L 502 -35.91 -19.07 -39.35
C VAL L 502 -35.61 -17.66 -39.85
N VAL L 503 -35.95 -17.39 -41.11
CA VAL L 503 -35.80 -16.08 -41.71
C VAL L 503 -37.19 -15.48 -41.88
N VAL L 504 -37.43 -14.36 -41.22
CA VAL L 504 -38.68 -13.62 -41.31
C VAL L 504 -38.46 -12.43 -42.22
N LEU L 505 -39.33 -12.28 -43.22
CA LEU L 505 -39.17 -11.34 -44.32
C LEU L 505 -40.53 -10.69 -44.57
N SER L 506 -40.78 -9.60 -43.85
CA SER L 506 -41.99 -8.78 -44.01
C SER L 506 -43.23 -9.64 -44.26
N GLY L 507 -43.49 -10.54 -43.32
CA GLY L 507 -44.68 -11.35 -43.34
C GLY L 507 -44.51 -12.75 -43.91
N GLN L 508 -43.36 -13.06 -44.49
CA GLN L 508 -43.06 -14.40 -44.96
C GLN L 508 -42.05 -15.07 -44.03
N ARG L 509 -42.05 -16.40 -44.05
CA ARG L 509 -41.17 -17.19 -43.21
C ARG L 509 -40.47 -18.24 -44.04
N PHE L 510 -39.21 -18.50 -43.72
CA PHE L 510 -38.44 -19.55 -44.37
C PHE L 510 -37.62 -20.27 -43.29
N ASN L 511 -37.97 -21.52 -43.02
CA ASN L 511 -37.14 -22.36 -42.17
C ASN L 511 -36.03 -22.95 -43.03
N VAL L 512 -34.78 -22.60 -42.70
CA VAL L 512 -33.63 -22.95 -43.53
C VAL L 512 -32.56 -23.57 -42.65
N THR L 513 -31.57 -24.18 -43.30
CA THR L 513 -30.36 -24.66 -42.66
C THR L 513 -29.16 -24.05 -43.35
N VAL L 514 -28.15 -23.70 -42.56
CA VAL L 514 -26.95 -23.04 -43.04
C VAL L 514 -25.76 -23.92 -42.74
N ASP L 515 -24.87 -24.09 -43.73
CA ASP L 515 -23.69 -24.92 -43.56
C ASP L 515 -22.52 -24.24 -44.27
N PRO L 516 -21.38 -24.08 -43.60
CA PRO L 516 -20.20 -23.53 -44.28
C PRO L 516 -19.61 -24.56 -45.24
N ASP L 517 -18.93 -24.05 -46.28
CA ASP L 517 -18.20 -24.91 -47.20
C ASP L 517 -16.77 -24.41 -47.36
N GLY L 518 -16.22 -23.83 -46.29
CA GLY L 518 -14.91 -23.22 -46.37
C GLY L 518 -15.00 -21.77 -46.77
N ASP L 519 -14.83 -21.50 -48.06
CA ASP L 519 -14.84 -20.13 -48.55
C ASP L 519 -16.24 -19.54 -48.55
N ASP L 520 -17.30 -20.27 -48.84
CA ASP L 520 -18.64 -19.66 -48.97
C ASP L 520 -19.63 -20.36 -48.02
N LEU L 521 -20.88 -20.19 -48.32
CA LEU L 521 -21.96 -20.69 -47.48
C LEU L 521 -22.96 -21.46 -48.32
N LEU L 522 -23.68 -22.37 -47.67
CA LEU L 522 -24.70 -23.17 -48.34
C LEU L 522 -25.98 -23.07 -47.54
N VAL L 523 -27.07 -22.65 -48.19
CA VAL L 523 -28.35 -22.42 -47.55
C VAL L 523 -29.36 -23.37 -48.17
N THR L 524 -29.97 -24.21 -47.34
CA THR L 524 -30.92 -25.23 -47.79
C THR L 524 -32.30 -24.93 -47.23
N PHE L 525 -33.28 -24.86 -48.12
CA PHE L 525 -34.66 -24.64 -47.74
C PHE L 525 -35.36 -25.97 -47.50
N ASP L 526 -36.65 -25.91 -47.14
CA ASP L 526 -37.38 -27.11 -46.78
C ASP L 526 -37.92 -27.85 -48.00
N ASP L 527 -38.10 -27.14 -49.12
CA ASP L 527 -38.60 -27.75 -50.35
C ASP L 527 -37.48 -28.36 -51.19
N GLY L 528 -36.34 -28.67 -50.57
CA GLY L 528 -35.19 -29.19 -51.28
C GLY L 528 -34.38 -28.16 -52.03
N THR L 529 -34.91 -26.95 -52.23
CA THR L 529 -34.15 -25.91 -52.88
C THR L 529 -32.88 -25.63 -52.11
N THR L 530 -31.80 -25.39 -52.84
CA THR L 530 -30.49 -25.14 -52.26
C THR L 530 -29.85 -23.93 -52.94
N ALA L 531 -28.94 -23.28 -52.23
CA ALA L 531 -28.31 -22.08 -52.77
C ALA L 531 -26.92 -21.88 -52.16
N PRO L 532 -25.87 -21.88 -52.96
CA PRO L 532 -24.57 -21.42 -52.46
C PRO L 532 -24.44 -19.91 -52.55
N VAL L 533 -23.90 -19.33 -51.49
CA VAL L 533 -23.77 -17.88 -51.35
C VAL L 533 -22.28 -17.55 -51.25
N ARG L 534 -21.85 -16.52 -51.97
CA ARG L 534 -20.44 -16.17 -52.14
C ARG L 534 -20.33 -14.66 -52.37
N SER L 535 -19.62 -13.97 -51.50
CA SER L 535 -19.40 -12.54 -51.63
C SER L 535 -18.28 -12.12 -50.70
N ALA L 536 -17.79 -10.90 -50.91
CA ALA L 536 -16.74 -10.30 -50.08
C ALA L 536 -17.24 -9.05 -49.34
N TRP L 537 -18.56 -8.90 -49.22
CA TRP L 537 -19.14 -7.78 -48.49
C TRP L 537 -18.58 -7.70 -47.07
N ARG L 538 -18.47 -6.47 -46.57
CA ARG L 538 -18.08 -6.21 -45.19
C ARG L 538 -19.07 -5.25 -44.55
N PRO L 539 -19.33 -5.40 -43.25
CA PRO L 539 -20.23 -4.47 -42.57
C PRO L 539 -19.80 -3.02 -42.77
N GLY L 540 -20.79 -2.16 -43.01
CA GLY L 540 -20.58 -0.77 -43.34
C GLY L 540 -20.75 -0.48 -44.82
N ALA L 541 -20.50 -1.45 -45.68
CA ALA L 541 -20.64 -1.24 -47.11
C ALA L 541 -22.13 -1.20 -47.48
N PRO L 542 -22.57 -0.22 -48.26
CA PRO L 542 -24.01 -0.11 -48.57
C PRO L 542 -24.50 -1.06 -49.65
N VAL L 543 -23.62 -1.79 -50.33
CA VAL L 543 -24.01 -2.65 -51.44
C VAL L 543 -23.39 -4.02 -51.25
N TRP L 544 -24.21 -5.06 -51.30
CA TRP L 544 -23.80 -6.45 -51.23
C TRP L 544 -23.80 -7.02 -52.64
N SER L 545 -22.64 -7.46 -53.11
CA SER L 545 -22.48 -7.96 -54.47
C SER L 545 -21.89 -9.36 -54.42
N GLY L 546 -22.52 -10.29 -55.13
CA GLY L 546 -22.02 -11.65 -55.14
C GLY L 546 -22.84 -12.63 -55.94
N THR L 547 -22.74 -13.90 -55.58
CA THR L 547 -23.44 -14.98 -56.27
C THR L 547 -24.33 -15.73 -55.29
N VAL L 548 -25.58 -15.96 -55.72
CA VAL L 548 -26.55 -16.79 -55.00
C VAL L 548 -27.09 -17.78 -56.01
N GLY L 549 -26.50 -18.97 -56.07
CA GLY L 549 -27.02 -20.02 -56.92
C GLY L 549 -26.97 -19.71 -58.41
N ASP L 550 -25.79 -19.69 -58.99
CA ASP L 550 -25.59 -19.48 -60.43
C ASP L 550 -26.35 -18.24 -60.90
N GLN L 551 -26.12 -17.12 -60.20
CA GLN L 551 -26.69 -15.85 -60.61
C GLN L 551 -25.95 -14.73 -59.89
N SER L 552 -25.59 -13.68 -60.63
CA SER L 552 -24.88 -12.54 -60.07
C SER L 552 -25.91 -11.54 -59.57
N VAL L 553 -25.68 -11.01 -58.38
CA VAL L 553 -26.70 -10.27 -57.65
C VAL L 553 -26.06 -9.10 -56.91
N ALA L 554 -26.79 -7.98 -56.85
CA ALA L 554 -26.45 -6.83 -56.03
C ALA L 554 -27.68 -6.41 -55.25
N ILE L 555 -27.50 -6.15 -53.95
CA ILE L 555 -28.58 -5.83 -53.03
C ILE L 555 -28.17 -4.61 -52.19
N GLN L 556 -29.12 -3.72 -51.93
CA GLN L 556 -28.87 -2.59 -51.06
C GLN L 556 -29.17 -2.99 -49.62
N VAL L 557 -28.18 -2.82 -48.74
CA VAL L 557 -28.25 -3.20 -47.33
C VAL L 557 -28.26 -1.93 -46.49
N ARG L 558 -29.30 -1.77 -45.67
CA ARG L 558 -29.30 -0.77 -44.62
C ARG L 558 -29.51 -1.45 -43.27
N PRO L 559 -29.05 -0.85 -42.17
CA PRO L 559 -29.18 -1.52 -40.86
C PRO L 559 -30.46 -1.13 -40.14
N LEU L 560 -30.88 -2.02 -39.23
CA LEU L 560 -31.99 -1.70 -38.34
C LEU L 560 -31.92 -2.63 -37.14
N LEU L 561 -32.67 -2.27 -36.10
CA LEU L 561 -32.57 -2.97 -34.82
C LEU L 561 -32.85 -4.45 -35.00
N ASN L 562 -31.85 -5.27 -34.67
CA ASN L 562 -31.94 -6.72 -34.70
C ASN L 562 -32.12 -7.26 -36.12
N GLY L 563 -31.73 -6.51 -37.14
CA GLY L 563 -31.83 -7.02 -38.49
C GLY L 563 -31.44 -6.00 -39.53
N VAL L 564 -31.86 -6.27 -40.77
CA VAL L 564 -31.44 -5.44 -41.89
C VAL L 564 -32.63 -5.11 -42.79
N PHE L 565 -32.47 -4.04 -43.56
CA PHE L 565 -33.42 -3.64 -44.59
C PHE L 565 -32.77 -3.90 -45.94
N LEU L 566 -33.44 -4.67 -46.79
CA LEU L 566 -32.87 -5.12 -48.04
C LEU L 566 -33.69 -4.60 -49.21
N GLN L 567 -33.01 -4.16 -50.26
CA GLN L 567 -33.66 -3.71 -51.48
C GLN L 567 -33.04 -4.44 -52.67
N HIS L 568 -33.91 -5.01 -53.51
CA HIS L 568 -33.51 -5.85 -54.62
C HIS L 568 -34.44 -5.53 -55.79
N ALA L 569 -34.44 -6.39 -56.81
CA ALA L 569 -34.78 -6.01 -58.18
C ALA L 569 -35.88 -4.97 -58.24
N GLY L 570 -37.03 -5.28 -57.67
CA GLY L 570 -38.09 -4.31 -57.56
C GLY L 570 -38.79 -4.39 -56.24
N ALA L 571 -38.10 -4.89 -55.21
CA ALA L 571 -38.74 -5.18 -53.93
C ALA L 571 -37.86 -4.67 -52.79
N ALA L 572 -38.49 -4.55 -51.62
CA ALA L 572 -37.81 -4.10 -50.41
C ALA L 572 -38.46 -4.76 -49.21
N ALA L 573 -37.65 -5.15 -48.24
CA ALA L 573 -38.18 -5.89 -47.10
C ALA L 573 -37.26 -5.78 -45.90
N GLU L 574 -37.88 -5.77 -44.72
CA GLU L 574 -37.15 -5.94 -43.46
C GLU L 574 -36.90 -7.43 -43.24
N ALA L 575 -35.65 -7.77 -42.97
CA ALA L 575 -35.22 -9.15 -42.77
C ALA L 575 -34.69 -9.33 -41.36
N ARG L 576 -35.25 -10.32 -40.66
CA ARG L 576 -34.79 -10.73 -39.34
C ARG L 576 -34.52 -12.23 -39.35
N VAL L 577 -33.52 -12.65 -38.59
CA VAL L 577 -33.10 -14.05 -38.51
C VAL L 577 -33.16 -14.49 -37.06
N PHE L 578 -33.83 -15.61 -36.80
CA PHE L 578 -34.08 -16.11 -35.45
C PHE L 578 -33.72 -17.59 -35.37
N THR L 579 -33.46 -18.03 -34.13
CA THR L 579 -33.58 -19.44 -33.82
C THR L 579 -35.04 -19.83 -33.73
N ARG L 580 -35.31 -21.14 -33.76
CA ARG L 580 -36.68 -21.62 -33.71
C ARG L 580 -37.39 -21.18 -32.43
N ARG L 581 -36.70 -21.27 -31.30
CA ARG L 581 -37.29 -20.83 -30.03
C ARG L 581 -37.49 -19.31 -30.02
N GLU L 582 -36.50 -18.57 -30.53
CA GLU L 582 -36.63 -17.11 -30.60
C GLU L 582 -37.80 -16.72 -31.49
N ALA L 583 -37.99 -17.42 -32.61
CA ALA L 583 -39.12 -17.14 -33.47
C ALA L 583 -40.45 -17.45 -32.78
N GLU L 584 -40.50 -18.57 -32.05
CA GLU L 584 -41.70 -18.89 -31.28
C GLU L 584 -42.04 -17.76 -30.31
N LEU L 585 -41.03 -17.24 -29.61
CA LEU L 585 -41.29 -16.17 -28.64
C LEU L 585 -41.64 -14.86 -29.34
N ALA L 586 -41.04 -14.59 -30.50
CA ALA L 586 -41.39 -13.40 -31.27
C ALA L 586 -42.85 -13.44 -31.70
N ASP L 587 -43.35 -14.63 -32.05
CA ASP L 587 -44.73 -14.75 -32.52
C ASP L 587 -45.74 -14.31 -31.45
N LEU L 588 -45.33 -14.20 -30.20
CA LEU L 588 -46.24 -13.76 -29.13
C LEU L 588 -46.37 -12.25 -29.04
N MET L 589 -45.53 -11.49 -29.72
CA MET L 589 -45.55 -10.04 -29.56
C MET L 589 -46.68 -9.44 -30.40
N PRO L 590 -47.37 -8.43 -29.88
CA PRO L 590 -48.52 -7.87 -30.59
C PRO L 590 -48.09 -6.91 -31.69
N VAL L 591 -48.94 -6.80 -32.70
CA VAL L 591 -48.77 -5.80 -33.74
C VAL L 591 -49.40 -4.50 -33.25
N LYS L 592 -48.58 -3.45 -33.15
CA LYS L 592 -49.01 -2.17 -32.61
C LYS L 592 -49.20 -1.17 -33.75
N GLU L 593 -50.22 -0.32 -33.61
CA GLU L 593 -50.57 0.67 -34.62
C GLU L 593 -50.23 2.06 -34.10
N ASN L 594 -49.69 2.90 -34.97
CA ASN L 594 -49.38 4.27 -34.61
C ASN L 594 -50.67 5.05 -34.34
N ALA L 595 -50.54 6.09 -33.53
CA ALA L 595 -51.69 6.90 -33.14
C ALA L 595 -51.98 8.03 -34.13
N GLY L 596 -50.99 8.44 -34.92
CA GLY L 596 -51.17 9.52 -35.87
C GLY L 596 -50.69 10.86 -35.35
N SER L 597 -51.29 11.94 -35.85
CA SER L 597 -50.90 13.28 -35.44
C SER L 597 -52.11 14.08 -34.97
N GLY L 598 -51.94 15.39 -34.78
CA GLY L 598 -52.98 16.22 -34.21
C GLY L 598 -53.62 17.22 -35.15
N LYS L 599 -53.53 16.97 -36.44
CA LYS L 599 -54.31 17.71 -37.44
C LYS L 599 -53.82 19.15 -37.63
N GLN L 600 -52.85 19.59 -36.85
CA GLN L 600 -52.35 20.95 -36.95
C GLN L 600 -50.87 20.99 -36.59
N LEU L 601 -50.18 21.99 -37.13
CA LEU L 601 -48.75 22.16 -36.92
C LEU L 601 -48.52 23.19 -35.82
N LEU L 602 -47.75 22.82 -34.80
CA LEU L 602 -47.40 23.70 -33.71
C LEU L 602 -45.91 24.00 -33.74
N CYS L 603 -45.54 25.18 -33.24
CA CYS L 603 -44.16 25.62 -33.23
C CYS L 603 -43.49 25.15 -31.96
N PRO L 604 -42.50 24.24 -32.03
CA PRO L 604 -41.91 23.71 -30.78
C PRO L 604 -40.92 24.66 -30.11
N MET L 605 -40.41 25.67 -30.80
CA MET L 605 -39.46 26.61 -30.21
C MET L 605 -39.88 28.03 -30.56
N PRO L 606 -39.57 29.00 -29.71
CA PRO L 606 -39.93 30.39 -30.01
C PRO L 606 -38.90 31.01 -30.95
N GLY L 607 -39.40 31.71 -31.97
CA GLY L 607 -38.51 32.34 -32.93
C GLY L 607 -39.30 33.08 -33.98
N LEU L 608 -38.59 33.46 -35.05
CA LEU L 608 -39.15 34.29 -36.12
C LEU L 608 -39.33 33.44 -37.38
N VAL L 609 -40.51 33.52 -37.97
CA VAL L 609 -40.82 32.78 -39.19
C VAL L 609 -40.12 33.47 -40.36
N LYS L 610 -39.23 32.75 -41.03
CA LYS L 610 -38.51 33.32 -42.16
C LYS L 610 -39.02 32.84 -43.52
N GLN L 611 -39.69 31.70 -43.57
CA GLN L 611 -40.14 31.17 -44.85
C GLN L 611 -41.32 30.23 -44.64
N ILE L 612 -42.22 30.22 -45.63
CA ILE L 612 -43.32 29.27 -45.71
C ILE L 612 -43.42 28.86 -47.17
N MET L 613 -43.04 27.62 -47.47
CA MET L 613 -42.94 27.14 -48.84
C MET L 613 -44.13 26.27 -49.25
N VAL L 614 -45.30 26.51 -48.67
CA VAL L 614 -46.51 25.79 -49.02
C VAL L 614 -47.68 26.76 -49.06
N SER L 615 -48.75 26.33 -49.71
CA SER L 615 -49.96 27.14 -49.87
C SER L 615 -51.18 26.32 -49.47
N GLU L 616 -52.33 26.98 -49.44
CA GLU L 616 -53.58 26.29 -49.17
C GLU L 616 -53.94 25.39 -50.35
N GLY L 617 -54.78 24.40 -50.07
CA GLY L 617 -55.21 23.49 -51.12
C GLY L 617 -54.11 22.67 -51.74
N GLN L 618 -52.98 22.53 -51.07
CA GLN L 618 -51.84 21.77 -51.56
C GLN L 618 -51.71 20.48 -50.76
N GLU L 619 -51.49 19.37 -51.46
CA GLU L 619 -51.32 18.08 -50.82
C GLU L 619 -49.86 17.88 -50.43
N VAL L 620 -49.65 17.28 -49.25
CA VAL L 620 -48.32 17.10 -48.69
C VAL L 620 -48.14 15.64 -48.30
N LYS L 621 -46.93 15.13 -48.52
CA LYS L 621 -46.52 13.82 -48.04
C LYS L 621 -45.66 13.96 -46.79
N ASN L 622 -45.58 12.88 -46.03
CA ASN L 622 -44.86 12.92 -44.76
C ASN L 622 -43.40 13.25 -44.99
N GLY L 623 -42.85 14.15 -44.16
CA GLY L 623 -41.48 14.56 -44.26
C GLY L 623 -41.22 15.80 -45.09
N GLU L 624 -42.26 16.39 -45.66
CA GLU L 624 -42.06 17.57 -46.50
C GLU L 624 -41.77 18.80 -45.63
N PRO L 625 -40.92 19.71 -46.11
CA PRO L 625 -40.67 20.95 -45.35
C PRO L 625 -41.85 21.91 -45.48
N LEU L 626 -42.28 22.46 -44.34
CA LEU L 626 -43.40 23.38 -44.30
C LEU L 626 -43.02 24.82 -43.96
N ALA L 627 -42.01 25.03 -43.14
CA ALA L 627 -41.68 26.38 -42.71
C ALA L 627 -40.31 26.36 -42.00
N ILE L 628 -39.66 27.52 -41.99
CA ILE L 628 -38.37 27.71 -41.35
C ILE L 628 -38.51 28.77 -40.26
N VAL L 629 -38.01 28.45 -39.07
CA VAL L 629 -38.04 29.35 -37.93
C VAL L 629 -36.61 29.62 -37.48
N GLU L 630 -36.33 30.88 -37.12
CA GLU L 630 -35.01 31.33 -36.73
C GLU L 630 -35.01 31.65 -35.24
N ALA L 631 -34.02 31.12 -34.52
CA ALA L 631 -33.86 31.39 -33.10
C ALA L 631 -32.38 31.27 -32.75
N MET L 632 -31.90 32.21 -31.93
CA MET L 632 -30.51 32.24 -31.48
C MET L 632 -29.56 32.16 -32.68
N LYS L 633 -29.92 32.85 -33.76
CA LYS L 633 -29.09 32.96 -34.95
C LYS L 633 -28.80 31.60 -35.59
N MET L 634 -29.77 30.69 -35.52
CA MET L 634 -29.70 29.42 -36.24
C MET L 634 -31.10 29.05 -36.72
N GLU L 635 -31.18 28.53 -37.94
CA GLU L 635 -32.46 28.20 -38.53
C GLU L 635 -32.94 26.82 -38.08
N ASN L 636 -34.25 26.62 -38.24
CA ASN L 636 -34.90 25.37 -37.86
C ASN L 636 -35.93 25.02 -38.93
N VAL L 637 -35.81 23.84 -39.50
CA VAL L 637 -36.73 23.37 -40.53
C VAL L 637 -37.84 22.58 -39.87
N LEU L 638 -39.08 22.94 -40.16
CA LEU L 638 -40.25 22.20 -39.71
C LEU L 638 -40.71 21.28 -40.84
N ARG L 639 -41.00 20.03 -40.49
CA ARG L 639 -41.42 19.04 -41.47
C ARG L 639 -42.76 18.44 -41.07
N ALA L 640 -43.44 17.86 -42.05
CA ALA L 640 -44.76 17.30 -41.84
C ALA L 640 -44.65 15.89 -41.28
N GLU L 641 -45.52 15.59 -40.31
CA GLU L 641 -45.64 14.26 -39.73
C GLU L 641 -47.01 13.66 -40.06
N ARG L 642 -47.49 13.91 -41.27
CA ARG L 642 -48.84 13.57 -41.65
C ARG L 642 -49.01 13.91 -43.13
N ASP L 643 -49.99 13.26 -43.76
CA ASP L 643 -50.37 13.55 -45.13
C ASP L 643 -51.73 14.24 -45.13
N GLY L 644 -51.89 15.22 -46.00
CA GLY L 644 -53.13 15.96 -46.06
C GLY L 644 -52.95 17.31 -46.70
N THR L 645 -54.09 17.96 -46.94
CA THR L 645 -54.11 19.29 -47.56
C THR L 645 -54.07 20.36 -46.49
N ILE L 646 -53.46 21.50 -46.84
CA ILE L 646 -53.30 22.61 -45.91
C ILE L 646 -54.50 23.55 -46.05
N SER L 647 -54.78 24.27 -44.97
CA SER L 647 -55.86 25.25 -44.95
C SER L 647 -55.57 26.26 -43.85
N LYS L 648 -55.80 27.54 -44.15
CA LYS L 648 -55.64 28.62 -43.18
C LYS L 648 -54.20 28.68 -42.66
N ILE L 649 -53.30 29.03 -43.58
CA ILE L 649 -51.88 29.18 -43.31
C ILE L 649 -51.66 29.86 -41.96
N ALA L 650 -52.52 30.83 -41.62
CA ALA L 650 -52.63 31.33 -40.26
C ALA L 650 -51.39 32.01 -39.71
N ALA L 651 -50.34 32.14 -40.54
CA ALA L 651 -49.13 32.81 -40.09
C ALA L 651 -48.17 32.93 -41.28
N LYS L 652 -47.42 34.02 -41.29
CA LYS L 652 -46.48 34.27 -42.38
C LYS L 652 -45.29 35.06 -41.84
N GLU L 653 -44.46 35.55 -42.75
CA GLU L 653 -43.16 36.13 -42.42
C GLU L 653 -43.26 37.21 -41.36
N GLY L 654 -42.15 37.48 -40.67
CA GLY L 654 -42.05 38.54 -39.70
C GLY L 654 -42.65 38.25 -38.34
N ASP L 655 -43.50 37.24 -38.22
CA ASP L 655 -44.16 36.97 -36.95
C ASP L 655 -43.17 36.41 -35.93
N SER L 656 -43.50 36.60 -34.65
CA SER L 656 -42.68 36.17 -33.53
C SER L 656 -43.51 35.21 -32.68
N LEU L 657 -43.44 33.93 -33.02
CA LEU L 657 -44.24 32.91 -32.37
C LEU L 657 -43.75 32.62 -30.95
N ALA L 658 -44.54 31.85 -30.22
CA ALA L 658 -44.18 31.30 -28.92
C ALA L 658 -44.31 29.77 -28.99
N VAL L 659 -43.89 29.11 -27.91
CA VAL L 659 -43.92 27.66 -27.91
C VAL L 659 -45.36 27.16 -27.93
N ASP L 660 -45.60 26.12 -28.72
CA ASP L 660 -46.93 25.54 -28.89
C ASP L 660 -47.91 26.54 -29.48
N ALA L 661 -47.43 27.40 -30.38
CA ALA L 661 -48.27 28.32 -31.11
C ALA L 661 -48.71 27.69 -32.43
N VAL L 662 -49.90 28.06 -32.88
CA VAL L 662 -50.47 27.48 -34.09
C VAL L 662 -49.83 28.13 -35.30
N ILE L 663 -49.26 27.30 -36.18
CA ILE L 663 -48.72 27.79 -37.45
C ILE L 663 -49.76 27.59 -38.54
N LEU L 664 -50.16 26.34 -38.77
CA LEU L 664 -51.12 26.04 -39.82
C LEU L 664 -51.96 24.83 -39.43
N GLU L 665 -53.03 24.61 -40.20
CA GLU L 665 -53.96 23.53 -39.99
C GLU L 665 -54.08 22.68 -41.25
N PHE L 666 -54.24 21.38 -41.05
CA PHE L 666 -54.37 20.46 -42.17
C PHE L 666 -55.83 20.32 -42.60
N1A COA M . 47.32 -7.27 9.88
C2A COA M . 48.02 -7.80 10.91
N3A COA M . 48.77 -7.18 11.83
C4A COA M . 48.82 -5.85 11.63
C5A COA M . 48.16 -5.16 10.64
C6A COA M . 47.38 -5.92 9.73
N6A COA M . 46.72 -5.36 8.74
N7A COA M . 48.42 -3.80 10.74
C8A COA M . 49.20 -3.70 11.78
N9A COA M . 49.46 -4.89 12.36
C1B COA M . 50.36 -5.00 13.47
C2B COA M . 51.80 -4.70 13.06
O2B COA M . 52.41 -5.84 12.49
C3B COA M . 52.41 -4.27 14.39
O3B COA M . 52.70 -5.36 15.22
P3B COA M . 53.94 -5.41 16.27
O7A COA M . 55.23 -5.44 15.54
O8A COA M . 53.68 -6.70 16.81
O9A COA M . 53.91 -4.38 17.29
C4B COA M . 51.28 -3.48 15.01
O4B COA M . 50.07 -3.97 14.36
C5B COA M . 51.42 -2.00 14.80
O5B COA M . 51.80 -1.75 13.40
P1A COA M . 53.12 -1.05 12.87
O1A COA M . 53.14 -1.09 11.39
O2A COA M . 54.31 -1.46 13.58
O3A COA M . 52.90 0.46 13.30
P2A COA M . 52.55 1.93 12.74
O4A COA M . 51.78 2.68 13.73
O5A COA M . 53.69 2.59 12.14
O6A COA M . 51.67 1.70 11.44
CBP COA M . 49.82 1.00 9.98
CCP COA M . 50.26 1.38 11.42
CDP COA M . 48.37 0.53 10.11
CEP COA M . 49.77 2.23 9.10
CAP COA M . 50.64 -0.10 9.22
OAP COA M . 50.92 -1.19 10.01
C9P COA M . 49.95 -0.61 7.97
O9P COA M . 49.98 0.05 6.96
N8P COA M . 49.31 -1.77 8.02
C7P COA M . 48.52 -2.39 6.98
C6P COA M . 49.21 -3.59 6.35
C5P COA M . 50.51 -3.24 5.65
O5P COA M . 50.56 -3.08 4.44
N4P COA M . 51.62 -3.19 6.34
C3P COA M . 52.88 -2.93 5.67
C2P COA M . 53.32 -1.50 5.76
S1P COA M . 53.60 -0.91 7.45
N1A COA N . 20.41 34.98 -27.47
C2A COA N . 20.04 35.62 -28.58
N3A COA N . 20.56 35.48 -29.81
C4A COA N . 21.55 34.56 -29.85
C5A COA N . 22.00 33.86 -28.78
C6A COA N . 21.39 34.06 -27.54
N6A COA N . 21.72 33.39 -26.45
N7A COA N . 23.02 33.00 -29.18
C8A COA N . 23.19 33.24 -30.43
N9A COA N . 22.31 34.15 -30.90
C1B COA N . 22.27 34.60 -32.21
C2B COA N . 23.42 35.53 -32.57
O2B COA N . 23.00 36.83 -32.29
C3B COA N . 23.56 35.35 -34.08
O3B COA N . 22.61 36.14 -34.80
P3B COA N . 22.99 36.83 -36.19
O7A COA N . 23.83 35.87 -36.81
O8A COA N . 23.69 38.06 -35.94
O9A COA N . 21.78 37.05 -36.88
C4B COA N . 23.17 33.90 -34.27
O4B COA N . 22.39 33.53 -33.11
C5B COA N . 24.33 32.95 -34.45
O5B COA N . 25.32 33.19 -33.41
P1A COA N . 26.85 33.60 -33.50
O1A COA N . 27.49 33.80 -32.20
O2A COA N . 27.14 34.58 -34.53
O3A COA N . 27.45 32.30 -34.07
P2A COA N . 28.53 31.20 -33.79
O4A COA N . 27.92 30.13 -34.53
O5A COA N . 29.87 31.63 -34.09
O6A COA N . 28.55 30.95 -32.26
CBP COA N . 27.31 30.58 -30.13
CCP COA N . 27.38 30.40 -31.65
CDP COA N . 26.00 29.91 -29.70
CEP COA N . 28.43 29.78 -29.48
CAP COA N . 27.34 32.02 -29.58
OAP COA N . 26.53 32.82 -30.34
C9P COA N . 27.16 32.22 -28.08
O9P COA N . 28.10 31.99 -27.39
N8P COA N . 25.95 32.51 -27.58
C7P COA N . 25.66 32.33 -26.15
C6P COA N . 25.26 33.61 -25.46
C5P COA N . 26.42 34.52 -25.17
O5P COA N . 26.84 34.66 -24.03
N4P COA N . 27.00 35.07 -26.21
C3P COA N . 27.98 36.12 -26.10
C2P COA N . 28.66 36.40 -27.40
S1P COA N . 29.58 34.97 -28.00
N1A COA O . -13.99 42.88 -18.92
C2A COA O . -13.44 44.09 -18.91
N3A COA O . -13.80 45.17 -18.23
C4A COA O . -14.89 44.92 -17.48
C5A COA O . -15.55 43.71 -17.38
C6A COA O . -15.04 42.61 -18.15
N6A COA O . -15.54 41.37 -18.17
N7A COA O . -16.60 43.87 -16.50
C8A COA O . -16.60 45.12 -16.17
N9A COA O . -15.52 45.78 -16.63
C1B COA O . -15.29 47.20 -16.48
C2B COA O . -16.35 48.00 -17.23
O2B COA O . -16.00 48.33 -18.54
C3B COA O . -16.52 49.27 -16.37
O3B COA O . -15.56 50.20 -16.75
P3B COA O . -15.58 51.78 -16.64
O7A COA O . -16.33 52.31 -17.78
O8A COA O . -14.18 52.02 -16.70
O9A COA O . -16.15 52.25 -15.38
C4B COA O . -16.13 48.85 -14.99
O4B COA O . -15.49 47.55 -15.15
C5B COA O . -17.27 48.77 -14.01
O5B COA O . -18.36 48.09 -14.67
P1A COA O . -19.88 48.42 -15.14
O1A COA O . -20.31 47.35 -16.01
O2A COA O . -20.05 49.70 -15.78
O3A COA O . -20.68 48.31 -13.76
P2A COA O . -21.94 47.57 -13.20
O4A COA O . -21.67 47.53 -11.76
O5A COA O . -23.15 48.20 -13.70
O6A COA O . -21.98 46.12 -13.79
CBP COA O . -21.10 43.93 -14.35
CCP COA O . -20.99 45.14 -13.41
CDP COA O . -19.94 42.98 -14.02
CEP COA O . -22.39 43.18 -14.03
CAP COA O . -21.09 44.27 -15.87
OAP COA O . -20.23 45.28 -16.28
C9P COA O . -20.87 43.04 -16.71
O9P COA O . -21.79 42.28 -16.90
N8P COA O . -19.62 42.75 -17.02
C7P COA O . -19.23 41.56 -17.74
C6P COA O . -18.80 41.83 -19.16
C5P COA O . -20.00 42.10 -20.02
O5P COA O . -20.51 41.22 -20.68
N4P COA O . -20.48 43.33 -20.02
C3P COA O . -21.49 43.75 -20.97
C2P COA O . -22.81 43.97 -20.33
S1P COA O . -22.79 45.01 -18.86
N1A COA P . -48.58 -6.13 -1.76
C2A COA P . -49.39 -7.19 -1.87
N3A COA P . -50.05 -7.61 -2.93
C4A COA P . -49.86 -6.79 -3.97
C5A COA P . -49.03 -5.69 -4.00
C6A COA P . -48.35 -5.35 -2.81
N6A COA P . -47.50 -4.34 -2.66
N7A COA P . -49.12 -5.12 -5.25
C8A COA P . -49.97 -5.85 -5.89
N9A COA P . -50.40 -6.88 -5.21
C1B COA P . -51.39 -7.85 -5.73
C2B COA P . -52.79 -7.27 -5.93
O2B COA P . -53.59 -7.23 -4.78
C3B COA P . -53.40 -8.12 -7.04
O3B COA P . -53.80 -9.41 -6.69
P3B COA P . -55.18 -10.00 -7.12
O7A COA P . -56.28 -9.17 -6.67
O8A COA P . -55.04 -11.18 -6.35
O9A COA P . -55.27 -10.27 -8.57
C4B COA P . -52.21 -8.44 -7.88
O4B COA P . -51.05 -8.22 -7.02
C5B COA P . -52.19 -7.69 -9.18
O5B COA P . -52.43 -6.33 -8.93
P1A COA P . -53.59 -5.29 -9.37
O1A COA P . -53.57 -4.13 -8.49
O2A COA P . -54.84 -5.96 -9.62
O3A COA P . -53.09 -4.86 -10.78
P2A COA P . -52.66 -3.61 -11.63
O4A COA P . -51.88 -4.18 -12.70
O5A COA P . -53.80 -2.80 -11.93
O6A COA P . -51.78 -2.67 -10.66
CBP COA P . -49.81 -2.05 -9.30
CCP COA P . -50.38 -2.91 -10.42
CDP COA P . -48.51 -2.72 -8.82
CEP COA P . -49.41 -0.69 -9.89
CAP COA P . -50.71 -1.81 -8.07
OAP COA P . -51.27 -2.97 -7.61
C9P COA P . -50.05 -1.10 -6.91
O9P COA P . -49.88 0.10 -6.98
N8P COA P . -49.53 -1.83 -5.94
C7P COA P . -48.84 -1.21 -4.83
C6P COA P . -49.61 -1.30 -3.56
C5P COA P . -50.74 -0.32 -3.44
O5P COA P . -50.55 0.76 -2.90
N4P COA P . -51.93 -0.66 -3.92
C3P COA P . -53.05 0.25 -3.90
C2P COA P . -53.17 1.04 -5.15
S1P COA P . -54.10 0.08 -6.37
N1A COA Q . -33.31 -27.27 23.13
C2A COA Q . -34.43 -26.99 23.79
N3A COA Q . -34.66 -27.03 25.11
C4A COA Q . -33.57 -27.39 25.79
C5A COA Q . -32.35 -27.68 25.24
C6A COA Q . -32.21 -27.61 23.83
N6A COA Q . -31.09 -27.89 23.16
N7A COA Q . -31.48 -27.98 26.26
C8A COA Q . -32.18 -27.86 27.35
N9A COA Q . -33.44 -27.50 27.15
C1B COA Q . -34.47 -27.35 28.20
C2B COA Q . -34.96 -28.69 28.75
O2B COA Q . -36.05 -29.25 28.07
C3B COA Q . -35.40 -28.39 30.19
O3B COA Q . -36.68 -27.81 30.27
P3B COA Q . -37.78 -27.88 31.51
O7A COA Q . -37.89 -29.31 31.50
O8A COA Q . -38.99 -27.26 31.06
O9A COA Q . -37.35 -27.35 32.84
C4B COA Q . -34.47 -27.25 30.56
O4B COA Q . -33.90 -26.74 29.34
C5B COA Q . -33.46 -27.50 31.64
O5B COA Q . -32.61 -28.55 31.22
P1A COA Q . -32.52 -30.01 31.84
O1A COA Q . -32.28 -31.01 30.80
O2A COA Q . -33.70 -30.29 32.65
O3A COA Q . -31.22 -29.83 32.75
P2A COA Q . -29.78 -30.44 32.95
O4A COA Q . -29.19 -29.41 33.80
O5A COA Q . -30.07 -31.73 33.53
O6A COA Q . -29.07 -30.53 31.52
CBP COA Q . -27.94 -29.87 29.56
CCP COA Q . -28.37 -29.44 30.97
CDP COA Q . -27.67 -28.64 28.70
CEP COA Q . -26.61 -30.65 29.66
CAP COA Q . -29.01 -30.77 28.89
OAP COA Q . -30.34 -30.51 29.02
C9P COA Q . -28.73 -31.15 27.47
O9P COA Q . -27.92 -32.01 27.31
N8P COA Q . -29.35 -30.51 26.49
C7P COA Q . -29.00 -30.61 25.08
C6P COA Q . -30.08 -31.28 24.22
C5P COA Q . -30.04 -32.75 24.54
O5P COA Q . -29.27 -33.48 23.94
N4P COA Q . -30.81 -33.18 25.54
C3P COA Q . -31.02 -34.59 25.85
C2P COA Q . -30.28 -35.04 27.08
S1P COA Q . -30.47 -33.97 28.53
N1A COA R . 27.75 -37.21 15.43
C2A COA R . 28.88 -37.74 14.96
N3A COA R . 29.08 -38.88 14.31
C4A COA R . 27.95 -39.57 14.23
C5A COA R . 26.69 -39.16 14.62
C6A COA R . 26.61 -37.89 15.25
N6A COA R . 25.51 -37.29 15.71
N7A COA R . 25.78 -40.17 14.39
C8A COA R . 26.48 -41.11 13.84
N9A COA R . 27.80 -40.82 13.67
C1B COA R . 28.76 -41.65 13.10
C2B COA R . 29.04 -42.86 13.99
O2B COA R . 29.61 -42.68 15.27
C3B COA R . 29.42 -43.99 13.03
O3B COA R . 30.68 -43.83 12.40
P3B COA R . 31.78 -45.02 12.50
O7A COA R . 31.66 -45.75 13.78
O8A COA R . 33.07 -44.36 12.43
O9A COA R . 31.52 -45.88 11.36
C4B COA R . 28.51 -43.68 11.85
O4B COA R . 28.15 -42.28 12.02
C5B COA R . 27.29 -44.54 11.62
O5B COA R . 26.46 -44.67 12.84
P1A COA R . 26.33 -46.04 13.60
O1A COA R . 25.97 -45.85 15.01
O2A COA R . 27.37 -46.94 13.09
O3A COA R . 25.02 -46.64 12.95
P2A COA R . 23.50 -46.97 13.29
O4A COA R . 22.95 -47.08 11.96
O5A COA R . 23.46 -48.15 14.16
O6A COA R . 22.95 -45.70 14.10
CBP COA R . 21.92 -43.49 14.41
CCP COA R . 22.56 -44.48 13.42
CDP COA R . 21.88 -42.10 13.74
CEP COA R . 20.47 -43.94 14.67
CAP COA R . 22.71 -43.39 15.75
OAP COA R . 24.05 -43.42 15.47
C9P COA R . 22.50 -42.14 16.57
O9P COA R . 21.74 -42.13 17.52
N8P COA R . 23.22 -41.07 16.28
C7P COA R . 22.89 -39.78 16.85
C6P COA R . 23.71 -39.41 18.05
C5P COA R . 23.80 -40.48 19.10
O5P COA R . 23.18 -40.39 20.16
N4P COA R . 24.57 -41.52 18.80
C3P COA R . 25.00 -42.50 19.77
C2P COA R . 23.93 -42.93 20.71
S1P COA R . 23.56 -44.67 20.41
C11 BTI S . 34.50 41.94 -16.26
O11 BTI S . 35.63 42.22 -16.03
C10 BTI S . 34.02 40.66 -16.87
C9 BTI S . 34.57 39.43 -16.21
C8 BTI S . 33.99 39.18 -14.83
C7 BTI S . 32.65 38.44 -14.85
C2 BTI S . 32.50 37.39 -13.78
S1 BTI S . 33.86 36.17 -13.79
C6 BTI S . 32.85 35.06 -12.80
C5 BTI S . 31.39 35.24 -13.19
N3 BTI S . 30.87 34.27 -14.10
C3 BTI S . 30.86 34.74 -15.35
O3 BTI S . 30.56 34.11 -16.36
N2 BTI S . 31.13 36.05 -15.31
C4 BTI S . 31.22 36.57 -14.01
C11 BTI T . -55.52 10.98 3.83
O11 BTI T . -56.04 11.98 3.42
C10 BTI T . -54.52 10.22 3.07
C9 BTI T . -53.84 11.09 2.11
C8 BTI T . -52.62 11.73 2.70
C7 BTI T . -51.42 10.80 2.74
C2 BTI T . -50.13 11.49 3.01
S1 BTI T . -49.95 12.79 1.75
C6 BTI T . -48.16 12.89 1.96
C5 BTI T . -47.67 11.54 2.41
N3 BTI T . -47.13 10.73 1.39
C3 BTI T . -47.99 9.73 1.05
O3 BTI T . -47.97 9.11 0.03
N2 BTI T . -48.91 9.58 2.00
C4 BTI T . -48.85 10.64 2.95
C11 BTI U . 21.57 -40.58 33.43
O11 BTI U . 21.02 -41.20 34.28
C10 BTI U . 21.17 -40.51 32.00
C9 BTI U . 19.71 -40.50 31.75
C8 BTI U . 19.02 -39.19 32.07
C7 BTI U . 18.92 -38.18 30.92
C2 BTI U . 17.83 -37.12 31.03
S1 BTI U . 16.20 -37.85 30.61
C6 BTI U . 15.63 -36.15 30.54
C5 BTI U . 16.62 -35.53 29.56
N3 BTI U . 16.38 -36.08 28.27
C3 BTI U . 17.45 -36.67 27.75
O3 BTI U . 17.48 -37.15 26.62
N2 BTI U . 18.43 -36.71 28.67
C4 BTI U . 18.04 -36.09 29.90
C11 BTI V . 56.14 -5.15 -7.25
O11 BTI V . 57.02 -4.52 -7.74
C10 BTI V . 55.01 -4.60 -6.45
C9 BTI V . 54.41 -3.34 -7.00
C8 BTI V . 52.93 -3.20 -6.70
C7 BTI V . 52.02 -3.97 -7.65
C2 BTI V . 50.69 -3.38 -7.86
S1 BTI V . 50.62 -1.66 -8.44
C6 BTI V . 48.86 -1.93 -8.65
C5 BTI V . 48.35 -2.74 -7.48
N3 BTI V . 47.92 -1.94 -6.38
C3 BTI V . 48.61 -2.22 -5.25
O3 BTI V . 48.39 -1.72 -4.16
N2 BTI V . 49.54 -3.15 -5.53
C4 BTI V . 49.51 -3.59 -6.89
C11 BTI W . -29.24 -45.39 17.98
O11 BTI W . -29.12 -46.56 18.18
C10 BTI W . -28.32 -44.33 18.48
C9 BTI W . -26.87 -44.62 18.28
C8 BTI W . -26.25 -43.84 17.13
C7 BTI W . -25.75 -42.45 17.51
C2 BTI W . -24.65 -41.93 16.68
S1 BTI W . -23.01 -42.42 17.30
C6 BTI W . -22.35 -41.42 15.97
C5 BTI W . -23.07 -40.09 16.07
N3 BTI W . -22.63 -39.41 17.24
C3 BTI W . -23.64 -39.00 18.02
O3 BTI W . -23.55 -38.17 18.92
N2 BTI W . -24.78 -39.60 17.62
C4 BTI W . -24.57 -40.41 16.46
C11 BTI X . -27.15 38.32 -31.55
O11 BTI X . -28.27 38.39 -31.92
C10 BTI X . -26.71 37.81 -30.22
C9 BTI X . -27.82 37.34 -29.33
C8 BTI X . -27.89 35.83 -29.21
C7 BTI X . -26.68 35.20 -28.52
C2 BTI X . -26.72 33.67 -28.41
S1 BTI X . -28.15 33.11 -27.45
C6 BTI X . -27.36 31.62 -26.86
C5 BTI X . -25.86 31.90 -26.76
N3 BTI X . -25.52 32.33 -25.41
C3 BTI X . -25.01 33.65 -25.36
O3 BTI X . -24.65 34.28 -24.38
N2 BTI X . -24.99 34.12 -26.69
C4 BTI X . -25.49 33.16 -27.67
#